data_3M6A
#
_entry.id   3M6A
#
_cell.length_a   103.382
_cell.length_b   127.400
_cell.length_c   148.993
_cell.angle_alpha   90.00
_cell.angle_beta   100.50
_cell.angle_gamma   90.00
#
_symmetry.space_group_name_H-M   'P 1 21 1'
#
loop_
_entity.id
_entity.type
_entity.pdbx_description
1 polymer 'ATP-dependent protease La 1'
2 non-polymer "ADENOSINE-5'-DIPHOSPHATE"
#
_entity_poly.entity_id   1
_entity_poly.type   'polypeptide(L)'
_entity_poly.pdbx_seq_one_letter_code
;GDKEGKTGEVQTLTEKIEEAGMPDHVKETALKELNRYEKIPSSSAESSVIRNYIDWLVALPWTDETDDKLDLKEAGRLLD
EEHHGLEKVKERILEYLAVQKLTKSLKGPILCLAGPPGVGKTSLAKSIAKSLGRKFVRISLGGVRDESEIRGHRRTYVGA
MPGRIIQGMKKAGKLNPVFLLDEIDKMSSDFRGDPSSAMLEVLDPEQNSSFSDHYIEETFDLSKVLFIATANNLATIPGP
LRDRMEIINIAGYTEIEKLEIVKDHLLPKQIKEHGLKKSNLQLRDQAILDIIRYYTREAGVRSLERQLAAICRKAAKAIV
AEERKRITVTEKNLQDFIGKRIFRYGQAETEDQVGVVTGLAYTTVGGDTLSIEVSLSPGKGKLILTGKLGDVMRESAQAA
FSYVRSKTEELGIEPDFHEKYDIHIHVPEGAVPKDGPAAGITMATALVSALTGRAVSREVGMTGEITLRGRVLPIGGLKE
KALGAHRAGLTTIIAPKDNEKDIEDIPESVREGLTFILASHLDEVLEHALVGEKKLEHHHHHH
;
_entity_poly.pdbx_strand_id   A,B,C,D,E,F
#
# COMPACT_ATOMS: atom_id res chain seq x y z
N THR A 7 40.22 -17.58 -60.94
CA THR A 7 40.29 -16.42 -60.08
C THR A 7 39.39 -16.59 -58.86
N GLY A 8 38.12 -16.22 -59.02
CA GLY A 8 37.16 -16.30 -57.92
C GLY A 8 37.48 -15.31 -56.83
N GLU A 9 36.45 -14.82 -56.14
CA GLU A 9 36.64 -13.88 -55.05
C GLU A 9 37.28 -14.55 -53.85
N VAL A 10 37.94 -15.68 -54.10
CA VAL A 10 38.63 -16.40 -53.06
C VAL A 10 39.95 -15.71 -52.72
N GLN A 11 40.21 -14.58 -53.37
CA GLN A 11 41.43 -13.83 -53.13
C GLN A 11 41.13 -12.38 -52.75
N THR A 12 40.13 -11.79 -53.38
CA THR A 12 39.76 -10.41 -53.14
C THR A 12 39.79 -10.08 -51.66
N LEU A 13 39.28 -10.99 -50.84
CA LEU A 13 39.28 -10.81 -49.40
C LEU A 13 40.55 -11.38 -48.79
N THR A 14 40.74 -12.69 -48.93
CA THR A 14 41.89 -13.37 -48.35
C THR A 14 43.17 -12.57 -48.46
N GLU A 15 43.44 -12.05 -49.66
CA GLU A 15 44.64 -11.26 -49.88
C GLU A 15 44.80 -10.16 -48.83
N LYS A 16 43.84 -9.24 -48.79
CA LYS A 16 43.91 -8.13 -47.84
C LYS A 16 43.80 -8.60 -46.40
N ILE A 17 43.59 -9.90 -46.21
CA ILE A 17 43.49 -10.44 -44.86
C ILE A 17 44.86 -10.66 -44.25
N GLU A 18 45.74 -11.29 -45.02
CA GLU A 18 47.11 -11.52 -44.56
C GLU A 18 47.88 -10.20 -44.58
N GLU A 19 47.22 -9.14 -45.05
CA GLU A 19 47.79 -7.80 -45.09
C GLU A 19 48.45 -7.41 -43.77
N ALA A 20 49.34 -6.43 -43.81
CA ALA A 20 49.98 -5.90 -42.61
C ALA A 20 48.93 -5.69 -41.51
N GLY A 21 47.77 -5.18 -41.90
CA GLY A 21 46.65 -5.06 -40.98
C GLY A 21 46.21 -6.44 -40.55
N MET A 22 45.82 -6.57 -39.29
CA MET A 22 45.41 -7.85 -38.69
C MET A 22 46.61 -8.62 -38.14
N PRO A 23 47.31 -8.04 -37.15
CA PRO A 23 48.50 -8.62 -36.55
C PRO A 23 48.19 -9.72 -35.54
N ASP A 24 47.51 -9.36 -34.45
CA ASP A 24 47.21 -10.31 -33.39
C ASP A 24 46.74 -11.64 -33.96
N HIS A 25 47.30 -12.73 -33.43
CA HIS A 25 47.01 -14.07 -33.93
C HIS A 25 45.86 -14.73 -33.16
N VAL A 26 45.63 -14.25 -31.94
CA VAL A 26 44.51 -14.73 -31.14
C VAL A 26 43.21 -14.67 -31.94
N LYS A 27 43.17 -13.73 -32.88
CA LYS A 27 42.01 -13.53 -33.72
C LYS A 27 42.14 -14.27 -35.04
N GLU A 28 43.31 -14.17 -35.66
CA GLU A 28 43.53 -14.71 -36.99
C GLU A 28 43.08 -16.17 -37.06
N THR A 29 43.13 -16.84 -35.91
CA THR A 29 42.59 -18.18 -35.80
C THR A 29 41.15 -18.16 -36.25
N ALA A 30 40.30 -17.52 -35.44
CA ALA A 30 38.89 -17.38 -35.78
C ALA A 30 38.72 -16.77 -37.16
N LEU A 31 39.78 -16.14 -37.66
CA LEU A 31 39.75 -15.52 -38.99
C LEU A 31 39.72 -16.54 -40.11
N LYS A 32 40.88 -17.08 -40.46
CA LYS A 32 40.98 -18.06 -41.53
C LYS A 32 40.03 -19.22 -41.25
N GLU A 33 39.70 -19.44 -39.97
CA GLU A 33 38.78 -20.49 -39.59
C GLU A 33 37.45 -20.38 -40.34
N LEU A 34 36.63 -19.40 -39.97
CA LEU A 34 35.39 -19.14 -40.68
C LEU A 34 35.67 -18.70 -42.12
N ASN A 35 36.95 -18.58 -42.45
CA ASN A 35 37.34 -18.18 -43.80
C ASN A 35 37.45 -19.38 -44.74
N ARG A 36 38.38 -20.27 -44.44
CA ARG A 36 38.51 -21.54 -45.17
C ARG A 36 37.22 -22.35 -44.99
N TYR A 37 36.12 -21.65 -44.77
CA TYR A 37 34.84 -22.27 -44.49
C TYR A 37 34.25 -22.91 -45.75
N GLU A 38 33.12 -22.39 -46.19
CA GLU A 38 32.40 -22.99 -47.31
C GLU A 38 32.26 -22.05 -48.49
N LYS A 39 33.37 -21.59 -49.04
CA LYS A 39 33.30 -20.89 -50.31
C LYS A 39 32.61 -21.85 -51.26
N ILE A 40 32.60 -23.12 -50.87
CA ILE A 40 31.75 -24.14 -51.46
C ILE A 40 30.46 -24.17 -50.65
N PRO A 41 29.31 -23.90 -51.31
CA PRO A 41 29.15 -23.65 -52.74
C PRO A 41 28.94 -22.18 -53.05
N SER A 42 28.08 -21.91 -54.02
CA SER A 42 27.75 -20.53 -54.40
C SER A 42 27.15 -19.79 -53.23
N SER A 43 26.59 -18.62 -53.52
CA SER A 43 25.98 -17.79 -52.47
C SER A 43 24.65 -18.35 -52.00
N SER A 44 24.69 -19.54 -51.42
CA SER A 44 23.51 -20.14 -50.84
C SER A 44 22.94 -19.21 -49.76
N ALA A 45 21.75 -19.52 -49.27
CA ALA A 45 21.17 -18.78 -48.16
C ALA A 45 22.15 -18.79 -47.00
N GLU A 46 22.99 -19.82 -46.97
CA GLU A 46 24.03 -19.96 -45.97
C GLU A 46 25.22 -19.08 -46.33
N SER A 47 25.64 -19.14 -47.59
CA SER A 47 26.85 -18.46 -48.06
C SER A 47 26.76 -16.94 -47.97
N SER A 48 25.62 -16.43 -47.53
CA SER A 48 25.45 -15.00 -47.37
C SER A 48 25.70 -14.60 -45.92
N VAL A 49 25.57 -15.58 -45.02
CA VAL A 49 25.72 -15.34 -43.60
C VAL A 49 27.13 -14.91 -43.24
N ILE A 50 27.95 -15.86 -42.82
CA ILE A 50 29.32 -15.59 -42.42
C ILE A 50 30.01 -14.75 -43.47
N ARG A 51 29.49 -14.80 -44.69
CA ARG A 51 30.01 -13.99 -45.79
C ARG A 51 30.40 -12.61 -45.31
N ASN A 52 29.53 -11.98 -44.53
CA ASN A 52 29.74 -10.61 -44.08
C ASN A 52 30.55 -10.53 -42.80
N TYR A 53 30.31 -11.48 -41.90
CA TYR A 53 31.01 -11.58 -40.63
C TYR A 53 32.50 -11.28 -40.80
N ILE A 54 33.04 -11.56 -41.97
CA ILE A 54 34.46 -11.34 -42.19
C ILE A 54 34.80 -9.86 -42.37
N ASP A 55 33.94 -9.12 -43.05
CA ASP A 55 34.24 -7.72 -43.36
C ASP A 55 34.28 -6.82 -42.12
N TRP A 56 33.23 -6.86 -41.30
CA TRP A 56 33.23 -6.10 -40.05
C TRP A 56 34.58 -6.32 -39.40
N LEU A 57 35.12 -7.52 -39.63
CA LEU A 57 36.35 -7.95 -38.97
C LEU A 57 37.59 -7.39 -39.65
N VAL A 58 37.42 -6.83 -40.84
CA VAL A 58 38.57 -6.34 -41.59
C VAL A 58 38.98 -4.93 -41.18
N ALA A 59 38.03 -4.13 -40.73
CA ALA A 59 38.30 -2.72 -40.43
C ALA A 59 38.82 -2.51 -39.01
N LEU A 60 38.20 -3.19 -38.05
CA LEU A 60 38.62 -3.09 -36.67
C LEU A 60 40.12 -2.92 -36.59
N PRO A 61 40.58 -1.69 -36.38
CA PRO A 61 41.99 -1.31 -36.38
C PRO A 61 42.85 -2.26 -35.57
N TRP A 62 44.13 -2.32 -35.89
CA TRP A 62 45.09 -3.07 -35.11
C TRP A 62 46.41 -2.34 -35.17
N THR A 63 47.05 -2.43 -36.33
CA THR A 63 48.35 -1.82 -36.54
C THR A 63 48.26 -0.30 -36.41
N ASP A 64 47.72 0.36 -37.44
CA ASP A 64 47.53 1.81 -37.41
C ASP A 64 46.94 2.24 -36.04
N GLU A 65 46.85 3.55 -35.82
CA GLU A 65 46.73 4.17 -34.50
C GLU A 65 47.45 5.52 -34.57
N THR A 66 46.72 6.62 -34.76
CA THR A 66 47.35 7.95 -34.68
C THR A 66 48.57 7.97 -33.77
N ASP A 67 49.66 8.54 -34.23
CA ASP A 67 50.75 8.85 -33.32
C ASP A 67 50.46 10.28 -32.80
N ASP A 68 50.58 10.49 -31.49
CA ASP A 68 50.01 11.70 -30.87
C ASP A 68 50.95 12.88 -30.58
N LYS A 69 50.40 14.08 -30.66
CA LYS A 69 51.12 15.32 -30.37
C LYS A 69 50.48 15.98 -29.16
N LEU A 70 51.31 16.32 -28.18
CA LEU A 70 50.79 16.86 -26.93
C LEU A 70 51.53 18.13 -26.53
N ASP A 71 51.36 19.17 -27.32
CA ASP A 71 52.08 20.42 -27.10
C ASP A 71 51.17 21.47 -26.50
N LEU A 72 51.08 21.51 -25.17
CA LEU A 72 50.17 22.42 -24.50
C LEU A 72 50.22 23.83 -25.06
N LYS A 73 51.43 24.35 -25.24
CA LYS A 73 51.57 25.72 -25.71
C LYS A 73 50.55 25.97 -26.81
N GLU A 74 50.34 24.98 -27.68
CA GLU A 74 49.25 25.04 -28.64
C GLU A 74 47.94 24.72 -27.94
N ALA A 75 47.33 23.60 -28.29
CA ALA A 75 46.14 23.10 -27.60
C ALA A 75 45.42 24.13 -26.75
N GLY A 76 45.96 24.39 -25.55
CA GLY A 76 45.37 25.35 -24.65
C GLY A 76 44.93 26.61 -25.36
N ARG A 77 45.70 26.99 -26.38
CA ARG A 77 45.38 28.17 -27.16
C ARG A 77 44.91 27.82 -28.57
N LEU A 78 44.42 26.60 -28.71
CA LEU A 78 43.58 26.22 -29.83
C LEU A 78 42.15 26.16 -29.28
N LEU A 79 42.04 25.83 -28.01
CA LEU A 79 40.79 25.97 -27.29
C LEU A 79 40.32 27.42 -27.31
N ASP A 80 41.26 28.36 -27.30
CA ASP A 80 40.95 29.78 -27.35
C ASP A 80 40.75 30.26 -28.79
N GLU A 81 40.84 29.33 -29.74
CA GLU A 81 40.52 29.61 -31.15
C GLU A 81 39.09 29.19 -31.50
N GLU A 82 38.54 28.21 -30.78
CA GLU A 82 37.22 27.67 -31.09
C GLU A 82 36.20 27.63 -29.94
N HIS A 83 36.45 28.40 -28.88
CA HIS A 83 35.49 28.60 -27.79
C HIS A 83 35.84 29.91 -27.11
N HIS A 84 34.88 30.73 -26.76
CA HIS A 84 35.27 32.05 -26.23
C HIS A 84 35.75 31.96 -24.81
N GLY A 85 34.80 31.97 -23.89
CA GLY A 85 35.15 32.04 -22.49
C GLY A 85 35.67 30.71 -22.02
N LEU A 86 34.92 30.06 -21.12
CA LEU A 86 35.30 28.76 -20.60
C LEU A 86 36.72 28.75 -20.06
N GLU A 87 37.20 29.90 -19.61
CA GLU A 87 38.56 30.01 -19.12
C GLU A 87 38.82 28.89 -18.14
N LYS A 88 38.05 28.86 -17.07
CA LYS A 88 38.25 27.87 -16.00
C LYS A 88 38.08 26.43 -16.52
N VAL A 89 37.19 26.25 -17.49
CA VAL A 89 36.95 24.90 -18.00
C VAL A 89 38.10 24.40 -18.84
N LYS A 90 38.84 25.31 -19.47
CA LYS A 90 40.01 24.94 -20.22
C LYS A 90 41.14 24.62 -19.26
N GLU A 91 41.41 25.53 -18.33
CA GLU A 91 42.46 25.32 -17.36
C GLU A 91 42.39 23.88 -16.86
N ARG A 92 41.23 23.25 -16.99
CA ARG A 92 41.00 21.89 -16.48
C ARG A 92 41.01 20.82 -17.57
N ILE A 93 41.10 21.26 -18.82
CA ILE A 93 41.24 20.34 -19.95
C ILE A 93 42.70 20.09 -20.13
N LEU A 94 43.50 21.10 -19.80
CA LEU A 94 44.94 21.00 -19.93
C LEU A 94 45.51 20.22 -18.78
N GLU A 95 44.99 20.47 -17.58
CA GLU A 95 45.36 19.65 -16.46
C GLU A 95 45.18 18.21 -16.91
N TYR A 96 44.10 17.93 -17.62
CA TYR A 96 43.83 16.56 -18.04
C TYR A 96 44.74 16.17 -19.19
N LEU A 97 45.72 17.00 -19.51
CA LEU A 97 46.68 16.64 -20.56
C LEU A 97 48.09 16.66 -20.01
N ALA A 98 48.47 17.78 -19.43
CA ALA A 98 49.76 17.84 -18.77
C ALA A 98 49.86 16.61 -17.87
N VAL A 99 48.71 16.22 -17.32
CA VAL A 99 48.64 14.98 -16.56
C VAL A 99 48.72 13.80 -17.48
N GLN A 100 48.11 13.91 -18.66
CA GLN A 100 48.14 12.82 -19.60
C GLN A 100 49.58 12.53 -20.02
N LYS A 101 50.27 13.57 -20.47
CA LYS A 101 51.61 13.39 -21.00
C LYS A 101 52.44 12.47 -20.12
N LEU A 102 52.44 12.75 -18.83
CA LEU A 102 53.23 11.96 -17.89
C LEU A 102 52.74 10.52 -17.84
N THR A 103 51.54 10.32 -17.31
CA THR A 103 50.93 8.99 -17.31
C THR A 103 50.75 8.54 -18.75
N LYS A 104 51.83 8.04 -19.33
CA LYS A 104 51.85 7.68 -20.75
C LYS A 104 50.66 6.83 -21.17
N SER A 105 50.07 6.11 -20.23
CA SER A 105 48.89 5.32 -20.54
C SER A 105 47.64 5.94 -19.91
N LEU A 106 46.69 6.32 -20.76
CA LEU A 106 45.46 6.96 -20.30
C LEU A 106 44.85 6.18 -19.15
N LYS A 107 44.42 6.88 -18.11
CA LYS A 107 43.91 6.22 -16.91
C LYS A 107 42.39 6.30 -16.76
N GLY A 108 41.86 5.37 -15.98
CA GLY A 108 40.43 5.20 -15.78
C GLY A 108 39.58 6.46 -15.80
N PRO A 109 39.85 7.40 -14.87
CA PRO A 109 39.01 8.60 -14.81
C PRO A 109 38.90 9.24 -16.18
N ILE A 110 37.74 9.09 -16.79
CA ILE A 110 37.42 9.75 -18.02
C ILE A 110 36.31 10.71 -17.71
N LEU A 111 36.31 11.86 -18.35
CA LEU A 111 35.48 12.95 -17.91
C LEU A 111 34.11 13.07 -18.58
N CYS A 112 33.16 13.63 -17.84
CA CYS A 112 31.89 14.06 -18.39
C CYS A 112 31.86 15.55 -18.38
N LEU A 113 31.37 16.11 -19.48
CA LEU A 113 31.12 17.52 -19.56
C LEU A 113 29.65 17.68 -19.20
N ALA A 114 29.34 18.62 -18.31
CA ALA A 114 27.97 18.77 -17.85
C ALA A 114 27.54 20.21 -17.84
N GLY A 115 26.29 20.44 -18.22
CA GLY A 115 25.73 21.77 -18.24
C GLY A 115 24.57 21.83 -19.20
N PRO A 116 23.84 22.95 -19.17
CA PRO A 116 22.72 23.14 -20.07
C PRO A 116 23.15 22.86 -21.49
N PRO A 117 22.24 22.39 -22.33
CA PRO A 117 22.67 22.15 -23.70
C PRO A 117 23.00 23.47 -24.39
N GLY A 118 23.89 23.44 -25.37
CA GLY A 118 24.28 24.64 -26.09
C GLY A 118 25.33 25.50 -25.40
N VAL A 119 26.22 24.88 -24.65
CA VAL A 119 27.31 25.61 -24.00
C VAL A 119 28.63 25.15 -24.57
N GLY A 120 28.61 24.04 -25.29
CA GLY A 120 29.77 23.65 -26.06
C GLY A 120 30.29 22.30 -25.75
N LYS A 121 29.62 21.57 -24.88
CA LYS A 121 30.14 20.28 -24.45
C LYS A 121 30.65 19.49 -25.63
N THR A 122 29.78 19.23 -26.60
CA THR A 122 30.18 18.45 -27.78
C THR A 122 31.43 19.05 -28.45
N SER A 123 31.38 20.37 -28.73
CA SER A 123 32.49 21.05 -29.38
C SER A 123 33.81 20.95 -28.62
N LEU A 124 33.77 21.14 -27.30
CA LEU A 124 34.98 21.06 -26.50
C LEU A 124 35.64 19.71 -26.78
N ALA A 125 34.84 18.68 -26.84
CA ALA A 125 35.37 17.35 -27.09
C ALA A 125 36.07 17.34 -28.44
N LYS A 126 35.31 17.62 -29.49
CA LYS A 126 35.88 17.61 -30.83
C LYS A 126 37.21 18.33 -30.78
N SER A 127 37.23 19.41 -30.04
CA SER A 127 38.40 20.24 -29.94
C SER A 127 39.48 19.65 -29.03
N ILE A 128 39.08 18.90 -28.02
CA ILE A 128 40.08 18.21 -27.21
C ILE A 128 40.84 17.37 -28.19
N ALA A 129 40.09 16.74 -29.10
CA ALA A 129 40.64 15.74 -29.99
C ALA A 129 41.44 16.36 -31.11
N LYS A 130 40.92 17.44 -31.65
CA LYS A 130 41.68 18.18 -32.64
C LYS A 130 43.11 18.37 -32.13
N SER A 131 43.24 18.79 -30.87
CA SER A 131 44.53 18.97 -30.25
C SER A 131 45.37 17.69 -30.19
N LEU A 132 44.74 16.59 -29.80
CA LEU A 132 45.47 15.34 -29.69
C LEU A 132 45.64 14.66 -31.05
N GLY A 133 45.05 15.23 -32.08
CA GLY A 133 45.16 14.68 -33.41
C GLY A 133 44.67 13.25 -33.48
N ARG A 134 43.78 12.87 -32.58
CA ARG A 134 43.10 11.59 -32.65
C ARG A 134 41.82 11.84 -33.45
N LYS A 135 41.30 10.80 -34.10
CA LYS A 135 40.03 10.93 -34.82
C LYS A 135 38.90 11.03 -33.79
N PHE A 136 37.77 11.59 -34.18
CA PHE A 136 36.70 11.85 -33.23
C PHE A 136 35.40 11.14 -33.62
N VAL A 137 34.71 10.58 -32.64
CA VAL A 137 33.44 9.94 -32.92
C VAL A 137 32.38 10.24 -31.87
N ARG A 138 31.25 10.73 -32.36
CA ARG A 138 30.05 10.86 -31.56
C ARG A 138 29.42 9.49 -31.51
N ILE A 139 28.95 9.10 -30.33
CA ILE A 139 28.22 7.86 -30.18
C ILE A 139 27.05 8.08 -29.24
N SER A 140 25.87 8.29 -29.84
CA SER A 140 24.70 8.76 -29.08
C SER A 140 24.08 7.66 -28.23
N LEU A 141 23.76 7.99 -26.98
CA LEU A 141 23.22 6.99 -26.07
C LEU A 141 21.79 7.30 -25.62
N GLY A 142 20.97 7.82 -26.53
CA GLY A 142 19.58 8.10 -26.27
C GLY A 142 18.67 6.90 -26.11
N GLY A 143 19.12 5.72 -26.54
CA GLY A 143 18.33 4.51 -26.41
C GLY A 143 18.51 3.80 -25.07
N ARG A 164 27.44 -1.56 -28.90
CA ARG A 164 27.26 -0.49 -29.90
C ARG A 164 28.51 0.40 -30.12
N ILE A 165 29.55 0.14 -29.35
CA ILE A 165 30.87 0.70 -29.65
C ILE A 165 31.34 -0.10 -30.81
N ILE A 166 30.81 -1.32 -30.91
CA ILE A 166 31.00 -2.21 -32.04
C ILE A 166 31.33 -1.32 -33.20
N GLN A 167 30.34 -0.55 -33.62
CA GLN A 167 30.47 0.39 -34.71
C GLN A 167 31.64 1.34 -34.46
N GLY A 168 31.49 2.19 -33.46
CA GLY A 168 32.54 3.11 -33.08
C GLY A 168 33.83 3.03 -33.87
N MET A 169 34.69 2.08 -33.52
CA MET A 169 35.99 1.97 -34.17
C MET A 169 35.88 2.03 -35.68
N LYS A 170 34.96 1.23 -36.23
CA LYS A 170 34.79 1.15 -37.68
C LYS A 170 34.74 2.54 -38.25
N LYS A 171 33.88 3.38 -37.69
CA LYS A 171 33.72 4.73 -38.18
C LYS A 171 35.00 5.53 -37.97
N ALA A 172 36.08 4.86 -37.57
CA ALA A 172 37.35 5.55 -37.36
C ALA A 172 38.59 4.69 -37.59
N GLY A 173 38.40 3.50 -38.17
CA GLY A 173 39.47 2.59 -38.53
C GLY A 173 40.87 2.93 -38.04
N LYS A 174 40.95 3.42 -36.81
CA LYS A 174 42.20 3.79 -36.18
C LYS A 174 41.96 3.71 -34.69
N LEU A 175 42.60 2.75 -34.04
CA LEU A 175 42.21 2.33 -32.70
C LEU A 175 42.50 3.32 -31.60
N ASN A 176 43.11 4.44 -31.93
CA ASN A 176 43.36 5.51 -30.95
C ASN A 176 42.47 6.73 -31.20
N PRO A 177 41.22 6.67 -30.73
CA PRO A 177 40.22 7.69 -31.06
C PRO A 177 39.83 8.60 -29.90
N VAL A 178 38.68 9.24 -30.06
CA VAL A 178 38.01 9.95 -28.99
C VAL A 178 36.54 9.69 -29.15
N PHE A 179 36.04 8.77 -28.35
CA PHE A 179 34.64 8.52 -28.31
C PHE A 179 34.05 9.61 -27.45
N LEU A 180 32.89 10.09 -27.85
CA LEU A 180 32.15 10.98 -27.01
C LEU A 180 30.82 10.32 -26.68
N LEU A 181 30.75 9.63 -25.56
CA LEU A 181 29.50 9.07 -25.10
C LEU A 181 28.55 10.24 -24.90
N ASP A 182 27.82 10.63 -25.95
CA ASP A 182 27.16 11.92 -25.91
C ASP A 182 26.24 12.03 -24.73
N GLU A 183 25.10 11.37 -24.80
CA GLU A 183 24.15 11.49 -23.72
C GLU A 183 24.13 10.22 -22.83
N ILE A 184 24.82 10.22 -21.67
CA ILE A 184 24.62 9.13 -20.71
C ILE A 184 23.72 9.62 -19.62
N ASP A 185 22.42 9.60 -19.87
CA ASP A 185 21.44 10.07 -18.90
C ASP A 185 20.05 10.06 -19.52
N LYS A 186 20.00 9.90 -20.84
CA LYS A 186 18.76 9.56 -21.48
C LYS A 186 18.78 8.04 -21.66
N MET A 187 19.08 7.34 -20.58
CA MET A 187 19.13 5.89 -20.59
C MET A 187 18.07 5.25 -19.67
N SER A 188 17.06 4.63 -20.30
CA SER A 188 15.94 3.96 -19.63
C SER A 188 15.37 4.80 -18.48
N ALA A 198 25.23 -0.08 -16.13
CA ALA A 198 25.17 -1.46 -16.60
C ALA A 198 26.25 -1.82 -17.63
N MET A 199 26.76 -0.81 -18.34
CA MET A 199 27.77 -1.03 -19.39
C MET A 199 29.18 -0.98 -18.85
N LEU A 200 29.31 -0.44 -17.65
CA LEU A 200 30.58 -0.30 -16.95
C LEU A 200 31.72 -0.99 -17.69
N GLU A 201 31.63 -2.30 -17.81
CA GLU A 201 32.64 -3.10 -18.48
C GLU A 201 33.51 -2.32 -19.45
N VAL A 202 32.88 -1.43 -20.22
CA VAL A 202 33.58 -0.68 -21.25
C VAL A 202 34.55 0.39 -20.74
N LEU A 203 34.42 0.80 -19.48
CA LEU A 203 35.26 1.86 -18.94
C LEU A 203 36.12 1.42 -17.75
N ASP A 204 35.69 0.38 -17.05
CA ASP A 204 36.40 -0.08 -15.86
C ASP A 204 37.89 -0.25 -16.16
N PRO A 205 38.72 0.62 -15.59
CA PRO A 205 40.17 0.66 -15.83
C PRO A 205 40.77 -0.74 -15.84
N GLU A 206 40.32 -1.58 -14.92
CA GLU A 206 40.83 -2.95 -14.84
C GLU A 206 40.39 -3.77 -16.05
N GLN A 207 39.15 -3.60 -16.46
CA GLN A 207 38.56 -4.48 -17.46
C GLN A 207 38.62 -3.91 -18.88
N ASN A 208 38.39 -2.60 -19.01
CA ASN A 208 38.34 -1.95 -20.30
C ASN A 208 39.42 -2.43 -21.27
N SER A 209 40.57 -2.82 -20.71
CA SER A 209 41.64 -3.37 -21.50
C SER A 209 41.13 -4.52 -22.37
N SER A 210 40.69 -5.58 -21.72
CA SER A 210 40.09 -6.71 -22.42
C SER A 210 38.62 -6.43 -22.65
N PHE A 211 38.25 -6.23 -23.92
CA PHE A 211 36.88 -5.86 -24.24
C PHE A 211 36.18 -6.93 -25.06
N SER A 212 34.96 -7.24 -24.67
CA SER A 212 34.17 -8.26 -25.34
C SER A 212 33.00 -7.64 -26.07
N ASP A 213 32.32 -8.45 -26.88
CA ASP A 213 31.05 -8.05 -27.47
C ASP A 213 30.39 -9.20 -28.22
N HIS A 214 29.16 -9.52 -27.83
CA HIS A 214 28.41 -10.59 -28.47
C HIS A 214 28.39 -10.37 -29.98
N TYR A 215 27.95 -11.38 -30.72
CA TYR A 215 27.83 -11.27 -32.16
C TYR A 215 29.15 -10.87 -32.80
N ILE A 216 30.25 -11.24 -32.13
CA ILE A 216 31.58 -10.95 -32.61
C ILE A 216 32.58 -11.40 -31.55
N GLU A 217 32.04 -12.01 -30.49
CA GLU A 217 32.83 -12.45 -29.34
C GLU A 217 34.32 -12.57 -29.61
N GLU A 218 35.07 -11.59 -29.13
CA GLU A 218 36.52 -11.69 -29.10
C GLU A 218 37.11 -10.49 -28.39
N THR A 219 37.97 -10.76 -27.41
CA THR A 219 38.58 -9.72 -26.61
C THR A 219 39.10 -8.61 -27.51
N PHE A 220 39.21 -7.41 -26.95
CA PHE A 220 39.72 -6.27 -27.69
C PHE A 220 40.33 -5.25 -26.76
N ASP A 221 41.43 -4.64 -27.20
CA ASP A 221 42.17 -3.71 -26.38
C ASP A 221 41.75 -2.27 -26.65
N LEU A 222 41.30 -1.57 -25.60
CA LEU A 222 40.89 -0.17 -25.71
C LEU A 222 41.78 0.73 -24.87
N SER A 223 43.02 0.30 -24.66
CA SER A 223 43.98 1.04 -23.86
C SER A 223 43.91 2.52 -24.20
N LYS A 224 44.38 2.87 -25.39
CA LYS A 224 44.44 4.26 -25.81
C LYS A 224 43.15 4.69 -26.48
N VAL A 225 42.15 5.05 -25.68
CA VAL A 225 40.86 5.51 -26.21
C VAL A 225 40.22 6.64 -25.40
N LEU A 226 40.55 7.88 -25.71
CA LEU A 226 40.02 8.99 -24.93
C LEU A 226 38.50 8.98 -24.96
N PHE A 227 37.91 8.63 -23.81
CA PHE A 227 36.45 8.68 -23.63
C PHE A 227 35.96 10.01 -23.02
N ILE A 228 34.86 10.54 -23.53
CA ILE A 228 34.26 11.75 -22.98
C ILE A 228 32.74 11.69 -22.98
N ALA A 229 32.11 12.26 -21.95
CA ALA A 229 30.65 12.21 -21.85
C ALA A 229 30.00 13.57 -21.77
N THR A 230 28.87 13.72 -22.45
CA THR A 230 28.04 14.91 -22.28
C THR A 230 26.94 14.59 -21.26
N ALA A 231 26.23 15.62 -20.79
CA ALA A 231 25.19 15.41 -19.80
C ALA A 231 24.54 16.69 -19.30
N ASN A 232 23.28 16.58 -18.86
CA ASN A 232 22.52 17.70 -18.31
C ASN A 232 22.08 17.46 -16.88
N ASN A 233 20.98 16.73 -16.71
CA ASN A 233 20.51 16.36 -15.38
C ASN A 233 21.36 15.24 -14.82
N LEU A 234 22.38 15.60 -14.06
CA LEU A 234 23.35 14.64 -13.52
C LEU A 234 22.72 13.51 -12.76
N ALA A 235 21.42 13.63 -12.51
CA ALA A 235 20.69 12.57 -11.83
C ALA A 235 20.75 11.28 -12.65
N THR A 236 19.81 11.14 -13.59
CA THR A 236 19.62 9.91 -14.36
C THR A 236 20.87 9.08 -14.57
N ILE A 237 22.02 9.72 -14.62
CA ILE A 237 23.28 9.00 -14.57
C ILE A 237 23.28 8.04 -13.40
N PRO A 238 23.77 6.81 -13.64
CA PRO A 238 23.90 5.75 -12.61
C PRO A 238 25.03 6.01 -11.61
N GLY A 239 24.70 6.12 -10.33
CA GLY A 239 25.70 6.27 -9.28
C GLY A 239 26.98 5.53 -9.59
N PRO A 240 26.87 4.25 -9.97
CA PRO A 240 28.01 3.43 -10.41
C PRO A 240 28.92 4.17 -11.37
N LEU A 241 28.33 4.74 -12.43
CA LEU A 241 29.08 5.47 -13.44
C LEU A 241 29.64 6.79 -12.94
N ARG A 242 28.77 7.65 -12.40
CA ARG A 242 29.18 8.97 -11.95
C ARG A 242 30.46 8.94 -11.10
N ASP A 243 30.78 7.77 -10.55
CA ASP A 243 31.97 7.64 -9.73
C ASP A 243 33.13 7.18 -10.58
N ARG A 244 32.83 6.44 -11.63
CA ARG A 244 33.86 5.97 -12.54
C ARG A 244 34.37 7.12 -13.39
N MET A 245 33.68 8.24 -13.33
CA MET A 245 34.01 9.38 -14.20
C MET A 245 34.21 10.70 -13.45
N GLU A 246 35.17 11.49 -13.93
CA GLU A 246 35.50 12.79 -13.35
C GLU A 246 34.68 13.88 -14.04
N ILE A 247 34.10 14.77 -13.26
CA ILE A 247 33.14 15.72 -13.83
C ILE A 247 33.62 17.16 -14.02
N ILE A 248 33.22 17.76 -15.14
CA ILE A 248 33.48 19.18 -15.37
C ILE A 248 32.20 19.90 -15.72
N ASN A 249 31.94 21.03 -15.07
CA ASN A 249 30.74 21.82 -15.37
C ASN A 249 30.97 23.05 -16.25
N ILE A 250 30.36 23.04 -17.42
CA ILE A 250 30.29 24.23 -18.25
C ILE A 250 29.06 24.97 -17.74
N ALA A 251 29.13 26.30 -17.67
CA ALA A 251 28.21 27.00 -16.82
C ALA A 251 27.07 27.70 -17.51
N GLY A 252 27.38 28.32 -18.61
CA GLY A 252 26.46 29.28 -19.17
C GLY A 252 27.27 30.50 -19.49
N TYR A 253 26.62 31.63 -19.70
CA TYR A 253 27.31 32.75 -20.28
C TYR A 253 26.65 34.10 -20.01
N THR A 254 27.49 35.11 -19.76
CA THR A 254 27.06 36.49 -19.55
C THR A 254 26.63 37.10 -20.85
N GLU A 255 25.75 38.09 -20.80
CA GLU A 255 25.36 38.73 -22.05
C GLU A 255 26.63 39.02 -22.81
N ILE A 256 27.56 39.70 -22.16
CA ILE A 256 28.87 39.95 -22.73
C ILE A 256 29.45 38.74 -23.47
N GLU A 257 29.61 37.63 -22.76
CA GLU A 257 30.17 36.43 -23.35
C GLU A 257 29.43 36.03 -24.63
N LYS A 258 28.15 35.71 -24.49
CA LYS A 258 27.34 35.33 -25.65
C LYS A 258 27.71 36.23 -26.82
N LEU A 259 27.60 37.54 -26.61
CA LEU A 259 27.81 38.51 -27.68
C LEU A 259 29.04 38.19 -28.46
N GLU A 260 30.12 37.99 -27.73
CA GLU A 260 31.37 37.69 -28.39
C GLU A 260 31.26 36.35 -29.08
N ILE A 261 30.70 35.36 -28.41
CA ILE A 261 30.52 34.08 -29.09
C ILE A 261 29.81 34.31 -30.44
N VAL A 262 28.77 35.13 -30.44
CA VAL A 262 28.06 35.44 -31.67
C VAL A 262 29.00 35.95 -32.73
N LYS A 263 29.78 36.98 -32.39
CA LYS A 263 30.62 37.72 -33.35
C LYS A 263 31.82 36.97 -33.94
N ASP A 264 32.56 36.28 -33.10
CA ASP A 264 33.83 35.69 -33.49
C ASP A 264 33.72 34.22 -33.88
N HIS A 265 32.58 33.59 -33.58
CA HIS A 265 32.36 32.20 -33.99
C HIS A 265 30.97 31.96 -34.61
N LEU A 266 29.92 32.18 -33.83
CA LEU A 266 28.56 31.83 -34.24
C LEU A 266 28.20 32.35 -35.61
N LEU A 267 28.26 33.66 -35.76
CA LEU A 267 27.81 34.27 -37.01
C LEU A 267 28.61 33.74 -38.21
N PRO A 268 29.92 34.02 -38.27
CA PRO A 268 30.68 33.59 -39.42
C PRO A 268 30.37 32.16 -39.78
N LYS A 269 30.31 31.28 -38.78
CA LYS A 269 29.95 29.88 -39.03
C LYS A 269 28.63 29.74 -39.80
N GLN A 270 27.63 30.54 -39.45
CA GLN A 270 26.33 30.41 -40.11
C GLN A 270 26.35 31.07 -41.45
N ILE A 271 27.13 32.14 -41.57
CA ILE A 271 27.27 32.81 -42.84
C ILE A 271 27.82 31.79 -43.79
N LYS A 272 28.97 31.25 -43.44
CA LYS A 272 29.70 30.38 -44.33
C LYS A 272 28.84 29.15 -44.64
N GLU A 273 27.94 28.82 -43.74
CA GLU A 273 27.19 27.57 -43.89
C GLU A 273 26.00 27.80 -44.80
N HIS A 274 25.45 29.00 -44.75
CA HIS A 274 24.39 29.40 -45.64
C HIS A 274 24.99 29.95 -46.90
N GLY A 275 26.16 29.44 -47.27
CA GLY A 275 26.95 30.00 -48.35
C GLY A 275 26.73 31.47 -48.69
N LEU A 276 27.42 32.36 -48.02
CA LEU A 276 27.49 33.73 -48.52
C LEU A 276 28.64 34.46 -47.83
N LYS A 277 28.91 35.67 -48.28
CA LYS A 277 30.12 36.34 -47.90
C LYS A 277 30.00 37.11 -46.58
N LYS A 278 31.12 37.28 -45.88
CA LYS A 278 31.17 38.17 -44.74
C LYS A 278 30.77 39.60 -45.21
N SER A 279 31.05 39.88 -46.48
CA SER A 279 30.73 41.17 -47.03
C SER A 279 29.29 41.20 -47.39
N ASN A 280 28.55 40.17 -46.99
CA ASN A 280 27.15 39.96 -47.44
C ASN A 280 26.12 40.40 -46.43
N LEU A 281 26.52 40.49 -45.17
CA LEU A 281 25.60 40.66 -44.07
C LEU A 281 26.34 40.92 -42.80
N GLN A 282 26.02 42.02 -42.14
CA GLN A 282 26.63 42.31 -40.86
C GLN A 282 25.56 42.72 -39.85
N LEU A 283 25.66 42.28 -38.59
CA LEU A 283 24.71 42.76 -37.62
C LEU A 283 25.38 43.57 -36.56
N ARG A 284 24.80 44.75 -36.32
CA ARG A 284 25.38 45.71 -35.40
C ARG A 284 25.31 45.12 -34.03
N ASP A 285 26.28 45.46 -33.18
CA ASP A 285 26.33 44.89 -31.86
C ASP A 285 24.98 45.00 -31.16
N GLN A 286 24.43 46.20 -31.07
CA GLN A 286 23.21 46.39 -30.27
C GLN A 286 22.12 45.41 -30.66
N ALA A 287 22.03 45.08 -31.95
CA ALA A 287 21.01 44.13 -32.43
C ALA A 287 21.28 42.73 -31.92
N ILE A 288 22.52 42.29 -32.00
CA ILE A 288 22.91 41.03 -31.41
C ILE A 288 22.44 40.94 -29.97
N LEU A 289 22.76 41.96 -29.17
CA LEU A 289 22.28 42.06 -27.80
C LEU A 289 20.77 41.91 -27.74
N ASP A 290 20.07 42.69 -28.53
CA ASP A 290 18.62 42.55 -28.63
C ASP A 290 18.17 41.10 -28.95
N ILE A 291 18.72 40.52 -30.01
CA ILE A 291 18.39 39.14 -30.35
C ILE A 291 18.42 38.31 -29.10
N ILE A 292 19.43 38.56 -28.27
CA ILE A 292 19.60 37.80 -27.06
C ILE A 292 18.55 38.12 -26.01
N ARG A 293 18.54 39.35 -25.55
CA ARG A 293 17.64 39.74 -24.48
C ARG A 293 16.21 39.36 -24.80
N TYR A 294 15.83 39.54 -26.06
CA TYR A 294 14.42 39.46 -26.40
C TYR A 294 13.94 38.22 -27.18
N TYR A 295 14.84 37.37 -27.70
CA TYR A 295 14.44 36.18 -28.44
C TYR A 295 15.08 34.91 -27.89
N THR A 296 15.85 35.05 -26.83
CA THR A 296 16.43 33.88 -26.16
C THR A 296 16.52 34.09 -24.66
N ARG A 297 15.84 33.22 -23.93
CA ARG A 297 16.17 33.10 -22.52
C ARG A 297 16.68 31.69 -22.23
N GLU A 298 17.90 31.44 -22.68
CA GLU A 298 18.58 30.18 -22.45
C GLU A 298 19.87 30.50 -21.72
N ALA A 299 20.55 29.47 -21.25
CA ALA A 299 21.87 29.67 -20.68
C ALA A 299 22.95 29.34 -21.70
N GLY A 300 22.64 28.43 -22.61
CA GLY A 300 23.58 28.11 -23.67
C GLY A 300 23.51 29.14 -24.78
N VAL A 301 23.79 28.71 -26.01
CA VAL A 301 23.55 29.58 -27.12
C VAL A 301 22.90 28.90 -28.31
N ARG A 302 22.12 27.84 -28.06
CA ARG A 302 21.47 27.10 -29.14
C ARG A 302 20.36 27.92 -29.77
N SER A 303 19.43 28.40 -28.95
CA SER A 303 18.39 29.30 -29.43
C SER A 303 19.01 30.48 -30.19
N LEU A 304 20.14 30.96 -29.68
CA LEU A 304 20.86 32.09 -30.26
C LEU A 304 21.28 31.74 -31.65
N GLU A 305 21.81 30.53 -31.82
CA GLU A 305 22.33 30.11 -33.11
C GLU A 305 21.20 30.07 -34.11
N ARG A 306 20.07 29.53 -33.66
CA ARG A 306 18.91 29.32 -34.51
C ARG A 306 18.41 30.66 -35.01
N GLN A 307 18.38 31.67 -34.16
CA GLN A 307 17.84 32.94 -34.60
C GLN A 307 18.84 33.60 -35.55
N LEU A 308 20.12 33.33 -35.32
CA LEU A 308 21.10 33.83 -36.24
C LEU A 308 20.74 33.28 -37.59
N ALA A 309 20.71 31.96 -37.70
CA ALA A 309 20.45 31.32 -38.98
C ALA A 309 19.24 31.93 -39.63
N ALA A 310 18.18 32.08 -38.87
CA ALA A 310 16.97 32.75 -39.35
C ALA A 310 17.37 33.87 -40.30
N ILE A 311 18.27 34.70 -39.82
CA ILE A 311 18.79 35.83 -40.59
C ILE A 311 19.72 35.41 -41.73
N CYS A 312 20.73 34.60 -41.42
CA CYS A 312 21.59 34.08 -42.47
C CYS A 312 20.71 33.71 -43.65
N ARG A 313 19.57 33.09 -43.35
CA ARG A 313 18.58 32.66 -44.37
C ARG A 313 17.93 33.83 -45.06
N LYS A 314 17.14 34.59 -44.31
CA LYS A 314 16.48 35.78 -44.84
C LYS A 314 17.45 36.58 -45.70
N ALA A 315 18.68 36.67 -45.19
CA ALA A 315 19.75 37.36 -45.87
C ALA A 315 19.87 36.84 -47.27
N ALA A 316 20.19 35.57 -47.38
CA ALA A 316 20.45 34.98 -48.71
C ALA A 316 19.37 35.24 -49.75
N LYS A 317 18.11 35.04 -49.41
CA LYS A 317 17.07 35.26 -50.42
C LYS A 317 17.23 36.65 -51.01
N ALA A 318 17.68 37.62 -50.22
CA ALA A 318 18.01 38.92 -50.78
C ALA A 318 19.15 38.80 -51.77
N ILE A 319 20.30 38.33 -51.30
CA ILE A 319 21.50 38.21 -52.13
C ILE A 319 21.30 37.55 -53.50
N VAL A 320 20.30 36.70 -53.62
CA VAL A 320 20.00 36.07 -54.90
C VAL A 320 19.07 36.92 -55.74
N ALA A 321 17.93 37.30 -55.19
CA ALA A 321 17.01 38.22 -55.87
C ALA A 321 17.65 39.61 -55.93
N GLU A 322 17.23 40.51 -55.04
CA GLU A 322 17.75 41.89 -55.02
C GLU A 322 19.24 41.99 -55.40
N GLU A 323 20.01 40.97 -55.04
CA GLU A 323 21.43 40.89 -55.41
C GLU A 323 22.33 41.84 -54.63
N ARG A 324 21.72 42.83 -53.99
CA ARG A 324 22.44 43.76 -53.12
C ARG A 324 23.56 43.00 -52.45
N LYS A 325 24.80 43.47 -52.61
CA LYS A 325 25.92 42.70 -52.09
C LYS A 325 26.02 42.80 -50.56
N ARG A 326 25.17 43.61 -49.94
CA ARG A 326 25.25 43.80 -48.50
C ARG A 326 23.88 43.89 -47.83
N ILE A 327 23.80 43.40 -46.59
CA ILE A 327 22.59 43.42 -45.79
C ILE A 327 22.98 43.76 -44.37
N THR A 328 22.47 44.87 -43.84
CA THR A 328 22.88 45.28 -42.50
C THR A 328 21.69 45.29 -41.57
N VAL A 329 21.63 44.28 -40.70
CA VAL A 329 20.56 44.17 -39.73
C VAL A 329 20.93 45.01 -38.53
N THR A 330 19.98 45.82 -38.08
CA THR A 330 20.17 46.77 -37.00
C THR A 330 19.10 46.61 -35.92
N GLU A 331 19.22 47.38 -34.84
CA GLU A 331 18.27 47.31 -33.74
C GLU A 331 16.87 47.73 -34.14
N LYS A 332 16.73 48.28 -35.34
CA LYS A 332 15.41 48.65 -35.84
C LYS A 332 14.94 47.64 -36.85
N ASN A 333 15.88 47.13 -37.64
CA ASN A 333 15.59 46.11 -38.64
C ASN A 333 15.07 44.82 -37.99
N LEU A 334 15.58 44.55 -36.79
CA LEU A 334 15.50 43.20 -36.26
C LEU A 334 14.17 42.53 -36.57
N GLN A 335 13.07 43.23 -36.34
CA GLN A 335 11.75 42.64 -36.53
C GLN A 335 11.51 42.14 -37.95
N ASP A 336 12.19 42.77 -38.90
CA ASP A 336 12.06 42.42 -40.31
C ASP A 336 12.90 41.19 -40.65
N PHE A 337 13.31 40.46 -39.63
CA PHE A 337 14.13 39.26 -39.85
C PHE A 337 13.66 38.08 -39.00
N ILE A 338 13.56 38.30 -37.70
CA ILE A 338 13.28 37.20 -36.80
C ILE A 338 11.93 37.28 -36.11
N GLY A 339 11.09 38.22 -36.54
CA GLY A 339 9.74 38.28 -36.03
C GLY A 339 9.65 39.37 -35.01
N LYS A 340 8.61 39.32 -34.16
CA LYS A 340 8.41 40.27 -33.06
C LYS A 340 9.06 39.76 -31.80
N ARG A 341 9.12 40.59 -30.77
CA ARG A 341 9.83 40.24 -29.56
C ARG A 341 9.22 39.00 -28.97
N ILE A 342 9.98 38.25 -28.19
CA ILE A 342 9.52 36.94 -27.76
C ILE A 342 9.50 36.79 -26.25
N PHE A 343 10.49 37.33 -25.55
CA PHE A 343 10.50 37.28 -24.09
C PHE A 343 10.49 38.69 -23.55
N ARG A 344 9.99 38.89 -22.34
CA ARG A 344 10.15 40.21 -21.77
C ARG A 344 11.48 40.25 -21.02
N TYR A 345 12.03 41.46 -20.86
CA TYR A 345 13.25 41.68 -20.07
C TYR A 345 12.99 42.86 -19.15
N GLY A 346 12.97 42.63 -17.85
CA GLY A 346 12.77 43.70 -16.89
C GLY A 346 11.35 44.10 -16.52
N GLN A 347 11.27 45.26 -15.89
CA GLN A 347 10.12 45.69 -15.13
C GLN A 347 9.38 46.83 -15.76
N ALA A 348 9.49 46.94 -17.09
CA ALA A 348 8.79 48.01 -17.81
C ALA A 348 7.34 47.59 -17.97
N GLU A 349 7.02 46.43 -17.43
CA GLU A 349 5.70 45.86 -17.59
C GLU A 349 5.15 45.33 -16.24
N THR A 350 5.86 44.38 -15.62
CA THR A 350 5.43 43.83 -14.32
C THR A 350 5.15 44.95 -13.31
N GLU A 351 4.34 44.68 -12.29
CA GLU A 351 4.10 45.62 -11.18
C GLU A 351 3.72 44.96 -9.83
N ASP A 352 4.39 45.37 -8.75
CA ASP A 352 4.48 44.62 -7.47
C ASP A 352 3.24 43.82 -7.06
N GLN A 353 3.46 42.66 -6.43
CA GLN A 353 2.35 41.79 -6.05
C GLN A 353 2.32 41.45 -4.55
N VAL A 354 1.35 40.65 -4.14
CA VAL A 354 1.15 40.29 -2.74
C VAL A 354 1.30 38.80 -2.49
N GLY A 355 1.95 38.42 -1.39
CA GLY A 355 2.16 37.02 -1.10
C GLY A 355 2.68 36.26 -2.30
N VAL A 356 3.58 36.91 -3.04
CA VAL A 356 4.14 36.34 -4.25
C VAL A 356 5.58 36.77 -4.50
N VAL A 357 6.50 35.86 -4.22
CA VAL A 357 7.91 36.14 -4.32
C VAL A 357 8.55 35.43 -5.53
N THR A 358 9.63 35.99 -6.04
CA THR A 358 10.31 35.41 -7.17
C THR A 358 11.63 34.77 -6.72
N GLY A 359 11.66 33.46 -6.53
CA GLY A 359 12.85 32.79 -6.06
C GLY A 359 13.76 32.37 -7.20
N LEU A 360 15.06 32.53 -7.03
CA LEU A 360 16.05 32.01 -7.99
C LEU A 360 16.32 30.54 -7.73
N ALA A 361 16.11 29.69 -8.74
CA ALA A 361 16.20 28.26 -8.55
C ALA A 361 17.17 27.67 -9.52
N TYR A 362 17.71 26.51 -9.18
CA TYR A 362 18.70 25.86 -10.00
C TYR A 362 18.11 24.75 -10.91
N THR A 363 17.61 25.13 -12.08
CA THR A 363 17.09 24.16 -13.03
C THR A 363 18.22 23.41 -13.69
N THR A 364 17.98 22.14 -13.99
CA THR A 364 18.87 21.35 -14.85
C THR A 364 19.33 22.14 -16.09
N VAL A 365 18.68 23.26 -16.37
CA VAL A 365 19.01 24.06 -17.54
C VAL A 365 19.32 25.49 -17.20
N GLY A 366 19.79 25.71 -15.98
CA GLY A 366 20.37 27.00 -15.62
C GLY A 366 19.64 27.72 -14.54
N GLY A 367 19.95 28.99 -14.36
CA GLY A 367 19.23 29.78 -13.41
C GLY A 367 17.85 30.01 -13.98
N ASP A 368 16.84 29.93 -13.14
CA ASP A 368 15.49 30.23 -13.57
C ASP A 368 14.77 31.02 -12.47
N THR A 369 13.61 31.56 -12.81
CA THR A 369 12.92 32.51 -11.96
C THR A 369 11.48 32.04 -11.66
N LEU A 370 11.37 31.02 -10.84
CA LEU A 370 10.09 30.44 -10.51
C LEU A 370 9.47 31.25 -9.42
N SER A 371 8.17 31.51 -9.52
CA SER A 371 7.51 32.36 -8.56
C SER A 371 6.65 31.52 -7.63
N ILE A 372 6.86 31.65 -6.32
CA ILE A 372 6.03 31.03 -5.31
C ILE A 372 4.84 31.91 -4.92
N GLU A 373 3.66 31.33 -4.74
CA GLU A 373 2.46 32.07 -4.36
C GLU A 373 1.81 31.51 -3.08
N VAL A 374 1.11 32.35 -2.33
CA VAL A 374 0.35 31.90 -1.16
C VAL A 374 -1.09 32.50 -1.08
N SER A 375 -2.09 31.67 -0.73
CA SER A 375 -3.47 32.13 -0.75
C SER A 375 -4.15 31.87 0.56
N LEU A 376 -5.03 32.77 0.95
CA LEU A 376 -5.64 32.69 2.27
C LEU A 376 -7.13 32.36 2.20
N SER A 377 -7.47 31.19 2.69
CA SER A 377 -8.86 30.79 2.82
C SER A 377 -9.14 30.35 4.24
N PRO A 378 -10.28 30.75 4.79
CA PRO A 378 -10.73 30.41 6.14
C PRO A 378 -10.60 28.92 6.44
N GLY A 379 -10.45 28.53 7.71
CA GLY A 379 -10.37 27.13 8.07
C GLY A 379 -9.52 26.76 9.31
N LYS A 380 -8.65 25.77 9.14
CA LYS A 380 -7.84 25.26 10.24
C LYS A 380 -6.36 25.47 9.94
N GLY A 381 -5.52 25.35 10.97
CA GLY A 381 -4.10 25.57 10.83
C GLY A 381 -3.43 24.76 9.73
N LYS A 382 -4.13 23.74 9.23
CA LYS A 382 -3.61 22.89 8.17
C LYS A 382 -3.16 23.77 7.01
N LEU A 383 -2.13 23.32 6.30
CA LEU A 383 -1.66 24.01 5.09
C LEU A 383 -1.42 23.01 3.99
N ILE A 384 -2.09 23.19 2.87
CA ILE A 384 -1.93 22.27 1.78
C ILE A 384 -1.21 23.01 0.67
N LEU A 385 -0.18 22.38 0.10
CA LEU A 385 0.57 23.00 -0.98
C LEU A 385 0.44 22.26 -2.31
N THR A 386 0.62 23.00 -3.40
CA THR A 386 0.40 22.47 -4.74
C THR A 386 1.70 22.38 -5.52
N GLY A 387 1.60 22.01 -6.79
CA GLY A 387 2.79 21.87 -7.61
C GLY A 387 3.46 20.56 -7.30
N LYS A 388 4.79 20.55 -7.26
CA LYS A 388 5.52 19.33 -6.96
C LYS A 388 4.99 18.78 -5.63
N LEU A 389 4.61 17.50 -5.65
CA LEU A 389 4.06 16.84 -4.47
C LEU A 389 4.93 17.11 -3.26
N GLY A 390 6.24 17.17 -3.49
CA GLY A 390 7.21 17.58 -2.50
C GLY A 390 6.99 17.13 -1.07
N ASP A 391 7.71 16.10 -0.67
CA ASP A 391 7.78 15.78 0.75
C ASP A 391 8.94 16.58 1.33
N VAL A 392 9.87 16.95 0.46
CA VAL A 392 11.02 17.76 0.85
C VAL A 392 10.55 19.16 1.18
N MET A 393 9.52 19.63 0.48
CA MET A 393 9.03 20.98 0.63
C MET A 393 8.31 21.18 1.94
N ARG A 394 7.37 20.29 2.25
CA ARG A 394 6.56 20.42 3.46
C ARG A 394 7.43 20.75 4.66
N GLU A 395 8.49 19.98 4.84
CA GLU A 395 9.42 20.25 5.92
C GLU A 395 9.75 21.74 5.95
N SER A 396 10.26 22.26 4.85
CA SER A 396 10.60 23.68 4.77
C SER A 396 9.37 24.56 4.94
N ALA A 397 8.35 24.34 4.13
CA ALA A 397 7.12 25.12 4.23
C ALA A 397 6.70 25.24 5.68
N GLN A 398 6.32 24.13 6.29
CA GLN A 398 5.87 24.12 7.69
C GLN A 398 7.00 24.49 8.63
N ALA A 399 7.84 25.41 8.19
CA ALA A 399 8.94 25.91 8.98
C ALA A 399 8.97 27.41 8.83
N ALA A 400 8.85 27.87 7.60
CA ALA A 400 8.65 29.29 7.39
C ALA A 400 7.34 29.55 8.10
N PHE A 401 6.47 28.56 8.03
CA PHE A 401 5.21 28.60 8.72
C PHE A 401 5.48 28.63 10.20
N SER A 402 6.19 27.62 10.67
CA SER A 402 6.45 27.51 12.09
C SER A 402 7.32 28.66 12.60
N TYR A 403 7.71 29.56 11.72
CA TYR A 403 8.46 30.74 12.13
C TYR A 403 7.49 31.82 12.52
N VAL A 404 6.73 32.28 11.54
CA VAL A 404 5.64 33.23 11.77
C VAL A 404 4.76 32.79 12.96
N ARG A 405 4.64 31.48 13.17
CA ARG A 405 3.97 31.00 14.36
C ARG A 405 4.47 31.77 15.56
N SER A 406 5.78 31.89 15.68
CA SER A 406 6.41 32.63 16.78
C SER A 406 6.31 34.13 16.54
N LYS A 407 7.44 34.76 16.23
CA LYS A 407 7.49 36.20 16.02
C LYS A 407 6.30 36.72 15.23
N THR A 408 5.23 37.09 15.93
CA THR A 408 3.96 37.45 15.27
C THR A 408 3.60 38.93 15.31
N GLU A 409 3.06 39.37 16.44
CA GLU A 409 2.70 40.78 16.57
C GLU A 409 3.90 41.60 16.15
N GLU A 410 5.08 41.04 16.41
CA GLU A 410 6.34 41.69 16.10
C GLU A 410 6.45 41.96 14.60
N LEU A 411 5.54 41.39 13.83
CA LEU A 411 5.63 41.40 12.38
C LEU A 411 4.41 42.04 11.73
N GLY A 412 3.39 42.27 12.55
CA GLY A 412 2.16 42.87 12.08
C GLY A 412 1.26 41.85 11.43
N ILE A 413 0.54 41.08 12.24
CA ILE A 413 -0.34 40.03 11.73
C ILE A 413 -1.13 39.42 12.87
N GLU A 414 -2.45 39.32 12.69
CA GLU A 414 -3.35 38.89 13.75
C GLU A 414 -3.07 37.51 14.32
N PRO A 415 -2.48 37.44 15.53
CA PRO A 415 -2.02 36.19 16.12
C PRO A 415 -3.07 35.08 16.11
N ASP A 416 -4.33 35.45 15.95
CA ASP A 416 -5.39 34.47 15.90
C ASP A 416 -5.51 33.90 14.49
N PHE A 417 -4.38 33.69 13.81
CA PHE A 417 -4.42 33.28 12.40
C PHE A 417 -4.22 31.79 12.15
N HIS A 418 -3.11 31.23 12.63
CA HIS A 418 -2.87 29.81 12.42
C HIS A 418 -4.01 28.99 13.00
N GLU A 419 -4.92 29.67 13.68
CA GLU A 419 -6.07 29.05 14.32
C GLU A 419 -7.32 29.14 13.42
N LYS A 420 -7.43 30.21 12.64
CA LYS A 420 -8.63 30.43 11.82
C LYS A 420 -8.34 30.90 10.39
N TYR A 421 -7.34 30.28 9.76
CA TYR A 421 -7.05 30.49 8.34
C TYR A 421 -6.52 29.17 7.78
N ASP A 422 -6.47 29.06 6.46
CA ASP A 422 -5.93 27.88 5.79
C ASP A 422 -5.04 28.35 4.65
N ILE A 423 -3.75 28.07 4.72
CA ILE A 423 -2.80 28.65 3.79
C ILE A 423 -2.39 27.72 2.64
N HIS A 424 -2.49 28.24 1.41
CA HIS A 424 -2.14 27.50 0.21
C HIS A 424 -0.85 28.02 -0.40
N ILE A 425 0.09 27.13 -0.66
CA ILE A 425 1.37 27.48 -1.23
C ILE A 425 1.59 26.75 -2.56
N HIS A 426 2.23 27.43 -3.51
CA HIS A 426 2.52 26.87 -4.81
C HIS A 426 4.01 27.03 -5.06
N VAL A 427 4.72 25.91 -5.19
CA VAL A 427 6.13 25.95 -5.53
C VAL A 427 6.44 25.29 -6.87
N PRO A 428 6.54 26.08 -7.96
CA PRO A 428 6.67 25.53 -9.30
C PRO A 428 7.82 24.57 -9.41
N GLU A 429 7.59 23.48 -10.15
CA GLU A 429 8.61 22.49 -10.37
C GLU A 429 9.71 23.14 -11.18
N GLY A 430 10.93 22.66 -10.96
CA GLY A 430 12.06 23.06 -11.78
C GLY A 430 13.33 22.93 -10.97
N ALA A 431 13.27 23.46 -9.75
CA ALA A 431 14.41 23.41 -8.87
C ALA A 431 14.83 21.96 -8.75
N VAL A 432 16.12 21.72 -8.74
CA VAL A 432 16.59 20.35 -8.65
C VAL A 432 16.73 19.95 -7.19
N PRO A 433 16.45 18.67 -6.88
CA PRO A 433 16.48 18.05 -5.56
C PRO A 433 17.35 18.74 -4.53
N LYS A 434 18.65 18.68 -4.69
CA LYS A 434 19.58 19.29 -3.77
C LYS A 434 19.12 20.70 -3.36
N ASP A 435 18.45 21.39 -4.27
CA ASP A 435 18.17 22.82 -4.08
C ASP A 435 16.77 23.09 -3.60
N GLY A 436 16.01 22.03 -3.36
CA GLY A 436 14.65 22.17 -2.89
C GLY A 436 14.50 23.11 -1.72
N PRO A 437 15.25 22.86 -0.63
CA PRO A 437 15.19 23.61 0.61
C PRO A 437 15.67 25.05 0.43
N ALA A 438 16.08 25.39 -0.78
CA ALA A 438 16.66 26.70 -1.04
C ALA A 438 15.56 27.70 -1.27
N ALA A 439 14.34 27.24 -1.14
CA ALA A 439 13.16 28.07 -1.33
C ALA A 439 12.55 28.53 -0.01
N GLY A 440 13.22 28.23 1.10
CA GLY A 440 12.76 28.62 2.42
C GLY A 440 12.43 30.09 2.57
N ILE A 441 13.43 30.95 2.46
CA ILE A 441 13.17 32.37 2.60
C ILE A 441 12.14 32.85 1.62
N THR A 442 12.01 32.15 0.50
CA THR A 442 10.98 32.51 -0.48
C THR A 442 9.56 32.27 0.04
N MET A 443 9.17 31.01 0.23
CA MET A 443 7.86 30.70 0.82
C MET A 443 7.60 31.56 2.06
N ALA A 444 8.61 31.70 2.91
CA ALA A 444 8.46 32.54 4.07
C ALA A 444 7.98 33.91 3.64
N THR A 445 8.86 34.63 2.97
CA THR A 445 8.53 35.95 2.47
C THR A 445 7.11 36.01 1.91
N ALA A 446 6.71 35.02 1.15
CA ALA A 446 5.39 35.07 0.56
C ALA A 446 4.35 34.95 1.66
N LEU A 447 4.38 33.85 2.40
CA LEU A 447 3.44 33.61 3.50
C LEU A 447 3.22 34.85 4.36
N VAL A 448 4.26 35.65 4.56
CA VAL A 448 4.13 36.87 5.34
C VAL A 448 3.44 37.93 4.49
N SER A 449 4.07 38.28 3.38
CA SER A 449 3.48 39.23 2.45
C SER A 449 2.02 38.90 2.16
N ALA A 450 1.62 37.66 2.39
CA ALA A 450 0.27 37.23 2.10
C ALA A 450 -0.62 37.49 3.28
N LEU A 451 -0.08 37.23 4.45
CA LEU A 451 -0.80 37.39 5.70
C LEU A 451 -0.95 38.85 6.10
N THR A 452 0.04 39.68 5.75
CA THR A 452 0.07 41.07 6.19
C THR A 452 -0.34 42.04 5.11
N GLY A 453 -0.99 41.53 4.08
CA GLY A 453 -1.43 42.36 2.98
C GLY A 453 -0.38 43.30 2.41
N ARG A 454 0.90 43.08 2.77
CA ARG A 454 2.00 43.88 2.23
C ARG A 454 2.24 43.62 0.75
N ALA A 455 3.49 43.52 0.33
CA ALA A 455 3.78 43.30 -1.10
C ALA A 455 5.26 43.11 -1.43
N VAL A 456 5.59 41.97 -2.04
CA VAL A 456 6.96 41.71 -2.45
C VAL A 456 7.35 42.66 -3.55
N SER A 457 8.56 43.19 -3.49
CA SER A 457 9.03 44.15 -4.48
C SER A 457 9.42 43.43 -5.73
N ARG A 458 8.68 43.66 -6.81
CA ARG A 458 8.84 42.91 -8.05
C ARG A 458 10.29 42.78 -8.49
N GLU A 459 11.13 43.70 -8.03
CA GLU A 459 12.51 43.76 -8.48
C GLU A 459 13.37 42.65 -7.90
N VAL A 460 13.03 42.20 -6.71
CA VAL A 460 13.87 41.29 -5.93
C VAL A 460 13.70 39.83 -6.25
N GLY A 461 14.81 39.13 -6.40
CA GLY A 461 14.82 37.69 -6.51
C GLY A 461 15.55 37.17 -5.31
N MET A 462 15.04 36.12 -4.68
CA MET A 462 15.66 35.61 -3.46
C MET A 462 15.86 34.11 -3.45
N THR A 463 16.82 33.66 -2.66
CA THR A 463 17.06 32.25 -2.46
C THR A 463 17.72 32.01 -1.09
N GLY A 464 17.30 30.96 -0.40
CA GLY A 464 17.81 30.68 0.93
C GLY A 464 17.02 29.67 1.72
N GLU A 465 17.73 28.84 2.49
CA GLU A 465 17.11 27.81 3.33
C GLU A 465 16.66 28.33 4.70
N ILE A 466 15.52 27.86 5.17
CA ILE A 466 14.95 28.41 6.39
C ILE A 466 15.09 27.40 7.50
N THR A 467 15.16 27.87 8.74
CA THR A 467 15.05 27.03 9.92
C THR A 467 13.98 27.54 10.89
N LEU A 468 13.45 26.65 11.72
CA LEU A 468 12.42 26.99 12.69
C LEU A 468 12.62 28.36 13.32
N ARG A 469 13.82 28.60 13.83
CA ARG A 469 14.12 29.84 14.53
C ARG A 469 14.06 31.06 13.61
N GLY A 470 14.22 30.82 12.31
CA GLY A 470 14.22 31.90 11.35
C GLY A 470 15.58 32.11 10.75
N ARG A 471 16.49 31.19 11.05
CA ARG A 471 17.85 31.23 10.52
C ARG A 471 17.86 31.04 8.99
N VAL A 472 18.82 31.69 8.33
CA VAL A 472 19.02 31.53 6.89
C VAL A 472 20.32 30.79 6.54
N LEU A 473 20.20 29.50 6.23
CA LEU A 473 21.33 28.63 5.97
C LEU A 473 21.82 28.73 4.52
N PRO A 474 23.02 28.24 4.26
CA PRO A 474 23.71 28.33 2.97
C PRO A 474 23.00 27.62 1.82
N ILE A 475 23.16 28.17 0.63
CA ILE A 475 22.43 27.74 -0.56
C ILE A 475 23.36 27.24 -1.64
N GLY A 476 22.80 26.55 -2.63
CA GLY A 476 23.57 25.94 -3.70
C GLY A 476 23.65 26.74 -4.99
N GLY A 477 24.80 26.71 -5.63
CA GLY A 477 25.04 27.41 -6.88
C GLY A 477 24.55 28.85 -6.99
N LEU A 478 25.03 29.73 -6.13
CA LEU A 478 24.64 31.13 -6.26
C LEU A 478 25.04 31.67 -7.61
N LYS A 479 26.15 31.18 -8.17
CA LYS A 479 26.62 31.65 -9.47
C LYS A 479 25.53 31.61 -10.54
N GLU A 480 25.10 30.39 -10.92
CA GLU A 480 24.10 30.19 -11.96
C GLU A 480 22.82 30.95 -11.62
N LYS A 481 22.50 31.01 -10.33
CA LYS A 481 21.28 31.64 -9.84
C LYS A 481 21.21 33.11 -10.13
N ALA A 482 22.28 33.83 -9.79
CA ALA A 482 22.34 35.26 -10.06
C ALA A 482 22.59 35.51 -11.55
N LEU A 483 23.23 34.54 -12.20
CA LEU A 483 23.45 34.64 -13.63
C LEU A 483 22.11 34.73 -14.31
N GLY A 484 21.23 33.77 -14.00
CA GLY A 484 19.90 33.78 -14.56
C GLY A 484 18.98 34.82 -13.94
N ALA A 485 19.41 35.42 -12.85
CA ALA A 485 18.59 36.41 -12.21
C ALA A 485 18.78 37.66 -13.03
N HIS A 486 19.99 37.79 -13.57
CA HIS A 486 20.37 38.98 -14.31
C HIS A 486 19.72 38.89 -15.65
N ARG A 487 19.65 37.67 -16.17
CA ARG A 487 19.16 37.42 -17.52
C ARG A 487 17.75 37.94 -17.70
N ALA A 488 16.90 37.73 -16.69
CA ALA A 488 15.52 38.19 -16.70
C ALA A 488 15.49 39.59 -16.18
N GLY A 489 16.67 40.12 -15.87
CA GLY A 489 16.82 41.51 -15.50
C GLY A 489 16.19 41.94 -14.19
N LEU A 490 16.62 41.34 -13.09
CA LEU A 490 16.17 41.80 -11.80
C LEU A 490 17.23 42.73 -11.22
N THR A 491 16.85 43.52 -10.23
CA THR A 491 17.78 44.46 -9.62
C THR A 491 18.46 43.86 -8.40
N THR A 492 17.64 43.49 -7.42
CA THR A 492 18.11 43.05 -6.10
C THR A 492 17.96 41.56 -5.94
N ILE A 493 18.94 40.93 -5.29
CA ILE A 493 18.94 39.49 -5.19
C ILE A 493 19.39 39.06 -3.78
N ILE A 494 18.44 39.09 -2.87
CA ILE A 494 18.61 38.60 -1.50
C ILE A 494 19.03 37.14 -1.40
N ALA A 495 20.12 36.85 -0.70
CA ALA A 495 20.58 35.48 -0.50
C ALA A 495 21.28 35.29 0.86
N PRO A 496 21.61 34.04 1.21
CA PRO A 496 22.25 33.72 2.48
C PRO A 496 23.53 34.49 2.75
N LYS A 497 23.68 34.99 3.98
CA LYS A 497 24.90 35.66 4.42
C LYS A 497 26.14 34.77 4.28
N ASP A 498 26.02 33.52 4.71
CA ASP A 498 27.14 32.59 4.66
C ASP A 498 27.44 32.18 3.22
N ASN A 499 26.97 32.96 2.26
CA ASN A 499 27.20 32.65 0.87
C ASN A 499 28.11 33.67 0.21
N GLU A 500 28.50 34.70 0.96
CA GLU A 500 29.30 35.80 0.43
C GLU A 500 30.58 35.35 -0.29
N LYS A 501 31.29 34.37 0.29
CA LYS A 501 32.53 33.89 -0.31
C LYS A 501 32.23 33.19 -1.64
N ASP A 502 30.97 33.21 -2.03
CA ASP A 502 30.56 32.62 -3.29
C ASP A 502 30.40 33.67 -4.37
N ILE A 503 30.22 34.92 -3.95
CA ILE A 503 30.03 36.02 -4.90
C ILE A 503 31.31 36.33 -5.65
N GLU A 504 32.44 35.95 -5.07
CA GLU A 504 33.74 36.18 -5.70
C GLU A 504 33.75 35.71 -7.15
N ASP A 505 33.35 34.47 -7.39
CA ASP A 505 33.46 33.86 -8.73
C ASP A 505 32.33 34.24 -9.70
N ILE A 506 31.38 35.04 -9.25
CA ILE A 506 30.33 35.53 -10.14
C ILE A 506 30.88 36.52 -11.17
N PRO A 507 30.78 36.20 -12.46
CA PRO A 507 31.40 36.99 -13.54
C PRO A 507 31.22 38.50 -13.45
N GLU A 508 32.27 39.24 -13.75
CA GLU A 508 32.25 40.70 -13.61
C GLU A 508 30.92 41.31 -14.04
N SER A 509 30.55 41.09 -15.30
CA SER A 509 29.42 41.74 -15.95
C SER A 509 28.10 41.72 -15.14
N VAL A 510 27.80 40.58 -14.56
CA VAL A 510 26.55 40.39 -13.82
C VAL A 510 26.62 40.88 -12.38
N ARG A 511 27.72 40.57 -11.70
CA ARG A 511 27.94 41.09 -10.34
C ARG A 511 27.89 42.62 -10.35
N GLU A 512 28.01 43.20 -11.55
CA GLU A 512 28.03 44.65 -11.71
C GLU A 512 26.64 45.26 -11.87
N GLY A 513 25.67 44.45 -12.27
CA GLY A 513 24.31 44.93 -12.41
C GLY A 513 23.38 44.49 -11.29
N LEU A 514 23.95 43.93 -10.23
CA LEU A 514 23.17 43.41 -9.11
C LEU A 514 23.63 43.93 -7.76
N THR A 515 22.65 44.26 -6.91
CA THR A 515 22.94 44.60 -5.53
C THR A 515 22.59 43.41 -4.65
N PHE A 516 23.60 42.65 -4.26
CA PHE A 516 23.44 41.46 -3.44
C PHE A 516 23.14 41.80 -1.98
N ILE A 517 21.88 41.70 -1.59
CA ILE A 517 21.54 41.85 -0.18
C ILE A 517 21.73 40.50 0.48
N LEU A 518 22.68 40.42 1.43
CA LEU A 518 22.92 39.16 2.13
C LEU A 518 22.25 39.18 3.49
N ALA A 519 21.75 38.03 3.91
CA ALA A 519 20.93 37.94 5.11
C ALA A 519 21.13 36.64 5.87
N SER A 520 20.86 36.69 7.16
CA SER A 520 21.03 35.53 8.03
C SER A 520 19.73 35.09 8.74
N HIS A 521 18.81 36.04 8.96
CA HIS A 521 17.50 35.72 9.53
C HIS A 521 16.39 36.31 8.67
N LEU A 522 15.20 35.74 8.75
CA LEU A 522 14.06 36.21 7.97
C LEU A 522 13.92 37.73 8.01
N ASP A 523 13.83 38.30 9.20
CA ASP A 523 13.55 39.73 9.33
C ASP A 523 14.40 40.55 8.37
N GLU A 524 15.67 40.15 8.23
CA GLU A 524 16.58 40.80 7.28
C GLU A 524 16.06 40.72 5.86
N VAL A 525 15.74 39.50 5.43
CA VAL A 525 15.11 39.27 4.12
C VAL A 525 13.80 40.06 3.99
N LEU A 526 12.90 39.88 4.96
CA LEU A 526 11.58 40.53 4.95
C LEU A 526 11.65 42.04 4.80
N GLU A 527 12.63 42.65 5.49
CA GLU A 527 12.75 44.10 5.47
C GLU A 527 13.10 44.61 4.09
N HIS A 528 13.95 43.86 3.37
CA HIS A 528 14.41 44.25 2.04
C HIS A 528 13.53 43.83 0.86
N ALA A 529 12.71 42.80 1.05
CA ALA A 529 11.89 42.23 -0.02
C ALA A 529 10.44 42.67 0.01
N LEU A 530 10.04 43.24 1.14
CA LEU A 530 8.71 43.83 1.27
C LEU A 530 8.78 45.34 1.30
N VAL A 531 7.64 45.99 1.09
CA VAL A 531 7.58 47.44 1.15
C VAL A 531 6.36 47.92 1.90
N THR B 7 -3.88 -37.20 -34.01
CA THR B 7 -4.46 -37.34 -32.67
C THR B 7 -4.79 -35.98 -32.05
N GLY B 8 -3.80 -35.40 -31.38
CA GLY B 8 -4.01 -34.12 -30.71
C GLY B 8 -4.94 -34.25 -29.52
N GLU B 9 -4.73 -33.41 -28.51
CA GLU B 9 -5.58 -33.43 -27.33
C GLU B 9 -6.96 -32.87 -27.66
N VAL B 10 -7.31 -32.90 -28.94
CA VAL B 10 -8.62 -32.44 -29.39
C VAL B 10 -9.67 -33.50 -29.10
N GLN B 11 -9.25 -34.59 -28.45
CA GLN B 11 -10.17 -35.67 -28.10
C GLN B 11 -10.13 -35.99 -26.62
N THR B 12 -8.93 -35.94 -26.03
CA THR B 12 -8.75 -36.26 -24.62
C THR B 12 -9.85 -35.65 -23.77
N LEU B 13 -10.21 -34.41 -24.07
CA LEU B 13 -11.26 -33.71 -23.35
C LEU B 13 -12.62 -33.96 -24.01
N THR B 14 -12.75 -33.51 -25.25
CA THR B 14 -13.99 -33.63 -26.00
C THR B 14 -14.69 -34.96 -25.76
N GLU B 15 -13.92 -36.05 -25.87
CA GLU B 15 -14.48 -37.38 -25.66
C GLU B 15 -15.27 -37.47 -24.36
N LYS B 16 -14.58 -37.27 -23.24
CA LYS B 16 -15.23 -37.36 -21.94
C LYS B 16 -16.28 -36.27 -21.74
N ILE B 17 -16.41 -35.37 -22.71
CA ILE B 17 -17.39 -34.29 -22.62
C ILE B 17 -18.77 -34.79 -23.03
N GLU B 18 -18.84 -35.49 -24.15
CA GLU B 18 -20.09 -36.06 -24.60
C GLU B 18 -20.47 -37.25 -23.73
N GLU B 19 -19.60 -37.59 -22.80
CA GLU B 19 -19.82 -38.67 -21.84
C GLU B 19 -21.21 -38.58 -21.19
N ALA B 20 -21.67 -39.71 -20.65
CA ALA B 20 -22.94 -39.75 -19.93
C ALA B 20 -23.06 -38.57 -18.99
N GLY B 21 -21.95 -38.23 -18.32
CA GLY B 21 -21.89 -37.04 -17.51
C GLY B 21 -22.04 -35.83 -18.39
N MET B 22 -22.75 -34.82 -17.87
CA MET B 22 -23.03 -33.59 -18.62
C MET B 22 -24.30 -33.71 -19.45
N PRO B 23 -25.44 -33.95 -18.77
CA PRO B 23 -26.74 -34.13 -19.43
C PRO B 23 -27.38 -32.83 -19.88
N ASP B 24 -27.71 -31.95 -18.93
CA ASP B 24 -28.39 -30.70 -19.24
C ASP B 24 -27.79 -30.02 -20.46
N HIS B 25 -28.65 -29.58 -21.38
CA HIS B 25 -28.20 -28.98 -22.63
C HIS B 25 -28.06 -27.46 -22.51
N VAL B 26 -28.78 -26.88 -21.56
CA VAL B 26 -28.69 -25.45 -21.29
C VAL B 26 -27.23 -25.04 -21.12
N LYS B 27 -26.41 -25.99 -20.67
CA LYS B 27 -24.99 -25.75 -20.44
C LYS B 27 -24.17 -26.18 -21.65
N GLU B 28 -24.47 -27.36 -22.18
CA GLU B 28 -23.66 -27.95 -23.24
C GLU B 28 -23.45 -26.95 -24.36
N THR B 29 -24.41 -26.05 -24.53
CA THR B 29 -24.25 -24.94 -25.47
C THR B 29 -22.96 -24.22 -25.14
N ALA B 30 -22.94 -23.53 -24.00
CA ALA B 30 -21.76 -22.82 -23.57
C ALA B 30 -20.56 -23.76 -23.52
N LEU B 31 -20.82 -25.06 -23.52
CA LEU B 31 -19.77 -26.06 -23.49
C LEU B 31 -19.01 -26.13 -24.80
N LYS B 32 -19.57 -26.85 -25.76
CA LYS B 32 -18.92 -26.99 -27.06
C LYS B 32 -18.60 -25.61 -27.64
N GLU B 33 -19.35 -24.60 -27.22
CA GLU B 33 -19.12 -23.24 -27.69
C GLU B 33 -17.67 -22.81 -27.45
N LEU B 34 -17.33 -22.54 -26.20
CA LEU B 34 -15.96 -22.19 -25.87
C LEU B 34 -15.04 -23.38 -26.15
N ASN B 35 -15.61 -24.49 -26.58
CA ASN B 35 -14.84 -25.68 -26.89
C ASN B 35 -14.31 -25.66 -28.32
N ARG B 36 -15.22 -25.68 -29.29
CA ARG B 36 -14.87 -25.53 -30.70
C ARG B 36 -14.22 -24.17 -30.91
N TYR B 37 -13.60 -23.65 -29.85
CA TYR B 37 -13.02 -22.33 -29.87
C TYR B 37 -11.76 -22.29 -30.72
N GLU B 38 -10.63 -22.02 -30.08
CA GLU B 38 -9.38 -21.83 -30.80
C GLU B 38 -8.31 -22.84 -30.40
N LYS B 39 -8.59 -24.12 -30.57
CA LYS B 39 -7.53 -25.10 -30.45
C LYS B 39 -6.45 -24.67 -31.42
N ILE B 40 -6.86 -23.81 -32.36
CA ILE B 40 -5.94 -23.05 -33.19
C ILE B 40 -5.70 -21.71 -32.48
N PRO B 41 -4.44 -21.43 -32.14
CA PRO B 41 -3.24 -22.22 -32.43
C PRO B 41 -2.75 -22.98 -31.20
N SER B 42 -1.43 -23.05 -31.07
CA SER B 42 -0.79 -23.72 -29.94
C SER B 42 -1.21 -23.06 -28.63
N SER B 43 -0.52 -23.41 -27.55
CA SER B 43 -0.84 -22.86 -26.24
C SER B 43 -0.35 -21.42 -26.10
N SER B 44 -0.92 -20.54 -26.91
CA SER B 44 -0.62 -19.12 -26.82
C SER B 44 -0.97 -18.64 -25.42
N ALA B 45 -0.57 -17.41 -25.11
CA ALA B 45 -0.96 -16.79 -23.85
C ALA B 45 -2.48 -16.82 -23.74
N GLU B 46 -3.14 -16.86 -24.88
CA GLU B 46 -4.59 -16.95 -24.94
C GLU B 46 -5.03 -18.40 -24.70
N SER B 47 -4.36 -19.32 -25.38
CA SER B 47 -4.75 -20.73 -25.37
C SER B 47 -4.62 -21.40 -24.00
N SER B 48 -4.15 -20.63 -23.02
CA SER B 48 -4.03 -21.15 -21.68
C SER B 48 -5.24 -20.74 -20.86
N VAL B 49 -5.91 -19.68 -21.31
CA VAL B 49 -7.05 -19.13 -20.58
C VAL B 49 -8.21 -20.11 -20.53
N ILE B 50 -9.15 -19.96 -21.45
CA ILE B 50 -10.33 -20.82 -21.52
C ILE B 50 -9.93 -22.28 -21.42
N ARG B 51 -8.68 -22.57 -21.78
CA ARG B 51 -8.13 -23.91 -21.67
C ARG B 51 -8.64 -24.61 -20.42
N ASN B 52 -8.56 -23.91 -19.30
CA ASN B 52 -8.91 -24.49 -18.00
C ASN B 52 -10.40 -24.39 -17.71
N TYR B 53 -10.99 -23.26 -18.10
CA TYR B 53 -12.42 -23.00 -17.91
C TYR B 53 -13.24 -24.25 -18.18
N ILE B 54 -12.75 -25.12 -19.05
CA ILE B 54 -13.50 -26.31 -19.43
C ILE B 54 -13.47 -27.36 -18.33
N ASP B 55 -12.32 -27.54 -17.69
CA ASP B 55 -12.17 -28.60 -16.70
C ASP B 55 -13.03 -28.39 -15.45
N TRP B 56 -12.97 -27.22 -14.83
CA TRP B 56 -13.83 -26.94 -13.69
C TRP B 56 -15.23 -27.41 -14.07
N LEU B 57 -15.52 -27.29 -15.36
CA LEU B 57 -16.85 -27.55 -15.87
C LEU B 57 -17.11 -29.02 -16.02
N VAL B 58 -16.08 -29.83 -15.95
CA VAL B 58 -16.22 -31.24 -16.21
C VAL B 58 -16.69 -32.01 -14.98
N ALA B 59 -16.33 -31.53 -13.81
CA ALA B 59 -16.60 -32.25 -12.57
C ALA B 59 -17.98 -31.94 -11.99
N LEU B 60 -18.35 -30.66 -12.03
CA LEU B 60 -19.61 -30.19 -11.46
C LEU B 60 -20.81 -31.09 -11.78
N PRO B 61 -21.36 -31.75 -10.74
CA PRO B 61 -22.47 -32.71 -10.87
C PRO B 61 -23.74 -32.15 -11.53
N TRP B 62 -24.58 -33.06 -12.02
CA TRP B 62 -25.87 -32.71 -12.61
C TRP B 62 -26.78 -33.91 -12.48
N THR B 63 -26.54 -34.92 -13.30
CA THR B 63 -27.27 -36.17 -13.19
C THR B 63 -27.05 -36.75 -11.82
N ASP B 64 -25.78 -36.85 -11.44
CA ASP B 64 -25.37 -37.47 -10.18
C ASP B 64 -26.22 -36.91 -9.04
N GLU B 65 -26.10 -37.53 -7.87
CA GLU B 65 -26.95 -37.25 -6.73
C GLU B 65 -26.96 -38.49 -5.82
N THR B 66 -27.44 -38.33 -4.59
CA THR B 66 -27.47 -39.40 -3.59
C THR B 66 -28.88 -39.98 -3.45
N ASP B 67 -29.00 -41.19 -2.90
CA ASP B 67 -30.33 -41.76 -2.70
C ASP B 67 -30.69 -41.77 -1.20
N ASP B 68 -31.24 -40.67 -0.72
CA ASP B 68 -31.45 -40.48 0.71
C ASP B 68 -32.26 -41.58 1.38
N LYS B 69 -31.76 -41.99 2.55
CA LYS B 69 -32.46 -42.88 3.46
C LYS B 69 -32.84 -42.07 4.69
N LEU B 70 -34.10 -42.12 5.10
CA LEU B 70 -34.57 -41.27 6.18
C LEU B 70 -35.34 -42.08 7.22
N ASP B 71 -34.64 -42.96 7.91
CA ASP B 71 -35.28 -43.85 8.86
C ASP B 71 -35.01 -43.42 10.28
N LEU B 72 -35.87 -42.57 10.83
CA LEU B 72 -35.62 -41.99 12.14
C LEU B 72 -35.24 -43.04 13.16
N LYS B 73 -35.96 -44.15 13.16
CA LYS B 73 -35.71 -45.19 14.16
C LYS B 73 -34.20 -45.36 14.31
N GLU B 74 -33.48 -45.30 13.20
CA GLU B 74 -32.03 -45.26 13.24
C GLU B 74 -31.59 -43.85 13.62
N ALA B 75 -30.98 -43.14 12.68
CA ALA B 75 -30.61 -41.73 12.86
C ALA B 75 -30.65 -41.25 14.30
N GLY B 76 -31.85 -40.96 14.80
CA GLY B 76 -32.00 -40.48 16.16
C GLY B 76 -31.16 -41.27 17.15
N ARG B 77 -30.98 -42.56 16.87
CA ARG B 77 -30.17 -43.41 17.72
C ARG B 77 -28.86 -43.84 17.05
N LEU B 78 -28.44 -43.06 16.07
CA LEU B 78 -27.06 -43.05 15.58
C LEU B 78 -26.41 -41.81 16.20
N LEU B 79 -27.22 -40.77 16.38
CA LEU B 79 -26.84 -39.59 17.18
C LEU B 79 -26.45 -39.98 18.62
N ASP B 80 -27.14 -40.96 19.18
CA ASP B 80 -26.80 -41.49 20.48
C ASP B 80 -25.62 -42.48 20.40
N GLU B 81 -25.10 -42.72 19.19
CA GLU B 81 -23.90 -43.52 19.04
C GLU B 81 -22.63 -42.66 19.02
N GLU B 82 -22.77 -41.42 18.56
CA GLU B 82 -21.61 -40.52 18.38
C GLU B 82 -21.69 -39.16 19.07
N HIS B 83 -22.56 -39.03 20.08
CA HIS B 83 -22.60 -37.86 20.95
C HIS B 83 -23.30 -38.31 22.22
N HIS B 84 -22.81 -37.92 23.39
CA HIS B 84 -23.43 -38.42 24.60
C HIS B 84 -24.77 -37.77 24.89
N GLY B 85 -24.74 -36.62 25.55
CA GLY B 85 -25.96 -35.97 25.99
C GLY B 85 -26.70 -35.35 24.83
N LEU B 86 -26.76 -34.03 24.81
CA LEU B 86 -27.43 -33.34 23.73
C LEU B 86 -28.82 -33.89 23.46
N GLU B 87 -29.46 -34.44 24.49
CA GLU B 87 -30.80 -35.00 24.34
C GLU B 87 -31.73 -34.01 23.63
N LYS B 88 -31.96 -32.87 24.25
CA LYS B 88 -32.86 -31.88 23.68
C LYS B 88 -32.42 -31.44 22.27
N VAL B 89 -31.11 -31.36 22.04
CA VAL B 89 -30.58 -30.88 20.76
C VAL B 89 -30.84 -31.87 19.65
N LYS B 90 -30.89 -33.15 20.01
CA LYS B 90 -31.20 -34.18 19.03
C LYS B 90 -32.69 -34.14 18.75
N GLU B 91 -33.49 -34.09 19.82
CA GLU B 91 -34.93 -34.09 19.66
C GLU B 91 -35.28 -33.04 18.61
N ARG B 92 -34.37 -32.11 18.38
CA ARG B 92 -34.61 -31.02 17.44
C ARG B 92 -33.93 -31.24 16.08
N ILE B 93 -33.09 -32.27 15.97
CA ILE B 93 -32.44 -32.59 14.72
C ILE B 93 -33.36 -33.51 13.97
N LEU B 94 -34.13 -34.26 14.74
CA LEU B 94 -35.07 -35.19 14.17
C LEU B 94 -36.32 -34.47 13.72
N GLU B 95 -36.79 -33.50 14.52
CA GLU B 95 -37.86 -32.63 14.08
C GLU B 95 -37.49 -32.10 12.70
N TYR B 96 -36.23 -31.70 12.53
CA TYR B 96 -35.76 -31.21 11.25
C TYR B 96 -35.63 -32.32 10.20
N LEU B 97 -36.08 -33.53 10.51
CA LEU B 97 -36.03 -34.59 9.53
C LEU B 97 -37.43 -35.16 9.32
N ALA B 98 -38.07 -35.57 10.39
CA ALA B 98 -39.46 -35.99 10.28
C ALA B 98 -40.19 -34.91 9.51
N VAL B 99 -39.77 -33.66 9.70
CA VAL B 99 -40.29 -32.56 8.93
C VAL B 99 -39.74 -32.63 7.52
N GLN B 100 -38.49 -33.04 7.41
CA GLN B 100 -37.89 -33.14 6.09
C GLN B 100 -38.66 -34.14 5.25
N LYS B 101 -38.81 -35.33 5.78
CA LYS B 101 -39.40 -36.42 5.01
C LYS B 101 -40.63 -35.95 4.26
N LEU B 102 -41.53 -35.28 4.97
CA LEU B 102 -42.76 -34.82 4.37
C LEU B 102 -42.49 -33.80 3.28
N THR B 103 -41.98 -32.63 3.67
CA THR B 103 -41.60 -31.63 2.69
C THR B 103 -40.49 -32.20 1.83
N LYS B 104 -40.87 -33.00 0.84
CA LYS B 104 -39.92 -33.72 0.04
C LYS B 104 -38.81 -32.83 -0.52
N SER B 105 -39.04 -31.54 -0.62
CA SER B 105 -38.00 -30.62 -1.06
C SER B 105 -37.52 -29.74 0.09
N LEU B 106 -36.24 -29.85 0.41
CA LEU B 106 -35.66 -29.12 1.52
C LEU B 106 -36.02 -27.65 1.43
N LYS B 107 -36.42 -27.07 2.56
CA LYS B 107 -36.90 -25.69 2.55
C LYS B 107 -35.90 -24.68 3.14
N GLY B 108 -36.10 -23.42 2.78
CA GLY B 108 -35.22 -22.34 3.14
C GLY B 108 -34.54 -22.40 4.50
N PRO B 109 -35.33 -22.43 5.58
CA PRO B 109 -34.74 -22.42 6.92
C PRO B 109 -33.70 -23.51 7.03
N ILE B 110 -32.44 -23.10 7.04
CA ILE B 110 -31.33 -24.01 7.28
C ILE B 110 -30.67 -23.57 8.57
N LEU B 111 -30.17 -24.52 9.34
CA LEU B 111 -29.91 -24.26 10.74
C LEU B 111 -28.49 -23.86 11.03
N CYS B 112 -28.29 -23.05 12.07
CA CYS B 112 -26.97 -22.82 12.66
C CYS B 112 -26.92 -23.54 13.98
N LEU B 113 -25.79 -24.16 14.24
CA LEU B 113 -25.51 -24.74 15.54
C LEU B 113 -24.71 -23.68 16.23
N ALA B 114 -25.06 -23.41 17.47
CA ALA B 114 -24.41 -22.32 18.19
C ALA B 114 -24.07 -22.73 19.60
N GLY B 115 -22.90 -22.29 20.04
CA GLY B 115 -22.41 -22.61 21.36
C GLY B 115 -20.91 -22.47 21.42
N PRO B 116 -20.37 -22.55 22.63
CA PRO B 116 -18.93 -22.53 22.83
C PRO B 116 -18.26 -23.58 21.95
N PRO B 117 -17.05 -23.31 21.50
CA PRO B 117 -16.41 -24.31 20.66
C PRO B 117 -16.13 -25.54 21.49
N GLY B 118 -16.10 -26.70 20.86
CA GLY B 118 -15.81 -27.95 21.55
C GLY B 118 -17.01 -28.61 22.21
N VAL B 119 -18.19 -28.38 21.66
CA VAL B 119 -19.40 -28.99 22.19
C VAL B 119 -20.03 -29.94 21.18
N GLY B 120 -19.53 -29.91 19.95
CA GLY B 120 -19.90 -30.90 18.98
C GLY B 120 -20.53 -30.37 17.73
N LYS B 121 -20.69 -29.05 17.62
CA LYS B 121 -21.37 -28.52 16.46
C LYS B 121 -20.91 -29.22 15.21
N THR B 122 -19.63 -29.13 14.89
CA THR B 122 -19.08 -29.74 13.68
C THR B 122 -19.42 -31.22 13.55
N SER B 123 -19.17 -31.99 14.60
CA SER B 123 -19.54 -33.40 14.63
C SER B 123 -21.03 -33.72 14.42
N LEU B 124 -21.93 -32.95 15.06
CA LEU B 124 -23.34 -33.17 14.90
C LEU B 124 -23.64 -33.13 13.44
N ALA B 125 -23.06 -32.16 12.76
CA ALA B 125 -23.32 -32.00 11.33
C ALA B 125 -22.90 -33.25 10.61
N LYS B 126 -21.61 -33.57 10.70
CA LYS B 126 -21.11 -34.75 10.03
C LYS B 126 -22.09 -35.88 10.27
N SER B 127 -22.61 -35.93 11.48
CA SER B 127 -23.45 -37.03 11.89
C SER B 127 -24.87 -36.86 11.38
N ILE B 128 -25.32 -35.63 11.21
CA ILE B 128 -26.61 -35.41 10.59
C ILE B 128 -26.53 -36.09 9.24
N ALA B 129 -25.41 -35.86 8.57
CA ALA B 129 -25.23 -36.31 7.21
C ALA B 129 -25.01 -37.81 7.13
N LYS B 130 -24.26 -38.35 8.09
CA LYS B 130 -24.05 -39.78 8.10
C LYS B 130 -25.42 -40.47 8.00
N SER B 131 -26.36 -39.96 8.77
CA SER B 131 -27.72 -40.45 8.78
C SER B 131 -28.40 -40.34 7.41
N LEU B 132 -28.30 -39.18 6.79
CA LEU B 132 -28.91 -38.96 5.48
C LEU B 132 -28.10 -39.58 4.34
N GLY B 133 -26.94 -40.14 4.66
CA GLY B 133 -26.12 -40.78 3.66
C GLY B 133 -25.77 -39.85 2.52
N ARG B 134 -25.76 -38.55 2.80
CA ARG B 134 -25.24 -37.57 1.87
C ARG B 134 -23.75 -37.40 2.15
N LYS B 135 -22.96 -37.00 1.17
CA LYS B 135 -21.56 -36.71 1.44
C LYS B 135 -21.44 -35.41 2.25
N PHE B 136 -20.34 -35.24 2.98
CA PHE B 136 -20.17 -34.10 3.88
C PHE B 136 -18.99 -33.18 3.52
N VAL B 137 -19.20 -31.88 3.63
CA VAL B 137 -18.14 -30.95 3.31
C VAL B 137 -18.09 -29.80 4.28
N ARG B 138 -16.92 -29.62 4.90
CA ARG B 138 -16.63 -28.43 5.66
C ARG B 138 -16.28 -27.33 4.67
N ILE B 139 -16.75 -26.11 4.90
CA ILE B 139 -16.34 -24.98 4.08
C ILE B 139 -16.14 -23.75 4.95
N SER B 140 -14.88 -23.49 5.30
CA SER B 140 -14.58 -22.55 6.36
C SER B 140 -14.76 -21.13 5.89
N LEU B 141 -15.39 -20.30 6.71
CA LEU B 141 -15.64 -18.91 6.32
C LEU B 141 -14.92 -17.89 7.19
N GLY B 142 -13.71 -18.20 7.59
CA GLY B 142 -12.88 -17.28 8.37
C GLY B 142 -12.40 -16.04 7.64
N GLY B 143 -12.43 -16.05 6.31
CA GLY B 143 -11.98 -14.91 5.52
C GLY B 143 -13.04 -13.85 5.32
N ARG B 164 -17.00 -19.24 -3.53
CA ARG B 164 -16.12 -20.25 -2.90
C ARG B 164 -16.83 -21.57 -2.60
N ILE B 165 -18.14 -21.62 -2.89
CA ILE B 165 -18.87 -22.88 -2.90
C ILE B 165 -18.45 -23.55 -4.18
N ILE B 166 -18.05 -22.69 -5.13
CA ILE B 166 -17.41 -23.11 -6.35
C ILE B 166 -16.81 -24.48 -6.07
N GLN B 167 -15.77 -24.46 -5.24
CA GLN B 167 -15.08 -25.68 -4.85
C GLN B 167 -16.07 -26.67 -4.30
N GLY B 168 -16.63 -26.38 -3.14
CA GLY B 168 -17.62 -27.23 -2.51
C GLY B 168 -18.03 -28.48 -3.24
N MET B 169 -18.88 -28.34 -4.24
CA MET B 169 -19.37 -29.51 -4.96
C MET B 169 -18.24 -30.41 -5.44
N LYS B 170 -17.22 -29.82 -6.05
CA LYS B 170 -16.10 -30.56 -6.59
C LYS B 170 -15.62 -31.56 -5.56
N LYS B 171 -15.36 -31.07 -4.35
CA LYS B 171 -14.84 -31.93 -3.30
C LYS B 171 -15.88 -32.99 -2.92
N ALA B 172 -16.94 -33.11 -3.71
CA ALA B 172 -17.98 -34.08 -3.42
C ALA B 172 -18.75 -34.58 -4.64
N GLY B 173 -18.28 -34.23 -5.83
CA GLY B 173 -18.83 -34.70 -7.08
C GLY B 173 -20.17 -35.41 -7.04
N LYS B 174 -21.06 -34.92 -6.19
CA LYS B 174 -22.40 -35.49 -6.00
C LYS B 174 -23.26 -34.36 -5.46
N LEU B 175 -24.20 -33.88 -6.28
CA LEU B 175 -24.89 -32.61 -6.02
C LEU B 175 -25.84 -32.59 -4.84
N ASN B 176 -26.00 -33.70 -4.17
CA ASN B 176 -26.80 -33.75 -2.94
C ASN B 176 -25.94 -33.92 -1.70
N PRO B 177 -25.34 -32.84 -1.21
CA PRO B 177 -24.35 -32.89 -0.13
C PRO B 177 -24.82 -32.40 1.20
N VAL B 178 -23.86 -32.08 2.04
CA VAL B 178 -24.12 -31.38 3.28
C VAL B 178 -22.96 -30.42 3.45
N PHE B 179 -23.18 -29.18 3.05
CA PHE B 179 -22.25 -28.13 3.33
C PHE B 179 -22.40 -27.71 4.77
N LEU B 180 -21.29 -27.43 5.40
CA LEU B 180 -21.27 -26.90 6.75
C LEU B 180 -20.56 -25.58 6.69
N LEU B 181 -21.30 -24.50 6.48
CA LEU B 181 -20.71 -23.17 6.54
C LEU B 181 -20.16 -23.03 7.94
N ASP B 182 -18.92 -23.45 8.15
CA ASP B 182 -18.43 -23.60 9.52
C ASP B 182 -18.58 -22.32 10.30
N GLU B 183 -17.74 -21.35 10.02
CA GLU B 183 -17.79 -20.15 10.83
C GLU B 183 -18.40 -18.98 10.08
N ILE B 184 -19.69 -18.67 10.29
CA ILE B 184 -20.26 -17.43 9.72
C ILE B 184 -20.36 -16.41 10.80
N ASP B 185 -19.26 -15.76 11.11
CA ASP B 185 -19.22 -14.79 12.17
C ASP B 185 -17.80 -14.33 12.37
N LYS B 186 -16.87 -15.02 11.75
CA LYS B 186 -15.53 -14.48 11.61
C LYS B 186 -15.46 -13.89 10.19
N MET B 187 -16.47 -13.08 9.86
CA MET B 187 -16.52 -12.40 8.57
C MET B 187 -16.42 -10.87 8.65
N SER B 188 -15.27 -10.36 8.22
CA SER B 188 -14.95 -8.93 8.23
C SER B 188 -15.29 -8.27 9.55
N ALA B 198 -24.20 -10.62 3.10
CA ALA B 198 -23.88 -10.20 1.74
C ALA B 198 -23.98 -11.34 0.72
N MET B 199 -23.79 -12.59 1.18
CA MET B 199 -23.80 -13.78 0.32
C MET B 199 -25.21 -14.33 0.10
N LEU B 200 -26.12 -13.91 0.97
CA LEU B 200 -27.51 -14.33 0.93
C LEU B 200 -27.82 -15.18 -0.28
N GLU B 201 -27.72 -14.58 -1.46
CA GLU B 201 -28.00 -15.25 -2.73
C GLU B 201 -27.92 -16.77 -2.65
N VAL B 202 -26.92 -17.28 -1.95
CA VAL B 202 -26.68 -18.71 -1.88
C VAL B 202 -27.70 -19.50 -1.05
N LEU B 203 -28.45 -18.82 -0.20
CA LEU B 203 -29.42 -19.49 0.67
C LEU B 203 -30.88 -19.07 0.45
N ASP B 204 -31.08 -17.88 -0.08
CA ASP B 204 -32.44 -17.38 -0.28
C ASP B 204 -33.30 -18.41 -1.00
N PRO B 205 -34.27 -18.99 -0.27
CA PRO B 205 -35.13 -20.05 -0.78
C PRO B 205 -35.61 -19.77 -2.20
N GLU B 206 -35.93 -18.50 -2.48
CA GLU B 206 -36.41 -18.12 -3.80
C GLU B 206 -35.30 -18.22 -4.82
N GLN B 207 -34.10 -17.79 -4.43
CA GLN B 207 -33.00 -17.64 -5.39
C GLN B 207 -32.05 -18.83 -5.42
N ASN B 208 -31.75 -19.38 -4.25
CA ASN B 208 -30.79 -20.48 -4.13
C ASN B 208 -30.92 -21.52 -5.23
N SER B 209 -32.14 -21.71 -5.72
CA SER B 209 -32.38 -22.61 -6.83
C SER B 209 -31.46 -22.28 -7.98
N SER B 210 -31.62 -21.09 -8.56
CA SER B 210 -30.75 -20.63 -9.62
C SER B 210 -29.51 -19.99 -9.00
N PHE B 211 -28.37 -20.64 -9.16
CA PHE B 211 -27.15 -20.17 -8.53
C PHE B 211 -26.10 -19.74 -9.55
N SER B 212 -25.50 -18.59 -9.30
CA SER B 212 -24.52 -18.03 -10.21
C SER B 212 -23.15 -18.05 -9.56
N ASP B 213 -22.12 -17.75 -10.35
CA ASP B 213 -20.77 -17.52 -9.83
C ASP B 213 -19.82 -17.03 -10.92
N HIS B 214 -19.23 -15.87 -10.68
CA HIS B 214 -18.27 -15.29 -11.61
C HIS B 214 -17.21 -16.33 -11.97
N TYR B 215 -16.41 -16.03 -12.98
CA TYR B 215 -15.31 -16.91 -13.36
C TYR B 215 -15.81 -18.31 -13.65
N ILE B 216 -17.07 -18.40 -14.08
CA ILE B 216 -17.69 -19.68 -14.41
C ILE B 216 -19.15 -19.41 -14.73
N GLU B 217 -19.51 -18.13 -14.73
CA GLU B 217 -20.90 -17.69 -14.93
C GLU B 217 -21.79 -18.72 -15.61
N GLU B 218 -22.64 -19.35 -14.80
CA GLU B 218 -23.71 -20.19 -15.33
C GLU B 218 -24.59 -20.69 -14.20
N THR B 219 -25.89 -20.49 -14.35
CA THR B 219 -26.84 -20.87 -13.32
C THR B 219 -26.56 -22.28 -12.82
N PHE B 220 -27.00 -22.56 -11.60
CA PHE B 220 -26.80 -23.89 -11.02
C PHE B 220 -27.86 -24.17 -9.97
N ASP B 221 -28.32 -25.41 -9.93
CA ASP B 221 -29.41 -25.80 -9.04
C ASP B 221 -28.87 -26.38 -7.73
N LEU B 222 -29.25 -25.78 -6.61
CA LEU B 222 -28.83 -26.26 -5.31
C LEU B 222 -30.03 -26.72 -4.48
N SER B 223 -31.07 -27.16 -5.18
CA SER B 223 -32.30 -27.61 -4.53
C SER B 223 -31.98 -28.49 -3.32
N LYS B 224 -31.47 -29.68 -3.61
CA LYS B 224 -31.19 -30.64 -2.55
C LYS B 224 -29.76 -30.46 -2.02
N VAL B 225 -29.59 -29.52 -1.09
CA VAL B 225 -28.29 -29.29 -0.47
C VAL B 225 -28.36 -28.90 0.99
N LEU B 226 -28.36 -29.87 1.89
CA LEU B 226 -28.49 -29.57 3.31
C LEU B 226 -27.38 -28.66 3.79
N PHE B 227 -27.73 -27.42 4.10
CA PHE B 227 -26.78 -26.45 4.63
C PHE B 227 -26.82 -26.41 6.18
N ILE B 228 -25.67 -26.26 6.82
CA ILE B 228 -25.60 -26.11 8.27
C ILE B 228 -24.51 -25.14 8.68
N ALA B 229 -24.71 -24.43 9.78
CA ALA B 229 -23.79 -23.38 10.19
C ALA B 229 -23.32 -23.58 11.61
N THR B 230 -22.04 -23.32 11.87
CA THR B 230 -21.51 -23.31 13.21
C THR B 230 -21.43 -21.87 13.64
N ALA B 231 -21.30 -21.61 14.94
CA ALA B 231 -21.23 -20.24 15.44
C ALA B 231 -21.07 -20.09 16.95
N ASN B 232 -20.46 -18.97 17.38
CA ASN B 232 -20.21 -18.73 18.78
C ASN B 232 -20.87 -17.44 19.23
N ASN B 233 -20.24 -16.31 18.96
CA ASN B 233 -20.81 -15.01 19.27
C ASN B 233 -21.85 -14.65 18.22
N LEU B 234 -23.11 -14.99 18.50
CA LEU B 234 -24.19 -14.80 17.55
C LEU B 234 -24.30 -13.40 17.03
N ALA B 235 -23.53 -12.49 17.60
CA ALA B 235 -23.51 -11.11 17.16
C ALA B 235 -23.01 -11.03 15.72
N THR B 236 -21.70 -10.98 15.54
CA THR B 236 -21.07 -10.75 14.25
C THR B 236 -21.86 -11.26 13.04
N ILE B 237 -22.65 -12.31 13.23
CA ILE B 237 -23.60 -12.72 12.22
C ILE B 237 -24.44 -11.54 11.81
N PRO B 238 -24.67 -11.38 10.50
CA PRO B 238 -25.49 -10.31 9.93
C PRO B 238 -26.99 -10.52 10.13
N GLY B 239 -27.66 -9.57 10.79
CA GLY B 239 -29.10 -9.63 10.98
C GLY B 239 -29.83 -10.27 9.82
N PRO B 240 -29.55 -9.83 8.60
CA PRO B 240 -30.09 -10.43 7.39
C PRO B 240 -30.04 -11.94 7.42
N LEU B 241 -28.86 -12.49 7.70
CA LEU B 241 -28.67 -13.93 7.74
C LEU B 241 -29.38 -14.60 8.91
N ARG B 242 -29.10 -14.13 10.13
CA ARG B 242 -29.65 -14.73 11.33
C ARG B 242 -31.17 -14.99 11.21
N ASP B 243 -31.81 -14.28 10.29
CA ASP B 243 -33.24 -14.44 10.10
C ASP B 243 -33.51 -15.51 9.04
N ARG B 244 -32.58 -15.63 8.09
CA ARG B 244 -32.71 -16.61 7.02
C ARG B 244 -32.44 -18.00 7.56
N MET B 245 -31.95 -18.06 8.79
CA MET B 245 -31.57 -19.33 9.38
C MET B 245 -32.20 -19.63 10.75
N GLU B 246 -32.47 -20.91 11.00
CA GLU B 246 -33.12 -21.36 12.24
C GLU B 246 -32.06 -21.79 13.19
N ILE B 247 -32.14 -21.39 14.47
CA ILE B 247 -31.02 -21.58 15.40
C ILE B 247 -31.18 -22.64 16.45
N ILE B 248 -30.11 -23.39 16.71
CA ILE B 248 -30.11 -24.36 17.77
C ILE B 248 -28.92 -24.13 18.68
N ASN B 249 -29.13 -24.11 20.00
CA ASN B 249 -28.03 -23.91 20.95
C ASN B 249 -27.55 -25.18 21.64
N ILE B 250 -26.30 -25.54 21.40
CA ILE B 250 -25.64 -26.59 22.17
C ILE B 250 -25.04 -25.88 23.37
N ALA B 251 -25.10 -26.50 24.54
CA ALA B 251 -25.05 -25.71 25.74
C ALA B 251 -23.75 -25.82 26.45
N GLY B 252 -23.32 -27.06 26.49
CA GLY B 252 -22.24 -27.38 27.39
C GLY B 252 -22.59 -28.66 28.06
N TYR B 253 -21.94 -28.93 29.19
CA TYR B 253 -22.06 -30.24 29.85
C TYR B 253 -21.81 -30.26 31.37
N THR B 254 -22.59 -31.07 32.08
CA THR B 254 -22.39 -31.30 33.51
C THR B 254 -21.17 -32.14 33.69
N GLU B 255 -20.53 -32.01 34.84
CA GLU B 255 -19.40 -32.89 35.13
C GLU B 255 -19.82 -34.31 34.76
N ILE B 256 -20.97 -34.74 35.27
CA ILE B 256 -21.51 -36.04 34.95
C ILE B 256 -21.40 -36.30 33.43
N GLU B 257 -21.99 -35.41 32.63
CA GLU B 257 -22.00 -35.61 31.18
C GLU B 257 -20.57 -35.80 30.67
N LYS B 258 -19.73 -34.78 30.84
CA LYS B 258 -18.36 -34.84 30.36
C LYS B 258 -17.81 -36.22 30.64
N LEU B 259 -17.89 -36.62 31.90
CA LEU B 259 -17.33 -37.88 32.35
C LEU B 259 -17.72 -39.02 31.44
N GLU B 260 -19.00 -39.14 31.15
CA GLU B 260 -19.43 -40.19 30.26
C GLU B 260 -18.90 -39.92 28.87
N ILE B 261 -18.97 -38.69 28.40
CA ILE B 261 -18.39 -38.43 27.10
C ILE B 261 -16.96 -39.00 27.04
N VAL B 262 -16.14 -38.67 28.05
CA VAL B 262 -14.79 -39.24 28.14
C VAL B 262 -14.77 -40.77 27.96
N LYS B 263 -15.54 -41.47 28.77
CA LYS B 263 -15.45 -42.92 28.85
C LYS B 263 -15.92 -43.68 27.62
N ASP B 264 -17.04 -43.24 27.05
CA ASP B 264 -17.71 -44.03 26.01
C ASP B 264 -17.40 -43.50 24.62
N HIS B 265 -16.79 -42.33 24.54
CA HIS B 265 -16.34 -41.84 23.24
C HIS B 265 -14.88 -41.31 23.24
N LEU B 266 -14.64 -40.24 24.01
CA LEU B 266 -13.38 -39.52 23.98
C LEU B 266 -12.19 -40.41 24.12
N LEU B 267 -12.12 -41.13 25.23
CA LEU B 267 -10.96 -41.95 25.47
C LEU B 267 -10.68 -42.96 24.33
N PRO B 268 -11.59 -43.95 24.14
CA PRO B 268 -11.35 -44.97 23.13
C PRO B 268 -10.88 -44.34 21.83
N LYS B 269 -11.59 -43.32 21.35
CA LYS B 269 -11.14 -42.63 20.15
C LYS B 269 -9.65 -42.29 20.21
N GLN B 270 -9.18 -41.77 21.34
CA GLN B 270 -7.78 -41.35 21.46
C GLN B 270 -6.83 -42.53 21.64
N ILE B 271 -7.29 -43.55 22.34
CA ILE B 271 -6.54 -44.78 22.40
C ILE B 271 -6.31 -45.20 20.97
N LYS B 272 -7.38 -45.51 20.27
CA LYS B 272 -7.29 -46.08 18.95
C LYS B 272 -6.50 -45.21 18.00
N GLU B 273 -6.48 -43.91 18.26
CA GLU B 273 -5.83 -42.98 17.35
C GLU B 273 -4.33 -42.90 17.64
N HIS B 274 -3.96 -43.08 18.90
CA HIS B 274 -2.54 -43.21 19.29
C HIS B 274 -2.14 -44.66 19.19
N GLY B 275 -2.73 -45.38 18.23
CA GLY B 275 -2.58 -46.83 18.12
C GLY B 275 -2.16 -47.63 19.36
N LEU B 276 -3.12 -48.03 20.17
CA LEU B 276 -2.80 -49.00 21.19
C LEU B 276 -4.09 -49.59 21.69
N LYS B 277 -3.96 -50.59 22.54
CA LYS B 277 -5.10 -51.39 22.94
C LYS B 277 -5.92 -50.78 24.09
N LYS B 278 -7.25 -51.01 24.09
CA LYS B 278 -8.08 -50.79 25.28
C LYS B 278 -7.50 -51.53 26.53
N SER B 279 -6.88 -52.68 26.29
CA SER B 279 -6.18 -53.40 27.34
C SER B 279 -4.82 -52.75 27.67
N ASN B 280 -4.56 -51.59 27.06
CA ASN B 280 -3.27 -50.93 27.22
C ASN B 280 -3.23 -49.85 28.29
N LEU B 281 -4.38 -49.29 28.60
CA LEU B 281 -4.47 -48.07 29.38
C LEU B 281 -5.90 -47.77 29.82
N GLN B 282 -6.10 -47.68 31.13
CA GLN B 282 -7.41 -47.38 31.65
C GLN B 282 -7.26 -46.27 32.66
N LEU B 283 -8.19 -45.31 32.65
CA LEU B 283 -8.25 -44.35 33.76
C LEU B 283 -9.50 -44.51 34.63
N ARG B 284 -9.25 -44.60 35.94
CA ARG B 284 -10.28 -44.77 36.91
C ARG B 284 -11.15 -43.54 36.86
N ASP B 285 -12.43 -43.73 37.17
CA ASP B 285 -13.37 -42.62 37.08
C ASP B 285 -12.87 -41.38 37.82
N GLN B 286 -12.60 -41.53 39.12
CA GLN B 286 -12.21 -40.38 39.94
C GLN B 286 -11.16 -39.50 39.25
N ALA B 287 -10.18 -40.13 38.60
CA ALA B 287 -9.13 -39.40 37.92
C ALA B 287 -9.68 -38.61 36.72
N ILE B 288 -10.61 -39.24 35.99
CA ILE B 288 -11.22 -38.51 34.90
C ILE B 288 -11.86 -37.24 35.44
N LEU B 289 -12.61 -37.40 36.53
CA LEU B 289 -13.19 -36.26 37.24
C LEU B 289 -12.15 -35.19 37.53
N ASP B 290 -11.09 -35.58 38.23
CA ASP B 290 -9.96 -34.70 38.50
C ASP B 290 -9.42 -34.00 37.26
N ILE B 291 -9.10 -34.77 36.22
CA ILE B 291 -8.64 -34.18 34.97
C ILE B 291 -9.51 -32.99 34.65
N ILE B 292 -10.82 -33.20 34.79
CA ILE B 292 -11.80 -32.17 34.46
C ILE B 292 -11.77 -30.99 35.41
N ARG B 293 -12.15 -31.23 36.66
CA ARG B 293 -12.19 -30.16 37.65
C ARG B 293 -10.91 -29.34 37.67
N TYR B 294 -9.76 -29.99 37.52
CA TYR B 294 -8.51 -29.31 37.78
C TYR B 294 -7.62 -28.95 36.54
N TYR B 295 -7.93 -29.50 35.37
CA TYR B 295 -7.13 -29.20 34.18
C TYR B 295 -7.95 -28.63 33.03
N THR B 296 -9.26 -28.49 33.24
CA THR B 296 -10.15 -27.87 32.25
C THR B 296 -11.25 -27.05 32.92
N ARG B 297 -11.30 -25.76 32.62
CA ARG B 297 -12.51 -24.99 32.90
C ARG B 297 -13.05 -24.48 31.57
N GLU B 298 -13.64 -25.41 30.83
CA GLU B 298 -14.27 -25.10 29.56
C GLU B 298 -15.68 -25.56 29.68
N ALA B 299 -16.50 -25.16 28.73
CA ALA B 299 -17.85 -25.66 28.64
C ALA B 299 -17.90 -26.84 27.67
N GLY B 300 -17.03 -26.82 26.67
CA GLY B 300 -16.98 -27.90 25.71
C GLY B 300 -16.21 -29.05 26.29
N VAL B 301 -15.60 -29.85 25.42
CA VAL B 301 -14.66 -30.86 25.92
C VAL B 301 -13.34 -30.92 25.16
N ARG B 302 -12.96 -29.79 24.52
CA ARG B 302 -11.74 -29.75 23.69
C ARG B 302 -10.52 -29.88 24.53
N SER B 303 -10.38 -28.97 25.49
CA SER B 303 -9.32 -29.05 26.48
C SER B 303 -9.26 -30.45 27.12
N LEU B 304 -10.43 -31.06 27.33
CA LEU B 304 -10.53 -32.39 27.94
C LEU B 304 -9.94 -33.44 27.03
N GLU B 305 -10.15 -33.26 25.72
CA GLU B 305 -9.64 -34.21 24.74
C GLU B 305 -8.11 -34.12 24.71
N ARG B 306 -7.61 -32.89 24.65
CA ARG B 306 -6.20 -32.65 24.62
C ARG B 306 -5.50 -33.32 25.80
N GLN B 307 -6.05 -33.18 27.00
CA GLN B 307 -5.40 -33.73 28.18
C GLN B 307 -5.49 -35.24 28.18
N LEU B 308 -6.55 -35.77 27.57
CA LEU B 308 -6.61 -37.21 27.39
C LEU B 308 -5.42 -37.64 26.54
N ALA B 309 -5.33 -37.04 25.35
CA ALA B 309 -4.28 -37.41 24.44
C ALA B 309 -2.94 -37.34 25.15
N ALA B 310 -2.68 -36.23 25.82
CA ALA B 310 -1.52 -36.12 26.66
C ALA B 310 -1.15 -37.49 27.19
N ILE B 311 -2.14 -38.15 27.81
CA ILE B 311 -1.96 -39.46 28.43
C ILE B 311 -1.85 -40.54 27.37
N CYS B 312 -2.81 -40.63 26.45
CA CYS B 312 -2.66 -41.59 25.37
C CYS B 312 -1.18 -41.63 24.93
N ARG B 313 -0.59 -40.45 24.78
CA ARG B 313 0.81 -40.34 24.40
C ARG B 313 1.73 -40.98 25.45
N LYS B 314 1.86 -40.32 26.60
CA LYS B 314 2.69 -40.79 27.71
C LYS B 314 2.55 -42.30 27.79
N ALA B 315 1.33 -42.77 27.62
CA ALA B 315 1.01 -44.18 27.72
C ALA B 315 1.86 -44.94 26.75
N ALA B 316 1.69 -44.62 25.49
CA ALA B 316 2.42 -45.33 24.45
C ALA B 316 3.92 -45.49 24.72
N LYS B 317 4.62 -44.39 24.97
CA LYS B 317 6.08 -44.51 25.19
C LYS B 317 6.40 -45.62 26.17
N ALA B 318 5.53 -45.83 27.15
CA ALA B 318 5.71 -46.97 28.02
C ALA B 318 5.56 -48.25 27.18
N ILE B 319 4.40 -48.39 26.53
CA ILE B 319 4.06 -49.64 25.85
C ILE B 319 5.14 -50.10 24.87
N VAL B 320 5.92 -49.16 24.35
CA VAL B 320 7.05 -49.51 23.48
C VAL B 320 8.34 -49.86 24.23
N ALA B 321 8.79 -48.98 25.12
CA ALA B 321 9.88 -49.31 26.02
C ALA B 321 9.47 -50.38 27.05
N GLU B 322 9.18 -49.98 28.29
CA GLU B 322 8.82 -50.92 29.35
C GLU B 322 8.01 -52.12 28.84
N GLU B 323 7.18 -51.90 27.82
CA GLU B 323 6.39 -52.96 27.18
C GLU B 323 5.20 -53.43 28.01
N ARG B 324 5.18 -53.11 29.30
CA ARG B 324 4.05 -53.41 30.18
C ARG B 324 2.78 -53.33 29.39
N LYS B 325 1.99 -54.39 29.37
CA LYS B 325 0.83 -54.39 28.51
C LYS B 325 -0.30 -53.51 29.05
N ARG B 326 -0.11 -52.97 30.25
CA ARG B 326 -1.17 -52.17 30.89
C ARG B 326 -0.63 -50.97 31.62
N ILE B 327 -1.43 -49.91 31.62
CA ILE B 327 -1.08 -48.66 32.30
C ILE B 327 -2.35 -48.13 32.93
N THR B 328 -2.34 -48.02 34.26
CA THR B 328 -3.53 -47.57 34.99
C THR B 328 -3.33 -46.22 35.68
N VAL B 329 -3.82 -45.16 35.05
CA VAL B 329 -3.72 -43.82 35.60
C VAL B 329 -4.80 -43.65 36.65
N THR B 330 -4.40 -43.16 37.82
CA THR B 330 -5.31 -43.02 38.96
C THR B 330 -5.30 -41.60 39.50
N GLU B 331 -6.13 -41.36 40.52
CA GLU B 331 -6.23 -40.02 41.10
C GLU B 331 -4.93 -39.59 41.77
N LYS B 332 -3.99 -40.53 41.91
CA LYS B 332 -2.69 -40.23 42.48
C LYS B 332 -1.66 -40.12 41.38
N ASN B 333 -1.81 -40.97 40.37
CA ASN B 333 -0.94 -40.97 39.21
C ASN B 333 -1.02 -39.69 38.46
N LEU B 334 -2.18 -39.05 38.51
CA LEU B 334 -2.50 -38.05 37.51
C LEU B 334 -1.33 -37.11 37.18
N GLN B 335 -0.64 -36.63 38.22
CA GLN B 335 0.44 -35.67 38.04
C GLN B 335 1.58 -36.23 37.18
N ASP B 336 1.76 -37.53 37.25
CA ASP B 336 2.78 -38.24 36.50
C ASP B 336 2.39 -38.42 35.03
N PHE B 337 1.45 -37.61 34.56
CA PHE B 337 1.00 -37.71 33.17
C PHE B 337 0.73 -36.36 32.54
N ILE B 338 -0.10 -35.56 33.21
CA ILE B 338 -0.52 -34.30 32.65
C ILE B 338 0.03 -33.03 33.35
N GLY B 339 0.96 -33.22 34.28
CA GLY B 339 1.56 -32.09 34.98
C GLY B 339 0.96 -31.87 36.34
N LYS B 340 1.11 -30.67 36.90
CA LYS B 340 0.49 -30.32 38.17
C LYS B 340 -0.90 -29.71 37.92
N ARG B 341 -1.65 -29.45 38.98
CA ARG B 341 -3.01 -28.90 38.88
C ARG B 341 -2.99 -27.55 38.17
N ILE B 342 -4.06 -27.22 37.46
CA ILE B 342 -4.04 -26.06 36.58
C ILE B 342 -5.07 -24.97 36.95
N PHE B 343 -6.24 -25.40 37.39
CA PHE B 343 -7.27 -24.45 37.83
C PHE B 343 -7.73 -24.68 39.23
N ARG B 344 -8.38 -23.64 39.72
CA ARG B 344 -8.98 -23.58 41.05
C ARG B 344 -10.44 -24.03 41.04
N TYR B 345 -10.77 -24.94 41.96
CA TYR B 345 -12.13 -25.37 42.14
C TYR B 345 -12.45 -25.20 43.60
N GLY B 346 -13.70 -24.87 43.88
CA GLY B 346 -14.15 -24.81 45.25
C GLY B 346 -13.64 -23.58 45.97
N GLN B 347 -13.66 -23.69 47.28
CA GLN B 347 -13.43 -22.56 48.16
C GLN B 347 -12.22 -22.82 49.08
N ALA B 348 -11.56 -23.95 48.84
CA ALA B 348 -10.45 -24.36 49.68
C ALA B 348 -9.45 -23.23 49.76
N GLU B 349 -9.04 -22.73 48.60
CA GLU B 349 -8.04 -21.68 48.51
C GLU B 349 -8.59 -20.29 48.89
N THR B 350 -9.77 -19.98 48.37
CA THR B 350 -10.34 -18.64 48.52
C THR B 350 -10.86 -18.36 49.90
N GLU B 351 -10.68 -17.10 50.32
CA GLU B 351 -11.25 -16.59 51.57
C GLU B 351 -12.24 -15.50 51.20
N ASP B 352 -13.27 -15.32 52.02
CA ASP B 352 -14.26 -14.29 51.75
C ASP B 352 -13.67 -12.89 51.63
N GLN B 353 -14.27 -12.06 50.78
CA GLN B 353 -13.74 -10.71 50.54
C GLN B 353 -14.79 -9.61 50.80
N VAL B 354 -14.41 -8.35 50.59
CA VAL B 354 -15.24 -7.19 50.86
C VAL B 354 -15.53 -6.38 49.61
N GLY B 355 -16.75 -5.90 49.48
CA GLY B 355 -17.11 -5.15 48.30
C GLY B 355 -16.66 -5.85 47.02
N VAL B 356 -16.78 -7.18 47.02
CA VAL B 356 -16.38 -8.01 45.91
C VAL B 356 -17.26 -9.27 45.70
N VAL B 357 -18.12 -9.19 44.70
CA VAL B 357 -19.09 -10.22 44.46
C VAL B 357 -18.73 -11.04 43.23
N THR B 358 -19.18 -12.28 43.20
CA THR B 358 -18.95 -13.15 42.07
C THR B 358 -20.23 -13.35 41.24
N GLY B 359 -20.40 -12.60 40.16
CA GLY B 359 -21.59 -12.72 39.34
C GLY B 359 -21.47 -13.75 38.23
N LEU B 360 -22.50 -14.56 38.02
CA LEU B 360 -22.50 -15.47 36.89
C LEU B 360 -22.93 -14.70 35.66
N ALA B 361 -22.14 -14.82 34.61
CA ALA B 361 -22.37 -14.05 33.40
C ALA B 361 -22.42 -14.97 32.19
N TYR B 362 -23.04 -14.53 31.11
CA TYR B 362 -23.23 -15.35 29.94
C TYR B 362 -22.25 -14.93 28.87
N THR B 363 -21.05 -15.54 28.90
CA THR B 363 -20.04 -15.36 27.85
C THR B 363 -20.42 -16.09 26.58
N THR B 364 -20.03 -15.52 25.46
CA THR B 364 -20.13 -16.20 24.17
C THR B 364 -19.60 -17.63 24.24
N VAL B 365 -18.86 -17.94 25.30
CA VAL B 365 -18.30 -19.26 25.48
C VAL B 365 -18.70 -19.94 26.80
N GLY B 366 -19.88 -19.58 27.30
CA GLY B 366 -20.51 -20.39 28.32
C GLY B 366 -20.71 -19.61 29.59
N GLY B 367 -21.05 -20.32 30.65
CA GLY B 367 -21.21 -19.67 31.92
C GLY B 367 -19.83 -19.27 32.36
N ASP B 368 -19.71 -18.08 32.94
CA ASP B 368 -18.41 -17.64 33.47
C ASP B 368 -18.59 -16.94 34.80
N THR B 369 -17.48 -16.67 35.46
CA THR B 369 -17.52 -16.23 36.84
C THR B 369 -16.68 -14.98 36.99
N LEU B 370 -17.22 -13.89 36.48
CA LEU B 370 -16.54 -12.62 36.53
C LEU B 370 -16.81 -11.99 37.87
N SER B 371 -15.80 -11.40 38.47
CA SER B 371 -15.98 -10.80 39.76
C SER B 371 -16.01 -9.27 39.66
N ILE B 372 -17.04 -8.66 40.26
CA ILE B 372 -17.20 -7.22 40.33
C ILE B 372 -16.63 -6.64 41.64
N GLU B 373 -15.93 -5.51 41.57
CA GLU B 373 -15.25 -4.89 42.73
C GLU B 373 -15.64 -3.44 42.85
N VAL B 374 -15.63 -2.95 44.08
CA VAL B 374 -15.92 -1.53 44.35
C VAL B 374 -14.91 -0.93 45.35
N SER B 375 -14.45 0.29 45.09
CA SER B 375 -13.45 0.90 45.95
C SER B 375 -13.89 2.27 46.47
N LEU B 376 -13.49 2.59 47.68
CA LEU B 376 -13.96 3.82 48.31
C LEU B 376 -12.87 4.85 48.51
N SER B 377 -12.98 5.94 47.78
CA SER B 377 -12.07 7.07 47.92
C SER B 377 -12.88 8.33 48.15
N PRO B 378 -12.44 9.16 49.09
CA PRO B 378 -13.04 10.45 49.41
C PRO B 378 -13.37 11.27 48.16
N GLY B 379 -14.35 12.17 48.27
CA GLY B 379 -14.72 13.05 47.16
C GLY B 379 -16.18 13.48 47.04
N LYS B 380 -16.74 13.34 45.83
CA LYS B 380 -18.10 13.76 45.52
C LYS B 380 -18.96 12.57 45.11
N GLY B 381 -20.28 12.76 45.12
CA GLY B 381 -21.20 11.68 44.80
C GLY B 381 -20.93 10.99 43.48
N LYS B 382 -20.13 11.62 42.63
CA LYS B 382 -19.78 11.05 41.34
C LYS B 382 -19.27 9.62 41.51
N LEU B 383 -19.56 8.79 40.53
CA LEU B 383 -19.06 7.41 40.53
C LEU B 383 -18.50 7.08 39.14
N ILE B 384 -17.21 6.76 39.11
CA ILE B 384 -16.57 6.37 37.86
C ILE B 384 -16.31 4.87 37.86
N LEU B 385 -16.68 4.21 36.76
CA LEU B 385 -16.48 2.77 36.65
C LEU B 385 -15.49 2.40 35.55
N THR B 386 -14.85 1.25 35.73
CA THR B 386 -13.78 0.82 34.84
C THR B 386 -14.19 -0.44 34.07
N GLY B 387 -13.26 -0.99 33.31
CA GLY B 387 -13.55 -2.15 32.50
C GLY B 387 -14.29 -1.72 31.26
N LYS B 388 -15.27 -2.50 30.84
CA LYS B 388 -16.04 -2.15 29.66
C LYS B 388 -16.59 -0.74 29.83
N LEU B 389 -16.34 0.10 28.83
CA LEU B 389 -16.77 1.49 28.86
C LEU B 389 -18.24 1.59 29.29
N GLY B 390 -19.02 0.61 28.83
CA GLY B 390 -20.39 0.44 29.27
C GLY B 390 -21.23 1.68 29.49
N ASP B 391 -22.07 2.00 28.50
CA ASP B 391 -23.09 3.00 28.72
C ASP B 391 -24.31 2.26 29.25
N VAL B 392 -24.38 0.97 28.93
CA VAL B 392 -25.45 0.09 29.42
C VAL B 392 -25.32 -0.11 30.92
N MET B 393 -24.07 -0.12 31.39
CA MET B 393 -23.75 -0.39 32.80
C MET B 393 -24.11 0.77 33.71
N ARG B 394 -23.69 1.97 33.33
CA ARG B 394 -23.93 3.14 34.15
C ARG B 394 -25.38 3.18 34.61
N GLU B 395 -26.30 3.05 33.67
CA GLU B 395 -27.71 2.99 34.01
C GLU B 395 -27.93 2.09 35.22
N SER B 396 -27.53 0.82 35.08
CA SER B 396 -27.67 -0.13 36.17
C SER B 396 -26.88 0.30 37.41
N ALA B 397 -25.59 0.57 37.23
CA ALA B 397 -24.75 0.99 38.36
C ALA B 397 -25.42 2.08 39.14
N GLN B 398 -25.60 3.23 38.52
CA GLN B 398 -26.26 4.35 39.16
C GLN B 398 -27.73 4.04 39.44
N ALA B 399 -28.01 2.79 39.81
CA ALA B 399 -29.34 2.38 40.18
C ALA B 399 -29.22 1.53 41.43
N ALA B 400 -28.27 0.61 41.43
CA ALA B 400 -27.94 -0.07 42.66
C ALA B 400 -27.48 1.03 43.60
N PHE B 401 -26.83 2.00 42.99
CA PHE B 401 -26.35 3.18 43.68
C PHE B 401 -27.54 3.94 44.18
N SER B 402 -28.44 4.29 43.25
CA SER B 402 -29.64 5.07 43.58
C SER B 402 -30.61 4.30 44.48
N TYR B 403 -30.27 3.04 44.78
CA TYR B 403 -31.03 2.24 45.73
C TYR B 403 -30.55 2.55 47.14
N VAL B 404 -29.29 2.18 47.40
CA VAL B 404 -28.64 2.53 48.65
C VAL B 404 -28.85 4.02 49.02
N ARG B 405 -28.92 4.88 48.01
CA ARG B 405 -29.30 6.26 48.24
C ARG B 405 -30.47 6.31 49.21
N SER B 406 -31.51 5.54 48.93
CA SER B 406 -32.69 5.46 49.78
C SER B 406 -32.42 4.64 51.03
N LYS B 407 -32.98 3.45 51.09
CA LYS B 407 -32.82 2.55 52.24
C LYS B 407 -31.40 2.54 52.80
N THR B 408 -31.10 3.45 53.71
CA THR B 408 -29.72 3.63 54.20
C THR B 408 -29.46 3.16 55.64
N GLU B 409 -29.83 3.98 56.62
CA GLU B 409 -29.63 3.60 58.00
C GLU B 409 -30.18 2.20 58.18
N GLU B 410 -31.24 1.91 57.43
CA GLU B 410 -31.91 0.62 57.46
C GLU B 410 -30.94 -0.50 57.11
N LEU B 411 -29.77 -0.13 56.60
CA LEU B 411 -28.84 -1.09 56.03
C LEU B 411 -27.49 -1.06 56.74
N GLY B 412 -27.31 -0.05 57.58
CA GLY B 412 -26.08 0.10 58.33
C GLY B 412 -25.01 0.73 57.47
N ILE B 413 -25.07 2.06 57.33
CA ILE B 413 -24.12 2.81 56.52
C ILE B 413 -24.35 4.33 56.66
N GLU B 414 -23.28 5.06 56.98
CA GLU B 414 -23.37 6.50 57.28
C GLU B 414 -24.02 7.35 56.17
N PRO B 415 -25.26 7.77 56.37
CA PRO B 415 -26.05 8.45 55.35
C PRO B 415 -25.33 9.64 54.71
N ASP B 416 -24.31 10.13 55.40
CA ASP B 416 -23.53 11.23 54.86
C ASP B 416 -22.47 10.70 53.89
N PHE B 417 -22.84 9.70 53.09
CA PHE B 417 -21.85 9.05 52.21
C PHE B 417 -21.88 9.51 50.76
N HIS B 418 -23.01 9.42 50.10
CA HIS B 418 -23.07 9.84 48.71
C HIS B 418 -22.67 11.29 48.57
N GLU B 419 -22.45 11.93 49.72
CA GLU B 419 -22.07 13.33 49.77
C GLU B 419 -20.56 13.50 49.92
N LYS B 420 -19.91 12.56 50.61
CA LYS B 420 -18.47 12.69 50.88
C LYS B 420 -17.69 11.39 50.66
N TYR B 421 -17.98 10.69 49.56
CA TYR B 421 -17.23 9.53 49.11
C TYR B 421 -17.25 9.50 47.59
N ASP B 422 -16.37 8.71 46.98
CA ASP B 422 -16.33 8.55 45.54
C ASP B 422 -16.17 7.06 45.23
N ILE B 423 -17.16 6.46 44.58
CA ILE B 423 -17.18 5.00 44.45
C ILE B 423 -16.68 4.50 43.08
N HIS B 424 -15.76 3.54 43.10
CA HIS B 424 -15.20 2.96 41.89
C HIS B 424 -15.68 1.54 41.69
N ILE B 425 -16.20 1.26 40.50
CA ILE B 425 -16.73 -0.06 40.20
C ILE B 425 -16.00 -0.67 39.00
N HIS B 426 -15.77 -1.98 39.03
CA HIS B 426 -15.12 -2.70 37.96
C HIS B 426 -15.99 -3.86 37.49
N VAL B 427 -16.41 -3.83 36.24
CA VAL B 427 -17.23 -4.92 35.72
C VAL B 427 -16.55 -5.60 34.56
N PRO B 428 -15.93 -6.74 34.83
CA PRO B 428 -15.04 -7.32 33.82
C PRO B 428 -15.78 -7.61 32.55
N GLU B 429 -15.14 -7.46 31.42
CA GLU B 429 -15.77 -7.73 30.15
C GLU B 429 -16.03 -9.23 30.04
N GLY B 430 -17.05 -9.59 29.27
CA GLY B 430 -17.33 -10.98 28.98
C GLY B 430 -18.81 -11.21 28.77
N ALA B 431 -19.58 -10.65 29.69
CA ALA B 431 -21.03 -10.75 29.63
C ALA B 431 -21.45 -10.20 28.30
N VAL B 432 -22.37 -10.89 27.65
CA VAL B 432 -22.81 -10.46 26.33
C VAL B 432 -23.95 -9.44 26.48
N PRO B 433 -23.96 -8.45 25.58
CA PRO B 433 -24.92 -7.35 25.52
C PRO B 433 -26.22 -7.65 26.24
N LYS B 434 -27.07 -8.51 25.68
CA LYS B 434 -28.39 -8.79 26.27
C LYS B 434 -28.31 -8.94 27.79
N ASP B 435 -27.18 -9.45 28.28
CA ASP B 435 -27.06 -9.84 29.66
C ASP B 435 -26.34 -8.81 30.51
N GLY B 436 -25.97 -7.68 29.91
CA GLY B 436 -25.35 -6.59 30.66
C GLY B 436 -26.05 -6.23 31.98
N PRO B 437 -27.37 -5.90 31.93
CA PRO B 437 -28.16 -5.49 33.09
C PRO B 437 -28.32 -6.60 34.11
N ALA B 438 -27.82 -7.80 33.80
CA ALA B 438 -27.97 -8.94 34.67
C ALA B 438 -26.98 -8.88 35.82
N ALA B 439 -26.22 -7.79 35.88
CA ALA B 439 -25.18 -7.62 36.86
C ALA B 439 -25.58 -6.64 37.95
N GLY B 440 -26.86 -6.21 37.92
CA GLY B 440 -27.45 -5.31 38.90
C GLY B 440 -27.31 -5.73 40.36
N ILE B 441 -27.94 -6.82 40.74
CA ILE B 441 -27.81 -7.30 42.10
C ILE B 441 -26.35 -7.50 42.50
N THR B 442 -25.49 -7.73 41.51
CA THR B 442 -24.06 -7.94 41.75
C THR B 442 -23.36 -6.66 42.17
N MET B 443 -23.26 -5.70 41.27
CA MET B 443 -22.74 -4.39 41.66
C MET B 443 -23.38 -3.88 42.96
N ALA B 444 -24.70 -4.00 43.10
CA ALA B 444 -25.38 -3.60 44.33
C ALA B 444 -24.72 -4.26 45.52
N THR B 445 -24.87 -5.56 45.62
CA THR B 445 -24.25 -6.32 46.67
C THR B 445 -22.86 -5.80 46.99
N ALA B 446 -22.04 -5.62 45.98
CA ALA B 446 -20.68 -5.14 46.21
C ALA B 446 -20.71 -3.78 46.88
N LEU B 447 -21.18 -2.79 46.15
CA LEU B 447 -21.31 -1.44 46.65
C LEU B 447 -21.73 -1.41 48.12
N VAL B 448 -22.58 -2.33 48.55
CA VAL B 448 -23.00 -2.32 49.95
C VAL B 448 -21.90 -2.94 50.79
N SER B 449 -21.52 -4.16 50.44
CA SER B 449 -20.48 -4.88 51.16
C SER B 449 -19.24 -4.03 51.26
N ALA B 450 -19.15 -3.04 50.38
CA ALA B 450 -18.01 -2.17 50.33
C ALA B 450 -18.19 -1.03 51.30
N LEU B 451 -19.42 -0.52 51.34
CA LEU B 451 -19.74 0.65 52.13
C LEU B 451 -19.82 0.27 53.60
N THR B 452 -20.28 -0.94 53.85
CA THR B 452 -20.56 -1.37 55.22
C THR B 452 -19.48 -2.27 55.79
N GLY B 453 -18.31 -2.26 55.17
CA GLY B 453 -17.21 -3.08 55.63
C GLY B 453 -17.55 -4.56 55.85
N ARG B 454 -18.72 -4.99 55.40
CA ARG B 454 -19.11 -6.40 55.58
C ARG B 454 -18.25 -7.32 54.70
N ALA B 455 -18.86 -8.23 53.96
CA ALA B 455 -18.10 -9.23 53.22
C ALA B 455 -18.93 -10.25 52.48
N VAL B 456 -18.81 -10.29 51.16
CA VAL B 456 -19.55 -11.25 50.36
C VAL B 456 -19.03 -12.65 50.63
N SER B 457 -19.94 -13.60 50.69
CA SER B 457 -19.59 -14.98 51.01
C SER B 457 -18.99 -15.61 49.78
N ARG B 458 -17.71 -15.92 49.82
CA ARG B 458 -16.98 -16.44 48.66
C ARG B 458 -17.71 -17.57 47.90
N GLU B 459 -18.61 -18.27 48.59
CA GLU B 459 -19.30 -19.42 48.04
C GLU B 459 -20.38 -19.06 47.02
N VAL B 460 -20.97 -17.87 47.16
CA VAL B 460 -22.16 -17.47 46.41
C VAL B 460 -21.85 -16.83 45.07
N GLY B 461 -22.52 -17.32 44.04
CA GLY B 461 -22.51 -16.66 42.75
C GLY B 461 -23.90 -16.10 42.51
N MET B 462 -23.97 -14.85 42.03
CA MET B 462 -25.26 -14.21 41.83
C MET B 462 -25.47 -13.60 40.45
N THR B 463 -26.73 -13.50 40.04
CA THR B 463 -27.11 -12.79 38.82
C THR B 463 -28.53 -12.22 38.94
N GLY B 464 -28.72 -10.99 38.50
CA GLY B 464 -30.04 -10.38 38.57
C GLY B 464 -30.07 -8.90 38.24
N GLU B 465 -31.16 -8.45 37.61
CA GLU B 465 -31.31 -7.07 37.17
C GLU B 465 -31.89 -6.19 38.27
N ILE B 466 -31.42 -4.96 38.38
CA ILE B 466 -31.84 -4.11 39.48
C ILE B 466 -32.75 -3.01 38.98
N THR B 467 -33.61 -2.53 39.87
CA THR B 467 -34.40 -1.33 39.60
C THR B 467 -34.27 -0.34 40.74
N LEU B 468 -34.51 0.93 40.44
CA LEU B 468 -34.41 2.00 41.43
C LEU B 468 -34.94 1.61 42.80
N ARG B 469 -36.17 1.10 42.82
CA ARG B 469 -36.83 0.73 44.07
C ARG B 469 -36.13 -0.41 44.80
N GLY B 470 -35.32 -1.17 44.07
CA GLY B 470 -34.62 -2.31 44.64
C GLY B 470 -35.19 -3.62 44.16
N ARG B 471 -36.08 -3.52 43.16
CA ARG B 471 -36.67 -4.69 42.53
C ARG B 471 -35.63 -5.58 41.81
N VAL B 472 -35.85 -6.89 41.80
CA VAL B 472 -35.00 -7.81 41.08
C VAL B 472 -35.75 -8.45 39.92
N LEU B 473 -35.49 -7.95 38.72
CA LEU B 473 -36.15 -8.38 37.49
C LEU B 473 -35.50 -9.62 36.89
N PRO B 474 -36.19 -10.29 35.96
CA PRO B 474 -35.77 -11.52 35.28
C PRO B 474 -34.46 -11.44 34.49
N ILE B 475 -33.75 -12.57 34.45
CA ILE B 475 -32.39 -12.65 33.93
C ILE B 475 -32.31 -13.65 32.79
N GLY B 476 -31.26 -13.56 31.97
CA GLY B 476 -31.12 -14.42 30.80
C GLY B 476 -30.27 -15.67 30.97
N GLY B 477 -30.69 -16.76 30.32
CA GLY B 477 -29.97 -18.04 30.35
C GLY B 477 -29.52 -18.57 31.69
N LEU B 478 -30.44 -18.73 32.65
CA LEU B 478 -30.06 -19.23 33.96
C LEU B 478 -29.34 -20.57 33.80
N LYS B 479 -29.71 -21.33 32.78
CA LYS B 479 -29.17 -22.68 32.60
C LYS B 479 -27.66 -22.66 32.53
N GLU B 480 -27.14 -22.06 31.47
CA GLU B 480 -25.71 -21.95 31.25
C GLU B 480 -25.00 -21.31 32.43
N LYS B 481 -25.62 -20.31 33.03
CA LYS B 481 -25.06 -19.61 34.20
C LYS B 481 -24.77 -20.52 35.40
N ALA B 482 -25.74 -21.34 35.78
CA ALA B 482 -25.58 -22.22 36.93
C ALA B 482 -24.74 -23.41 36.53
N LEU B 483 -24.78 -23.73 35.25
CA LEU B 483 -23.95 -24.80 34.71
C LEU B 483 -22.48 -24.47 34.96
N GLY B 484 -22.10 -23.26 34.59
CA GLY B 484 -20.74 -22.80 34.79
C GLY B 484 -20.46 -22.32 36.21
N ALA B 485 -21.51 -22.21 36.99
CA ALA B 485 -21.36 -21.81 38.38
C ALA B 485 -20.95 -23.05 39.15
N HIS B 486 -21.42 -24.18 38.66
CA HIS B 486 -21.13 -25.46 39.26
C HIS B 486 -19.73 -25.84 38.86
N ARG B 487 -19.36 -25.52 37.62
CA ARG B 487 -18.08 -25.95 37.06
C ARG B 487 -16.91 -25.46 37.90
N ALA B 488 -17.01 -24.22 38.36
CA ALA B 488 -16.00 -23.61 39.20
C ALA B 488 -16.28 -23.94 40.68
N GLY B 489 -17.30 -24.77 40.87
CA GLY B 489 -17.64 -25.30 42.17
C GLY B 489 -18.10 -24.30 43.22
N LEU B 490 -19.16 -23.59 42.94
CA LEU B 490 -19.72 -22.75 43.98
C LEU B 490 -20.88 -23.49 44.67
N THR B 491 -21.25 -23.05 45.85
CA THR B 491 -22.33 -23.68 46.58
C THR B 491 -23.69 -23.04 46.29
N THR B 492 -23.79 -21.75 46.58
CA THR B 492 -25.05 -21.03 46.53
C THR B 492 -25.09 -20.11 45.32
N ILE B 493 -26.26 -20.00 44.71
CA ILE B 493 -26.38 -19.19 43.51
C ILE B 493 -27.70 -18.40 43.52
N ILE B 494 -27.64 -17.24 44.17
CA ILE B 494 -28.71 -16.25 44.21
C ILE B 494 -29.14 -15.71 42.85
N ALA B 495 -30.40 -15.89 42.49
CA ALA B 495 -30.91 -15.35 41.22
C ALA B 495 -32.36 -14.84 41.37
N PRO B 496 -32.88 -14.19 40.30
CA PRO B 496 -34.22 -13.61 40.30
C PRO B 496 -35.33 -14.61 40.65
N LYS B 497 -36.27 -14.16 41.48
CA LYS B 497 -37.44 -14.94 41.87
C LYS B 497 -38.24 -15.36 40.63
N ASP B 498 -38.46 -14.41 39.73
CA ASP B 498 -39.27 -14.66 38.55
C ASP B 498 -38.56 -15.57 37.54
N ASN B 499 -37.53 -16.26 38.03
CA ASN B 499 -36.73 -17.12 37.19
C ASN B 499 -36.89 -18.59 37.53
N GLU B 500 -37.62 -18.87 38.59
CA GLU B 500 -37.83 -20.24 39.06
C GLU B 500 -38.27 -21.24 37.98
N LYS B 501 -39.23 -20.84 37.15
CA LYS B 501 -39.72 -21.75 36.11
C LYS B 501 -38.62 -22.03 35.11
N ASP B 502 -37.42 -21.52 35.38
CA ASP B 502 -36.29 -21.74 34.50
C ASP B 502 -35.39 -22.83 35.07
N ILE B 503 -35.53 -23.09 36.37
CA ILE B 503 -34.71 -24.09 37.04
C ILE B 503 -35.11 -25.49 36.62
N GLU B 504 -36.34 -25.63 36.16
CA GLU B 504 -36.82 -26.93 35.68
C GLU B 504 -35.82 -27.60 34.73
N ASP B 505 -35.43 -26.89 33.68
CA ASP B 505 -34.62 -27.52 32.62
C ASP B 505 -33.11 -27.65 32.95
N ILE B 506 -32.68 -27.15 34.10
CA ILE B 506 -31.29 -27.29 34.55
C ILE B 506 -30.92 -28.74 34.88
N PRO B 507 -29.97 -29.32 34.13
CA PRO B 507 -29.69 -30.75 34.18
C PRO B 507 -29.58 -31.29 35.60
N GLU B 508 -30.08 -32.50 35.82
CA GLU B 508 -30.13 -33.11 37.14
C GLU B 508 -28.87 -32.89 37.98
N SER B 509 -27.72 -33.34 37.44
CA SER B 509 -26.43 -33.38 38.13
C SER B 509 -26.05 -32.09 38.85
N VAL B 510 -26.29 -30.96 38.18
CA VAL B 510 -25.90 -29.64 38.69
C VAL B 510 -26.92 -29.00 39.61
N ARG B 511 -28.19 -29.09 39.25
CA ARG B 511 -29.27 -28.63 40.12
C ARG B 511 -29.18 -29.35 41.48
N GLU B 512 -28.45 -30.46 41.50
CA GLU B 512 -28.33 -31.30 42.69
C GLU B 512 -27.22 -30.82 43.63
N GLY B 513 -26.26 -30.09 43.08
CA GLY B 513 -25.15 -29.59 43.87
C GLY B 513 -25.24 -28.12 44.19
N LEU B 514 -26.39 -27.54 43.90
CA LEU B 514 -26.61 -26.12 44.13
C LEU B 514 -27.86 -25.83 44.96
N THR B 515 -27.74 -24.90 45.89
CA THR B 515 -28.91 -24.39 46.58
C THR B 515 -29.31 -23.03 45.99
N PHE B 516 -30.36 -23.06 45.18
CA PHE B 516 -30.83 -21.86 44.48
C PHE B 516 -31.58 -20.93 45.40
N ILE B 517 -30.93 -19.87 45.87
CA ILE B 517 -31.63 -18.85 46.62
C ILE B 517 -32.28 -17.89 45.64
N LEU B 518 -33.61 -17.85 45.60
CA LEU B 518 -34.32 -16.96 44.70
C LEU B 518 -34.78 -15.69 45.42
N ALA B 519 -34.71 -14.55 44.75
CA ALA B 519 -34.97 -13.27 45.39
C ALA B 519 -35.66 -12.28 44.47
N SER B 520 -36.36 -11.33 45.09
CA SER B 520 -37.13 -10.33 44.35
C SER B 520 -36.67 -8.90 44.64
N HIS B 521 -36.14 -8.66 45.84
CA HIS B 521 -35.60 -7.33 46.20
C HIS B 521 -34.19 -7.48 46.75
N LEU B 522 -33.42 -6.42 46.67
CA LEU B 522 -32.03 -6.46 47.15
C LEU B 522 -31.89 -7.07 48.54
N ASP B 523 -32.64 -6.55 49.51
CA ASP B 523 -32.49 -7.00 50.88
C ASP B 523 -32.43 -8.53 50.96
N GLU B 524 -33.26 -9.20 50.17
CA GLU B 524 -33.24 -10.67 50.12
C GLU B 524 -31.88 -11.17 49.66
N VAL B 525 -31.38 -10.62 48.56
CA VAL B 525 -30.06 -10.97 48.06
C VAL B 525 -29.04 -10.66 49.15
N LEU B 526 -28.97 -9.39 49.57
CA LEU B 526 -27.98 -8.94 50.55
C LEU B 526 -27.90 -9.84 51.77
N GLU B 527 -29.05 -10.28 52.28
CA GLU B 527 -29.08 -11.07 53.50
C GLU B 527 -28.35 -12.40 53.30
N HIS B 528 -28.47 -12.95 52.10
CA HIS B 528 -27.94 -14.29 51.82
C HIS B 528 -26.51 -14.27 51.31
N ALA B 529 -26.07 -13.13 50.77
CA ALA B 529 -24.77 -13.06 50.11
C ALA B 529 -23.72 -12.38 50.97
N LEU B 530 -24.17 -11.68 52.01
CA LEU B 530 -23.27 -11.06 52.98
C LEU B 530 -23.30 -11.84 54.29
N VAL B 531 -22.31 -11.59 55.14
CA VAL B 531 -22.28 -12.23 56.45
C VAL B 531 -21.96 -11.26 57.59
N THR C 7 39.00 -31.72 -42.61
CA THR C 7 39.35 -31.03 -41.37
C THR C 7 38.10 -30.56 -40.63
N GLY C 8 37.62 -29.37 -40.99
CA GLY C 8 36.45 -28.80 -40.34
C GLY C 8 36.74 -28.41 -38.90
N GLU C 9 36.07 -27.38 -38.41
CA GLU C 9 36.25 -26.95 -37.03
C GLU C 9 35.64 -27.95 -36.07
N VAL C 10 35.47 -29.18 -36.53
CA VAL C 10 34.95 -30.26 -35.70
C VAL C 10 36.03 -30.77 -34.76
N GLN C 11 37.20 -30.16 -34.81
CA GLN C 11 38.32 -30.55 -33.95
C GLN C 11 38.85 -29.38 -33.14
N THR C 12 38.90 -28.20 -33.76
CA THR C 12 39.42 -27.02 -33.10
C THR C 12 38.93 -26.91 -31.67
N LEU C 13 37.65 -27.22 -31.46
CA LEU C 13 37.05 -27.18 -30.14
C LEU C 13 37.20 -28.53 -29.45
N THR C 14 36.56 -29.54 -30.04
CA THR C 14 36.57 -30.90 -29.48
C THR C 14 37.92 -31.27 -28.89
N GLU C 15 38.99 -31.04 -29.65
CA GLU C 15 40.33 -31.38 -29.19
C GLU C 15 40.61 -30.81 -27.80
N LYS C 16 40.57 -29.48 -27.67
CA LYS C 16 40.84 -28.84 -26.39
C LYS C 16 39.79 -29.16 -25.34
N ILE C 17 38.75 -29.88 -25.75
CA ILE C 17 37.71 -30.27 -24.81
C ILE C 17 38.12 -31.48 -23.96
N GLU C 18 38.64 -32.51 -24.62
CA GLU C 18 39.13 -33.70 -23.93
C GLU C 18 40.44 -33.38 -23.20
N GLU C 19 40.91 -32.16 -23.40
CA GLU C 19 42.12 -31.65 -22.75
C GLU C 19 42.12 -31.96 -21.25
N ALA C 20 43.30 -31.94 -20.65
CA ALA C 20 43.43 -32.13 -19.21
C ALA C 20 42.39 -31.30 -18.47
N GLY C 21 42.18 -30.07 -18.94
CA GLY C 21 41.12 -29.23 -18.42
C GLY C 21 39.77 -29.86 -18.71
N MET C 22 38.84 -29.74 -17.77
CA MET C 22 37.52 -30.35 -17.86
C MET C 22 37.51 -31.79 -17.34
N PRO C 23 37.83 -31.97 -16.04
CA PRO C 23 37.90 -33.28 -15.39
C PRO C 23 36.55 -33.86 -15.03
N ASP C 24 35.82 -33.19 -14.14
CA ASP C 24 34.53 -33.69 -13.67
C ASP C 24 33.69 -34.22 -14.83
N HIS C 25 33.10 -35.39 -14.64
CA HIS C 25 32.32 -36.04 -15.70
C HIS C 25 30.83 -35.71 -15.62
N VAL C 26 30.39 -35.30 -14.44
CA VAL C 26 29.01 -34.86 -14.23
C VAL C 26 28.65 -33.80 -15.27
N LYS C 27 29.65 -33.07 -15.73
CA LYS C 27 29.48 -32.02 -16.73
C LYS C 27 29.74 -32.54 -18.13
N GLU C 28 30.82 -33.29 -18.30
CA GLU C 28 31.27 -33.73 -19.61
C GLU C 28 30.11 -34.37 -20.37
N THR C 29 29.18 -34.96 -19.61
CA THR C 29 27.96 -35.47 -20.21
C THR C 29 27.29 -34.36 -21.00
N ALA C 30 26.78 -33.35 -20.29
CA ALA C 30 26.15 -32.21 -20.93
C ALA C 30 27.09 -31.58 -21.95
N LEU C 31 28.38 -31.89 -21.83
CA LEU C 31 29.40 -31.38 -22.75
C LEU C 31 29.27 -31.97 -24.14
N LYS C 32 29.84 -33.18 -24.32
CA LYS C 32 29.79 -33.85 -25.61
C LYS C 32 28.35 -33.97 -26.10
N GLU C 33 27.40 -33.93 -25.17
CA GLU C 33 25.98 -33.99 -25.51
C GLU C 33 25.60 -32.89 -26.49
N LEU C 34 25.51 -31.66 -26.01
CA LEU C 34 25.25 -30.53 -26.90
C LEU C 34 26.39 -30.35 -27.91
N ASN C 35 27.43 -31.17 -27.78
CA ASN C 35 28.58 -31.11 -28.70
C ASN C 35 28.37 -31.94 -29.97
N ARG C 36 28.24 -33.26 -29.79
CA ARG C 36 27.87 -34.16 -30.88
C ARG C 36 26.48 -33.79 -31.41
N TYR C 37 26.13 -32.51 -31.26
CA TYR C 37 24.82 -31.99 -31.64
C TYR C 37 24.66 -31.92 -33.15
N GLU C 38 24.50 -30.70 -33.67
CA GLU C 38 24.22 -30.51 -35.09
C GLU C 38 25.29 -29.69 -35.80
N LYS C 39 26.53 -30.16 -35.77
CA LYS C 39 27.55 -29.56 -36.63
C LYS C 39 26.98 -29.64 -38.04
N ILE C 40 26.00 -30.52 -38.19
CA ILE C 40 25.13 -30.55 -39.35
C ILE C 40 23.93 -29.67 -39.03
N PRO C 41 23.70 -28.60 -39.81
CA PRO C 41 24.45 -28.24 -41.01
C PRO C 41 25.39 -27.07 -40.75
N SER C 42 25.50 -26.19 -41.74
CA SER C 42 26.32 -25.00 -41.64
C SER C 42 25.86 -24.12 -40.47
N SER C 43 26.38 -22.90 -40.43
CA SER C 43 26.03 -21.96 -39.38
C SER C 43 24.62 -21.39 -39.57
N SER C 44 23.61 -22.26 -39.51
CA SER C 44 22.23 -21.83 -39.59
C SER C 44 21.94 -20.87 -38.45
N ALA C 45 20.78 -20.23 -38.49
CA ALA C 45 20.35 -19.38 -37.39
C ALA C 45 20.38 -20.19 -36.10
N GLU C 46 20.24 -21.50 -36.25
CA GLU C 46 20.31 -22.42 -35.12
C GLU C 46 21.77 -22.68 -34.75
N SER C 47 22.59 -22.94 -35.76
CA SER C 47 23.99 -23.33 -35.55
C SER C 47 24.84 -22.25 -34.90
N SER C 48 24.25 -21.09 -34.64
CA SER C 48 24.94 -20.00 -33.99
C SER C 48 24.65 -20.01 -32.49
N VAL C 49 23.53 -20.64 -32.12
CA VAL C 49 23.08 -20.68 -30.74
C VAL C 49 24.04 -21.44 -29.83
N ILE C 50 23.75 -22.72 -29.61
CA ILE C 50 24.58 -23.56 -28.77
C ILE C 50 26.05 -23.43 -29.15
N ARG C 51 26.30 -23.02 -30.40
CA ARG C 51 27.65 -22.78 -30.89
C ARG C 51 28.52 -22.16 -29.80
N ASN C 52 27.99 -21.14 -29.13
CA ASN C 52 28.76 -20.38 -28.14
C ASN C 52 28.68 -20.99 -26.76
N TYR C 53 27.50 -21.51 -26.41
CA TYR C 53 27.25 -22.17 -25.14
C TYR C 53 28.43 -23.05 -24.71
N ILE C 54 29.16 -23.57 -25.69
CA ILE C 54 30.29 -24.46 -25.42
C ILE C 54 31.50 -23.69 -24.89
N ASP C 55 31.78 -22.52 -25.46
CA ASP C 55 32.97 -21.76 -25.08
C ASP C 55 32.96 -21.25 -23.63
N TRP C 56 31.88 -20.58 -23.21
CA TRP C 56 31.76 -20.15 -21.82
C TRP C 56 32.12 -21.34 -20.95
N LEU C 57 31.80 -22.53 -21.46
CA LEU C 57 31.99 -23.75 -20.72
C LEU C 57 33.44 -24.22 -20.72
N VAL C 58 34.26 -23.66 -21.61
CA VAL C 58 35.63 -24.13 -21.75
C VAL C 58 36.56 -23.52 -20.71
N ALA C 59 36.27 -22.29 -20.29
CA ALA C 59 37.16 -21.56 -19.40
C ALA C 59 36.91 -21.89 -17.93
N LEU C 60 35.63 -21.99 -17.56
CA LEU C 60 35.27 -22.30 -16.18
C LEU C 60 36.26 -23.32 -15.62
N PRO C 61 36.88 -22.99 -14.48
CA PRO C 61 37.99 -23.78 -13.91
C PRO C 61 37.49 -25.03 -13.21
N TRP C 62 38.36 -26.02 -13.05
CA TRP C 62 37.96 -27.26 -12.40
C TRP C 62 39.07 -27.83 -11.53
N THR C 63 40.29 -27.35 -11.69
CA THR C 63 41.42 -27.91 -10.94
C THR C 63 42.58 -26.94 -10.70
N ASP C 64 42.55 -25.78 -11.34
CA ASP C 64 43.61 -24.78 -11.16
C ASP C 64 43.60 -24.17 -9.75
N GLU C 65 44.19 -24.90 -8.79
CA GLU C 65 44.30 -24.42 -7.41
C GLU C 65 45.61 -23.67 -7.09
N THR C 66 45.47 -22.51 -6.47
CA THR C 66 46.57 -21.58 -6.26
C THR C 66 47.31 -21.81 -4.94
N ASP C 67 48.36 -22.64 -5.00
CA ASP C 67 49.13 -23.05 -3.81
C ASP C 67 49.13 -22.00 -2.70
N ASP C 68 48.12 -22.05 -1.84
CA ASP C 68 47.90 -21.00 -0.85
C ASP C 68 49.03 -20.88 0.17
N LYS C 69 49.86 -19.87 -0.02
CA LYS C 69 50.92 -19.55 0.92
C LYS C 69 50.32 -18.85 2.11
N LEU C 70 50.59 -19.33 3.30
CA LEU C 70 49.98 -18.78 4.51
C LEU C 70 51.02 -18.47 5.57
N ASP C 71 51.88 -17.51 5.28
CA ASP C 71 52.99 -17.19 6.17
C ASP C 71 52.70 -15.90 6.93
N LEU C 72 52.07 -16.03 8.09
CA LEU C 72 51.68 -14.86 8.87
C LEU C 72 52.78 -13.84 8.98
N LYS C 73 53.97 -14.30 9.34
CA LYS C 73 55.09 -13.40 9.56
C LYS C 73 55.07 -12.33 8.48
N GLU C 74 54.74 -12.75 7.25
CA GLU C 74 54.50 -11.80 6.17
C GLU C 74 53.11 -11.21 6.35
N ALA C 75 52.21 -11.52 5.43
CA ALA C 75 50.81 -11.12 5.54
C ALA C 75 50.53 -10.02 6.56
N GLY C 76 50.49 -10.39 7.83
CA GLY C 76 50.23 -9.44 8.89
C GLY C 76 51.00 -8.15 8.71
N ARG C 77 52.21 -8.28 8.15
CA ARG C 77 53.05 -7.12 7.89
C ARG C 77 53.18 -6.82 6.41
N LEU C 78 52.19 -7.28 5.64
CA LEU C 78 51.92 -6.80 4.30
C LEU C 78 50.71 -5.90 4.42
N LEU C 79 49.84 -6.23 5.38
CA LEU C 79 48.75 -5.33 5.78
C LEU C 79 49.28 -3.99 6.29
N ASP C 80 50.41 -4.03 7.00
CA ASP C 80 51.09 -2.80 7.42
C ASP C 80 51.89 -2.12 6.29
N GLU C 81 51.92 -2.71 5.11
CA GLU C 81 52.51 -2.08 3.94
C GLU C 81 51.46 -1.32 3.13
N GLU C 82 50.20 -1.73 3.21
CA GLU C 82 49.15 -1.13 2.38
C GLU C 82 47.94 -0.60 3.13
N HIS C 83 48.07 -0.40 4.44
CA HIS C 83 47.02 0.25 5.26
C HIS C 83 47.67 0.82 6.49
N HIS C 84 47.32 2.03 6.92
CA HIS C 84 48.09 2.59 8.01
C HIS C 84 47.71 1.99 9.33
N GLY C 85 46.67 2.53 9.94
CA GLY C 85 46.30 2.11 11.27
C GLY C 85 45.66 0.74 11.26
N LEU C 86 44.37 0.70 11.53
CA LEU C 86 43.63 -0.54 11.50
C LEU C 86 44.34 -1.63 12.26
N GLU C 87 45.08 -1.26 13.31
CA GLU C 87 45.79 -2.23 14.14
C GLU C 87 44.86 -3.35 14.59
N LYS C 88 43.82 -2.97 15.35
CA LYS C 88 42.89 -3.95 15.87
C LYS C 88 42.19 -4.74 14.75
N VAL C 89 41.87 -4.09 13.64
CA VAL C 89 41.22 -4.78 12.54
C VAL C 89 42.08 -5.82 11.87
N LYS C 90 43.39 -5.62 11.88
CA LYS C 90 44.34 -6.60 11.31
C LYS C 90 44.46 -7.77 12.25
N GLU C 91 44.72 -7.46 13.52
CA GLU C 91 44.88 -8.50 14.53
C GLU C 91 43.76 -9.52 14.34
N ARG C 92 42.68 -9.09 13.69
CA ARG C 92 41.51 -9.95 13.49
C ARG C 92 41.44 -10.54 12.10
N ILE C 93 42.32 -10.10 11.20
CA ILE C 93 42.38 -10.67 9.87
C ILE C 93 43.29 -11.86 9.95
N LEU C 94 44.21 -11.80 10.89
CA LEU C 94 45.21 -12.84 11.05
C LEU C 94 44.61 -13.97 11.85
N GLU C 95 43.82 -13.61 12.86
CA GLU C 95 43.04 -14.61 13.57
C GLU C 95 42.30 -15.41 12.53
N TYR C 96 41.75 -14.72 11.53
CA TYR C 96 41.02 -15.40 10.47
C TYR C 96 41.93 -16.17 9.52
N LEU C 97 43.21 -16.25 9.83
CA LEU C 97 44.12 -17.01 8.99
C LEU C 97 44.82 -18.08 9.81
N ALA C 98 45.47 -17.67 10.88
CA ALA C 98 46.05 -18.63 11.80
C ALA C 98 44.99 -19.67 12.08
N VAL C 99 43.74 -19.23 12.12
CA VAL C 99 42.62 -20.14 12.24
C VAL C 99 42.42 -20.88 10.94
N GLN C 100 42.62 -20.19 9.83
CA GLN C 100 42.45 -20.82 8.54
C GLN C 100 43.44 -21.98 8.40
N LYS C 101 44.70 -21.68 8.62
CA LYS C 101 45.75 -22.66 8.38
C LYS C 101 45.35 -24.01 8.93
N LEU C 102 44.91 -24.02 10.19
CA LEU C 102 44.56 -25.26 10.85
C LEU C 102 43.37 -25.92 10.16
N THR C 103 42.20 -25.29 10.24
CA THR C 103 41.03 -25.79 9.55
C THR C 103 41.33 -25.74 8.06
N LYS C 104 42.02 -26.77 7.59
CA LYS C 104 42.48 -26.81 6.21
C LYS C 104 41.40 -26.50 5.20
N SER C 105 40.14 -26.71 5.57
CA SER C 105 39.05 -26.38 4.68
C SER C 105 38.28 -25.18 5.21
N LEU C 106 38.24 -24.12 4.40
CA LEU C 106 37.58 -22.87 4.79
C LEU C 106 36.18 -23.14 5.30
N LYS C 107 35.82 -22.52 6.42
CA LYS C 107 34.55 -22.80 7.04
C LYS C 107 33.51 -21.70 6.85
N GLY C 108 32.25 -22.08 7.03
CA GLY C 108 31.11 -21.21 6.79
C GLY C 108 31.28 -19.74 7.12
N PRO C 109 31.58 -19.42 8.38
CA PRO C 109 31.67 -18.02 8.76
C PRO C 109 32.59 -17.29 7.81
N ILE C 110 32.01 -16.47 6.94
CA ILE C 110 32.77 -15.60 6.07
C ILE C 110 32.44 -14.17 6.44
N LEU C 111 33.42 -13.28 6.40
CA LEU C 111 33.28 -12.02 7.09
C LEU C 111 32.74 -10.89 6.24
N CYS C 112 32.08 -9.95 6.90
CA CYS C 112 31.75 -8.66 6.31
C CYS C 112 32.65 -7.63 6.94
N LEU C 113 33.15 -6.72 6.11
CA LEU C 113 33.81 -5.53 6.56
C LEU C 113 32.74 -4.44 6.61
N ALA C 114 32.65 -3.73 7.74
CA ALA C 114 31.62 -2.74 7.90
C ALA C 114 32.18 -1.42 8.45
N GLY C 115 31.72 -0.31 7.88
CA GLY C 115 32.17 0.98 8.29
C GLY C 115 31.82 1.99 7.23
N PRO C 116 32.02 3.27 7.54
CA PRO C 116 31.71 4.35 6.59
C PRO C 116 32.46 4.04 5.34
N PRO C 117 31.96 4.48 4.19
CA PRO C 117 32.77 4.24 2.99
C PRO C 117 34.09 5.06 3.05
N GLY C 118 35.13 4.52 2.41
CA GLY C 118 36.42 5.18 2.38
C GLY C 118 37.30 4.96 3.59
N VAL C 119 37.21 3.76 4.17
CA VAL C 119 38.04 3.45 5.32
C VAL C 119 38.89 2.27 4.96
N GLY C 120 38.59 1.63 3.84
CA GLY C 120 39.48 0.64 3.28
C GLY C 120 38.93 -0.73 3.12
N LYS C 121 37.65 -0.90 3.39
CA LYS C 121 37.05 -2.22 3.32
C LYS C 121 37.47 -2.95 2.03
N THR C 122 37.22 -2.34 0.89
CA THR C 122 37.56 -2.95 -0.38
C THR C 122 39.04 -3.33 -0.45
N SER C 123 39.92 -2.37 -0.12
CA SER C 123 41.35 -2.59 -0.13
C SER C 123 41.84 -3.72 0.79
N LEU C 124 41.36 -3.74 2.02
CA LEU C 124 41.71 -4.81 2.97
C LEU C 124 41.49 -6.15 2.29
N ALA C 125 40.33 -6.31 1.66
CA ALA C 125 40.03 -7.55 1.00
C ALA C 125 41.09 -7.80 -0.05
N LYS C 126 41.22 -6.91 -1.02
CA LYS C 126 42.26 -7.11 -2.05
C LYS C 126 43.55 -7.56 -1.40
N SER C 127 43.85 -6.96 -0.28
CA SER C 127 45.10 -7.24 0.40
C SER C 127 45.06 -8.56 1.17
N ILE C 128 43.89 -8.96 1.66
CA ILE C 128 43.76 -10.25 2.32
C ILE C 128 44.25 -11.23 1.28
N ALA C 129 43.76 -11.05 0.07
CA ALA C 129 43.98 -12.01 -0.98
C ALA C 129 45.42 -11.94 -1.52
N LYS C 130 45.96 -10.73 -1.61
CA LYS C 130 47.34 -10.57 -2.03
C LYS C 130 48.16 -11.52 -1.17
N SER C 131 47.91 -11.50 0.14
CA SER C 131 48.57 -12.40 1.09
C SER C 131 48.36 -13.88 0.77
N LEU C 132 47.13 -14.28 0.47
CA LEU C 132 46.85 -15.68 0.20
C LEU C 132 47.20 -16.08 -1.23
N GLY C 133 47.61 -15.09 -2.02
CA GLY C 133 47.98 -15.34 -3.40
C GLY C 133 46.86 -15.96 -4.20
N ARG C 134 45.62 -15.73 -3.78
CA ARG C 134 44.47 -16.14 -4.56
C ARG C 134 44.12 -14.97 -5.43
N LYS C 135 43.47 -15.22 -6.57
CA LYS C 135 43.04 -14.13 -7.42
C LYS C 135 41.86 -13.40 -6.77
N PHE C 136 41.64 -12.15 -7.12
CA PHE C 136 40.62 -11.31 -6.48
C PHE C 136 39.50 -10.85 -7.44
N VAL C 137 38.26 -10.93 -6.96
CA VAL C 137 37.15 -10.42 -7.76
C VAL C 137 36.13 -9.60 -6.97
N ARG C 138 35.91 -8.39 -7.45
CA ARG C 138 34.82 -7.56 -6.97
C ARG C 138 33.57 -8.06 -7.65
N ILE C 139 32.49 -8.17 -6.89
CA ILE C 139 31.19 -8.54 -7.46
C ILE C 139 30.09 -7.67 -6.84
N SER C 140 29.71 -6.62 -7.55
CA SER C 140 28.87 -5.60 -6.94
C SER C 140 27.45 -6.08 -6.81
N LEU C 141 26.82 -5.81 -5.67
CA LEU C 141 25.43 -6.26 -5.42
C LEU C 141 24.43 -5.12 -5.25
N GLY C 142 24.64 -4.03 -5.99
CA GLY C 142 23.73 -2.89 -5.97
C GLY C 142 22.34 -3.10 -6.55
N GLY C 143 22.17 -4.15 -7.36
CA GLY C 143 20.88 -4.45 -7.96
C GLY C 143 19.93 -5.18 -7.03
N ARG C 164 24.59 -14.73 -10.56
CA ARG C 164 25.54 -13.72 -11.02
C ARG C 164 27.00 -13.95 -10.56
N ILE C 165 27.19 -14.99 -9.75
CA ILE C 165 28.53 -15.49 -9.47
C ILE C 165 28.95 -16.22 -10.71
N ILE C 166 27.93 -16.64 -11.46
CA ILE C 166 28.07 -17.22 -12.78
C ILE C 166 29.36 -16.66 -13.34
N GLN C 167 29.33 -15.36 -13.59
CA GLN C 167 30.47 -14.63 -14.12
C GLN C 167 31.69 -14.83 -13.24
N GLY C 168 31.63 -14.28 -12.04
CA GLY C 168 32.69 -14.44 -11.07
C GLY C 168 33.87 -15.28 -11.49
N MET C 169 33.72 -16.61 -11.38
CA MET C 169 34.83 -17.52 -11.67
C MET C 169 35.48 -17.19 -13.01
N LYS C 170 34.66 -17.01 -14.04
CA LYS C 170 35.17 -16.72 -15.37
C LYS C 170 36.22 -15.63 -15.29
N LYS C 171 35.87 -14.54 -14.64
CA LYS C 171 36.77 -13.41 -14.51
C LYS C 171 38.01 -13.79 -13.69
N ALA C 172 38.16 -15.07 -13.37
CA ALA C 172 39.34 -15.51 -12.63
C ALA C 172 39.76 -16.96 -12.91
N GLY C 173 39.19 -17.55 -13.95
CA GLY C 173 39.54 -18.89 -14.40
C GLY C 173 40.44 -19.73 -13.50
N LYS C 174 40.20 -19.64 -12.19
CA LYS C 174 40.96 -20.35 -11.18
C LYS C 174 40.06 -20.47 -9.97
N LEU C 175 39.61 -21.68 -9.68
CA LEU C 175 38.49 -21.90 -8.77
C LEU C 175 38.76 -21.54 -7.32
N ASN C 176 40.00 -21.17 -7.02
CA ASN C 176 40.34 -20.74 -5.67
C ASN C 176 40.55 -19.24 -5.58
N PRO C 177 39.44 -18.49 -5.47
CA PRO C 177 39.51 -17.03 -5.54
C PRO C 177 39.26 -16.32 -4.22
N VAL C 178 38.96 -15.03 -4.37
CA VAL C 178 38.43 -14.19 -3.31
C VAL C 178 37.34 -13.34 -3.95
N PHE C 179 36.11 -13.75 -3.72
CA PHE C 179 34.99 -12.94 -4.07
C PHE C 179 34.78 -11.92 -2.98
N LEU C 180 34.53 -10.69 -3.41
CA LEU C 180 34.15 -9.65 -2.48
C LEU C 180 32.73 -9.24 -2.80
N LEU C 181 31.76 -9.83 -2.10
CA LEU C 181 30.39 -9.40 -2.25
C LEU C 181 30.33 -7.96 -1.78
N ASP C 182 30.57 -7.02 -2.70
CA ASP C 182 30.85 -5.66 -2.26
C ASP C 182 29.73 -5.13 -1.41
N GLU C 183 28.62 -4.76 -2.03
CA GLU C 183 27.56 -4.17 -1.25
C GLU C 183 26.40 -5.15 -1.04
N ILE C 184 26.33 -5.80 0.13
CA ILE C 184 25.12 -6.57 0.50
C ILE C 184 24.25 -5.77 1.45
N ASP C 185 23.51 -4.82 0.90
CA ASP C 185 22.68 -3.96 1.71
C ASP C 185 22.04 -2.90 0.84
N LYS C 186 22.52 -2.80 -0.39
CA LYS C 186 21.79 -2.04 -1.39
C LYS C 186 21.01 -3.06 -2.19
N MET C 187 20.31 -3.93 -1.48
CA MET C 187 19.49 -4.98 -2.08
C MET C 187 17.98 -4.80 -1.83
N SER C 188 17.25 -4.41 -2.88
CA SER C 188 15.81 -4.19 -2.82
C SER C 188 15.39 -3.38 -1.61
N ALA C 198 18.02 -14.06 0.67
CA ALA C 198 17.41 -14.91 -0.34
C ALA C 198 18.43 -15.77 -1.13
N MET C 199 19.68 -15.31 -1.19
CA MET C 199 20.73 -16.01 -1.95
C MET C 199 21.43 -17.09 -1.14
N LEU C 200 21.28 -16.98 0.17
CA LEU C 200 21.88 -17.89 1.13
C LEU C 200 22.60 -19.06 0.47
N GLU C 201 21.82 -19.89 -0.23
CA GLU C 201 22.35 -21.05 -0.94
C GLU C 201 23.83 -20.97 -1.25
N VAL C 202 24.30 -19.81 -1.68
CA VAL C 202 25.67 -19.62 -2.11
C VAL C 202 26.70 -19.68 -0.98
N LEU C 203 26.26 -19.46 0.25
CA LEU C 203 27.17 -19.38 1.39
C LEU C 203 26.94 -20.48 2.45
N ASP C 204 25.72 -20.99 2.52
CA ASP C 204 25.38 -22.00 3.52
C ASP C 204 26.41 -23.12 3.52
N PRO C 205 27.22 -23.20 4.60
CA PRO C 205 28.31 -24.16 4.75
C PRO C 205 27.91 -25.56 4.28
N GLU C 206 26.69 -25.97 4.61
CA GLU C 206 26.20 -27.28 4.22
C GLU C 206 26.00 -27.35 2.70
N GLN C 207 25.45 -26.30 2.12
CA GLN C 207 25.03 -26.33 0.72
C GLN C 207 26.05 -25.75 -0.26
N ASN C 208 26.70 -24.67 0.14
CA ASN C 208 27.67 -23.98 -0.72
C ASN C 208 28.56 -24.93 -1.51
N SER C 209 28.85 -26.08 -0.92
CA SER C 209 29.61 -27.12 -1.60
C SER C 209 29.00 -27.41 -2.96
N SER C 210 27.78 -27.95 -2.96
CA SER C 210 27.06 -28.20 -4.19
C SER C 210 26.34 -26.93 -4.62
N PHE C 211 26.80 -26.35 -5.72
CA PHE C 211 26.26 -25.07 -6.16
C PHE C 211 25.55 -25.19 -7.51
N SER C 212 24.36 -24.61 -7.59
CA SER C 212 23.54 -24.67 -8.79
C SER C 212 23.45 -23.30 -9.42
N ASP C 213 22.90 -23.25 -10.64
CA ASP C 213 22.57 -21.98 -11.29
C ASP C 213 21.80 -22.21 -12.59
N HIS C 214 20.62 -21.62 -12.67
CA HIS C 214 19.80 -21.73 -13.87
C HIS C 214 20.62 -21.33 -15.09
N TYR C 215 20.09 -21.61 -16.28
CA TYR C 215 20.74 -21.22 -17.52
C TYR C 215 22.15 -21.79 -17.59
N ILE C 216 22.35 -22.91 -16.92
CA ILE C 216 23.64 -23.59 -16.88
C ILE C 216 23.54 -24.76 -15.92
N GLU C 217 22.34 -24.96 -15.38
CA GLU C 217 22.07 -25.99 -14.38
C GLU C 217 23.12 -27.09 -14.32
N GLU C 218 23.97 -27.02 -13.31
CA GLU C 218 24.87 -28.13 -12.99
C GLU C 218 25.64 -27.82 -11.72
N THR C 219 25.60 -28.76 -10.78
CA THR C 219 26.25 -28.58 -9.50
C THR C 219 27.65 -28.04 -9.69
N PHE C 220 28.17 -27.37 -8.65
CA PHE C 220 29.52 -26.83 -8.70
C PHE C 220 30.09 -26.69 -7.29
N ASP C 221 31.38 -26.99 -7.16
CA ASP C 221 32.03 -26.99 -5.86
C ASP C 221 32.71 -25.65 -5.56
N LEU C 222 32.33 -25.02 -4.46
CA LEU C 222 32.91 -23.75 -4.05
C LEU C 222 33.64 -23.90 -2.72
N SER C 223 34.13 -25.09 -2.46
CA SER C 223 34.83 -25.38 -1.21
C SER C 223 35.80 -24.27 -0.88
N LYS C 224 36.87 -24.18 -1.65
CA LYS C 224 37.91 -23.19 -1.41
C LYS C 224 37.60 -21.88 -2.14
N VAL C 225 36.79 -21.03 -1.51
CA VAL C 225 36.46 -19.74 -2.09
C VAL C 225 36.29 -18.66 -1.03
N LEU C 226 37.36 -17.95 -0.68
CA LEU C 226 37.30 -16.92 0.36
C LEU C 226 36.29 -15.83 0.00
N PHE C 227 35.17 -15.80 0.72
CA PHE C 227 34.14 -14.79 0.49
C PHE C 227 34.31 -13.64 1.48
N ILE C 228 34.09 -12.41 1.00
CA ILE C 228 34.15 -11.24 1.88
C ILE C 228 33.11 -10.20 1.49
N ALA C 229 32.57 -9.49 2.47
CA ALA C 229 31.49 -8.56 2.22
C ALA C 229 31.80 -7.16 2.73
N THR C 230 31.40 -6.14 1.96
CA THR C 230 31.50 -4.76 2.40
C THR C 230 30.11 -4.35 2.88
N ALA C 231 30.01 -3.21 3.56
CA ALA C 231 28.73 -2.79 4.13
C ALA C 231 28.81 -1.52 4.98
N ASN C 232 27.69 -0.79 5.01
CA ASN C 232 27.58 0.46 5.76
C ASN C 232 26.48 0.39 6.82
N ASN C 233 25.24 0.63 6.39
CA ASN C 233 24.10 0.52 7.28
C ASN C 233 23.76 -0.95 7.48
N LEU C 234 24.30 -1.52 8.55
CA LEU C 234 24.15 -2.94 8.85
C LEU C 234 22.70 -3.39 8.86
N ALA C 235 21.78 -2.43 8.80
CA ALA C 235 20.36 -2.75 8.77
C ALA C 235 20.03 -3.53 7.51
N THR C 236 19.79 -2.83 6.42
CA THR C 236 19.29 -3.44 5.19
C THR C 236 19.72 -4.88 4.95
N ILE C 237 20.89 -5.25 5.46
CA ILE C 237 21.28 -6.66 5.51
C ILE C 237 20.17 -7.53 6.11
N PRO C 238 19.93 -8.69 5.49
CA PRO C 238 18.92 -9.64 5.95
C PRO C 238 19.36 -10.40 7.19
N GLY C 239 18.61 -10.28 8.28
CA GLY C 239 18.86 -11.05 9.49
C GLY C 239 19.44 -12.42 9.21
N PRO C 240 18.80 -13.17 8.31
CA PRO C 240 19.29 -14.47 7.85
C PRO C 240 20.78 -14.45 7.54
N LEU C 241 21.20 -13.48 6.72
CA LEU C 241 22.61 -13.37 6.30
C LEU C 241 23.55 -12.92 7.42
N ARG C 242 23.22 -11.80 8.06
CA ARG C 242 24.06 -11.24 9.13
C ARG C 242 24.46 -12.30 10.16
N ASP C 243 23.74 -13.40 10.22
CA ASP C 243 24.05 -14.48 11.16
C ASP C 243 24.96 -15.49 10.50
N ARG C 244 24.81 -15.65 9.19
CA ARG C 244 25.66 -16.54 8.41
C ARG C 244 27.07 -15.98 8.28
N MET C 245 27.26 -14.72 8.65
CA MET C 245 28.52 -14.05 8.44
C MET C 245 29.09 -13.42 9.72
N GLU C 246 30.42 -13.47 9.89
CA GLU C 246 31.12 -12.88 11.03
C GLU C 246 31.53 -11.45 10.71
N ILE C 247 31.29 -10.52 11.64
CA ILE C 247 31.44 -9.10 11.33
C ILE C 247 32.68 -8.41 11.92
N ILE C 248 33.30 -7.55 11.11
CA ILE C 248 34.39 -6.70 11.57
C ILE C 248 34.10 -5.23 11.27
N ASN C 249 34.28 -4.36 12.25
CA ASN C 249 34.09 -2.94 12.02
C ASN C 249 35.36 -2.13 11.82
N ILE C 250 35.48 -1.52 10.65
CA ILE C 250 36.49 -0.50 10.44
C ILE C 250 35.87 0.82 10.86
N ALA C 251 36.70 1.69 11.45
CA ALA C 251 36.12 2.68 12.35
C ALA C 251 36.03 4.10 11.82
N GLY C 252 37.02 4.49 11.04
CA GLY C 252 37.20 5.89 10.76
C GLY C 252 38.56 6.27 11.30
N TYR C 253 38.85 7.56 11.40
CA TYR C 253 40.22 7.96 11.64
C TYR C 253 40.39 9.33 12.33
N THR C 254 41.36 9.41 13.24
CA THR C 254 41.72 10.66 13.91
C THR C 254 42.45 11.54 12.96
N GLU C 255 42.37 12.86 13.15
CA GLU C 255 43.12 13.76 12.28
C GLU C 255 44.51 13.18 12.12
N ILE C 256 45.16 12.92 13.25
CA ILE C 256 46.46 12.29 13.27
C ILE C 256 46.53 11.13 12.27
N GLU C 257 45.65 10.14 12.42
CA GLU C 257 45.69 8.98 11.55
C GLU C 257 45.62 9.37 10.06
N LYS C 258 44.58 10.08 9.69
CA LYS C 258 44.40 10.51 8.30
C LYS C 258 45.72 11.06 7.76
N LEU C 259 46.28 11.99 8.52
CA LEU C 259 47.52 12.66 8.13
C LEU C 259 48.57 11.69 7.72
N GLU C 260 48.80 10.69 8.56
CA GLU C 260 49.80 9.71 8.23
C GLU C 260 49.35 8.92 7.02
N ILE C 261 48.08 8.55 6.95
CA ILE C 261 47.61 7.85 5.75
C ILE C 261 47.94 8.66 4.48
N VAL C 262 47.63 9.95 4.49
CA VAL C 262 48.02 10.82 3.42
C VAL C 262 49.52 10.65 3.08
N LYS C 263 50.39 10.85 4.06
CA LYS C 263 51.83 10.93 3.82
C LYS C 263 52.49 9.65 3.32
N ASP C 264 52.16 8.52 3.95
CA ASP C 264 52.91 7.29 3.73
C ASP C 264 52.22 6.39 2.73
N HIS C 265 50.96 6.68 2.40
CA HIS C 265 50.29 5.92 1.34
C HIS C 265 49.56 6.77 0.30
N LEU C 266 48.62 7.59 0.76
CA LEU C 266 47.76 8.34 -0.15
C LEU C 266 48.50 9.15 -1.20
N LEU C 267 49.27 10.12 -0.75
CA LEU C 267 50.02 10.99 -1.65
C LEU C 267 50.93 10.22 -2.64
N PRO C 268 51.95 9.54 -2.14
CA PRO C 268 52.77 8.81 -3.09
C PRO C 268 51.94 8.11 -4.15
N LYS C 269 50.95 7.33 -3.75
CA LYS C 269 50.08 6.62 -4.68
C LYS C 269 49.55 7.55 -5.77
N GLN C 270 49.10 8.74 -5.39
CA GLN C 270 48.56 9.71 -6.36
C GLN C 270 49.64 10.39 -7.19
N ILE C 271 50.79 10.66 -6.59
CA ILE C 271 51.90 11.13 -7.37
C ILE C 271 52.12 10.14 -8.46
N LYS C 272 52.49 8.93 -8.06
CA LYS C 272 52.92 7.90 -8.99
C LYS C 272 51.89 7.68 -10.07
N GLU C 273 50.62 7.90 -9.74
CA GLU C 273 49.51 7.57 -10.65
C GLU C 273 49.30 8.67 -11.66
N HIS C 274 49.54 9.90 -11.25
CA HIS C 274 49.53 11.05 -12.14
C HIS C 274 50.94 11.21 -12.71
N GLY C 275 51.59 10.08 -12.96
CA GLY C 275 53.00 10.06 -13.37
C GLY C 275 53.88 11.29 -13.08
N LEU C 276 54.45 11.36 -11.90
CA LEU C 276 55.47 12.34 -11.67
C LEU C 276 56.25 11.97 -10.43
N LYS C 277 57.36 12.68 -10.20
CA LYS C 277 58.33 12.25 -9.22
C LYS C 277 57.99 12.70 -7.82
N LYS C 278 58.45 11.96 -6.82
CA LYS C 278 58.37 12.42 -5.43
C LYS C 278 59.08 13.78 -5.30
N SER C 279 60.11 13.95 -6.12
CA SER C 279 60.88 15.17 -6.14
C SER C 279 60.13 16.26 -6.86
N ASN C 280 58.89 15.97 -7.23
CA ASN C 280 58.12 16.88 -8.08
C ASN C 280 57.17 17.75 -7.32
N LEU C 281 56.89 17.37 -6.08
CA LEU C 281 55.76 17.95 -5.36
C LEU C 281 55.73 17.45 -3.94
N GLN C 282 55.69 18.37 -3.00
CA GLN C 282 55.60 17.96 -1.61
C GLN C 282 54.59 18.87 -0.93
N LEU C 283 53.78 18.33 -0.02
CA LEU C 283 52.93 19.20 0.78
C LEU C 283 53.30 19.15 2.25
N ARG C 284 53.40 20.34 2.82
CA ARG C 284 53.88 20.46 4.17
C ARG C 284 52.78 19.93 5.04
N ASP C 285 53.15 19.34 6.15
CA ASP C 285 52.18 18.76 7.04
C ASP C 285 51.01 19.71 7.25
N GLN C 286 51.27 20.92 7.74
CA GLN C 286 50.18 21.79 8.15
C GLN C 286 49.12 21.94 7.08
N ALA C 287 49.55 21.95 5.82
CA ALA C 287 48.59 22.02 4.71
C ALA C 287 47.74 20.77 4.60
N ILE C 288 48.36 19.60 4.70
CA ILE C 288 47.62 18.36 4.72
C ILE C 288 46.52 18.45 5.75
N LEU C 289 46.88 18.78 6.98
CA LEU C 289 45.91 19.04 8.02
C LEU C 289 44.77 19.94 7.53
N ASP C 290 45.14 21.12 7.03
CA ASP C 290 44.18 22.05 6.46
C ASP C 290 43.26 21.40 5.41
N ILE C 291 43.87 20.74 4.43
CA ILE C 291 43.08 20.04 3.43
C ILE C 291 41.96 19.29 4.14
N ILE C 292 42.34 18.61 5.23
CA ILE C 292 41.41 17.79 5.98
C ILE C 292 40.34 18.60 6.71
N ARG C 293 40.77 19.40 7.68
CA ARG C 293 39.84 20.16 8.48
C ARG C 293 38.87 20.94 7.62
N TYR C 294 39.34 21.50 6.51
CA TYR C 294 38.56 22.48 5.75
C TYR C 294 37.97 22.03 4.38
N TYR C 295 38.38 20.87 3.86
CA TYR C 295 37.85 20.40 2.57
C TYR C 295 37.27 19.00 2.64
N THR C 296 37.31 18.40 3.83
CA THR C 296 36.71 17.09 4.02
C THR C 296 36.11 16.97 5.40
N ARG C 297 34.81 16.71 5.44
CA ARG C 297 34.25 16.23 6.69
C ARG C 297 33.69 14.84 6.43
N GLU C 298 34.59 13.88 6.32
CA GLU C 298 34.19 12.50 6.14
C GLU C 298 34.81 11.74 7.27
N ALA C 299 34.47 10.48 7.41
CA ALA C 299 35.13 9.62 8.38
C ALA C 299 36.20 8.77 7.71
N GLY C 300 35.95 8.45 6.43
CA GLY C 300 36.89 7.73 5.60
C GLY C 300 37.98 8.66 5.11
N VAL C 301 38.62 8.30 3.99
CA VAL C 301 39.55 9.23 3.34
C VAL C 301 39.34 9.41 1.86
N ARG C 302 38.14 9.16 1.36
CA ARG C 302 37.90 9.25 -0.09
C ARG C 302 37.94 10.69 -0.57
N SER C 303 37.18 11.54 0.09
CA SER C 303 37.17 12.96 -0.24
C SER C 303 38.59 13.47 -0.14
N LEU C 304 39.36 12.90 0.80
CA LEU C 304 40.77 13.29 1.02
C LEU C 304 41.62 12.95 -0.18
N GLU C 305 41.35 11.78 -0.74
CA GLU C 305 42.13 11.30 -1.84
C GLU C 305 41.83 12.18 -3.00
N ARG C 306 40.56 12.52 -3.18
CA ARG C 306 40.16 13.31 -4.33
C ARG C 306 40.76 14.70 -4.34
N GLN C 307 40.92 15.27 -3.16
CA GLN C 307 41.50 16.59 -3.09
C GLN C 307 43.00 16.49 -3.29
N LEU C 308 43.59 15.37 -2.87
CA LEU C 308 45.01 15.15 -3.16
C LEU C 308 45.19 15.17 -4.65
N ALA C 309 44.53 14.26 -5.35
CA ALA C 309 44.63 14.22 -6.80
C ALA C 309 44.46 15.61 -7.43
N ALA C 310 43.40 16.31 -7.05
CA ALA C 310 43.26 17.69 -7.47
C ALA C 310 44.62 18.34 -7.62
N ILE C 311 45.41 18.25 -6.57
CA ILE C 311 46.76 18.79 -6.58
C ILE C 311 47.74 18.01 -7.46
N CYS C 312 47.84 16.70 -7.27
CA CYS C 312 48.67 15.90 -8.14
C CYS C 312 48.47 16.42 -9.56
N ARG C 313 47.23 16.71 -9.94
CA ARG C 313 46.88 17.21 -11.26
C ARG C 313 47.44 18.60 -11.51
N LYS C 314 46.92 19.59 -10.79
CA LYS C 314 47.43 20.95 -10.87
C LYS C 314 48.95 20.96 -10.93
N ALA C 315 49.56 20.08 -10.12
CA ALA C 315 51.02 19.92 -10.08
C ALA C 315 51.57 19.67 -11.47
N ALA C 316 51.22 18.53 -12.01
CA ALA C 316 51.62 18.15 -13.35
C ALA C 316 51.61 19.27 -14.38
N LYS C 317 50.46 19.87 -14.63
CA LYS C 317 50.43 20.92 -15.64
C LYS C 317 51.60 21.87 -15.47
N ALA C 318 52.01 22.13 -14.23
CA ALA C 318 53.21 22.91 -14.03
C ALA C 318 54.42 22.15 -14.61
N ILE C 319 54.67 20.96 -14.08
CA ILE C 319 55.84 20.20 -14.46
C ILE C 319 56.05 20.10 -15.98
N VAL C 320 54.97 20.22 -16.74
CA VAL C 320 55.09 20.13 -18.20
C VAL C 320 55.37 21.49 -18.82
N ALA C 321 54.55 22.49 -18.51
CA ALA C 321 54.82 23.85 -18.95
C ALA C 321 56.03 24.41 -18.21
N GLU C 322 55.80 25.21 -17.17
CA GLU C 322 56.89 25.80 -16.38
C GLU C 322 58.13 24.89 -16.22
N GLU C 323 57.90 23.59 -16.13
CA GLU C 323 58.98 22.59 -16.07
C GLU C 323 59.69 22.54 -14.72
N ARG C 324 59.51 23.58 -13.90
CA ARG C 324 60.03 23.60 -12.54
C ARG C 324 60.01 22.20 -11.98
N LYS C 325 61.16 21.69 -11.55
CA LYS C 325 61.20 20.30 -11.13
C LYS C 325 60.53 20.08 -9.76
N ARG C 326 60.11 21.16 -9.13
CA ARG C 326 59.51 21.04 -7.80
C ARG C 326 58.31 21.97 -7.59
N ILE C 327 57.37 21.50 -6.78
CA ILE C 327 56.13 22.21 -6.44
C ILE C 327 55.84 21.99 -4.97
N THR C 328 55.91 23.06 -4.18
CA THR C 328 55.67 22.92 -2.74
C THR C 328 54.40 23.62 -2.30
N VAL C 329 53.35 22.83 -2.09
CA VAL C 329 52.08 23.34 -1.61
C VAL C 329 52.13 23.54 -0.10
N THR C 330 51.78 24.74 0.35
CA THR C 330 51.85 25.10 1.75
C THR C 330 50.51 25.59 2.29
N GLU C 331 50.46 25.88 3.58
CA GLU C 331 49.22 26.33 4.22
C GLU C 331 48.71 27.66 3.67
N LYS C 332 49.53 28.32 2.84
CA LYS C 332 49.13 29.56 2.20
C LYS C 332 48.77 29.30 0.74
N ASN C 333 49.54 28.42 0.11
CA ASN C 333 49.29 28.03 -1.26
C ASN C 333 47.94 27.36 -1.45
N LEU C 334 47.48 26.68 -0.41
CA LEU C 334 46.44 25.68 -0.58
C LEU C 334 45.35 26.15 -1.55
N GLN C 335 44.91 27.40 -1.37
CA GLN C 335 43.81 27.96 -2.16
C GLN C 335 44.12 27.98 -3.66
N ASP C 336 45.41 28.08 -3.96
CA ASP C 336 45.87 28.10 -5.34
C ASP C 336 45.93 26.70 -5.91
N PHE C 337 45.23 25.75 -5.29
CA PHE C 337 45.20 24.38 -5.80
C PHE C 337 43.82 23.77 -5.75
N ILE C 338 43.22 23.81 -4.56
CA ILE C 338 41.94 23.11 -4.34
C ILE C 338 40.71 23.99 -4.13
N GLY C 339 40.86 25.29 -4.40
CA GLY C 339 39.76 26.21 -4.28
C GLY C 339 39.77 26.89 -2.93
N LYS C 340 38.64 27.50 -2.56
CA LYS C 340 38.50 28.16 -1.26
C LYS C 340 38.06 27.14 -0.22
N ARG C 341 38.05 27.52 1.05
CA ARG C 341 37.62 26.62 2.13
C ARG C 341 36.20 26.09 1.90
N ILE C 342 35.89 24.90 2.39
CA ILE C 342 34.63 24.26 2.03
C ILE C 342 33.72 23.92 3.21
N PHE C 343 34.31 23.56 4.34
CA PHE C 343 33.57 23.33 5.58
C PHE C 343 34.05 24.28 6.66
N ARG C 344 33.15 24.68 7.54
CA ARG C 344 33.54 25.51 8.67
C ARG C 344 34.05 24.55 9.73
N TYR C 345 35.24 24.85 10.26
CA TYR C 345 35.82 24.04 11.33
C TYR C 345 36.02 24.89 12.55
N GLY C 346 35.23 24.65 13.58
CA GLY C 346 35.43 25.33 14.84
C GLY C 346 34.44 26.45 15.10
N GLN C 347 34.31 26.76 16.38
CA GLN C 347 33.42 27.80 16.83
C GLN C 347 34.18 29.10 16.89
N ALA C 348 35.36 29.11 16.30
CA ALA C 348 36.04 30.37 16.06
C ALA C 348 35.07 31.24 15.28
N GLU C 349 34.37 30.60 14.35
CA GLU C 349 33.46 31.29 13.43
C GLU C 349 32.12 31.68 14.08
N THR C 350 31.53 30.73 14.79
CA THR C 350 30.11 30.78 15.14
C THR C 350 29.81 31.44 16.50
N GLU C 351 28.62 32.02 16.66
CA GLU C 351 28.19 32.56 17.96
C GLU C 351 27.04 31.76 18.61
N ASP C 352 27.01 31.66 19.94
CA ASP C 352 26.03 30.86 20.68
C ASP C 352 24.57 31.13 20.31
N GLN C 353 23.72 30.10 20.41
CA GLN C 353 22.31 30.24 20.01
C GLN C 353 21.35 29.86 21.12
N VAL C 354 20.05 29.93 20.82
CA VAL C 354 18.98 29.70 21.80
C VAL C 354 18.11 28.52 21.42
N GLY C 355 17.70 27.72 22.40
CA GLY C 355 16.88 26.56 22.13
C GLY C 355 17.42 25.79 20.95
N VAL C 356 18.76 25.74 20.84
CA VAL C 356 19.45 25.03 19.77
C VAL C 356 20.73 24.31 20.22
N VAL C 357 20.68 22.99 20.26
CA VAL C 357 21.75 22.17 20.78
C VAL C 357 22.35 21.36 19.66
N THR C 358 23.62 21.01 19.80
CA THR C 358 24.37 20.24 18.82
C THR C 358 24.63 18.83 19.36
N GLY C 359 23.83 17.88 18.91
CA GLY C 359 23.97 16.52 19.40
C GLY C 359 24.87 15.70 18.52
N LEU C 360 25.73 14.90 19.12
CA LEU C 360 26.51 13.94 18.36
C LEU C 360 25.66 12.71 18.04
N ALA C 361 25.55 12.38 16.77
CA ALA C 361 24.76 11.25 16.32
C ALA C 361 25.56 10.24 15.54
N TYR C 362 25.08 9.02 15.51
CA TYR C 362 25.78 7.95 14.83
C TYR C 362 25.19 7.70 13.41
N THR C 363 25.68 8.45 12.42
CA THR C 363 25.32 8.21 11.02
C THR C 363 25.96 6.93 10.49
N THR C 364 25.24 6.27 9.57
CA THR C 364 25.79 5.14 8.83
C THR C 364 27.18 5.49 8.28
N VAL C 365 27.51 6.77 8.28
CA VAL C 365 28.78 7.19 7.75
C VAL C 365 29.65 7.94 8.77
N GLY C 366 29.44 7.65 10.04
CA GLY C 366 30.37 8.12 11.04
C GLY C 366 29.73 8.99 12.09
N GLY C 367 30.54 9.63 12.91
CA GLY C 367 30.01 10.60 13.82
C GLY C 367 29.55 11.79 12.99
N ASP C 368 28.43 12.39 13.39
CA ASP C 368 27.96 13.61 12.74
C ASP C 368 27.42 14.58 13.76
N THR C 369 27.10 15.78 13.31
CA THR C 369 26.81 16.87 14.22
C THR C 369 25.51 17.52 13.78
N LEU C 370 24.43 16.80 14.04
CA LEU C 370 23.11 17.28 13.72
C LEU C 370 22.59 18.18 14.84
N SER C 371 22.01 19.31 14.46
CA SER C 371 21.53 20.26 15.44
C SER C 371 20.01 20.18 15.63
N ILE C 372 19.57 20.02 16.86
CA ILE C 372 18.15 20.04 17.17
C ILE C 372 17.71 21.45 17.51
N GLU C 373 16.51 21.84 17.09
CA GLU C 373 15.96 23.19 17.34
C GLU C 373 14.57 23.13 17.97
N VAL C 374 14.21 24.16 18.74
CA VAL C 374 12.86 24.27 19.30
C VAL C 374 12.25 25.68 19.19
N SER C 375 10.97 25.76 18.82
CA SER C 375 10.36 27.06 18.58
C SER C 375 9.10 27.22 19.40
N LEU C 376 8.84 28.43 19.84
CA LEU C 376 7.72 28.68 20.74
C LEU C 376 6.63 29.51 20.11
N SER C 377 5.47 28.89 19.93
CA SER C 377 4.29 29.58 19.44
C SER C 377 3.14 29.31 20.39
N PRO C 378 2.37 30.36 20.70
CA PRO C 378 1.19 30.28 21.56
C PRO C 378 0.29 29.09 21.21
N GLY C 379 -0.49 28.60 22.17
CA GLY C 379 -1.44 27.52 21.90
C GLY C 379 -1.76 26.55 23.03
N LYS C 380 -1.71 25.26 22.73
CA LYS C 380 -2.03 24.23 23.70
C LYS C 380 -0.82 23.35 24.00
N GLY C 381 -0.87 22.58 25.07
CA GLY C 381 0.23 21.74 25.48
C GLY C 381 0.77 20.82 24.41
N LYS C 382 0.00 20.62 23.34
CA LYS C 382 0.41 19.77 22.22
C LYS C 382 1.78 20.18 21.74
N LEU C 383 2.56 19.21 21.26
CA LEU C 383 3.87 19.50 20.67
C LEU C 383 4.00 18.73 19.37
N ILE C 384 4.22 19.45 18.28
CA ILE C 384 4.41 18.81 16.99
C ILE C 384 5.86 18.94 16.55
N LEU C 385 6.46 17.83 16.14
CA LEU C 385 7.85 17.83 15.74
C LEU C 385 8.01 17.54 14.26
N THR C 386 9.10 18.02 13.69
CA THR C 386 9.36 17.94 12.26
C THR C 386 10.56 17.04 11.97
N GLY C 387 10.95 16.95 10.71
CA GLY C 387 12.05 16.10 10.31
C GLY C 387 11.57 14.66 10.21
N LYS C 388 12.41 13.73 10.64
CA LYS C 388 12.00 12.33 10.61
C LYS C 388 10.68 12.18 11.34
N LEU C 389 9.72 11.57 10.67
CA LEU C 389 8.38 11.38 11.23
C LEU C 389 8.47 10.83 12.65
N GLY C 390 9.46 9.98 12.88
CA GLY C 390 9.80 9.51 14.20
C GLY C 390 8.67 9.20 15.17
N ASP C 391 8.32 7.93 15.27
CA ASP C 391 7.45 7.51 16.34
C ASP C 391 8.34 7.19 17.52
N VAL C 392 9.61 6.89 17.23
CA VAL C 392 10.61 6.61 18.26
C VAL C 392 10.95 7.90 19.00
N MET C 393 10.89 9.01 18.28
CA MET C 393 11.27 10.31 18.83
C MET C 393 10.24 10.85 19.80
N ARG C 394 8.98 10.84 19.40
CA ARG C 394 7.92 11.37 20.25
C ARG C 394 8.06 10.85 21.68
N GLU C 395 8.17 9.54 21.84
CA GLU C 395 8.37 8.98 23.16
C GLU C 395 9.42 9.78 23.93
N SER C 396 10.61 9.91 23.37
CA SER C 396 11.68 10.66 24.02
C SER C 396 11.31 12.13 24.16
N ALA C 397 10.93 12.76 23.05
CA ALA C 397 10.55 14.17 23.09
C ALA C 397 9.60 14.42 24.26
N GLN C 398 8.41 13.83 24.19
CA GLN C 398 7.41 14.01 25.24
C GLN C 398 7.88 13.35 26.54
N ALA C 399 9.17 13.45 26.81
CA ALA C 399 9.74 12.94 28.04
C ALA C 399 10.72 13.96 28.57
N ALA C 400 11.50 14.53 27.68
CA ALA C 400 12.26 15.69 28.06
C ALA C 400 11.21 16.74 28.38
N PHE C 401 10.13 16.66 27.62
CA PHE C 401 9.00 17.54 27.82
C PHE C 401 8.43 17.22 29.18
N SER C 402 8.04 15.98 29.37
CA SER C 402 7.42 15.55 30.62
C SER C 402 8.36 15.69 31.80
N TYR C 403 9.59 16.11 31.56
CA TYR C 403 10.51 16.39 32.65
C TYR C 403 10.31 17.82 33.14
N VAL C 404 10.63 18.79 32.28
CA VAL C 404 10.35 20.19 32.54
C VAL C 404 8.93 20.36 33.09
N ARG C 405 8.00 19.50 32.66
CA ARG C 405 6.67 19.51 33.26
C ARG C 405 6.81 19.58 34.77
N SER C 406 7.66 18.72 35.33
CA SER C 406 7.90 18.70 36.76
C SER C 406 8.81 19.85 37.17
N LYS C 407 10.05 19.52 37.53
CA LYS C 407 11.02 20.52 37.98
C LYS C 407 10.97 21.81 37.17
N THR C 408 10.11 22.76 37.58
CA THR C 408 9.86 23.97 36.79
C THR C 408 10.45 25.26 37.35
N GLU C 409 9.77 25.85 38.33
CA GLU C 409 10.28 27.06 38.93
C GLU C 409 11.73 26.83 39.28
N GLU C 410 12.04 25.58 39.64
CA GLU C 410 13.37 25.18 40.03
C GLU C 410 14.37 25.42 38.91
N LEU C 411 13.85 25.77 37.73
CA LEU C 411 14.67 25.85 36.53
C LEU C 411 14.58 27.23 35.89
N GLY C 412 13.63 28.03 36.37
CA GLY C 412 13.44 29.37 35.86
C GLY C 412 12.64 29.36 34.58
N ILE C 413 11.34 29.23 34.71
CA ILE C 413 10.43 29.16 33.56
C ILE C 413 8.96 29.16 34.02
N GLU C 414 8.17 30.06 33.43
CA GLU C 414 6.78 30.29 33.87
C GLU C 414 5.89 29.04 33.85
N PRO C 415 5.61 28.45 35.02
CA PRO C 415 4.90 27.18 35.14
C PRO C 415 3.61 27.16 34.32
N ASP C 416 3.09 28.32 33.98
CA ASP C 416 1.87 28.40 33.18
C ASP C 416 2.20 28.25 31.70
N PHE C 417 3.14 27.36 31.39
CA PHE C 417 3.60 27.24 30.01
C PHE C 417 3.00 26.08 29.24
N HIS C 418 3.14 24.86 29.73
CA HIS C 418 2.61 23.71 29.02
C HIS C 418 1.12 23.87 28.79
N GLU C 419 0.57 24.94 29.38
CA GLU C 419 -0.84 25.23 29.30
C GLU C 419 -1.13 26.26 28.20
N LYS C 420 -0.18 27.16 27.97
CA LYS C 420 -0.40 28.24 27.01
C LYS C 420 0.77 28.52 26.07
N TYR C 421 1.39 27.45 25.57
CA TYR C 421 2.44 27.53 24.56
C TYR C 421 2.31 26.31 23.67
N ASP C 422 2.96 26.34 22.52
CA ASP C 422 2.99 25.19 21.59
C ASP C 422 4.43 25.01 21.07
N ILE C 423 5.05 23.88 21.41
CA ILE C 423 6.48 23.70 21.17
C ILE C 423 6.78 22.88 19.92
N HIS C 424 7.64 23.42 19.07
CA HIS C 424 8.07 22.76 17.84
C HIS C 424 9.51 22.29 17.91
N ILE C 425 9.73 21.03 17.59
CA ILE C 425 11.06 20.46 17.68
C ILE C 425 11.47 19.94 16.32
N HIS C 426 12.75 20.04 16.00
CA HIS C 426 13.28 19.54 14.75
C HIS C 426 14.46 18.62 15.04
N VAL C 427 14.39 17.38 14.60
CA VAL C 427 15.50 16.44 14.84
C VAL C 427 15.97 15.89 13.50
N PRO C 428 17.02 16.49 12.94
CA PRO C 428 17.48 16.15 11.60
C PRO C 428 17.73 14.67 11.44
N GLU C 429 17.41 14.17 10.24
CA GLU C 429 17.57 12.76 9.98
C GLU C 429 19.07 12.50 9.94
N GLY C 430 19.43 11.27 10.29
CA GLY C 430 20.78 10.80 10.09
C GLY C 430 21.10 9.75 11.13
N ALA C 431 20.72 10.05 12.36
CA ALA C 431 20.98 9.13 13.45
C ALA C 431 20.36 7.82 13.08
N VAL C 432 21.07 6.73 13.31
CA VAL C 432 20.54 5.41 12.98
C VAL C 432 19.64 4.89 14.10
N PRO C 433 18.56 4.20 13.72
CA PRO C 433 17.55 3.59 14.59
C PRO C 433 18.01 3.37 16.05
N LYS C 434 18.91 2.42 16.26
CA LYS C 434 19.36 2.06 17.60
C LYS C 434 19.63 3.30 18.41
N ASP C 435 20.08 4.36 17.74
CA ASP C 435 20.62 5.55 18.41
C ASP C 435 19.62 6.70 18.51
N GLY C 436 18.40 6.49 18.03
CA GLY C 436 17.37 7.51 18.09
C GLY C 436 17.17 8.14 19.45
N PRO C 437 17.01 7.31 20.48
CA PRO C 437 16.80 7.74 21.86
C PRO C 437 17.97 8.43 22.47
N ALA C 438 19.06 8.50 21.71
CA ALA C 438 20.31 9.08 22.19
C ALA C 438 20.28 10.59 22.08
N ALA C 439 19.13 11.09 21.66
CA ALA C 439 18.94 12.52 21.47
C ALA C 439 18.12 13.15 22.59
N GLY C 440 17.80 12.36 23.60
CA GLY C 440 17.05 12.83 24.75
C GLY C 440 17.60 14.09 25.41
N ILE C 441 18.78 13.99 26.00
CA ILE C 441 19.37 15.14 26.66
C ILE C 441 19.48 16.33 25.70
N THR C 442 19.57 16.05 24.41
CA THR C 442 19.63 17.11 23.41
C THR C 442 18.32 17.90 23.30
N MET C 443 17.27 17.26 22.82
CA MET C 443 15.96 17.92 22.80
C MET C 443 15.65 18.58 24.14
N ALA C 444 15.89 17.87 25.23
CA ALA C 444 15.68 18.45 26.55
C ALA C 444 16.37 19.79 26.65
N THR C 445 17.69 19.76 26.70
CA THR C 445 18.51 20.97 26.67
C THR C 445 17.93 22.07 25.77
N ALA C 446 17.56 21.72 24.55
CA ALA C 446 17.02 22.71 23.65
C ALA C 446 15.72 23.28 24.23
N LEU C 447 14.72 22.43 24.39
CA LEU C 447 13.43 22.80 24.97
C LEU C 447 13.53 23.74 26.17
N VAL C 448 14.55 23.55 27.01
CA VAL C 448 14.76 24.44 28.14
C VAL C 448 15.37 25.73 27.66
N SER C 449 16.53 25.66 27.04
CA SER C 449 17.19 26.85 26.51
C SER C 449 16.23 27.68 25.68
N ALA C 450 15.17 27.06 25.22
CA ALA C 450 14.21 27.74 24.36
C ALA C 450 13.17 28.40 25.21
N LEU C 451 12.79 27.73 26.29
CA LEU C 451 11.74 28.23 27.19
C LEU C 451 12.27 29.32 28.09
N THR C 452 13.54 29.23 28.46
CA THR C 452 14.12 30.14 29.43
C THR C 452 14.96 31.23 28.80
N GLY C 453 14.81 31.43 27.51
CA GLY C 453 15.57 32.44 26.79
C GLY C 453 17.08 32.37 26.97
N ARG C 454 17.58 31.30 27.60
CA ARG C 454 19.02 31.16 27.82
C ARG C 454 19.78 30.97 26.53
N ALA C 455 20.71 30.02 26.46
CA ALA C 455 21.48 29.80 25.22
C ALA C 455 22.52 28.69 25.32
N VAL C 456 22.45 27.75 24.39
CA VAL C 456 23.37 26.63 24.41
C VAL C 456 24.73 27.14 24.01
N SER C 457 25.75 26.63 24.67
CA SER C 457 27.13 27.02 24.38
C SER C 457 27.56 26.34 23.11
N ARG C 458 27.73 27.13 22.05
CA ARG C 458 28.09 26.62 20.73
C ARG C 458 29.19 25.54 20.73
N GLU C 459 30.01 25.56 21.78
CA GLU C 459 31.18 24.69 21.87
C GLU C 459 30.81 23.24 22.16
N VAL C 460 29.69 23.06 22.87
CA VAL C 460 29.30 21.76 23.41
C VAL C 460 28.49 20.87 22.48
N GLY C 461 28.92 19.63 22.37
CA GLY C 461 28.15 18.63 21.68
C GLY C 461 27.72 17.63 22.72
N MET C 462 26.45 17.21 22.66
CA MET C 462 25.96 16.26 23.66
C MET C 462 25.25 15.06 23.08
N THR C 463 25.23 13.97 23.84
CA THR C 463 24.45 12.81 23.48
C THR C 463 24.05 12.06 24.73
N GLY C 464 22.79 11.62 24.81
CA GLY C 464 22.28 10.92 25.99
C GLY C 464 20.79 10.65 25.99
N GLU C 465 20.39 9.48 26.50
CA GLU C 465 18.98 9.09 26.58
C GLU C 465 18.27 9.65 27.84
N ILE C 466 17.02 10.08 27.68
CA ILE C 466 16.35 10.74 28.78
C ILE C 466 15.28 9.82 29.31
N THR C 467 14.92 10.04 30.57
CA THR C 467 13.76 9.36 31.19
C THR C 467 12.88 10.36 31.89
N LEU C 468 11.62 9.99 32.09
CA LEU C 468 10.65 10.88 32.73
C LEU C 468 11.24 11.64 33.91
N ARG C 469 11.84 10.92 34.83
CA ARG C 469 12.39 11.52 36.04
C ARG C 469 13.51 12.51 35.75
N GLY C 470 14.16 12.38 34.60
CA GLY C 470 15.30 13.22 34.26
C GLY C 470 16.61 12.47 34.25
N ARG C 471 16.52 11.15 34.35
CA ARG C 471 17.66 10.26 34.32
C ARG C 471 18.36 10.26 32.96
N VAL C 472 19.67 10.08 32.97
CA VAL C 472 20.43 10.00 31.73
C VAL C 472 21.02 8.61 31.54
N LEU C 473 20.39 7.84 30.65
CA LEU C 473 20.75 6.45 30.43
C LEU C 473 21.82 6.33 29.38
N PRO C 474 22.44 5.16 29.31
CA PRO C 474 23.61 4.85 28.46
C PRO C 474 23.35 4.98 26.96
N ILE C 475 24.40 5.37 26.24
CA ILE C 475 24.32 5.69 24.83
C ILE C 475 25.21 4.76 24.00
N GLY C 476 24.96 4.74 22.69
CA GLY C 476 25.67 3.88 21.77
C GLY C 476 26.82 4.54 21.03
N GLY C 477 27.88 3.76 20.84
CA GLY C 477 29.07 4.20 20.12
C GLY C 477 29.64 5.56 20.48
N LEU C 478 30.01 5.74 21.75
CA LEU C 478 30.59 7.02 22.11
C LEU C 478 31.86 7.27 21.29
N LYS C 479 32.58 6.20 20.93
CA LYS C 479 33.82 6.34 20.17
C LYS C 479 33.63 7.18 18.92
N GLU C 480 32.89 6.65 17.97
CA GLU C 480 32.66 7.33 16.70
C GLU C 480 32.10 8.71 16.93
N LYS C 481 31.31 8.86 17.98
CA LYS C 481 30.61 10.11 18.25
C LYS C 481 31.59 11.23 18.58
N ALA C 482 32.50 10.95 19.50
CA ALA C 482 33.49 11.95 19.93
C ALA C 482 34.52 12.12 18.83
N LEU C 483 34.77 11.03 18.12
CA LEU C 483 35.67 11.11 17.01
C LEU C 483 35.15 12.22 16.09
N GLY C 484 33.90 12.14 15.69
CA GLY C 484 33.37 13.08 14.74
C GLY C 484 33.03 14.38 15.41
N ALA C 485 33.12 14.40 16.73
CA ALA C 485 32.81 15.60 17.47
C ALA C 485 34.05 16.43 17.37
N HIS C 486 35.19 15.75 17.37
CA HIS C 486 36.50 16.39 17.32
C HIS C 486 36.70 16.92 15.90
N ARG C 487 36.19 16.17 14.92
CA ARG C 487 36.46 16.46 13.51
C ARG C 487 35.96 17.83 13.13
N ALA C 488 34.82 18.20 13.69
CA ALA C 488 34.20 19.50 13.44
C ALA C 488 34.67 20.45 14.52
N GLY C 489 35.57 19.94 15.34
CA GLY C 489 36.32 20.76 16.27
C GLY C 489 35.50 21.40 17.37
N LEU C 490 34.88 20.58 18.20
CA LEU C 490 34.16 21.09 19.36
C LEU C 490 35.07 20.95 20.56
N THR C 491 34.73 21.65 21.63
CA THR C 491 35.54 21.60 22.84
C THR C 491 35.00 20.59 23.85
N THR C 492 33.76 20.79 24.27
CA THR C 492 33.16 20.02 25.33
C THR C 492 32.15 19.06 24.75
N ILE C 493 32.05 17.88 25.36
CA ILE C 493 31.16 16.87 24.83
C ILE C 493 30.49 16.10 25.98
N ILE C 494 29.41 16.68 26.49
CA ILE C 494 28.55 16.08 27.51
C ILE C 494 27.93 14.75 27.10
N ALA C 495 28.16 13.71 27.89
CA ALA C 495 27.57 12.39 27.63
C ALA C 495 27.16 11.65 28.91
N PRO C 496 26.46 10.51 28.78
CA PRO C 496 26.03 9.72 29.93
C PRO C 496 27.14 9.33 30.87
N LYS C 497 26.87 9.45 32.17
CA LYS C 497 27.80 9.03 33.20
C LYS C 497 28.18 7.54 33.05
N ASP C 498 27.18 6.70 32.84
CA ASP C 498 27.40 5.26 32.77
C ASP C 498 28.12 4.89 31.48
N ASN C 499 28.75 5.88 30.86
CA ASN C 499 29.44 5.64 29.60
C ASN C 499 30.94 5.75 29.74
N GLU C 500 31.40 6.13 30.93
CA GLU C 500 32.81 6.39 31.20
C GLU C 500 33.74 5.25 30.80
N LYS C 501 33.36 4.02 31.10
CA LYS C 501 34.18 2.87 30.74
C LYS C 501 34.28 2.72 29.21
N ASP C 502 33.69 3.65 28.49
CA ASP C 502 33.72 3.62 27.05
C ASP C 502 34.74 4.60 26.52
N ILE C 503 35.15 5.55 27.36
CA ILE C 503 36.13 6.55 26.97
C ILE C 503 37.52 5.95 26.89
N GLU C 504 37.72 4.84 27.59
CA GLU C 504 38.98 4.14 27.52
C GLU C 504 39.47 3.96 26.08
N ASP C 505 38.66 3.35 25.23
CA ASP C 505 39.09 2.98 23.88
C ASP C 505 39.11 4.14 22.87
N ILE C 506 38.71 5.34 23.30
CA ILE C 506 38.78 6.52 22.43
C ILE C 506 40.23 6.91 22.15
N PRO C 507 40.68 6.81 20.88
CA PRO C 507 42.05 7.08 20.46
C PRO C 507 42.70 8.29 21.13
N GLU C 508 43.95 8.12 21.53
CA GLU C 508 44.70 9.13 22.26
C GLU C 508 44.41 10.54 21.74
N SER C 509 44.72 10.75 20.46
CA SER C 509 44.70 12.07 19.82
C SER C 509 43.47 12.92 20.11
N VAL C 510 42.30 12.27 20.06
CA VAL C 510 41.01 12.97 20.22
C VAL C 510 40.55 13.11 21.66
N ARG C 511 40.70 12.06 22.45
CA ARG C 511 40.46 12.13 23.88
C ARG C 511 41.29 13.27 24.50
N GLU C 512 42.34 13.70 23.79
CA GLU C 512 43.27 14.70 24.30
C GLU C 512 42.79 16.12 24.03
N GLY C 513 41.92 16.28 23.04
CA GLY C 513 41.40 17.59 22.69
C GLY C 513 39.96 17.81 23.14
N LEU C 514 39.47 16.92 23.98
CA LEU C 514 38.10 17.02 24.47
C LEU C 514 38.01 16.93 25.99
N THR C 515 37.15 17.76 26.55
CA THR C 515 36.85 17.65 27.96
C THR C 515 35.50 16.96 28.07
N PHE C 516 35.52 15.69 28.42
CA PHE C 516 34.31 14.89 28.57
C PHE C 516 33.54 15.19 29.85
N ILE C 517 32.48 15.98 29.77
CA ILE C 517 31.60 16.18 30.90
C ILE C 517 30.60 15.03 30.94
N LEU C 518 30.70 14.22 31.98
CA LEU C 518 29.77 13.08 32.15
C LEU C 518 28.64 13.42 33.12
N ALA C 519 27.45 12.90 32.83
CA ALA C 519 26.27 13.31 33.57
C ALA C 519 25.27 12.17 33.71
N SER C 520 24.43 12.28 34.74
CA SER C 520 23.42 11.28 35.07
C SER C 520 21.98 11.83 35.07
N HIS C 521 21.81 13.12 35.38
CA HIS C 521 20.51 13.76 35.30
C HIS C 521 20.59 15.02 34.48
N LEU C 522 19.45 15.44 33.93
CA LEU C 522 19.43 16.66 33.12
C LEU C 522 20.16 17.84 33.74
N ASP C 523 19.78 18.21 34.97
CA ASP C 523 20.35 19.37 35.62
C ASP C 523 21.88 19.43 35.41
N GLU C 524 22.53 18.28 35.52
CA GLU C 524 23.98 18.19 35.28
C GLU C 524 24.34 18.64 33.86
N VAL C 525 23.65 18.06 32.87
CA VAL C 525 23.78 18.47 31.48
C VAL C 525 23.47 19.96 31.34
N LEU C 526 22.26 20.37 31.75
CA LEU C 526 21.82 21.77 31.65
C LEU C 526 22.81 22.80 32.18
N GLU C 527 23.40 22.50 33.33
CA GLU C 527 24.33 23.43 33.95
C GLU C 527 25.55 23.67 33.07
N HIS C 528 26.05 22.61 32.43
CA HIS C 528 27.27 22.70 31.64
C HIS C 528 27.06 23.15 30.19
N ALA C 529 25.85 22.98 29.68
CA ALA C 529 25.59 23.24 28.27
C ALA C 529 24.88 24.58 28.04
N LEU C 530 24.35 25.16 29.12
CA LEU C 530 23.77 26.48 29.05
C LEU C 530 24.67 27.47 29.74
N VAL C 531 24.43 28.75 29.46
CA VAL C 531 25.18 29.81 30.12
C VAL C 531 24.27 30.93 30.63
N THR D 7 12.80 -20.22 -79.33
CA THR D 7 12.58 -18.87 -78.83
C THR D 7 12.70 -18.84 -77.31
N GLY D 8 11.60 -19.10 -76.62
CA GLY D 8 11.57 -19.06 -75.17
C GLY D 8 11.73 -17.65 -74.65
N GLU D 9 11.13 -17.36 -73.50
CA GLU D 9 11.25 -16.03 -72.90
C GLU D 9 12.66 -15.81 -72.35
N VAL D 10 13.61 -16.55 -72.89
CA VAL D 10 15.01 -16.41 -72.51
C VAL D 10 15.62 -15.19 -73.18
N GLN D 11 14.80 -14.45 -73.93
CA GLN D 11 15.26 -13.26 -74.63
C GLN D 11 14.42 -12.04 -74.28
N THR D 12 13.11 -12.25 -74.14
CA THR D 12 12.18 -11.17 -73.84
C THR D 12 12.76 -10.23 -72.79
N LEU D 13 13.38 -10.82 -71.77
CA LEU D 13 13.98 -10.03 -70.70
C LEU D 13 15.43 -9.71 -71.02
N THR D 14 16.25 -10.76 -71.14
CA THR D 14 17.67 -10.63 -71.40
C THR D 14 17.95 -9.51 -72.41
N GLU D 15 17.24 -9.52 -73.52
CA GLU D 15 17.43 -8.51 -74.55
C GLU D 15 17.41 -7.10 -73.96
N LYS D 16 16.28 -6.71 -73.37
CA LYS D 16 16.14 -5.38 -72.82
C LYS D 16 17.06 -5.16 -71.62
N ILE D 17 17.78 -6.20 -71.21
CA ILE D 17 18.71 -6.08 -70.09
C ILE D 17 20.02 -5.45 -70.52
N GLU D 18 20.58 -5.94 -71.63
CA GLU D 18 21.81 -5.38 -72.18
C GLU D 18 21.53 -4.03 -72.83
N GLU D 19 20.27 -3.64 -72.84
CA GLU D 19 19.82 -2.36 -73.37
C GLU D 19 20.68 -1.20 -72.84
N ALA D 20 20.65 -0.07 -73.55
CA ALA D 20 21.35 1.13 -73.11
C ALA D 20 21.10 1.37 -71.62
N GLY D 21 19.87 1.16 -71.19
CA GLY D 21 19.55 1.23 -69.78
C GLY D 21 20.27 0.12 -69.04
N MET D 22 20.72 0.42 -67.82
CA MET D 22 21.50 -0.52 -67.00
C MET D 22 23.00 -0.42 -67.30
N PRO D 23 23.59 0.76 -67.07
CA PRO D 23 25.01 1.02 -67.36
C PRO D 23 25.95 0.46 -66.30
N ASP D 24 25.85 0.96 -65.08
CA ASP D 24 26.74 0.54 -64.00
C ASP D 24 26.93 -0.97 -64.00
N HIS D 25 28.18 -1.39 -63.88
CA HIS D 25 28.52 -2.81 -63.95
C HIS D 25 28.54 -3.44 -62.56
N VAL D 26 28.73 -2.61 -61.53
CA VAL D 26 28.70 -3.09 -60.15
C VAL D 26 27.43 -3.89 -59.89
N LYS D 27 26.38 -3.57 -60.66
CA LYS D 27 25.10 -4.24 -60.53
C LYS D 27 24.96 -5.36 -61.54
N GLU D 28 25.35 -5.09 -62.78
CA GLU D 28 25.15 -6.03 -63.87
C GLU D 28 25.67 -7.41 -63.50
N THR D 29 26.68 -7.43 -62.63
CA THR D 29 27.17 -8.68 -62.08
C THR D 29 26.00 -9.43 -61.45
N ALA D 30 25.50 -8.89 -60.35
CA ALA D 30 24.34 -9.47 -59.68
C ALA D 30 23.18 -9.66 -60.66
N LEU D 31 23.24 -8.96 -61.79
CA LEU D 31 22.20 -9.05 -62.81
C LEU D 31 22.22 -10.38 -63.54
N LYS D 32 23.11 -10.50 -64.52
CA LYS D 32 23.23 -11.75 -65.29
C LYS D 32 23.43 -12.93 -64.35
N GLU D 33 23.97 -12.67 -63.16
CA GLU D 33 24.18 -13.72 -62.17
C GLU D 33 22.89 -14.47 -61.88
N LEU D 34 21.99 -13.84 -61.14
CA LEU D 34 20.68 -14.45 -60.87
C LEU D 34 19.89 -14.61 -62.17
N ASN D 35 20.47 -14.16 -63.28
CA ASN D 35 19.83 -14.27 -64.58
C ASN D 35 20.12 -15.60 -65.25
N ARG D 36 21.39 -15.83 -65.55
CA ARG D 36 21.85 -17.12 -66.06
C ARG D 36 21.58 -18.21 -65.02
N TYR D 37 20.56 -17.97 -64.19
CA TYR D 37 20.24 -18.86 -63.09
C TYR D 37 19.62 -20.16 -63.59
N GLU D 38 18.37 -20.39 -63.21
CA GLU D 38 17.71 -21.64 -63.52
C GLU D 38 16.47 -21.48 -64.39
N LYS D 39 16.64 -20.91 -65.58
CA LYS D 39 15.56 -20.94 -66.55
C LYS D 39 15.20 -22.40 -66.72
N ILE D 40 16.13 -23.25 -66.30
CA ILE D 40 15.88 -24.66 -66.10
C ILE D 40 15.48 -24.84 -64.64
N PRO D 41 14.27 -25.35 -64.39
CA PRO D 41 13.31 -25.85 -65.38
C PRO D 41 12.16 -24.87 -65.60
N SER D 42 10.96 -25.41 -65.78
CA SER D 42 9.76 -24.61 -65.97
C SER D 42 9.51 -23.72 -64.77
N SER D 43 8.33 -23.12 -64.72
CA SER D 43 7.98 -22.23 -63.63
C SER D 43 7.68 -23.01 -62.34
N SER D 44 8.69 -23.68 -61.82
CA SER D 44 8.57 -24.38 -60.55
C SER D 44 8.21 -23.38 -59.46
N ALA D 45 7.86 -23.88 -58.27
CA ALA D 45 7.61 -23.01 -57.13
C ALA D 45 8.83 -22.13 -56.91
N GLU D 46 9.99 -22.62 -57.35
CA GLU D 46 11.23 -21.88 -57.27
C GLU D 46 11.30 -20.86 -58.40
N SER D 47 10.98 -21.30 -59.61
CA SER D 47 11.12 -20.49 -60.82
C SER D 47 10.22 -19.26 -60.83
N SER D 48 9.42 -19.10 -59.80
CA SER D 48 8.54 -17.94 -59.69
C SER D 48 9.20 -16.89 -58.81
N VAL D 49 10.13 -17.33 -57.97
CA VAL D 49 10.80 -16.45 -57.02
C VAL D 49 11.64 -15.38 -57.72
N ILE D 50 12.92 -15.65 -57.86
CA ILE D 50 13.85 -14.72 -58.49
C ILE D 50 13.28 -14.22 -59.82
N ARG D 51 12.37 -15.00 -60.39
CA ARG D 51 11.68 -14.63 -61.62
C ARG D 51 11.37 -13.14 -61.65
N ASN D 52 10.81 -12.64 -60.54
CA ASN D 52 10.37 -11.24 -60.46
C ASN D 52 11.49 -10.30 -60.04
N TYR D 53 12.34 -10.77 -59.14
CA TYR D 53 13.48 -10.02 -58.62
C TYR D 53 14.18 -9.25 -59.74
N ILE D 54 14.10 -9.78 -60.96
CA ILE D 54 14.76 -9.16 -62.09
C ILE D 54 14.04 -7.91 -62.58
N ASP D 55 12.71 -7.96 -62.60
CA ASP D 55 11.92 -6.85 -63.13
C ASP D 55 12.03 -5.56 -62.30
N TRP D 56 11.80 -5.64 -61.00
CA TRP D 56 11.99 -4.48 -60.14
C TRP D 56 13.33 -3.84 -60.50
N LEU D 57 14.25 -4.69 -60.93
CA LEU D 57 15.63 -4.28 -61.24
C LEU D 57 15.77 -3.63 -62.60
N VAL D 58 14.75 -3.76 -63.44
CA VAL D 58 14.82 -3.26 -64.80
C VAL D 58 14.47 -1.77 -64.90
N ALA D 59 13.61 -1.30 -64.00
CA ALA D 59 13.12 0.08 -64.06
C ALA D 59 14.03 1.10 -63.37
N LEU D 60 14.60 0.76 -62.21
CA LEU D 60 15.48 1.68 -61.48
C LEU D 60 16.25 2.68 -62.35
N PRO D 61 16.60 3.83 -61.78
CA PRO D 61 17.31 4.91 -62.46
C PRO D 61 18.81 4.86 -62.18
N TRP D 62 19.61 5.39 -63.09
CA TRP D 62 21.05 5.41 -62.88
C TRP D 62 21.70 6.62 -63.54
N THR D 63 21.67 6.67 -64.87
CA THR D 63 22.21 7.82 -65.58
C THR D 63 21.10 8.68 -66.18
N ASP D 64 20.02 8.86 -65.43
CA ASP D 64 18.93 9.70 -65.90
C ASP D 64 18.41 10.71 -64.88
N GLU D 65 19.27 11.66 -64.51
CA GLU D 65 18.88 12.75 -63.61
C GLU D 65 17.90 13.71 -64.30
N THR D 66 17.75 14.90 -63.71
CA THR D 66 16.84 15.92 -64.20
C THR D 66 17.38 17.30 -63.91
N ASP D 67 17.15 18.23 -64.83
CA ASP D 67 17.85 19.50 -64.84
C ASP D 67 17.22 20.53 -63.90
N ASP D 68 17.95 20.88 -62.85
CA ASP D 68 17.40 21.75 -61.81
C ASP D 68 17.32 23.21 -62.23
N LYS D 69 16.21 23.59 -62.88
CA LYS D 69 15.96 25.00 -63.15
C LYS D 69 15.59 25.69 -61.83
N LEU D 70 16.31 26.74 -61.48
CA LEU D 70 16.11 27.39 -60.19
C LEU D 70 15.95 28.88 -60.36
N ASP D 71 14.88 29.29 -61.02
CA ASP D 71 14.66 30.69 -61.35
C ASP D 71 13.61 31.29 -60.42
N LEU D 72 14.04 31.79 -59.27
CA LEU D 72 13.12 32.34 -58.27
C LEU D 72 12.06 33.24 -58.87
N LYS D 73 12.46 34.16 -59.73
CA LYS D 73 11.51 35.11 -60.30
C LYS D 73 10.23 34.37 -60.66
N GLU D 74 10.38 33.14 -61.19
CA GLU D 74 9.23 32.27 -61.38
C GLU D 74 8.87 31.65 -60.03
N ALA D 75 9.06 30.34 -59.89
CA ALA D 75 8.86 29.66 -58.61
C ALA D 75 8.07 30.44 -57.57
N GLY D 76 8.73 31.38 -56.92
CA GLY D 76 8.08 32.19 -55.91
C GLY D 76 6.70 32.64 -56.37
N ARG D 77 6.56 32.89 -57.66
CA ARG D 77 5.29 33.33 -58.22
C ARG D 77 4.63 32.27 -59.10
N LEU D 78 5.00 31.02 -58.82
CA LEU D 78 4.25 29.84 -59.24
C LEU D 78 3.57 29.32 -57.99
N LEU D 79 4.23 29.48 -56.85
CA LEU D 79 3.58 29.29 -55.58
C LEU D 79 2.35 30.19 -55.43
N ASP D 80 2.40 31.41 -55.96
CA ASP D 80 1.24 32.31 -55.95
C ASP D 80 0.24 31.98 -57.05
N GLU D 81 0.51 30.92 -57.81
CA GLU D 81 -0.43 30.44 -58.82
C GLU D 81 -1.23 29.26 -58.29
N GLU D 82 -0.69 28.52 -57.34
CA GLU D 82 -1.38 27.34 -56.82
C GLU D 82 -1.54 27.28 -55.29
N HIS D 83 -1.47 28.43 -54.62
CA HIS D 83 -1.79 28.53 -53.22
C HIS D 83 -2.14 29.99 -52.98
N HIS D 84 -3.15 30.30 -52.19
CA HIS D 84 -3.51 31.70 -52.04
C HIS D 84 -2.57 32.44 -51.12
N GLY D 85 -2.84 32.34 -49.83
CA GLY D 85 -2.08 33.14 -48.86
C GLY D 85 -0.70 32.57 -48.66
N LEU D 86 -0.45 32.07 -47.47
CA LEU D 86 0.81 31.44 -47.21
C LEU D 86 1.98 32.38 -47.56
N GLU D 87 1.74 33.68 -47.51
CA GLU D 87 2.79 34.63 -47.86
C GLU D 87 4.07 34.27 -47.10
N LYS D 88 3.98 34.28 -45.78
CA LYS D 88 5.16 34.07 -44.96
C LYS D 88 5.76 32.70 -45.23
N VAL D 89 4.89 31.71 -45.47
CA VAL D 89 5.35 30.36 -45.69
C VAL D 89 6.11 30.21 -46.99
N LYS D 90 5.78 31.04 -47.98
CA LYS D 90 6.52 31.05 -49.22
C LYS D 90 7.85 31.75 -49.05
N GLU D 91 7.83 32.93 -48.45
CA GLU D 91 9.05 33.65 -48.26
C GLU D 91 10.08 32.69 -47.68
N ARG D 92 9.61 31.59 -47.09
CA ARG D 92 10.50 30.64 -46.48
C ARG D 92 10.79 29.42 -47.31
N ILE D 93 10.09 29.27 -48.41
CA ILE D 93 10.35 28.19 -49.36
C ILE D 93 11.42 28.66 -50.32
N LEU D 94 11.43 29.96 -50.55
CA LEU D 94 12.38 30.54 -51.45
C LEU D 94 13.74 30.68 -50.77
N GLU D 95 13.71 31.10 -49.51
CA GLU D 95 14.92 31.08 -48.74
C GLU D 95 15.55 29.70 -48.92
N TYR D 96 14.75 28.66 -48.82
CA TYR D 96 15.25 27.31 -48.97
C TYR D 96 15.66 27.02 -50.42
N LEU D 97 15.63 28.01 -51.29
CA LEU D 97 16.08 27.78 -52.66
C LEU D 97 17.23 28.71 -52.99
N ALA D 98 17.02 30.01 -52.83
CA ALA D 98 18.10 30.96 -53.01
C ALA D 98 19.30 30.42 -52.26
N VAL D 99 19.02 29.76 -51.12
CA VAL D 99 20.05 29.10 -50.37
C VAL D 99 20.50 27.85 -51.08
N GLN D 100 19.55 27.15 -51.68
CA GLN D 100 19.89 25.94 -52.43
C GLN D 100 20.86 26.27 -53.56
N LYS D 101 20.48 27.24 -54.40
CA LYS D 101 21.26 27.55 -55.59
C LYS D 101 22.75 27.61 -55.27
N LEU D 102 23.09 28.34 -54.22
CA LEU D 102 24.48 28.50 -53.81
C LEU D 102 25.09 27.17 -53.41
N THR D 103 24.63 26.62 -52.29
CA THR D 103 25.08 25.30 -51.86
C THR D 103 24.67 24.29 -52.92
N LYS D 104 25.47 24.19 -53.97
CA LYS D 104 25.14 23.38 -55.12
C LYS D 104 24.73 21.97 -54.75
N SER D 105 25.17 21.49 -53.58
CA SER D 105 24.75 20.18 -53.12
C SER D 105 23.79 20.30 -51.95
N LEU D 106 22.58 19.79 -52.14
CA LEU D 106 21.54 19.86 -51.12
C LEU D 106 22.08 19.40 -49.78
N LYS D 107 21.77 20.15 -48.73
CA LYS D 107 22.34 19.86 -47.41
C LYS D 107 21.35 19.21 -46.44
N GLY D 108 21.91 18.56 -45.42
CA GLY D 108 21.15 17.80 -44.44
C GLY D 108 19.77 18.33 -44.06
N PRO D 109 19.73 19.55 -43.51
CA PRO D 109 18.44 20.09 -43.08
C PRO D 109 17.40 19.97 -44.17
N ILE D 110 16.47 19.03 -44.02
CA ILE D 110 15.34 18.90 -44.92
C ILE D 110 14.12 19.20 -44.12
N LEU D 111 13.14 19.85 -44.72
CA LEU D 111 12.08 20.45 -43.94
C LEU D 111 10.85 19.59 -43.72
N CYS D 112 10.15 19.86 -42.62
CA CYS D 112 8.83 19.32 -42.40
C CYS D 112 7.88 20.47 -42.48
N LEU D 113 6.78 20.25 -43.17
CA LEU D 113 5.70 21.19 -43.17
C LEU D 113 4.78 20.74 -42.05
N ALA D 114 4.34 21.68 -41.23
CA ALA D 114 3.52 21.32 -40.10
C ALA D 114 2.30 22.18 -39.96
N GLY D 115 1.16 21.57 -39.64
CA GLY D 115 -0.07 22.30 -39.47
C GLY D 115 -1.27 21.39 -39.55
N PRO D 116 -2.44 21.90 -39.22
CA PRO D 116 -3.66 21.10 -39.28
C PRO D 116 -3.74 20.50 -40.67
N PRO D 117 -4.33 19.31 -40.83
CA PRO D 117 -4.47 18.78 -42.19
C PRO D 117 -5.37 19.68 -43.03
N GLY D 118 -5.09 19.74 -44.32
CA GLY D 118 -5.90 20.54 -45.21
C GLY D 118 -5.49 21.98 -45.34
N VAL D 119 -4.22 22.27 -45.13
CA VAL D 119 -3.75 23.64 -45.24
C VAL D 119 -2.82 23.80 -46.40
N GLY D 120 -2.42 22.67 -46.96
CA GLY D 120 -1.65 22.73 -48.19
C GLY D 120 -0.31 22.02 -48.17
N LYS D 121 0.05 21.47 -47.02
CA LYS D 121 1.38 20.89 -46.87
C LYS D 121 1.68 20.02 -48.08
N THR D 122 0.90 18.97 -48.33
CA THR D 122 1.18 18.11 -49.46
C THR D 122 1.30 18.90 -50.75
N SER D 123 0.42 19.86 -50.98
CA SER D 123 0.44 20.63 -52.24
C SER D 123 1.64 21.54 -52.39
N LEU D 124 2.00 22.24 -51.33
CA LEU D 124 3.22 23.04 -51.34
C LEU D 124 4.40 22.21 -51.84
N ALA D 125 4.63 21.04 -51.26
CA ALA D 125 5.68 20.17 -51.74
C ALA D 125 5.56 19.90 -53.24
N LYS D 126 4.45 19.31 -53.69
CA LYS D 126 4.31 19.02 -55.11
C LYS D 126 4.74 20.22 -55.88
N SER D 127 4.44 21.38 -55.36
CA SER D 127 4.66 22.65 -56.06
C SER D 127 6.07 23.11 -55.87
N ILE D 128 6.70 22.74 -54.77
CA ILE D 128 8.13 23.05 -54.60
C ILE D 128 8.81 22.36 -55.75
N ALA D 129 8.42 21.11 -55.98
CA ALA D 129 9.06 20.28 -56.98
C ALA D 129 8.68 20.71 -58.38
N LYS D 130 7.43 21.11 -58.61
CA LYS D 130 7.04 21.61 -59.94
C LYS D 130 8.08 22.67 -60.35
N SER D 131 8.41 23.54 -59.41
CA SER D 131 9.39 24.60 -59.61
C SER D 131 10.78 24.08 -59.94
N LEU D 132 11.23 23.09 -59.21
CA LEU D 132 12.54 22.52 -59.45
C LEU D 132 12.52 21.51 -60.60
N GLY D 133 11.36 21.25 -61.17
CA GLY D 133 11.25 20.34 -62.29
C GLY D 133 11.81 18.96 -61.97
N ARG D 134 11.84 18.60 -60.70
CA ARG D 134 12.15 17.24 -60.30
C ARG D 134 10.84 16.47 -60.26
N LYS D 135 10.88 15.16 -60.43
CA LYS D 135 9.65 14.37 -60.32
C LYS D 135 9.23 14.29 -58.85
N PHE D 136 7.95 14.04 -58.59
CA PHE D 136 7.42 14.04 -57.21
C PHE D 136 6.85 12.71 -56.75
N VAL D 137 7.16 12.32 -55.51
CA VAL D 137 6.64 11.07 -55.00
C VAL D 137 6.16 11.20 -53.57
N ARG D 138 4.90 10.85 -53.35
CA ARG D 138 4.36 10.71 -52.01
C ARG D 138 4.84 9.38 -51.47
N ILE D 139 5.26 9.34 -50.21
CA ILE D 139 5.61 8.05 -49.61
C ILE D 139 5.07 7.96 -48.18
N SER D 140 3.91 7.32 -48.02
CA SER D 140 3.14 7.43 -46.78
C SER D 140 3.78 6.63 -45.67
N LEU D 141 3.85 7.22 -44.48
CA LEU D 141 4.49 6.54 -43.37
C LEU D 141 3.52 6.25 -42.22
N GLY D 142 2.28 5.90 -42.54
CA GLY D 142 1.31 5.49 -41.54
C GLY D 142 1.54 4.15 -40.81
N GLY D 143 2.37 3.27 -41.36
CA GLY D 143 2.65 2.01 -40.72
C GLY D 143 3.69 2.11 -39.62
N ARG D 164 11.57 0.90 -47.44
CA ARG D 164 10.39 1.19 -48.25
C ARG D 164 10.53 2.39 -49.21
N ILE D 165 11.67 3.06 -49.15
CA ILE D 165 12.05 4.02 -50.18
C ILE D 165 12.43 3.17 -51.37
N ILE D 166 12.84 1.94 -51.05
CA ILE D 166 13.09 0.89 -52.02
C ILE D 166 12.28 1.26 -53.23
N GLN D 167 10.97 1.21 -53.05
CA GLN D 167 10.03 1.53 -54.09
C GLN D 167 10.30 2.92 -54.60
N GLY D 168 10.05 3.92 -53.76
CA GLY D 168 10.29 5.31 -54.13
C GLY D 168 10.87 5.58 -55.50
N MET D 169 12.19 5.42 -55.63
CA MET D 169 12.89 5.71 -56.87
C MET D 169 12.19 5.07 -58.06
N LYS D 170 11.85 3.79 -57.94
CA LYS D 170 11.22 3.06 -59.03
C LYS D 170 10.06 3.86 -59.59
N LYS D 171 9.21 4.33 -58.68
CA LYS D 171 8.05 5.10 -59.10
C LYS D 171 8.45 6.43 -59.70
N ALA D 172 9.74 6.61 -59.95
CA ALA D 172 10.21 7.84 -60.56
C ALA D 172 11.51 7.69 -61.38
N GLY D 173 11.93 6.45 -61.63
CA GLY D 173 13.08 6.14 -62.46
C GLY D 173 14.00 7.29 -62.86
N LYS D 174 14.23 8.20 -61.93
CA LYS D 174 15.07 9.36 -62.14
C LYS D 174 15.56 9.77 -60.76
N LEU D 175 16.84 9.56 -60.51
CA LEU D 175 17.39 9.61 -59.16
C LEU D 175 17.35 10.98 -58.50
N ASN D 176 16.87 12.00 -59.21
CA ASN D 176 16.78 13.33 -58.65
C ASN D 176 15.32 13.70 -58.45
N PRO D 177 14.72 13.23 -57.33
CA PRO D 177 13.29 13.39 -57.09
C PRO D 177 12.93 14.37 -55.98
N VAL D 178 11.70 14.25 -55.52
CA VAL D 178 11.25 14.91 -54.33
C VAL D 178 10.38 13.89 -53.60
N PHE D 179 10.93 13.26 -52.59
CA PHE D 179 10.17 12.40 -51.73
C PHE D 179 9.50 13.26 -50.70
N LEU D 180 8.25 12.94 -50.43
CA LEU D 180 7.51 13.64 -49.41
C LEU D 180 7.18 12.60 -48.37
N LEU D 181 8.02 12.49 -47.35
CA LEU D 181 7.73 11.59 -46.26
C LEU D 181 6.47 12.13 -45.62
N ASP D 182 5.31 11.69 -46.10
CA ASP D 182 4.05 12.35 -45.77
C ASP D 182 3.84 12.43 -44.29
N GLU D 183 3.51 11.33 -43.66
CA GLU D 183 3.23 11.39 -42.25
C GLU D 183 4.34 10.74 -41.43
N ILE D 184 5.25 11.53 -40.86
CA ILE D 184 6.21 10.98 -39.88
C ILE D 184 5.75 11.37 -38.50
N ASP D 185 4.79 10.62 -37.97
CA ASP D 185 4.21 10.88 -36.66
C ASP D 185 3.06 9.93 -36.41
N LYS D 186 2.62 9.26 -37.46
CA LYS D 186 1.76 8.12 -37.25
C LYS D 186 2.66 6.89 -37.32
N MET D 187 3.75 6.93 -36.55
CA MET D 187 4.70 5.81 -36.48
C MET D 187 4.79 5.17 -35.08
N SER D 188 4.21 3.97 -34.97
CA SER D 188 4.17 3.17 -33.74
C SER D 188 3.69 3.98 -32.54
N ALA D 198 14.27 6.06 -35.83
CA ALA D 198 14.92 4.79 -36.07
C ALA D 198 15.43 4.61 -37.50
N MET D 199 14.87 5.38 -38.44
CA MET D 199 15.25 5.29 -39.86
C MET D 199 16.39 6.23 -40.21
N LEU D 200 16.61 7.22 -39.33
CA LEU D 200 17.65 8.22 -39.48
C LEU D 200 18.54 7.98 -40.68
N GLU D 201 19.27 6.87 -40.64
CA GLU D 201 20.18 6.47 -41.72
C GLU D 201 19.86 7.12 -43.06
N VAL D 202 18.58 7.18 -43.41
CA VAL D 202 18.15 7.67 -44.70
C VAL D 202 18.32 9.18 -44.89
N LEU D 203 18.48 9.92 -43.80
CA LEU D 203 18.57 11.38 -43.89
C LEU D 203 19.89 11.95 -43.37
N ASP D 204 20.55 11.22 -42.47
CA ASP D 204 21.79 11.70 -41.88
C ASP D 204 22.76 12.19 -42.95
N PRO D 205 22.99 13.51 -43.01
CA PRO D 205 23.83 14.16 -44.02
C PRO D 205 25.11 13.37 -44.27
N GLU D 206 25.72 12.87 -43.20
CA GLU D 206 26.96 12.11 -43.32
C GLU D 206 26.70 10.77 -44.02
N GLN D 207 25.60 10.11 -43.66
CA GLN D 207 25.37 8.75 -44.11
C GLN D 207 24.47 8.65 -45.34
N ASN D 208 23.44 9.48 -45.40
CA ASN D 208 22.47 9.44 -46.49
C ASN D 208 23.11 9.22 -47.86
N SER D 209 24.33 9.73 -48.02
CA SER D 209 25.10 9.51 -49.25
C SER D 209 25.13 8.02 -49.59
N SER D 210 25.77 7.24 -48.72
CA SER D 210 25.82 5.80 -48.90
C SER D 210 24.58 5.19 -48.29
N PHE D 211 23.70 4.66 -49.13
CA PHE D 211 22.42 4.12 -48.66
C PHE D 211 22.31 2.61 -48.86
N SER D 212 21.86 1.92 -47.82
CA SER D 212 21.73 0.47 -47.85
C SER D 212 20.27 0.08 -47.85
N ASP D 213 20.00 -1.20 -48.06
CA ASP D 213 18.66 -1.75 -47.87
C ASP D 213 18.68 -3.26 -48.04
N HIS D 214 18.22 -3.97 -47.01
CA HIS D 214 18.14 -5.42 -47.04
C HIS D 214 17.39 -5.87 -48.29
N TYR D 215 17.46 -7.17 -48.58
CA TYR D 215 16.71 -7.72 -49.70
C TYR D 215 17.09 -7.03 -51.00
N ILE D 216 18.31 -6.50 -51.04
CA ILE D 216 18.82 -5.80 -52.21
C ILE D 216 20.19 -5.23 -51.86
N GLU D 217 20.65 -5.54 -50.64
CA GLU D 217 21.90 -5.02 -50.10
C GLU D 217 22.86 -4.50 -51.15
N GLU D 218 22.92 -3.17 -51.25
CA GLU D 218 23.96 -2.51 -52.04
C GLU D 218 23.87 -1.00 -51.88
N THR D 219 25.00 -0.39 -51.53
CA THR D 219 25.05 1.04 -51.29
C THR D 219 24.33 1.79 -52.39
N PHE D 220 23.88 2.99 -52.08
CA PHE D 220 23.18 3.82 -53.06
C PHE D 220 23.31 5.28 -52.70
N ASP D 221 23.48 6.12 -53.73
CA ASP D 221 23.72 7.55 -53.52
C ASP D 221 22.41 8.33 -53.61
N LEU D 222 22.10 9.06 -52.54
CA LEU D 222 20.89 9.89 -52.49
C LEU D 222 21.25 11.36 -52.37
N SER D 223 22.42 11.73 -52.89
CA SER D 223 22.90 13.10 -52.82
C SER D 223 21.79 14.08 -53.16
N LYS D 224 21.39 14.09 -54.43
CA LYS D 224 20.38 15.01 -54.91
C LYS D 224 18.97 14.43 -54.78
N VAL D 225 18.39 14.54 -53.58
CA VAL D 225 17.04 14.04 -53.33
C VAL D 225 16.26 14.92 -52.36
N LEU D 226 15.57 15.93 -52.86
CA LEU D 226 14.84 16.83 -51.98
C LEU D 226 13.81 16.04 -51.15
N PHE D 227 14.06 15.91 -49.86
CA PHE D 227 13.12 15.27 -48.93
C PHE D 227 12.25 16.29 -48.22
N ILE D 228 10.96 15.97 -48.02
CA ILE D 228 10.06 16.87 -47.31
C ILE D 228 9.10 16.07 -46.48
N ALA D 229 8.73 16.60 -45.33
CA ALA D 229 7.84 15.90 -44.40
C ALA D 229 6.56 16.68 -44.05
N THR D 230 5.44 15.98 -43.97
CA THR D 230 4.19 16.56 -43.48
C THR D 230 4.10 16.20 -41.98
N ALA D 231 3.21 16.86 -41.25
CA ALA D 231 3.05 16.55 -39.83
C ALA D 231 2.04 17.43 -39.10
N ASN D 232 1.43 16.86 -38.05
CA ASN D 232 0.39 17.56 -37.31
C ASN D 232 0.79 17.74 -35.87
N ASN D 233 0.59 16.70 -35.07
CA ASN D 233 1.03 16.71 -33.68
C ASN D 233 2.53 16.49 -33.63
N LEU D 234 3.28 17.59 -33.59
CA LEU D 234 4.75 17.55 -33.60
C LEU D 234 5.38 16.67 -32.55
N ALA D 235 4.55 16.21 -31.61
CA ALA D 235 5.02 15.30 -30.58
C ALA D 235 5.53 14.00 -31.19
N THR D 236 4.62 13.06 -31.46
CA THR D 236 4.95 11.70 -31.89
C THR D 236 6.23 11.58 -32.70
N ILE D 237 6.57 12.65 -33.42
CA ILE D 237 7.87 12.74 -34.05
C ILE D 237 8.94 12.46 -33.02
N PRO D 238 9.96 11.68 -33.41
CA PRO D 238 11.11 11.34 -32.57
C PRO D 238 12.09 12.49 -32.41
N GLY D 239 12.32 12.92 -31.17
CA GLY D 239 13.30 13.96 -30.88
C GLY D 239 14.51 13.91 -31.80
N PRO D 240 15.10 12.72 -31.96
CA PRO D 240 16.20 12.48 -32.89
C PRO D 240 15.93 13.11 -34.24
N LEU D 241 14.78 12.80 -34.83
CA LEU D 241 14.40 13.33 -36.15
C LEU D 241 14.11 14.83 -36.14
N ARG D 242 13.23 15.27 -35.24
CA ARG D 242 12.83 16.68 -35.19
C ARG D 242 14.01 17.64 -35.21
N ASP D 243 15.18 17.13 -34.87
CA ASP D 243 16.41 17.92 -34.86
C ASP D 243 17.15 17.81 -36.19
N ARG D 244 17.02 16.66 -36.84
CA ARG D 244 17.60 16.44 -38.15
C ARG D 244 16.89 17.25 -39.24
N MET D 245 15.73 17.80 -38.89
CA MET D 245 14.89 18.48 -39.86
C MET D 245 14.48 19.91 -39.45
N GLU D 246 14.40 20.81 -40.42
CA GLU D 246 14.04 22.20 -40.20
C GLU D 246 12.53 22.37 -40.41
N ILE D 247 11.87 23.09 -39.51
CA ILE D 247 10.42 23.11 -39.48
C ILE D 247 9.76 24.37 -39.99
N ILE D 248 8.68 24.20 -40.75
CA ILE D 248 7.84 25.32 -41.17
C ILE D 248 6.40 25.09 -40.80
N ASN D 249 5.76 26.11 -40.22
CA ASN D 249 4.36 25.97 -39.82
C ASN D 249 3.38 26.66 -40.76
N ILE D 250 2.47 25.88 -41.34
CA ILE D 250 1.34 26.43 -42.09
C ILE D 250 0.21 26.54 -41.11
N ALA D 251 -0.56 27.62 -41.22
CA ALA D 251 -1.34 28.07 -40.08
C ALA D 251 -2.86 27.75 -40.03
N GLY D 252 -3.58 27.77 -41.18
CA GLY D 252 -5.05 27.67 -41.23
C GLY D 252 -5.63 28.84 -42.01
N TYR D 253 -6.94 29.09 -41.93
CA TYR D 253 -7.57 30.08 -42.82
C TYR D 253 -8.85 30.79 -42.29
N THR D 254 -9.00 32.08 -42.59
CA THR D 254 -10.19 32.82 -42.27
C THR D 254 -11.29 32.45 -43.22
N GLU D 255 -12.54 32.61 -42.83
CA GLU D 255 -13.64 32.32 -43.76
C GLU D 255 -13.33 33.01 -45.08
N ILE D 256 -12.97 34.28 -45.02
CA ILE D 256 -12.58 35.02 -46.20
C ILE D 256 -11.59 34.26 -47.07
N GLU D 257 -10.48 33.85 -46.48
CA GLU D 257 -9.46 33.11 -47.20
C GLU D 257 -10.04 31.86 -47.86
N LYS D 258 -10.52 30.90 -47.07
CA LYS D 258 -11.07 29.69 -47.63
C LYS D 258 -11.91 30.05 -48.88
N LEU D 259 -12.82 31.00 -48.72
CA LEU D 259 -13.74 31.37 -49.79
C LEU D 259 -13.01 31.60 -51.09
N GLU D 260 -11.96 32.40 -51.04
CA GLU D 260 -11.21 32.67 -52.23
C GLU D 260 -10.48 31.40 -52.69
N ILE D 261 -9.93 30.64 -51.76
CA ILE D 261 -9.28 29.39 -52.13
C ILE D 261 -10.29 28.57 -52.93
N VAL D 262 -11.50 28.45 -52.44
CA VAL D 262 -12.55 27.78 -53.20
C VAL D 262 -12.69 28.30 -54.63
N LYS D 263 -12.87 29.61 -54.79
CA LYS D 263 -13.20 30.20 -56.07
C LYS D 263 -12.10 30.18 -57.12
N ASP D 264 -10.87 30.48 -56.74
CA ASP D 264 -9.80 30.68 -57.72
C ASP D 264 -8.93 29.46 -57.91
N HIS D 265 -9.10 28.46 -57.05
CA HIS D 265 -8.34 27.21 -57.16
C HIS D 265 -9.20 25.96 -56.98
N LEU D 266 -9.72 25.76 -55.77
CA LEU D 266 -10.43 24.54 -55.43
C LEU D 266 -11.48 24.15 -56.44
N LEU D 267 -12.45 25.01 -56.66
CA LEU D 267 -13.54 24.67 -57.56
C LEU D 267 -13.01 24.31 -58.97
N PRO D 268 -12.45 25.28 -59.69
CA PRO D 268 -12.03 24.95 -61.05
C PRO D 268 -11.30 23.62 -61.12
N LYS D 269 -10.40 23.37 -60.20
CA LYS D 269 -9.67 22.11 -60.20
C LYS D 269 -10.62 20.93 -60.18
N GLN D 270 -11.71 21.01 -59.42
CA GLN D 270 -12.65 19.91 -59.26
C GLN D 270 -13.58 19.83 -60.45
N ILE D 271 -14.00 20.97 -60.95
CA ILE D 271 -14.70 20.99 -62.22
C ILE D 271 -13.90 20.22 -63.24
N LYS D 272 -12.71 20.73 -63.52
CA LYS D 272 -11.86 20.18 -64.57
C LYS D 272 -11.56 18.72 -64.34
N GLU D 273 -11.59 18.29 -63.09
CA GLU D 273 -11.19 16.92 -62.75
C GLU D 273 -12.38 15.99 -62.94
N HIS D 274 -13.59 16.53 -62.70
CA HIS D 274 -14.84 15.84 -62.98
C HIS D 274 -15.24 16.02 -64.42
N GLY D 275 -14.26 16.16 -65.30
CA GLY D 275 -14.52 16.55 -66.68
C GLY D 275 -15.82 17.29 -66.96
N LEU D 276 -15.81 18.60 -66.77
CA LEU D 276 -16.89 19.42 -67.29
C LEU D 276 -16.51 20.91 -67.34
N LYS D 277 -17.37 21.71 -67.93
CA LYS D 277 -17.02 23.09 -68.25
C LYS D 277 -17.22 24.05 -67.10
N LYS D 278 -16.49 25.15 -67.13
CA LYS D 278 -16.74 26.24 -66.20
C LYS D 278 -18.15 26.79 -66.46
N SER D 279 -18.58 26.67 -67.70
CA SER D 279 -19.91 27.10 -68.08
C SER D 279 -20.95 26.05 -67.68
N ASN D 280 -20.54 25.04 -66.94
CA ASN D 280 -21.41 23.92 -66.59
C ASN D 280 -21.99 24.02 -65.21
N LEU D 281 -21.44 24.89 -64.36
CA LEU D 281 -21.71 24.84 -62.93
C LEU D 281 -21.06 25.98 -62.21
N GLN D 282 -21.85 26.77 -61.52
CA GLN D 282 -21.29 27.86 -60.77
C GLN D 282 -21.94 27.85 -59.40
N LEU D 283 -21.18 28.13 -58.33
CA LEU D 283 -21.82 28.33 -57.02
C LEU D 283 -21.66 29.76 -56.50
N ARG D 284 -22.77 30.31 -56.05
CA ARG D 284 -22.83 31.71 -55.68
C ARG D 284 -22.07 31.82 -54.41
N ASP D 285 -21.47 32.97 -54.19
CA ASP D 285 -20.60 33.16 -53.04
C ASP D 285 -21.26 32.68 -51.75
N GLN D 286 -22.44 33.23 -51.43
CA GLN D 286 -23.07 32.93 -50.16
C GLN D 286 -23.16 31.43 -49.91
N ALA D 287 -23.36 30.64 -50.96
CA ALA D 287 -23.47 29.19 -50.80
C ALA D 287 -22.16 28.59 -50.40
N ILE D 288 -21.09 29.06 -51.04
CA ILE D 288 -19.74 28.62 -50.69
C ILE D 288 -19.54 28.86 -49.21
N LEU D 289 -19.79 30.08 -48.77
CA LEU D 289 -19.76 30.39 -47.36
C LEU D 289 -20.53 29.36 -46.53
N ASP D 290 -21.75 29.12 -46.93
CA ASP D 290 -22.57 28.15 -46.22
C ASP D 290 -21.91 26.78 -46.20
N ILE D 291 -21.45 26.31 -47.36
CA ILE D 291 -20.83 25.01 -47.40
C ILE D 291 -19.86 24.98 -46.26
N ILE D 292 -19.13 26.08 -46.08
CA ILE D 292 -18.05 26.16 -45.09
C ILE D 292 -18.59 26.14 -43.69
N ARG D 293 -19.41 27.15 -43.36
CA ARG D 293 -19.90 27.34 -41.99
C ARG D 293 -20.62 26.12 -41.48
N TYR D 294 -21.37 25.48 -42.36
CA TYR D 294 -22.27 24.42 -41.96
C TYR D 294 -21.88 22.95 -42.33
N TYR D 295 -20.94 22.72 -43.22
CA TYR D 295 -20.50 21.35 -43.54
C TYR D 295 -19.00 21.07 -43.29
N THR D 296 -18.30 22.06 -42.75
CA THR D 296 -16.91 21.92 -42.43
C THR D 296 -16.57 22.73 -41.21
N ARG D 297 -16.09 22.06 -40.18
CA ARG D 297 -15.34 22.74 -39.13
C ARG D 297 -13.92 22.19 -39.09
N GLU D 298 -13.11 22.59 -40.06
CA GLU D 298 -11.73 22.20 -40.13
C GLU D 298 -10.94 23.49 -40.19
N ALA D 299 -9.63 23.41 -40.07
CA ALA D 299 -8.80 24.58 -40.22
C ALA D 299 -8.22 24.56 -41.62
N GLY D 300 -8.08 23.38 -42.18
CA GLY D 300 -7.59 23.25 -43.53
C GLY D 300 -8.70 23.49 -44.52
N VAL D 301 -8.64 22.89 -45.71
CA VAL D 301 -9.75 22.90 -46.62
C VAL D 301 -10.04 21.55 -47.25
N ARG D 302 -9.64 20.47 -46.58
CA ARG D 302 -9.81 19.12 -47.14
C ARG D 302 -11.26 18.72 -47.23
N SER D 303 -11.92 18.84 -46.07
CA SER D 303 -13.37 18.66 -45.97
C SER D 303 -14.12 19.56 -46.98
N LEU D 304 -13.65 20.79 -47.12
CA LEU D 304 -14.18 21.72 -48.11
C LEU D 304 -14.07 21.16 -49.52
N GLU D 305 -12.93 20.54 -49.82
CA GLU D 305 -12.67 20.07 -51.16
C GLU D 305 -13.62 18.92 -51.44
N ARG D 306 -13.79 18.07 -50.43
CA ARG D 306 -14.61 16.91 -50.58
C ARG D 306 -16.08 17.27 -50.85
N GLN D 307 -16.58 18.30 -50.18
CA GLN D 307 -17.97 18.70 -50.38
C GLN D 307 -18.10 19.36 -51.74
N LEU D 308 -17.06 20.05 -52.17
CA LEU D 308 -17.10 20.62 -53.50
C LEU D 308 -17.32 19.51 -54.44
N ALA D 309 -16.41 18.54 -54.48
CA ALA D 309 -16.55 17.37 -55.38
C ALA D 309 -17.94 16.71 -55.37
N ALA D 310 -18.45 16.40 -54.18
CA ALA D 310 -19.85 16.02 -54.05
C ALA D 310 -20.69 16.70 -55.15
N ILE D 311 -20.60 18.01 -55.22
CA ILE D 311 -21.33 18.79 -56.16
C ILE D 311 -20.79 18.60 -57.55
N CYS D 312 -19.50 18.82 -57.77
CA CYS D 312 -18.95 18.57 -59.08
C CYS D 312 -19.60 17.30 -59.61
N ARG D 313 -19.78 16.31 -58.74
CA ARG D 313 -20.33 14.98 -59.11
C ARG D 313 -21.80 15.09 -59.47
N LYS D 314 -22.61 15.37 -58.44
CA LYS D 314 -24.02 15.62 -58.64
C LYS D 314 -24.19 16.37 -59.95
N ALA D 315 -23.40 17.42 -60.12
CA ALA D 315 -23.48 18.30 -61.26
C ALA D 315 -23.45 17.49 -62.51
N ALA D 316 -22.41 16.70 -62.65
CA ALA D 316 -22.20 15.90 -63.84
C ALA D 316 -23.41 15.04 -64.22
N LYS D 317 -23.87 14.20 -63.30
CA LYS D 317 -25.01 13.35 -63.64
C LYS D 317 -26.11 14.16 -64.38
N ALA D 318 -26.37 15.38 -63.95
CA ALA D 318 -27.23 16.25 -64.72
C ALA D 318 -26.70 16.44 -66.14
N ILE D 319 -25.50 16.99 -66.28
CA ILE D 319 -24.98 17.37 -67.57
C ILE D 319 -25.07 16.23 -68.58
N VAL D 320 -25.06 14.99 -68.11
CA VAL D 320 -25.19 13.87 -69.04
C VAL D 320 -26.65 13.53 -69.39
N ALA D 321 -27.46 13.28 -68.36
CA ALA D 321 -28.90 13.12 -68.53
C ALA D 321 -29.55 14.45 -69.00
N GLU D 322 -30.21 15.17 -68.09
CA GLU D 322 -30.88 16.44 -68.43
C GLU D 322 -30.17 17.27 -69.51
N GLU D 323 -28.84 17.18 -69.53
CA GLU D 323 -28.03 17.86 -70.55
C GLU D 323 -27.92 19.38 -70.39
N ARG D 324 -28.82 19.95 -69.60
CA ARG D 324 -28.76 21.38 -69.27
C ARG D 324 -27.33 21.82 -69.21
N LYS D 325 -26.95 22.81 -70.01
CA LYS D 325 -25.54 23.16 -70.08
C LYS D 325 -25.07 23.91 -68.84
N ARG D 326 -26.00 24.23 -67.94
CA ARG D 326 -25.65 24.98 -66.74
C ARG D 326 -26.35 24.49 -65.47
N ILE D 327 -25.67 24.62 -64.34
CA ILE D 327 -26.18 24.20 -63.03
C ILE D 327 -25.75 25.24 -62.01
N THR D 328 -26.69 25.95 -61.42
CA THR D 328 -26.32 27.00 -60.49
C THR D 328 -26.73 26.65 -59.06
N VAL D 329 -25.77 26.21 -58.25
CA VAL D 329 -26.04 25.91 -56.85
C VAL D 329 -26.05 27.18 -56.00
N THR D 330 -27.11 27.35 -55.21
CA THR D 330 -27.32 28.57 -54.45
C THR D 330 -27.51 28.28 -52.97
N GLU D 331 -27.64 29.33 -52.16
CA GLU D 331 -27.85 29.17 -50.72
C GLU D 331 -29.13 28.41 -50.37
N LYS D 332 -30.00 28.22 -51.35
CA LYS D 332 -31.24 27.47 -51.15
C LYS D 332 -31.11 26.07 -51.72
N ASN D 333 -30.42 25.97 -52.86
CA ASN D 333 -30.14 24.69 -53.50
C ASN D 333 -29.33 23.76 -52.62
N LEU D 334 -28.50 24.35 -51.77
CA LEU D 334 -27.36 23.59 -51.24
C LEU D 334 -27.76 22.21 -50.77
N GLN D 335 -28.90 22.11 -50.09
CA GLN D 335 -29.33 20.84 -49.52
C GLN D 335 -29.53 19.80 -50.61
N ASP D 336 -29.86 20.26 -51.81
CA ASP D 336 -30.14 19.38 -52.94
C ASP D 336 -28.85 18.92 -53.59
N PHE D 337 -27.74 19.05 -52.87
CA PHE D 337 -26.46 18.60 -53.40
C PHE D 337 -25.64 17.86 -52.35
N ILE D 338 -25.45 18.50 -51.19
CA ILE D 338 -24.53 17.96 -50.19
C ILE D 338 -25.18 17.45 -48.91
N GLY D 339 -26.51 17.35 -48.90
CA GLY D 339 -27.23 16.82 -47.74
C GLY D 339 -27.80 17.92 -46.89
N LYS D 340 -28.08 17.60 -45.64
CA LYS D 340 -28.58 18.60 -44.70
C LYS D 340 -27.40 19.21 -43.97
N ARG D 341 -27.67 20.25 -43.19
CA ARG D 341 -26.59 20.90 -42.43
C ARG D 341 -25.92 19.90 -41.49
N ILE D 342 -24.65 20.14 -41.18
CA ILE D 342 -23.85 19.13 -40.49
C ILE D 342 -23.31 19.62 -39.16
N PHE D 343 -22.94 20.90 -39.09
CA PHE D 343 -22.36 21.46 -37.86
C PHE D 343 -23.15 22.66 -37.48
N ARG D 344 -23.14 22.95 -36.19
CA ARG D 344 -23.88 24.09 -35.70
C ARG D 344 -22.97 25.26 -35.86
N TYR D 345 -23.53 26.42 -36.22
CA TYR D 345 -22.75 27.64 -36.31
C TYR D 345 -23.47 28.72 -35.53
N GLY D 346 -22.70 29.60 -34.89
CA GLY D 346 -23.21 30.85 -34.37
C GLY D 346 -23.98 30.78 -33.07
N GLN D 347 -24.65 31.88 -32.74
CA GLN D 347 -25.48 31.91 -31.55
C GLN D 347 -26.94 32.08 -31.93
N ALA D 348 -27.61 30.94 -32.08
CA ALA D 348 -28.94 30.87 -32.64
C ALA D 348 -29.47 29.42 -32.63
N GLU D 349 -28.61 28.49 -32.23
CA GLU D 349 -29.00 27.09 -32.18
C GLU D 349 -28.72 26.51 -30.80
N THR D 350 -28.03 27.28 -29.96
CA THR D 350 -27.88 26.92 -28.56
C THR D 350 -28.05 28.17 -27.70
N GLU D 351 -28.59 27.98 -26.50
CA GLU D 351 -28.80 29.10 -25.58
C GLU D 351 -28.14 28.87 -24.23
N ASP D 352 -27.83 29.99 -23.56
CA ASP D 352 -26.90 30.07 -22.43
C ASP D 352 -27.03 28.93 -21.40
N GLN D 353 -25.91 28.51 -20.82
CA GLN D 353 -25.89 27.42 -19.84
C GLN D 353 -25.23 27.79 -18.49
N VAL D 354 -25.16 26.82 -17.58
CA VAL D 354 -24.69 27.07 -16.22
C VAL D 354 -23.51 26.19 -15.89
N GLY D 355 -22.53 26.74 -15.19
CA GLY D 355 -21.32 26.00 -14.88
C GLY D 355 -20.74 25.30 -16.11
N VAL D 356 -20.84 25.97 -17.26
CA VAL D 356 -20.37 25.42 -18.53
C VAL D 356 -19.81 26.45 -19.49
N VAL D 357 -18.48 26.44 -19.61
CA VAL D 357 -17.78 27.47 -20.34
C VAL D 357 -17.19 26.90 -21.62
N THR D 358 -17.01 27.77 -22.61
CA THR D 358 -16.46 27.36 -23.89
C THR D 358 -15.04 27.91 -24.00
N GLY D 359 -14.05 27.06 -23.75
CA GLY D 359 -12.67 27.47 -23.87
C GLY D 359 -12.08 27.21 -25.26
N LEU D 360 -11.30 28.17 -25.76
CA LEU D 360 -10.56 27.97 -27.00
C LEU D 360 -9.26 27.20 -26.71
N ALA D 361 -9.05 26.09 -27.41
CA ALA D 361 -7.92 25.25 -27.12
C ALA D 361 -7.15 25.06 -28.38
N TYR D 362 -5.88 24.68 -28.23
CA TYR D 362 -5.00 24.51 -29.38
C TYR D 362 -4.83 23.04 -29.74
N THR D 363 -5.68 22.54 -30.64
CA THR D 363 -5.58 21.15 -31.05
C THR D 363 -4.47 21.01 -32.05
N THR D 364 -3.81 19.87 -32.07
CA THR D 364 -2.90 19.52 -33.14
C THR D 364 -3.50 19.85 -34.51
N VAL D 365 -4.81 20.09 -34.57
CA VAL D 365 -5.47 20.37 -35.83
C VAL D 365 -6.23 21.69 -35.82
N GLY D 366 -5.78 22.61 -35.00
CA GLY D 366 -6.21 23.98 -35.14
C GLY D 366 -6.84 24.51 -33.89
N GLY D 367 -7.47 25.68 -33.99
CA GLY D 367 -8.27 26.17 -32.91
C GLY D 367 -9.50 25.28 -32.82
N ASP D 368 -9.90 24.96 -31.59
CA ASP D 368 -11.10 24.16 -31.37
C ASP D 368 -11.85 24.74 -30.19
N THR D 369 -13.06 24.26 -29.97
CA THR D 369 -13.97 24.88 -29.02
C THR D 369 -14.48 23.80 -28.07
N LEU D 370 -13.62 23.41 -27.15
CA LEU D 370 -13.95 22.39 -26.17
C LEU D 370 -14.65 23.05 -25.01
N SER D 371 -15.73 22.43 -24.54
CA SER D 371 -16.52 23.01 -23.48
C SER D 371 -16.23 22.30 -22.16
N ILE D 372 -15.81 23.06 -21.15
CA ILE D 372 -15.68 22.51 -19.82
C ILE D 372 -16.98 22.58 -19.00
N GLU D 373 -17.25 21.53 -18.21
CA GLU D 373 -18.45 21.45 -17.36
C GLU D 373 -18.12 21.17 -15.89
N VAL D 374 -19.00 21.61 -14.99
CA VAL D 374 -18.87 21.33 -13.56
C VAL D 374 -20.20 20.91 -12.89
N SER D 375 -20.16 19.87 -12.06
CA SER D 375 -21.39 19.37 -11.45
C SER D 375 -21.31 19.34 -9.94
N LEU D 376 -22.43 19.62 -9.29
CA LEU D 376 -22.45 19.73 -7.84
C LEU D 376 -23.20 18.59 -7.15
N SER D 377 -22.45 17.78 -6.43
CA SER D 377 -23.03 16.73 -5.62
C SER D 377 -22.52 16.86 -4.20
N PRO D 378 -23.41 16.73 -3.23
CA PRO D 378 -23.08 16.75 -1.80
C PRO D 378 -21.82 15.92 -1.47
N GLY D 379 -21.13 16.26 -0.38
CA GLY D 379 -20.00 15.46 0.06
C GLY D 379 -18.88 16.18 0.79
N LYS D 380 -17.65 15.93 0.36
CA LYS D 380 -16.46 16.52 0.99
C LYS D 380 -15.73 17.42 0.01
N GLY D 381 -14.83 18.26 0.53
CA GLY D 381 -14.09 19.21 -0.29
C GLY D 381 -13.38 18.60 -1.48
N LYS D 382 -13.21 17.28 -1.46
CA LYS D 382 -12.56 16.58 -2.56
C LYS D 382 -13.18 16.98 -3.89
N LEU D 383 -12.38 16.99 -4.95
CA LEU D 383 -12.88 17.25 -6.30
C LEU D 383 -12.31 16.24 -7.28
N ILE D 384 -13.17 15.51 -7.96
CA ILE D 384 -12.71 14.52 -8.91
C ILE D 384 -13.09 15.01 -10.28
N LEU D 385 -12.13 14.93 -11.20
CA LEU D 385 -12.36 15.39 -12.56
C LEU D 385 -12.26 14.25 -13.58
N THR D 386 -12.94 14.43 -14.70
CA THR D 386 -13.09 13.39 -15.71
C THR D 386 -12.37 13.80 -17.01
N GLY D 387 -12.49 12.96 -18.03
CA GLY D 387 -11.83 13.24 -19.29
C GLY D 387 -10.37 12.85 -19.21
N LYS D 388 -9.50 13.66 -19.80
CA LYS D 388 -8.08 13.36 -19.72
C LYS D 388 -7.67 13.21 -18.27
N LEU D 389 -7.02 12.10 -17.97
CA LEU D 389 -6.58 11.79 -16.60
C LEU D 389 -5.90 12.99 -15.98
N GLY D 390 -5.17 13.73 -16.81
CA GLY D 390 -4.58 15.00 -16.44
C GLY D 390 -4.01 15.16 -15.04
N ASP D 391 -2.71 15.01 -14.91
CA ASP D 391 -2.05 15.39 -13.68
C ASP D 391 -1.72 16.87 -13.79
N VAL D 392 -1.61 17.32 -15.04
CA VAL D 392 -1.36 18.73 -15.35
C VAL D 392 -2.58 19.57 -14.98
N MET D 393 -3.74 18.97 -15.13
CA MET D 393 -4.99 19.67 -14.92
C MET D 393 -5.26 19.91 -13.45
N ARG D 394 -5.14 18.87 -12.65
CA ARG D 394 -5.47 18.96 -11.23
C ARG D 394 -4.83 20.20 -10.63
N GLU D 395 -3.53 20.37 -10.86
CA GLU D 395 -2.84 21.58 -10.38
C GLU D 395 -3.68 22.81 -10.67
N SER D 396 -4.01 23.02 -11.94
CA SER D 396 -4.80 24.17 -12.33
C SER D 396 -6.19 24.13 -11.67
N ALA D 397 -6.91 23.01 -11.86
CA ALA D 397 -8.24 22.86 -11.29
C ALA D 397 -8.22 23.29 -9.84
N GLN D 398 -7.49 22.54 -9.01
CA GLN D 398 -7.41 22.86 -7.60
C GLN D 398 -6.69 24.14 -7.38
N ALA D 399 -6.91 25.10 -8.27
CA ALA D 399 -6.33 26.44 -8.16
C ALA D 399 -7.43 27.44 -8.46
N ALA D 400 -8.14 27.24 -9.55
CA ALA D 400 -9.36 28.00 -9.75
C ALA D 400 -10.23 27.69 -8.53
N PHE D 401 -10.11 26.45 -8.06
CA PHE D 401 -10.79 26.00 -6.86
C PHE D 401 -10.26 26.79 -5.69
N SER D 402 -8.95 26.69 -5.48
CA SER D 402 -8.31 27.34 -4.35
C SER D 402 -8.43 28.86 -4.44
N TYR D 403 -9.03 29.36 -5.50
CA TYR D 403 -9.28 30.79 -5.62
C TYR D 403 -10.58 31.11 -4.94
N VAL D 404 -11.66 30.57 -5.51
CA VAL D 404 -12.98 30.68 -4.89
C VAL D 404 -12.91 30.35 -3.40
N ARG D 405 -12.02 29.44 -3.01
CA ARG D 405 -11.79 29.19 -1.60
C ARG D 405 -11.71 30.52 -0.87
N SER D 406 -10.90 31.44 -1.40
CA SER D 406 -10.75 32.75 -0.81
C SER D 406 -11.95 33.64 -1.13
N LYS D 407 -11.73 34.64 -1.99
CA LYS D 407 -12.78 35.57 -2.37
C LYS D 407 -14.15 34.91 -2.54
N THR D 408 -14.92 34.79 -1.46
CA THR D 408 -16.17 34.02 -1.50
C THR D 408 -17.45 34.85 -1.46
N GLU D 409 -17.84 35.30 -0.27
CA GLU D 409 -19.02 36.12 -0.12
C GLU D 409 -18.94 37.23 -1.15
N GLU D 410 -17.71 37.67 -1.42
CA GLU D 410 -17.43 38.75 -2.35
C GLU D 410 -17.94 38.38 -3.74
N LEU D 411 -18.32 37.12 -3.91
CA LEU D 411 -18.64 36.60 -5.23
C LEU D 411 -20.07 36.05 -5.29
N GLY D 412 -20.69 35.93 -4.12
CA GLY D 412 -22.04 35.42 -4.05
C GLY D 412 -22.05 33.91 -4.09
N ILE D 413 -21.73 33.28 -2.96
CA ILE D 413 -21.70 31.83 -2.87
C ILE D 413 -21.49 31.39 -1.41
N GLU D 414 -22.34 30.48 -0.92
CA GLU D 414 -22.35 30.07 0.49
C GLU D 414 -21.03 29.49 1.00
N PRO D 415 -20.29 30.29 1.77
CA PRO D 415 -18.92 29.94 2.20
C PRO D 415 -18.82 28.54 2.79
N ASP D 416 -19.94 27.99 3.21
CA ASP D 416 -19.95 26.65 3.79
C ASP D 416 -20.01 25.62 2.67
N PHE D 417 -19.30 25.88 1.58
CA PHE D 417 -19.40 25.00 0.41
C PHE D 417 -18.27 23.98 0.26
N HIS D 418 -17.03 24.45 0.22
CA HIS D 418 -15.92 23.51 0.07
C HIS D 418 -15.92 22.50 1.21
N GLU D 419 -16.82 22.71 2.16
CA GLU D 419 -16.95 21.86 3.32
C GLU D 419 -18.05 20.81 3.13
N LYS D 420 -19.10 21.17 2.37
CA LYS D 420 -20.26 20.28 2.19
C LYS D 420 -20.79 20.19 0.76
N TYR D 421 -19.86 20.08 -0.20
CA TYR D 421 -20.19 19.83 -1.60
C TYR D 421 -19.07 18.99 -2.20
N ASP D 422 -19.31 18.40 -3.37
CA ASP D 422 -18.28 17.64 -4.09
C ASP D 422 -18.33 18.04 -5.56
N ILE D 423 -17.25 18.64 -6.07
CA ILE D 423 -17.29 19.23 -7.40
C ILE D 423 -16.66 18.35 -8.51
N HIS D 424 -17.43 18.16 -9.58
CA HIS D 424 -16.99 17.37 -10.73
C HIS D 424 -16.70 18.24 -11.94
N ILE D 425 -15.50 18.08 -12.50
CA ILE D 425 -15.11 18.86 -13.67
C ILE D 425 -14.79 17.96 -14.84
N HIS D 426 -15.13 18.41 -16.03
CA HIS D 426 -14.86 17.66 -17.26
C HIS D 426 -14.07 18.52 -18.25
N VAL D 427 -12.86 18.10 -18.56
CA VAL D 427 -12.03 18.83 -19.51
C VAL D 427 -11.75 17.97 -20.76
N PRO D 428 -12.53 18.18 -21.81
CA PRO D 428 -12.43 17.32 -23.00
C PRO D 428 -11.04 17.28 -23.54
N GLU D 429 -10.60 16.11 -23.99
CA GLU D 429 -9.27 15.97 -24.54
C GLU D 429 -9.17 16.74 -25.84
N GLY D 430 -7.97 17.22 -26.15
CA GLY D 430 -7.71 17.87 -27.42
C GLY D 430 -6.60 18.90 -27.30
N ALA D 431 -6.72 19.74 -26.28
CA ALA D 431 -5.72 20.74 -26.02
C ALA D 431 -4.40 20.03 -25.92
N VAL D 432 -3.37 20.61 -26.52
CA VAL D 432 -2.07 19.97 -26.53
C VAL D 432 -1.33 20.38 -25.27
N PRO D 433 -0.51 19.46 -24.73
CA PRO D 433 0.32 19.57 -23.52
C PRO D 433 0.67 21.00 -23.11
N LYS D 434 1.55 21.66 -23.86
CA LYS D 434 1.96 23.03 -23.57
C LYS D 434 0.79 23.91 -23.16
N ASP D 435 -0.39 23.63 -23.71
CA ASP D 435 -1.57 24.49 -23.57
C ASP D 435 -2.56 24.02 -22.51
N GLY D 436 -2.23 22.94 -21.82
CA GLY D 436 -3.08 22.43 -20.76
C GLY D 436 -3.56 23.49 -19.78
N PRO D 437 -2.61 24.20 -19.16
CA PRO D 437 -2.87 25.20 -18.13
C PRO D 437 -3.62 26.40 -18.66
N ALA D 438 -3.90 26.39 -19.95
CA ALA D 438 -4.54 27.52 -20.59
C ALA D 438 -6.03 27.47 -20.35
N ALA D 439 -6.43 26.47 -19.59
CA ALA D 439 -7.85 26.25 -19.34
C ALA D 439 -8.24 26.73 -17.95
N GLY D 440 -7.30 27.39 -17.27
CA GLY D 440 -7.53 27.90 -15.92
C GLY D 440 -8.75 28.79 -15.78
N ILE D 441 -8.74 29.95 -16.41
CA ILE D 441 -9.87 30.85 -16.32
C ILE D 441 -11.17 30.17 -16.73
N THR D 442 -11.07 29.16 -17.59
CA THR D 442 -12.24 28.39 -18.05
C THR D 442 -12.84 27.57 -16.91
N MET D 443 -12.15 26.52 -16.48
CA MET D 443 -12.58 25.80 -15.29
C MET D 443 -13.05 26.75 -14.14
N ALA D 444 -12.30 27.81 -13.87
CA ALA D 444 -12.70 28.80 -12.84
C ALA D 444 -14.11 29.30 -13.12
N THR D 445 -14.22 30.06 -14.20
CA THR D 445 -15.50 30.52 -14.73
C THR D 445 -16.62 29.51 -14.50
N ALA D 446 -16.42 28.28 -14.96
CA ALA D 446 -17.43 27.25 -14.77
C ALA D 446 -17.74 27.00 -13.29
N LEU D 447 -16.76 26.50 -12.56
CA LEU D 447 -16.88 26.26 -11.14
C LEU D 447 -17.68 27.34 -10.42
N VAL D 448 -17.47 28.60 -10.82
CA VAL D 448 -18.25 29.68 -10.22
C VAL D 448 -19.67 29.68 -10.75
N SER D 449 -19.81 29.84 -12.06
CA SER D 449 -21.13 29.80 -12.68
C SER D 449 -21.93 28.58 -12.25
N ALA D 450 -21.22 27.58 -11.74
CA ALA D 450 -21.86 26.36 -11.28
C ALA D 450 -22.32 26.50 -9.81
N LEU D 451 -21.46 27.12 -9.01
CA LEU D 451 -21.74 27.29 -7.59
C LEU D 451 -22.76 28.38 -7.33
N THR D 452 -22.77 29.39 -8.17
CA THR D 452 -23.64 30.54 -7.98
C THR D 452 -24.88 30.50 -8.87
N GLY D 453 -25.17 29.34 -9.43
CA GLY D 453 -26.34 29.18 -10.28
C GLY D 453 -26.47 30.23 -11.36
N ARG D 454 -25.42 31.03 -11.57
CA ARG D 454 -25.45 32.02 -12.67
C ARG D 454 -25.51 31.36 -14.07
N ALA D 455 -24.71 31.85 -15.02
CA ALA D 455 -24.75 31.27 -16.36
C ALA D 455 -23.74 31.93 -17.31
N VAL D 456 -22.88 31.12 -17.92
CA VAL D 456 -21.89 31.60 -18.88
C VAL D 456 -22.60 32.05 -20.15
N SER D 457 -22.20 33.19 -20.67
CA SER D 457 -22.77 33.71 -21.89
C SER D 457 -22.35 32.85 -23.11
N ARG D 458 -23.28 32.12 -23.69
CA ARG D 458 -23.00 31.20 -24.78
C ARG D 458 -22.08 31.78 -25.86
N GLU D 459 -22.07 33.12 -25.97
CA GLU D 459 -21.34 33.84 -27.03
C GLU D 459 -19.83 33.86 -26.82
N VAL D 460 -19.42 33.80 -25.54
CA VAL D 460 -18.03 33.97 -25.15
C VAL D 460 -17.18 32.70 -25.14
N GLY D 461 -16.01 32.83 -25.79
CA GLY D 461 -14.97 31.81 -25.75
C GLY D 461 -13.85 32.39 -24.95
N MET D 462 -13.28 31.61 -24.05
CA MET D 462 -12.21 32.12 -23.22
C MET D 462 -10.99 31.19 -23.16
N THR D 463 -9.81 31.79 -22.96
CA THR D 463 -8.58 31.04 -22.69
C THR D 463 -7.63 31.80 -21.78
N GLY D 464 -7.02 31.12 -20.82
CA GLY D 464 -6.10 31.77 -19.90
C GLY D 464 -5.68 30.92 -18.71
N GLU D 465 -4.46 31.14 -18.23
CA GLU D 465 -3.89 30.39 -17.11
C GLU D 465 -4.24 31.01 -15.74
N ILE D 466 -4.48 30.19 -14.74
CA ILE D 466 -4.93 30.72 -13.47
C ILE D 466 -3.85 30.55 -12.46
N THR D 467 -3.86 31.41 -11.44
CA THR D 467 -2.97 31.22 -10.29
C THR D 467 -3.78 31.29 -9.00
N LEU D 468 -3.25 30.71 -7.93
CA LEU D 468 -3.90 30.79 -6.61
C LEU D 468 -4.56 32.13 -6.33
N ARG D 469 -3.80 33.22 -6.41
CA ARG D 469 -4.33 34.54 -6.10
C ARG D 469 -5.45 35.00 -7.02
N GLY D 470 -5.58 34.37 -8.18
CA GLY D 470 -6.58 34.78 -9.15
C GLY D 470 -5.99 35.48 -10.36
N ARG D 471 -4.67 35.46 -10.45
CA ARG D 471 -3.96 36.07 -11.57
C ARG D 471 -4.22 35.32 -12.86
N VAL D 472 -4.21 36.05 -13.97
CA VAL D 472 -4.37 35.45 -15.30
C VAL D 472 -3.10 35.61 -16.12
N LEU D 473 -2.32 34.54 -16.17
CA LEU D 473 -1.04 34.52 -16.86
C LEU D 473 -1.19 34.28 -18.36
N PRO D 474 -0.11 34.49 -19.13
CA PRO D 474 -0.05 34.44 -20.59
C PRO D 474 -0.33 33.08 -21.18
N ILE D 475 -0.93 33.09 -22.37
CA ILE D 475 -1.42 31.87 -22.99
C ILE D 475 -0.74 31.64 -24.34
N GLY D 476 -0.84 30.41 -24.85
CA GLY D 476 -0.22 30.03 -26.09
C GLY D 476 -1.09 30.14 -27.32
N GLY D 477 -0.47 30.54 -28.43
CA GLY D 477 -1.11 30.62 -29.73
C GLY D 477 -2.47 31.28 -29.77
N LEU D 478 -2.56 32.51 -29.29
CA LEU D 478 -3.83 33.20 -29.37
C LEU D 478 -4.33 33.25 -30.83
N LYS D 479 -3.41 33.32 -31.79
CA LYS D 479 -3.81 33.43 -33.20
C LYS D 479 -4.78 32.31 -33.59
N GLU D 480 -4.28 31.07 -33.65
CA GLU D 480 -5.07 29.92 -34.07
C GLU D 480 -6.34 29.83 -33.25
N LYS D 481 -6.27 30.24 -31.99
CA LYS D 481 -7.37 30.11 -31.04
C LYS D 481 -8.52 30.99 -31.43
N ALA D 482 -8.22 32.25 -31.76
CA ALA D 482 -9.26 33.19 -32.10
C ALA D 482 -9.68 32.91 -33.51
N LEU D 483 -8.75 32.38 -34.29
CA LEU D 483 -9.06 31.96 -35.66
C LEU D 483 -10.18 30.92 -35.65
N GLY D 484 -10.03 29.89 -34.84
CA GLY D 484 -11.04 28.88 -34.73
C GLY D 484 -12.18 29.29 -33.82
N ALA D 485 -12.03 30.44 -33.16
CA ALA D 485 -13.10 30.92 -32.31
C ALA D 485 -14.11 31.57 -33.21
N HIS D 486 -13.60 32.22 -34.24
CA HIS D 486 -14.41 32.89 -35.24
C HIS D 486 -15.11 31.86 -36.12
N ARG D 487 -14.43 30.74 -36.40
CA ARG D 487 -14.89 29.73 -37.35
C ARG D 487 -16.20 29.16 -36.90
N ALA D 488 -16.33 28.94 -35.60
CA ALA D 488 -17.55 28.42 -35.03
C ALA D 488 -18.42 29.61 -34.68
N GLY D 489 -17.94 30.79 -35.04
CA GLY D 489 -18.75 32.00 -34.95
C GLY D 489 -19.11 32.48 -33.56
N LEU D 490 -18.11 32.77 -32.75
CA LEU D 490 -18.40 33.32 -31.45
C LEU D 490 -18.25 34.85 -31.55
N THR D 491 -18.78 35.56 -30.57
CA THR D 491 -18.70 37.01 -30.55
C THR D 491 -17.51 37.50 -29.73
N THR D 492 -17.52 37.13 -28.47
CA THR D 492 -16.57 37.64 -27.51
C THR D 492 -15.53 36.59 -27.15
N ILE D 493 -14.29 37.01 -26.97
CA ILE D 493 -13.25 36.06 -26.69
C ILE D 493 -12.28 36.59 -25.65
N ILE D 494 -12.68 36.43 -24.38
CA ILE D 494 -11.86 36.76 -23.22
C ILE D 494 -10.50 36.04 -23.21
N ALA D 495 -9.41 36.79 -23.11
CA ALA D 495 -8.07 36.19 -23.00
C ALA D 495 -7.13 37.01 -22.10
N PRO D 496 -5.96 36.47 -21.77
CA PRO D 496 -4.99 37.14 -20.91
C PRO D 496 -4.63 38.54 -21.35
N LYS D 497 -4.56 39.46 -20.40
CA LYS D 497 -4.12 40.84 -20.64
C LYS D 497 -2.73 40.90 -21.26
N ASP D 498 -1.80 40.13 -20.71
CA ASP D 498 -0.43 40.14 -21.17
C ASP D 498 -0.30 39.48 -22.55
N ASN D 499 -1.40 39.34 -23.27
CA ASN D 499 -1.37 38.69 -24.57
C ASN D 499 -1.65 39.65 -25.71
N GLU D 500 -1.87 40.92 -25.36
CA GLU D 500 -2.36 41.92 -26.30
C GLU D 500 -1.43 42.08 -27.46
N LYS D 501 -0.13 42.08 -27.19
CA LYS D 501 0.84 42.25 -28.25
C LYS D 501 0.78 41.07 -29.21
N ASP D 502 -0.16 40.17 -28.94
CA ASP D 502 -0.32 38.99 -29.77
C ASP D 502 -1.48 39.17 -30.74
N ILE D 503 -2.37 40.10 -30.44
CA ILE D 503 -3.51 40.35 -31.30
C ILE D 503 -3.11 41.06 -32.59
N GLU D 504 -1.93 41.67 -32.57
CA GLU D 504 -1.42 42.35 -33.76
C GLU D 504 -1.48 41.44 -34.99
N ASP D 505 -0.90 40.25 -34.89
CA ASP D 505 -0.71 39.39 -36.06
C ASP D 505 -1.97 38.59 -36.44
N ILE D 506 -3.06 38.76 -35.69
CA ILE D 506 -4.32 38.11 -36.00
C ILE D 506 -4.93 38.69 -37.26
N PRO D 507 -5.13 37.87 -38.28
CA PRO D 507 -5.56 38.33 -39.60
C PRO D 507 -6.72 39.29 -39.57
N GLU D 508 -6.67 40.33 -40.41
CA GLU D 508 -7.69 41.39 -40.48
C GLU D 508 -9.11 40.88 -40.31
N SER D 509 -9.52 40.00 -41.22
CA SER D 509 -10.88 39.47 -41.33
C SER D 509 -11.49 39.02 -40.00
N VAL D 510 -10.71 38.32 -39.18
CA VAL D 510 -11.22 37.74 -37.93
C VAL D 510 -11.13 38.68 -36.74
N ARG D 511 -10.02 39.39 -36.62
CA ARG D 511 -9.88 40.41 -35.60
C ARG D 511 -11.04 41.41 -35.73
N GLU D 512 -11.67 41.41 -36.90
CA GLU D 512 -12.73 42.38 -37.23
C GLU D 512 -14.11 41.92 -36.75
N GLY D 513 -14.27 40.62 -36.56
CA GLY D 513 -15.55 40.09 -36.11
C GLY D 513 -15.53 39.68 -34.64
N LEU D 514 -14.49 40.10 -33.93
CA LEU D 514 -14.34 39.73 -32.54
C LEU D 514 -14.05 40.90 -31.63
N THR D 515 -14.72 40.93 -30.49
CA THR D 515 -14.39 41.90 -29.48
C THR D 515 -13.52 41.21 -28.42
N PHE D 516 -12.23 41.49 -28.47
CA PHE D 516 -11.29 40.88 -27.55
C PHE D 516 -11.34 41.50 -26.15
N ILE D 517 -11.97 40.83 -25.20
CA ILE D 517 -11.92 41.27 -23.81
C ILE D 517 -10.67 40.72 -23.15
N LEU D 518 -9.76 41.61 -22.75
CA LEU D 518 -8.51 41.18 -22.13
C LEU D 518 -8.57 41.33 -20.63
N ALA D 519 -7.98 40.38 -19.91
CA ALA D 519 -8.14 40.31 -18.46
C ALA D 519 -6.87 39.88 -17.74
N SER D 520 -6.77 40.26 -16.47
CA SER D 520 -5.60 39.92 -15.67
C SER D 520 -5.96 39.16 -14.38
N HIS D 521 -7.17 39.33 -13.89
CA HIS D 521 -7.63 38.56 -12.74
C HIS D 521 -9.01 37.96 -13.04
N LEU D 522 -9.35 36.88 -12.35
CA LEU D 522 -10.64 36.23 -12.57
C LEU D 522 -11.79 37.21 -12.63
N ASP D 523 -11.96 38.01 -11.57
CA ASP D 523 -13.12 38.90 -11.48
C ASP D 523 -13.40 39.60 -12.81
N GLU D 524 -12.34 40.04 -13.47
CA GLU D 524 -12.48 40.63 -14.79
C GLU D 524 -13.13 39.66 -15.79
N VAL D 525 -12.60 38.44 -15.86
CA VAL D 525 -13.16 37.41 -16.71
C VAL D 525 -14.59 37.13 -16.28
N LEU D 526 -14.79 36.82 -15.00
CA LEU D 526 -16.14 36.51 -14.47
C LEU D 526 -17.21 37.54 -14.78
N GLU D 527 -16.84 38.81 -14.65
CA GLU D 527 -17.78 39.89 -14.93
C GLU D 527 -18.27 39.89 -16.39
N HIS D 528 -17.39 39.59 -17.33
CA HIS D 528 -17.72 39.61 -18.76
C HIS D 528 -18.32 38.30 -19.31
N ALA D 529 -18.07 37.18 -18.64
CA ALA D 529 -18.45 35.88 -19.17
C ALA D 529 -19.71 35.35 -18.54
N LEU D 530 -20.06 35.94 -17.39
CA LEU D 530 -21.29 35.60 -16.68
C LEU D 530 -22.33 36.70 -16.85
N VAL D 531 -23.59 36.37 -16.58
CA VAL D 531 -24.65 37.37 -16.66
C VAL D 531 -25.58 37.31 -15.45
N THR E 7 17.98 -38.23 -33.98
CA THR E 7 18.13 -38.21 -32.52
C THR E 7 17.14 -37.23 -31.89
N GLY E 8 17.54 -35.97 -31.79
CA GLY E 8 16.71 -34.95 -31.16
C GLY E 8 16.57 -35.17 -29.67
N GLU E 9 16.42 -34.09 -28.91
CA GLU E 9 16.25 -34.19 -27.47
C GLU E 9 14.88 -34.76 -27.13
N VAL E 10 14.29 -35.46 -28.08
CA VAL E 10 13.01 -36.13 -27.89
C VAL E 10 13.18 -37.40 -27.08
N GLN E 11 14.42 -37.67 -26.66
CA GLN E 11 14.72 -38.86 -25.88
C GLN E 11 15.42 -38.51 -24.56
N THR E 12 16.32 -37.52 -24.62
CA THR E 12 17.09 -37.10 -23.45
C THR E 12 16.20 -37.05 -22.21
N LEU E 13 15.00 -36.51 -22.37
CA LEU E 13 14.06 -36.41 -21.27
C LEU E 13 13.19 -37.66 -21.19
N THR E 14 12.41 -37.88 -22.24
CA THR E 14 11.49 -39.01 -22.30
C THR E 14 12.08 -40.28 -21.70
N GLU E 15 13.30 -40.61 -22.10
CA GLU E 15 13.96 -41.80 -21.60
C GLU E 15 13.93 -41.87 -20.08
N LYS E 16 14.55 -40.89 -19.43
CA LYS E 16 14.60 -40.86 -17.96
C LYS E 16 13.22 -40.67 -17.34
N ILE E 17 12.20 -40.47 -18.17
CA ILE E 17 10.83 -40.31 -17.69
C ILE E 17 10.19 -41.65 -17.36
N GLU E 18 10.30 -42.60 -18.29
CA GLU E 18 9.78 -43.95 -18.07
C GLU E 18 10.66 -44.70 -17.07
N GLU E 19 11.74 -44.04 -16.64
CA GLU E 19 12.66 -44.58 -15.64
C GLU E 19 11.92 -45.14 -14.43
N ALA E 20 12.60 -46.01 -13.67
CA ALA E 20 12.04 -46.55 -12.45
C ALA E 20 11.40 -45.44 -11.62
N GLY E 21 12.06 -44.29 -11.57
CA GLY E 21 11.49 -43.12 -10.93
C GLY E 21 10.27 -42.67 -11.69
N MET E 22 9.26 -42.21 -10.97
CA MET E 22 7.97 -41.80 -11.54
C MET E 22 7.00 -42.99 -11.67
N PRO E 23 6.65 -43.61 -10.54
CA PRO E 23 5.77 -44.78 -10.48
C PRO E 23 4.30 -44.42 -10.63
N ASP E 24 3.75 -43.67 -9.68
CA ASP E 24 2.33 -43.33 -9.68
C ASP E 24 1.86 -42.93 -11.08
N HIS E 25 0.72 -43.48 -11.48
CA HIS E 25 0.21 -43.25 -12.83
C HIS E 25 -0.76 -42.07 -12.86
N VAL E 26 -1.34 -41.74 -11.71
CA VAL E 26 -2.23 -40.60 -11.59
C VAL E 26 -1.55 -39.34 -12.15
N LYS E 27 -0.23 -39.34 -12.10
CA LYS E 27 0.57 -38.23 -12.58
C LYS E 27 1.03 -38.45 -14.02
N GLU E 28 1.53 -39.66 -14.29
CA GLU E 28 2.14 -39.98 -15.57
C GLU E 28 1.22 -39.56 -16.71
N THR E 29 -0.08 -39.57 -16.45
CA THR E 29 -1.05 -39.05 -17.40
C THR E 29 -0.66 -37.63 -17.76
N ALA E 30 -0.80 -36.72 -16.80
CA ALA E 30 -0.42 -35.33 -17.01
C ALA E 30 1.02 -35.23 -17.49
N LEU E 31 1.79 -36.30 -17.30
CA LEU E 31 3.19 -36.32 -17.73
C LEU E 31 3.32 -36.39 -19.25
N LYS E 32 3.19 -37.59 -19.79
CA LYS E 32 3.30 -37.78 -21.23
C LYS E 32 2.35 -36.85 -21.95
N GLU E 33 1.27 -36.45 -21.27
CA GLU E 33 0.31 -35.52 -21.86
C GLU E 33 0.99 -34.25 -22.35
N LEU E 34 1.40 -33.39 -21.42
CA LEU E 34 2.12 -32.19 -21.80
C LEU E 34 3.47 -32.55 -22.42
N ASN E 35 3.77 -33.84 -22.45
CA ASN E 35 5.01 -34.31 -23.05
C ASN E 35 4.89 -34.50 -24.56
N ARG E 36 4.05 -35.43 -24.98
CA ARG E 36 3.73 -35.63 -26.40
C ARG E 36 3.09 -34.35 -26.96
N TYR E 37 3.43 -33.22 -26.35
CA TYR E 37 2.86 -31.93 -26.70
C TYR E 37 3.37 -31.45 -28.04
N GLU E 38 4.09 -30.34 -28.03
CA GLU E 38 4.53 -29.69 -29.26
C GLU E 38 6.04 -29.60 -29.37
N LYS E 39 6.73 -30.74 -29.35
CA LYS E 39 8.14 -30.74 -29.69
C LYS E 39 8.22 -30.14 -31.08
N ILE E 40 7.07 -30.13 -31.76
CA ILE E 40 6.85 -29.34 -32.95
C ILE E 40 6.26 -27.99 -32.51
N PRO E 41 6.95 -26.88 -32.81
CA PRO E 41 8.18 -26.81 -33.60
C PRO E 41 9.41 -26.59 -32.72
N SER E 42 10.33 -25.78 -33.23
CA SER E 42 11.55 -25.43 -32.51
C SER E 42 11.20 -24.74 -31.19
N SER E 43 12.22 -24.18 -30.54
CA SER E 43 12.03 -23.50 -29.27
C SER E 43 11.35 -22.15 -29.45
N SER E 44 10.11 -22.19 -29.93
CA SER E 44 9.31 -20.98 -30.05
C SER E 44 9.16 -20.33 -28.68
N ALA E 45 8.63 -19.11 -28.65
CA ALA E 45 8.33 -18.46 -27.38
C ALA E 45 7.43 -19.37 -26.56
N GLU E 46 6.70 -20.22 -27.26
CA GLU E 46 5.83 -21.20 -26.62
C GLU E 46 6.65 -22.39 -26.14
N SER E 47 7.53 -22.87 -27.02
CA SER E 47 8.30 -24.10 -26.76
C SER E 47 9.26 -23.97 -25.58
N SER E 48 9.31 -22.79 -24.97
CA SER E 48 10.15 -22.57 -23.82
C SER E 48 9.35 -22.73 -22.54
N VAL E 49 8.03 -22.58 -22.67
CA VAL E 49 7.13 -22.62 -21.52
C VAL E 49 7.11 -24.00 -20.87
N ILE E 50 6.13 -24.81 -21.24
CA ILE E 50 5.97 -26.16 -20.71
C ILE E 50 7.31 -26.90 -20.74
N ARG E 51 8.19 -26.46 -21.62
CA ARG E 51 9.53 -27.02 -21.73
C ARG E 51 10.10 -27.36 -20.36
N ASN E 52 9.98 -26.42 -19.43
CA ASN E 52 10.57 -26.56 -18.10
C ASN E 52 9.64 -27.29 -17.13
N TYR E 53 8.35 -27.01 -17.26
CA TYR E 53 7.32 -27.62 -16.43
C TYR E 53 7.59 -29.11 -16.20
N ILE E 54 8.26 -29.74 -17.17
CA ILE E 54 8.53 -31.16 -17.10
C ILE E 54 9.64 -31.47 -16.10
N ASP E 55 10.68 -30.64 -16.07
CA ASP E 55 11.83 -30.91 -15.21
C ASP E 55 11.52 -30.85 -13.72
N TRP E 56 10.91 -29.76 -13.26
CA TRP E 56 10.50 -29.68 -11.85
C TRP E 56 9.82 -30.99 -11.50
N LEU E 57 9.16 -31.57 -12.50
CA LEU E 57 8.37 -32.76 -12.32
C LEU E 57 9.21 -34.04 -12.28
N VAL E 58 10.47 -33.95 -12.68
CA VAL E 58 11.33 -35.13 -12.76
C VAL E 58 11.97 -35.49 -11.42
N ALA E 59 12.20 -34.49 -10.58
CA ALA E 59 12.92 -34.70 -9.31
C ALA E 59 12.01 -35.10 -8.16
N LEU E 60 10.91 -34.37 -8.00
CA LEU E 60 9.96 -34.65 -6.94
C LEU E 60 9.84 -36.15 -6.75
N PRO E 61 10.04 -36.62 -5.52
CA PRO E 61 10.17 -38.04 -5.17
C PRO E 61 8.87 -38.81 -5.33
N TRP E 62 8.98 -40.12 -5.50
CA TRP E 62 7.80 -40.97 -5.65
C TRP E 62 8.02 -42.33 -5.00
N THR E 63 8.59 -43.26 -5.77
CA THR E 63 8.93 -44.56 -5.25
C THR E 63 9.67 -44.41 -3.94
N ASP E 64 10.52 -43.40 -3.89
CA ASP E 64 11.61 -43.30 -2.92
C ASP E 64 11.20 -42.86 -1.51
N GLU E 65 10.84 -43.83 -0.66
CA GLU E 65 10.62 -43.56 0.76
C GLU E 65 11.97 -43.70 1.48
N THR E 66 12.01 -43.42 2.78
CA THR E 66 13.28 -43.40 3.51
C THR E 66 13.24 -44.11 4.88
N ASP E 67 14.08 -45.14 5.01
CA ASP E 67 13.97 -46.12 6.11
C ASP E 67 13.80 -45.52 7.50
N ASP E 68 12.56 -45.48 7.99
CA ASP E 68 12.29 -44.89 9.29
C ASP E 68 12.69 -45.82 10.42
N LYS E 69 13.98 -45.82 10.75
CA LYS E 69 14.45 -46.52 11.94
C LYS E 69 13.94 -45.77 13.15
N LEU E 70 13.28 -46.49 14.05
CA LEU E 70 12.64 -45.85 15.19
C LEU E 70 12.99 -46.55 16.50
N ASP E 71 14.27 -46.50 16.84
CA ASP E 71 14.76 -47.23 17.99
C ASP E 71 14.99 -46.26 19.14
N LEU E 72 13.95 -46.04 19.96
CA LEU E 72 14.05 -45.08 21.06
C LEU E 72 15.35 -45.22 21.86
N LYS E 73 15.68 -46.46 22.23
CA LYS E 73 16.85 -46.69 23.06
C LYS E 73 17.99 -45.79 22.58
N GLU E 74 18.13 -45.67 21.26
CA GLU E 74 19.05 -44.71 20.69
C GLU E 74 18.41 -43.32 20.80
N ALA E 75 18.07 -42.73 19.65
CA ALA E 75 17.33 -41.48 19.60
C ALA E 75 17.33 -40.68 20.90
N GLY E 76 16.49 -41.08 21.84
CA GLY E 76 16.41 -40.41 23.11
C GLY E 76 17.77 -40.09 23.68
N ARG E 77 18.73 -40.96 23.41
CA ARG E 77 20.09 -40.75 23.89
C ARG E 77 21.07 -40.44 22.77
N LEU E 78 20.53 -39.94 21.66
CA LEU E 78 21.32 -39.23 20.66
C LEU E 78 20.96 -37.76 20.88
N LEU E 79 19.76 -37.51 21.38
CA LEU E 79 19.36 -36.17 21.84
C LEU E 79 20.25 -35.73 23.01
N ASP E 80 20.63 -36.67 23.84
CA ASP E 80 21.60 -36.40 24.88
C ASP E 80 23.07 -36.35 24.35
N GLU E 81 23.26 -36.54 23.05
CA GLU E 81 24.59 -36.39 22.45
C GLU E 81 24.77 -35.00 21.84
N GLU E 82 23.67 -34.36 21.44
CA GLU E 82 23.75 -33.06 20.77
C GLU E 82 22.89 -31.93 21.39
N HIS E 83 22.46 -32.09 22.64
CA HIS E 83 21.80 -31.02 23.40
C HIS E 83 21.98 -31.35 24.85
N HIS E 84 22.28 -30.38 25.70
CA HIS E 84 22.64 -30.73 27.08
C HIS E 84 21.44 -31.06 27.92
N GLY E 85 20.81 -30.02 28.46
CA GLY E 85 19.68 -30.18 29.34
C GLY E 85 18.44 -30.62 28.58
N LEU E 86 17.45 -29.73 28.52
CA LEU E 86 16.23 -30.00 27.79
C LEU E 86 15.65 -31.35 28.14
N GLU E 87 15.91 -31.80 29.37
CA GLU E 87 15.46 -33.11 29.80
C GLU E 87 13.97 -33.26 29.50
N LYS E 88 13.16 -32.36 30.05
CA LYS E 88 11.71 -32.45 29.90
C LYS E 88 11.28 -32.31 28.44
N VAL E 89 11.99 -31.49 27.67
CA VAL E 89 11.62 -31.29 26.27
C VAL E 89 11.87 -32.52 25.44
N LYS E 90 12.87 -33.31 25.81
CA LYS E 90 13.16 -34.55 25.10
C LYS E 90 12.10 -35.57 25.47
N GLU E 91 11.86 -35.74 26.76
CA GLU E 91 10.87 -36.70 27.23
C GLU E 91 9.61 -36.56 26.39
N ARG E 92 9.45 -35.40 25.77
CA ARG E 92 8.26 -35.10 24.97
C ARG E 92 8.50 -35.24 23.47
N ILE E 93 9.76 -35.45 23.08
CA ILE E 93 10.10 -35.68 21.68
C ILE E 93 9.97 -37.15 21.40
N LEU E 94 10.20 -37.92 22.44
CA LEU E 94 10.11 -39.36 22.39
C LEU E 94 8.65 -39.78 22.46
N GLU E 95 7.89 -39.14 23.34
CA GLU E 95 6.46 -39.36 23.37
C GLU E 95 6.00 -39.23 21.94
N TYR E 96 6.52 -38.21 21.24
CA TYR E 96 6.10 -37.96 19.88
C TYR E 96 6.67 -39.00 18.91
N LEU E 97 7.30 -40.02 19.45
CA LEU E 97 7.84 -41.07 18.60
C LEU E 97 7.28 -42.41 18.99
N ALA E 98 7.44 -42.76 20.26
CA ALA E 98 6.80 -43.96 20.76
C ALA E 98 5.35 -43.93 20.31
N VAL E 99 4.78 -42.73 20.26
CA VAL E 99 3.44 -42.54 19.72
C VAL E 99 3.46 -42.70 18.21
N GLN E 100 4.53 -42.21 17.59
CA GLN E 100 4.64 -42.33 16.16
C GLN E 100 4.65 -43.79 15.75
N LYS E 101 5.55 -44.55 16.35
CA LYS E 101 5.75 -45.94 15.94
C LYS E 101 4.41 -46.65 15.77
N LEU E 102 3.54 -46.52 16.76
CA LEU E 102 2.25 -47.17 16.72
C LEU E 102 1.41 -46.64 15.57
N THR E 103 0.99 -45.38 15.66
CA THR E 103 0.27 -44.76 14.57
C THR E 103 1.17 -44.73 13.34
N LYS E 104 1.22 -45.86 12.64
CA LYS E 104 2.14 -46.03 11.52
C LYS E 104 2.08 -44.89 10.52
N SER E 105 0.97 -44.16 10.48
CA SER E 105 0.87 -42.99 9.61
C SER E 105 0.86 -41.71 10.43
N LEU E 106 1.85 -40.86 10.18
CA LEU E 106 2.00 -39.61 10.91
C LEU E 106 0.68 -38.85 10.93
N LYS E 107 0.31 -38.34 12.10
CA LYS E 107 -0.98 -37.68 12.24
C LYS E 107 -0.89 -36.15 12.32
N GLY E 108 -2.02 -35.51 12.02
CA GLY E 108 -2.13 -34.07 11.93
C GLY E 108 -1.29 -33.25 12.88
N PRO E 109 -1.48 -33.44 14.19
CA PRO E 109 -0.72 -32.64 15.16
C PRO E 109 0.77 -32.70 14.86
N ILE E 110 1.30 -31.61 14.32
CA ILE E 110 2.72 -31.47 14.11
C ILE E 110 3.15 -30.32 14.97
N LEU E 111 4.34 -30.43 15.53
CA LEU E 111 4.76 -29.54 16.62
C LEU E 111 5.45 -28.24 16.25
N CYS E 112 5.28 -27.22 17.10
CA CYS E 112 6.12 -26.04 17.07
C CYS E 112 6.99 -26.07 18.29
N LEU E 113 8.24 -25.70 18.08
CA LEU E 113 9.18 -25.49 19.15
C LEU E 113 9.12 -23.99 19.41
N ALA E 114 8.98 -23.62 20.67
CA ALA E 114 8.84 -22.21 20.99
C ALA E 114 9.71 -21.82 22.16
N GLY E 115 10.28 -20.63 22.06
CA GLY E 115 11.20 -20.15 23.07
C GLY E 115 12.10 -19.06 22.51
N PRO E 116 12.86 -18.38 23.39
CA PRO E 116 13.77 -17.33 22.96
C PRO E 116 14.69 -17.94 21.93
N PRO E 117 15.18 -17.12 20.97
CA PRO E 117 16.06 -17.68 19.97
C PRO E 117 17.36 -18.10 20.66
N GLY E 118 18.02 -19.12 20.12
CA GLY E 118 19.27 -19.60 20.69
C GLY E 118 19.11 -20.57 21.83
N VAL E 119 18.08 -21.40 21.79
CA VAL E 119 17.89 -22.40 22.83
C VAL E 119 17.90 -23.77 22.21
N GLY E 120 17.92 -23.80 20.89
CA GLY E 120 18.16 -25.03 20.18
C GLY E 120 17.03 -25.52 19.31
N LYS E 121 15.95 -24.74 19.23
CA LYS E 121 14.81 -25.16 18.46
C LYS E 121 15.27 -25.78 17.15
N THR E 122 15.95 -24.98 16.32
CA THR E 122 16.40 -25.47 15.02
C THR E 122 17.19 -26.80 15.14
N SER E 123 18.18 -26.83 16.02
CA SER E 123 18.98 -28.04 16.22
C SER E 123 18.21 -29.28 16.68
N LEU E 124 17.25 -29.11 17.59
CA LEU E 124 16.41 -30.21 18.05
C LEU E 124 15.76 -30.84 16.83
N ALA E 125 15.26 -30.00 15.94
CA ALA E 125 14.61 -30.50 14.75
C ALA E 125 15.61 -31.36 13.98
N LYS E 126 16.68 -30.73 13.52
CA LYS E 126 17.67 -31.46 12.75
C LYS E 126 17.91 -32.80 13.44
N SER E 127 18.00 -32.75 14.76
CA SER E 127 18.34 -33.93 15.53
C SER E 127 17.16 -34.90 15.62
N ILE E 128 15.93 -34.40 15.59
CA ILE E 128 14.75 -35.28 15.57
C ILE E 128 14.93 -36.14 14.34
N ALA E 129 15.40 -35.48 13.29
CA ALA E 129 15.44 -36.08 11.98
C ALA E 129 16.64 -37.01 11.86
N LYS E 130 17.75 -36.57 12.42
CA LYS E 130 18.91 -37.45 12.45
C LYS E 130 18.47 -38.83 12.98
N SER E 131 17.72 -38.83 14.07
CA SER E 131 17.22 -40.07 14.64
C SER E 131 16.31 -40.87 13.68
N LEU E 132 15.41 -40.18 12.99
CA LEU E 132 14.47 -40.85 12.09
C LEU E 132 15.13 -41.16 10.73
N GLY E 133 16.36 -40.69 10.55
CA GLY E 133 17.07 -40.94 9.32
C GLY E 133 16.34 -40.42 8.10
N ARG E 134 15.48 -39.42 8.30
CA ARG E 134 14.86 -38.72 7.19
C ARG E 134 15.76 -37.55 6.83
N LYS E 135 15.72 -37.10 5.60
CA LYS E 135 16.49 -35.92 5.23
C LYS E 135 15.85 -34.68 5.86
N PHE E 136 16.64 -33.62 6.05
CA PHE E 136 16.18 -32.41 6.75
C PHE E 136 16.15 -31.14 5.88
N VAL E 137 15.11 -30.35 5.98
CA VAL E 137 15.08 -29.11 5.22
C VAL E 137 14.56 -27.94 6.03
N ARG E 138 15.36 -26.88 6.10
CA ARG E 138 14.91 -25.61 6.63
C ARG E 138 14.09 -24.94 5.55
N ILE E 139 12.98 -24.34 5.93
CA ILE E 139 12.19 -23.55 4.99
C ILE E 139 11.67 -22.26 5.61
N SER E 140 12.38 -21.17 5.37
CA SER E 140 12.20 -19.98 6.17
C SER E 140 10.92 -19.28 5.78
N LEU E 141 10.14 -18.81 6.76
CA LEU E 141 8.86 -18.14 6.47
C LEU E 141 8.82 -16.67 6.88
N GLY E 142 9.96 -15.98 6.72
CA GLY E 142 10.05 -14.57 7.04
C GLY E 142 9.28 -13.62 6.15
N GLY E 143 8.88 -14.09 4.97
CA GLY E 143 8.14 -13.27 4.02
C GLY E 143 6.64 -13.24 4.27
N ARG E 164 5.61 -22.47 -1.89
CA ARG E 164 7.05 -22.41 -1.63
C ARG E 164 7.60 -23.68 -0.97
N ILE E 165 6.73 -24.64 -0.73
CA ILE E 165 7.17 -25.98 -0.37
C ILE E 165 7.59 -26.60 -1.69
N ILE E 166 6.99 -26.04 -2.74
CA ILE E 166 7.38 -26.33 -4.11
C ILE E 166 8.82 -26.81 -4.06
N GLN E 167 9.70 -25.86 -3.75
CA GLN E 167 11.13 -26.13 -3.64
C GLN E 167 11.35 -27.29 -2.68
N GLY E 168 11.08 -27.06 -1.40
CA GLY E 168 11.21 -28.07 -0.38
C GLY E 168 11.67 -29.45 -0.83
N MET E 169 10.75 -30.23 -1.37
CA MET E 169 11.07 -31.59 -1.78
C MET E 169 12.31 -31.66 -2.65
N LYS E 170 12.37 -30.78 -3.67
CA LYS E 170 13.50 -30.76 -4.59
C LYS E 170 14.80 -30.80 -3.82
N LYS E 171 14.94 -29.91 -2.85
CA LYS E 171 16.15 -29.84 -2.05
C LYS E 171 16.33 -31.10 -1.22
N ALA E 172 15.50 -32.12 -1.47
CA ALA E 172 15.63 -33.39 -0.76
C ALA E 172 15.19 -34.63 -1.54
N GLY E 173 14.94 -34.47 -2.83
CA GLY E 173 14.57 -35.56 -3.72
C GLY E 173 14.24 -36.91 -3.08
N LYS E 174 13.53 -36.85 -1.96
CA LYS E 174 13.12 -38.04 -1.20
C LYS E 174 11.90 -37.63 -0.40
N LEU E 175 10.74 -38.16 -0.77
CA LEU E 175 9.47 -37.60 -0.33
C LEU E 175 9.20 -37.77 1.15
N ASN E 176 10.08 -38.46 1.86
CA ASN E 176 9.91 -38.65 3.30
C ASN E 176 10.90 -37.80 4.08
N PRO E 177 10.58 -36.52 4.27
CA PRO E 177 11.54 -35.59 4.84
C PRO E 177 11.19 -35.08 6.24
N VAL E 178 11.87 -34.01 6.63
CA VAL E 178 11.53 -33.24 7.81
C VAL E 178 11.64 -31.78 7.46
N PHE E 179 10.51 -31.17 7.10
CA PHE E 179 10.44 -29.73 6.88
C PHE E 179 10.41 -29.06 8.22
N LEU E 180 11.13 -27.97 8.32
CA LEU E 180 11.11 -27.18 9.52
C LEU E 180 10.61 -25.83 9.14
N LEU E 181 9.29 -25.62 9.25
CA LEU E 181 8.72 -24.30 8.99
C LEU E 181 9.34 -23.39 10.02
N ASP E 182 10.49 -22.79 9.68
CA ASP E 182 11.30 -22.14 10.71
C ASP E 182 10.47 -21.08 11.41
N GLU E 183 10.23 -19.96 10.74
CA GLU E 183 9.58 -18.89 11.45
C GLU E 183 8.13 -18.72 10.97
N ILE E 184 7.16 -19.27 11.71
CA ILE E 184 5.76 -18.96 11.42
C ILE E 184 5.30 -17.95 12.41
N ASP E 185 5.64 -16.69 12.19
CA ASP E 185 5.22 -15.63 13.10
C ASP E 185 5.84 -14.35 12.65
N LYS E 186 6.77 -14.45 11.73
CA LYS E 186 7.20 -13.27 11.00
C LYS E 186 6.45 -13.28 9.67
N MET E 187 5.13 -13.44 9.76
CA MET E 187 4.26 -13.44 8.59
C MET E 187 3.26 -12.27 8.57
N SER E 188 3.50 -11.33 7.66
CA SER E 188 2.67 -10.13 7.48
C SER E 188 2.32 -9.45 8.80
N ALA E 198 -3.47 -18.87 6.76
CA ALA E 198 -3.91 -18.83 5.37
C ALA E 198 -3.39 -20.01 4.54
N MET E 199 -2.30 -20.64 4.98
CA MET E 199 -1.67 -21.74 4.23
C MET E 199 -2.23 -23.09 4.65
N LEU E 200 -2.85 -23.09 5.81
CA LEU E 200 -3.47 -24.29 6.38
C LEU E 200 -3.39 -25.48 5.44
N GLU E 201 -4.08 -25.39 4.30
CA GLU E 201 -4.11 -26.44 3.30
C GLU E 201 -2.96 -27.43 3.39
N VAL E 202 -1.76 -26.92 3.63
CA VAL E 202 -0.56 -27.74 3.64
C VAL E 202 -0.45 -28.67 4.85
N LEU E 203 -1.18 -28.38 5.91
CA LEU E 203 -1.08 -29.18 7.13
C LEU E 203 -2.37 -29.90 7.52
N ASP E 204 -3.51 -29.38 7.09
CA ASP E 204 -4.80 -29.96 7.45
C ASP E 204 -4.81 -31.47 7.20
N PRO E 205 -4.84 -32.25 8.29
CA PRO E 205 -4.77 -33.71 8.24
C PRO E 205 -5.65 -34.28 7.14
N GLU E 206 -6.85 -33.72 6.98
CA GLU E 206 -7.77 -34.18 5.96
C GLU E 206 -7.24 -33.87 4.56
N GLN E 207 -6.70 -32.67 4.39
CA GLN E 207 -6.35 -32.18 3.06
C GLN E 207 -4.88 -32.41 2.68
N ASN E 208 -3.99 -32.22 3.65
CA ASN E 208 -2.56 -32.33 3.40
C ASN E 208 -2.19 -33.51 2.51
N SER E 209 -2.97 -34.56 2.59
CA SER E 209 -2.78 -35.72 1.72
C SER E 209 -2.72 -35.26 0.27
N SER E 210 -3.83 -34.73 -0.23
CA SER E 210 -3.88 -34.20 -1.59
C SER E 210 -3.38 -32.76 -1.57
N PHE E 211 -2.21 -32.53 -2.18
CA PHE E 211 -1.60 -31.22 -2.13
C PHE E 211 -1.52 -30.59 -3.52
N SER E 212 -1.90 -29.32 -3.60
CA SER E 212 -1.89 -28.59 -4.85
C SER E 212 -0.82 -27.50 -4.85
N ASP E 213 -0.59 -26.89 -6.00
CA ASP E 213 0.26 -25.72 -6.10
C ASP E 213 0.23 -25.13 -7.51
N HIS E 214 -0.15 -23.87 -7.59
CA HIS E 214 -0.20 -23.17 -8.87
C HIS E 214 1.14 -23.33 -9.58
N TYR E 215 1.18 -22.96 -10.86
CA TYR E 215 2.42 -22.97 -11.62
C TYR E 215 3.03 -24.38 -11.63
N ILE E 216 2.17 -25.37 -11.48
CA ILE E 216 2.58 -26.77 -11.47
C ILE E 216 1.37 -27.61 -11.15
N GLU E 217 0.23 -26.94 -11.04
CA GLU E 217 -1.03 -27.59 -10.66
C GLU E 217 -1.04 -29.10 -10.86
N GLU E 218 -0.93 -29.83 -9.76
CA GLU E 218 -1.16 -31.26 -9.75
C GLU E 218 -1.08 -31.80 -8.34
N THR E 219 -2.11 -32.54 -7.93
CA THR E 219 -2.17 -33.09 -6.58
C THR E 219 -0.85 -33.72 -6.19
N PHE E 220 -0.59 -33.81 -4.89
CA PHE E 220 0.63 -34.41 -4.39
C PHE E 220 0.44 -34.95 -2.98
N ASP E 221 1.03 -36.10 -2.70
CA ASP E 221 0.85 -36.77 -1.42
C ASP E 221 1.96 -36.41 -0.44
N LEU E 222 1.57 -35.86 0.71
CA LEU E 222 2.53 -35.49 1.75
C LEU E 222 2.31 -36.32 3.01
N SER E 223 1.77 -37.51 2.83
CA SER E 223 1.49 -38.39 3.96
C SER E 223 2.63 -38.41 4.95
N LYS E 224 3.74 -39.02 4.55
CA LYS E 224 4.90 -39.14 5.43
C LYS E 224 5.83 -37.94 5.30
N VAL E 225 5.52 -36.86 6.03
CA VAL E 225 6.37 -35.66 6.02
C VAL E 225 6.41 -34.97 7.38
N LEU E 226 7.35 -35.35 8.23
CA LEU E 226 7.44 -34.75 9.56
C LEU E 226 7.64 -33.25 9.50
N PHE E 227 6.60 -32.50 9.86
CA PHE E 227 6.68 -31.04 9.88
C PHE E 227 7.05 -30.56 11.29
N ILE E 228 7.84 -29.49 11.36
CA ILE E 228 8.17 -28.86 12.64
C ILE E 228 8.34 -27.34 12.52
N ALA E 229 7.95 -26.63 13.55
CA ALA E 229 7.89 -25.17 13.49
C ALA E 229 8.71 -24.53 14.59
N THR E 230 9.40 -23.46 14.25
CA THR E 230 10.09 -22.66 15.27
C THR E 230 9.23 -21.45 15.58
N ALA E 231 9.51 -20.73 16.66
CA ALA E 231 8.69 -19.58 17.02
C ALA E 231 9.09 -18.94 18.35
N ASN E 232 8.81 -17.64 18.45
CA ASN E 232 9.13 -16.85 19.64
C ASN E 232 7.87 -16.23 20.27
N ASN E 233 7.43 -15.11 19.73
CA ASN E 233 6.20 -14.49 20.19
C ASN E 233 5.01 -15.24 19.66
N LEU E 234 4.53 -16.19 20.46
CA LEU E 234 3.44 -17.06 20.07
C LEU E 234 2.22 -16.30 19.56
N ALA E 235 2.23 -14.99 19.73
CA ALA E 235 1.13 -14.17 19.24
C ALA E 235 1.03 -14.29 17.73
N THR E 236 1.78 -13.47 17.02
CA THR E 236 1.66 -13.33 15.57
C THR E 236 1.19 -14.58 14.84
N ILE E 237 1.50 -15.75 15.38
CA ILE E 237 0.91 -16.97 14.89
C ILE E 237 -0.61 -16.82 14.79
N PRO E 238 -1.21 -17.31 13.71
CA PRO E 238 -2.65 -17.31 13.49
C PRO E 238 -3.39 -18.32 14.35
N GLY E 239 -4.33 -17.86 15.16
CA GLY E 239 -5.18 -18.74 15.96
C GLY E 239 -5.50 -20.04 15.24
N PRO E 240 -5.96 -19.93 13.99
CA PRO E 240 -6.22 -21.09 13.14
C PRO E 240 -5.10 -22.10 13.23
N LEU E 241 -3.87 -21.64 13.01
CA LEU E 241 -2.69 -22.52 13.03
C LEU E 241 -2.36 -23.08 14.40
N ARG E 242 -2.19 -22.18 15.38
CA ARG E 242 -1.81 -22.57 16.73
C ARG E 242 -2.63 -23.74 17.26
N ASP E 243 -3.79 -23.96 16.67
CA ASP E 243 -4.66 -25.05 17.08
C ASP E 243 -4.36 -26.30 16.27
N ARG E 244 -3.96 -26.10 15.02
CA ARG E 244 -3.60 -27.20 14.16
C ARG E 244 -2.29 -27.84 14.61
N MET E 245 -1.57 -27.15 15.50
CA MET E 245 -0.23 -27.60 15.92
C MET E 245 -0.03 -27.75 17.44
N GLU E 246 0.72 -28.78 17.84
CA GLU E 246 0.97 -29.09 19.23
C GLU E 246 2.23 -28.37 19.66
N ILE E 247 2.21 -27.71 20.81
CA ILE E 247 3.30 -26.83 21.21
C ILE E 247 4.23 -27.37 22.30
N ILE E 248 5.53 -27.14 22.12
CA ILE E 248 6.53 -27.44 23.12
C ILE E 248 7.38 -26.22 23.41
N ASN E 249 7.54 -25.90 24.68
CA ASN E 249 8.38 -24.77 25.05
C ASN E 249 9.79 -25.12 25.53
N ILE E 250 10.78 -24.61 24.80
CA ILE E 250 12.16 -24.64 25.26
C ILE E 250 12.38 -23.37 26.06
N ALA E 251 13.02 -23.51 27.21
CA ALA E 251 12.85 -22.53 28.27
C ALA E 251 13.92 -21.47 28.37
N GLY E 252 15.14 -21.90 28.23
CA GLY E 252 16.22 -21.06 28.67
C GLY E 252 17.02 -21.94 29.59
N TYR E 253 17.91 -21.35 30.38
CA TYR E 253 18.90 -22.15 31.08
C TYR E 253 19.54 -21.48 32.31
N THR E 254 19.77 -22.29 33.34
CA THR E 254 20.40 -21.84 34.58
C THR E 254 21.85 -21.64 34.32
N GLU E 255 22.51 -20.78 35.09
CA GLU E 255 23.96 -20.64 34.92
C GLU E 255 24.57 -22.03 34.89
N ILE E 256 24.22 -22.85 35.87
CA ILE E 256 24.66 -24.24 35.91
C ILE E 256 24.50 -24.92 34.55
N GLU E 257 23.28 -24.87 34.00
CA GLU E 257 22.99 -25.53 32.73
C GLU E 257 23.92 -25.05 31.61
N LYS E 258 23.86 -23.76 31.28
CA LYS E 258 24.76 -23.15 30.28
C LYS E 258 26.20 -23.70 30.42
N LEU E 259 26.74 -23.59 31.63
CA LEU E 259 28.09 -24.05 31.89
C LEU E 259 28.36 -25.42 31.32
N GLU E 260 27.47 -26.36 31.62
CA GLU E 260 27.64 -27.71 31.13
C GLU E 260 27.45 -27.69 29.64
N ILE E 261 26.52 -26.92 29.13
CA ILE E 261 26.36 -26.85 27.69
C ILE E 261 27.67 -26.44 27.05
N VAL E 262 28.25 -25.37 27.58
CA VAL E 262 29.59 -24.95 27.17
C VAL E 262 30.59 -26.11 27.13
N LYS E 263 30.80 -26.76 28.28
CA LYS E 263 31.82 -27.79 28.43
C LYS E 263 31.71 -29.06 27.59
N ASP E 264 30.52 -29.66 27.53
CA ASP E 264 30.36 -30.96 26.90
C ASP E 264 29.87 -30.87 25.45
N HIS E 265 29.42 -29.69 25.01
CA HIS E 265 29.02 -29.54 23.60
C HIS E 265 29.60 -28.31 22.94
N LEU E 266 29.24 -27.14 23.46
CA LEU E 266 29.61 -25.89 22.83
C LEU E 266 31.08 -25.80 22.50
N LEU E 267 31.94 -25.89 23.52
CA LEU E 267 33.36 -25.67 23.30
C LEU E 267 33.94 -26.67 22.30
N PRO E 268 33.92 -27.96 22.62
CA PRO E 268 34.52 -28.91 21.67
C PRO E 268 34.08 -28.63 20.24
N LYS E 269 32.78 -28.44 20.02
CA LYS E 269 32.31 -28.10 18.68
C LYS E 269 33.13 -26.97 18.04
N GLN E 270 33.39 -25.91 18.80
CA GLN E 270 34.04 -24.72 18.27
C GLN E 270 35.53 -24.97 18.11
N ILE E 271 36.11 -25.70 19.06
CA ILE E 271 37.49 -26.13 18.90
C ILE E 271 37.60 -26.82 17.55
N LYS E 272 36.88 -27.93 17.41
CA LYS E 272 36.97 -28.78 16.24
C LYS E 272 36.67 -28.00 14.99
N GLU E 273 35.88 -26.96 15.12
CA GLU E 273 35.43 -26.21 13.95
C GLU E 273 36.46 -25.17 13.55
N HIS E 274 37.21 -24.68 14.55
CA HIS E 274 38.35 -23.80 14.31
C HIS E 274 39.58 -24.66 14.15
N GLY E 275 39.40 -25.84 13.59
CA GLY E 275 40.44 -26.85 13.56
C GLY E 275 41.58 -26.72 14.56
N LEU E 276 41.42 -27.30 15.72
CA LEU E 276 42.58 -27.44 16.61
C LEU E 276 42.24 -28.42 17.68
N LYS E 277 43.23 -28.76 18.50
CA LYS E 277 43.10 -29.92 19.36
C LYS E 277 42.49 -29.60 20.70
N LYS E 278 41.79 -30.56 21.28
CA LYS E 278 41.33 -30.42 22.65
C LYS E 278 42.52 -30.10 23.55
N SER E 279 43.69 -30.61 23.15
CA SER E 279 44.93 -30.42 23.90
C SER E 279 45.49 -29.05 23.60
N ASN E 280 44.73 -28.27 22.85
CA ASN E 280 45.20 -26.97 22.36
C ASN E 280 44.73 -25.79 23.15
N LEU E 281 43.68 -26.00 23.95
CA LEU E 281 43.02 -24.89 24.58
C LEU E 281 41.99 -25.38 25.56
N GLN E 282 42.06 -24.91 26.79
CA GLN E 282 41.10 -25.30 27.80
C GLN E 282 40.70 -24.05 28.57
N LEU E 283 39.41 -23.90 28.89
CA LEU E 283 39.01 -22.83 29.81
C LEU E 283 38.50 -23.38 31.10
N ARG E 284 39.05 -22.82 32.18
CA ARG E 284 38.74 -23.23 33.53
C ARG E 284 37.30 -22.86 33.81
N ASP E 285 36.64 -23.66 34.65
CA ASP E 285 35.23 -23.46 34.87
C ASP E 285 34.93 -22.01 35.20
N GLN E 286 35.58 -21.47 36.24
CA GLN E 286 35.22 -20.13 36.70
C GLN E 286 35.18 -19.10 35.57
N ALA E 287 36.06 -19.27 34.60
CA ALA E 287 36.10 -18.34 33.47
C ALA E 287 34.87 -18.49 32.62
N ILE E 288 34.50 -19.72 32.33
CA ILE E 288 33.27 -19.97 31.60
C ILE E 288 32.12 -19.21 32.27
N LEU E 289 31.96 -19.46 33.56
CA LEU E 289 30.99 -18.71 34.34
C LEU E 289 31.14 -17.24 34.02
N ASP E 290 32.34 -16.69 34.17
CA ASP E 290 32.53 -15.26 33.95
C ASP E 290 32.09 -14.83 32.55
N ILE E 291 32.49 -15.60 31.54
CA ILE E 291 32.11 -15.29 30.18
C ILE E 291 30.63 -15.03 30.18
N ILE E 292 29.91 -15.92 30.85
CA ILE E 292 28.45 -15.85 30.91
C ILE E 292 27.95 -14.64 31.66
N ARG E 293 28.26 -14.57 32.93
CA ARG E 293 27.74 -13.49 33.78
C ARG E 293 28.04 -12.13 33.18
N TYR E 294 29.20 -12.00 32.54
CA TYR E 294 29.73 -10.68 32.19
C TYR E 294 29.77 -10.32 30.69
N TYR E 295 29.59 -11.30 29.82
CA TYR E 295 29.57 -11.04 28.38
C TYR E 295 28.32 -11.53 27.66
N THR E 296 27.38 -12.09 28.43
CA THR E 296 26.11 -12.55 27.89
C THR E 296 24.95 -12.34 28.87
N ARG E 297 23.96 -11.55 28.49
CA ARG E 297 22.68 -11.61 29.18
C ARG E 297 21.63 -12.01 28.19
N GLU E 298 21.62 -13.30 27.88
CA GLU E 298 20.64 -13.89 26.98
C GLU E 298 20.03 -15.05 27.73
N ALA E 299 18.95 -15.63 27.19
CA ALA E 299 18.37 -16.82 27.80
C ALA E 299 18.84 -18.04 27.07
N GLY E 300 19.16 -17.88 25.80
CA GLY E 300 19.74 -18.95 25.02
C GLY E 300 21.23 -19.09 25.26
N VAL E 301 21.95 -19.61 24.28
CA VAL E 301 23.40 -19.61 24.38
C VAL E 301 24.10 -19.19 23.10
N ARG E 302 23.43 -18.40 22.27
CA ARG E 302 24.02 -17.93 21.02
C ARG E 302 25.17 -16.95 21.28
N SER E 303 24.88 -15.88 22.01
CA SER E 303 25.93 -14.95 22.45
C SER E 303 27.09 -15.70 23.09
N LEU E 304 26.79 -16.77 23.82
CA LEU E 304 27.80 -17.56 24.51
C LEU E 304 28.70 -18.27 23.53
N GLU E 305 28.08 -18.73 22.44
CA GLU E 305 28.81 -19.49 21.44
C GLU E 305 29.76 -18.53 20.77
N ARG E 306 29.25 -17.35 20.45
CA ARG E 306 30.03 -16.35 19.75
C ARG E 306 31.28 -16.00 20.54
N GLN E 307 31.14 -15.82 21.85
CA GLN E 307 32.28 -15.41 22.65
C GLN E 307 33.26 -16.56 22.78
N LEU E 308 32.73 -17.78 22.79
CA LEU E 308 33.60 -18.94 22.78
C LEU E 308 34.45 -18.84 21.54
N ALA E 309 33.80 -18.76 20.37
CA ALA E 309 34.56 -18.73 19.13
C ALA E 309 35.61 -17.65 19.18
N ALA E 310 35.19 -16.44 19.54
CA ALA E 310 36.14 -15.37 19.80
C ALA E 310 37.47 -15.99 20.25
N ILE E 311 37.39 -16.79 21.31
CA ILE E 311 38.57 -17.46 21.87
C ILE E 311 39.10 -18.58 21.02
N CYS E 312 38.25 -19.53 20.60
CA CYS E 312 38.72 -20.54 19.66
C CYS E 312 39.63 -19.86 18.63
N ARG E 313 39.20 -18.70 18.14
CA ARG E 313 39.97 -17.91 17.17
C ARG E 313 41.35 -17.43 17.72
N LYS E 314 41.29 -16.50 18.66
CA LYS E 314 42.45 -15.96 19.34
C LYS E 314 43.43 -17.08 19.60
N ALA E 315 42.88 -18.21 20.06
CA ALA E 315 43.65 -19.40 20.38
C ALA E 315 44.49 -19.82 19.19
N ALA E 316 43.81 -20.10 18.10
CA ALA E 316 44.51 -20.55 16.93
C ALA E 316 45.69 -19.66 16.58
N LYS E 317 45.49 -18.36 16.42
CA LYS E 317 46.62 -17.52 15.98
C LYS E 317 47.88 -17.81 16.79
N ALA E 318 47.71 -18.13 18.06
CA ALA E 318 48.83 -18.56 18.85
C ALA E 318 49.37 -19.85 18.27
N ILE E 319 48.54 -20.90 18.27
CA ILE E 319 48.99 -22.22 17.86
C ILE E 319 49.76 -22.23 16.54
N VAL E 320 49.53 -21.23 15.70
CA VAL E 320 50.27 -21.13 14.43
C VAL E 320 51.57 -20.35 14.55
N ALA E 321 51.51 -19.14 15.07
CA ALA E 321 52.73 -18.42 15.42
C ALA E 321 53.47 -19.09 16.61
N GLU E 322 53.31 -18.55 17.82
CA GLU E 322 53.97 -19.10 19.02
C GLU E 322 54.11 -20.63 19.03
N GLU E 323 53.12 -21.32 18.47
CA GLU E 323 53.15 -22.78 18.32
C GLU E 323 52.89 -23.54 19.62
N ARG E 324 52.97 -22.83 20.76
CA ARG E 324 52.64 -23.41 22.05
C ARG E 324 51.51 -24.36 21.88
N LYS E 325 51.70 -25.62 22.27
CA LYS E 325 50.67 -26.63 22.02
C LYS E 325 49.46 -26.46 22.93
N ARG E 326 49.53 -25.53 23.88
CA ARG E 326 48.43 -25.34 24.84
C ARG E 326 48.17 -23.87 25.15
N ILE E 327 46.91 -23.57 25.41
CA ILE E 327 46.47 -22.23 25.76
C ILE E 327 45.41 -22.36 26.84
N THR E 328 45.67 -21.83 28.03
CA THR E 328 44.72 -22.00 29.13
C THR E 328 44.12 -20.68 29.55
N VAL E 329 42.89 -20.42 29.13
CA VAL E 329 42.20 -19.18 29.48
C VAL E 329 41.63 -19.29 30.88
N THR E 330 41.90 -18.30 31.70
CA THR E 330 41.48 -18.34 33.09
C THR E 330 40.64 -17.11 33.45
N GLU E 331 40.16 -17.05 34.69
CA GLU E 331 39.36 -15.92 35.15
C GLU E 331 40.13 -14.60 35.15
N LYS E 332 41.45 -14.68 34.97
CA LYS E 332 42.28 -13.49 34.89
C LYS E 332 42.64 -13.19 33.45
N ASN E 333 42.91 -14.24 32.68
CA ASN E 333 43.15 -14.13 31.24
C ASN E 333 42.00 -13.52 30.46
N LEU E 334 40.78 -13.75 30.95
CA LEU E 334 39.62 -13.59 30.11
C LEU E 334 39.69 -12.31 29.25
N GLN E 335 40.10 -11.21 29.86
CA GLN E 335 40.16 -9.92 29.16
C GLN E 335 41.10 -9.95 27.93
N ASP E 336 42.12 -10.80 28.02
CA ASP E 336 43.10 -10.94 26.97
C ASP E 336 42.56 -11.81 25.85
N PHE E 337 41.24 -11.98 25.79
CA PHE E 337 40.65 -12.77 24.74
C PHE E 337 39.40 -12.15 24.18
N ILE E 338 38.46 -11.79 25.08
CA ILE E 338 37.12 -11.38 24.63
C ILE E 338 36.78 -9.92 24.91
N GLY E 339 37.78 -9.16 25.34
CA GLY E 339 37.61 -7.73 25.60
C GLY E 339 37.40 -7.46 27.07
N LYS E 340 36.85 -6.30 27.40
CA LYS E 340 36.55 -5.96 28.78
C LYS E 340 35.13 -6.45 29.10
N ARG E 341 34.73 -6.34 30.37
CA ARG E 341 33.37 -6.76 30.79
C ARG E 341 32.27 -6.02 30.01
N ILE E 342 31.12 -6.66 29.86
CA ILE E 342 30.14 -6.12 28.94
C ILE E 342 28.81 -5.80 29.60
N PHE E 343 28.42 -6.61 30.58
CA PHE E 343 27.19 -6.34 31.34
C PHE E 343 27.50 -6.30 32.82
N ARG E 344 26.69 -5.62 33.62
CA ARG E 344 26.86 -5.65 35.07
C ARG E 344 26.11 -6.88 35.58
N TYR E 345 26.50 -7.40 36.74
CA TYR E 345 25.86 -8.61 37.29
C TYR E 345 25.76 -8.53 38.80
N GLY E 346 24.98 -7.59 39.30
CA GLY E 346 24.94 -7.34 40.73
C GLY E 346 24.30 -5.99 40.92
N GLN E 347 24.35 -5.49 42.15
CA GLN E 347 23.78 -4.17 42.46
C GLN E 347 24.82 -3.25 43.13
N ALA E 348 26.07 -3.40 42.69
CA ALA E 348 27.20 -2.62 43.18
C ALA E 348 27.05 -1.12 42.86
N GLU E 349 27.21 -0.79 41.58
CA GLU E 349 27.11 0.60 41.14
C GLU E 349 25.70 1.13 41.35
N THR E 350 24.70 0.34 40.97
CA THR E 350 23.30 0.76 41.02
C THR E 350 22.79 0.97 42.45
N GLU E 351 22.28 2.18 42.71
CA GLU E 351 21.78 2.59 44.03
C GLU E 351 20.31 3.06 43.98
N ASP E 352 19.64 3.01 45.13
CA ASP E 352 18.16 3.10 45.22
C ASP E 352 17.55 4.37 44.61
N GLN E 353 16.37 4.24 44.01
CA GLN E 353 15.72 5.37 43.35
C GLN E 353 14.30 5.64 43.87
N VAL E 354 13.66 6.68 43.33
CA VAL E 354 12.32 7.10 43.76
C VAL E 354 11.25 6.97 42.67
N GLY E 355 10.06 6.51 43.04
CA GLY E 355 9.02 6.31 42.07
C GLY E 355 9.53 5.55 40.86
N VAL E 356 10.39 4.56 41.11
CA VAL E 356 10.98 3.74 40.03
C VAL E 356 11.27 2.27 40.36
N VAL E 357 10.40 1.40 39.85
CA VAL E 357 10.41 0.02 40.28
C VAL E 357 10.95 -0.85 39.18
N THR E 358 11.47 -2.01 39.55
CA THR E 358 12.02 -2.94 38.57
C THR E 358 11.14 -4.16 38.45
N GLY E 359 10.30 -4.22 37.42
CA GLY E 359 9.36 -5.31 37.25
C GLY E 359 9.92 -6.40 36.37
N LEU E 360 9.72 -7.65 36.77
CA LEU E 360 10.08 -8.75 35.92
C LEU E 360 8.99 -8.99 34.91
N ALA E 361 9.37 -9.03 33.64
CA ALA E 361 8.41 -9.15 32.57
C ALA E 361 8.79 -10.31 31.66
N TYR E 362 7.82 -10.82 30.91
CA TYR E 362 8.04 -11.98 30.07
C TYR E 362 8.18 -11.57 28.61
N THR E 363 9.41 -11.31 28.20
CA THR E 363 9.71 -10.98 26.80
C THR E 363 9.72 -12.21 25.94
N THR E 364 9.36 -12.03 24.68
CA THR E 364 9.44 -13.10 23.71
C THR E 364 10.79 -13.81 23.79
N VAL E 365 11.74 -13.18 24.48
CA VAL E 365 13.09 -13.70 24.56
C VAL E 365 13.57 -13.88 25.99
N GLY E 366 12.64 -14.14 26.90
CA GLY E 366 12.99 -14.64 28.21
C GLY E 366 12.60 -13.69 29.31
N GLY E 367 13.12 -13.94 30.50
CA GLY E 367 12.87 -13.01 31.59
C GLY E 367 13.59 -11.73 31.27
N ASP E 368 12.96 -10.59 31.52
CA ASP E 368 13.65 -9.30 31.38
C ASP E 368 13.36 -8.36 32.56
N THR E 369 14.09 -7.27 32.63
CA THR E 369 14.05 -6.40 33.78
C THR E 369 13.77 -4.97 33.35
N LEU E 370 12.52 -4.73 32.97
CA LEU E 370 12.09 -3.43 32.53
C LEU E 370 11.72 -2.60 33.75
N SER E 371 12.12 -1.33 33.74
CA SER E 371 11.87 -0.47 34.89
C SER E 371 10.78 0.53 34.58
N ILE E 372 9.78 0.59 35.46
CA ILE E 372 8.68 1.55 35.32
C ILE E 372 8.94 2.80 36.13
N GLU E 373 8.62 3.97 35.57
CA GLU E 373 8.89 5.24 36.22
C GLU E 373 7.64 6.10 36.33
N VAL E 374 7.56 6.97 37.33
CA VAL E 374 6.43 7.90 37.48
C VAL E 374 6.89 9.33 37.83
N SER E 375 6.32 10.34 37.19
CA SER E 375 6.78 11.71 37.41
C SER E 375 5.64 12.62 37.84
N LEU E 376 5.94 13.59 38.70
CA LEU E 376 4.89 14.42 39.26
C LEU E 376 4.96 15.86 38.79
N SER E 377 3.95 16.26 38.04
CA SER E 377 3.83 17.64 37.59
C SER E 377 2.45 18.14 37.97
N PRO E 378 2.37 19.37 38.46
CA PRO E 378 1.12 20.04 38.84
C PRO E 378 0.03 19.90 37.78
N GLY E 379 -1.24 19.98 38.18
CA GLY E 379 -2.34 19.93 37.22
C GLY E 379 -3.66 19.32 37.66
N LYS E 380 -4.19 18.41 36.86
CA LYS E 380 -5.48 17.77 37.12
C LYS E 380 -5.33 16.27 37.33
N GLY E 381 -6.35 15.63 37.90
CA GLY E 381 -6.29 14.21 38.18
C GLY E 381 -5.91 13.33 37.00
N LYS E 382 -6.01 13.88 35.79
CA LYS E 382 -5.66 13.16 34.59
C LYS E 382 -4.28 12.54 34.73
N LEU E 383 -4.07 11.37 34.11
CA LEU E 383 -2.76 10.74 34.12
C LEU E 383 -2.42 10.26 32.72
N ILE E 384 -1.33 10.75 32.16
CA ILE E 384 -0.94 10.35 30.82
C ILE E 384 0.28 9.48 30.91
N LEU E 385 0.24 8.34 30.22
CA LEU E 385 1.36 7.42 30.25
C LEU E 385 2.05 7.28 28.90
N THR E 386 3.33 6.93 28.94
CA THR E 386 4.15 6.91 27.73
C THR E 386 4.55 5.47 27.41
N GLY E 387 5.41 5.32 26.41
CA GLY E 387 5.86 4.00 26.01
C GLY E 387 4.78 3.33 25.17
N LYS E 388 4.59 2.04 25.37
CA LYS E 388 3.56 1.33 24.63
C LYS E 388 2.25 2.06 24.81
N LEU E 389 1.62 2.41 23.70
CA LEU E 389 0.36 3.14 23.70
C LEU E 389 -0.59 2.51 24.72
N GLY E 390 -0.53 1.19 24.84
CA GLY E 390 -1.26 0.44 25.85
C GLY E 390 -2.67 0.88 26.21
N ASP E 391 -3.67 0.22 25.66
CA ASP E 391 -5.02 0.41 26.14
C ASP E 391 -5.21 -0.61 27.26
N VAL E 392 -4.40 -1.67 27.22
CA VAL E 392 -4.40 -2.70 28.24
C VAL E 392 -3.83 -2.14 29.53
N MET E 393 -2.89 -1.21 29.39
CA MET E 393 -2.18 -0.66 30.54
C MET E 393 -3.04 0.31 31.33
N ARG E 394 -3.67 1.24 30.63
CA ARG E 394 -4.48 2.27 31.29
C ARG E 394 -5.40 1.64 32.32
N GLU E 395 -6.13 0.60 31.92
CA GLU E 395 -6.99 -0.11 32.86
C GLU E 395 -6.24 -0.39 34.16
N SER E 396 -5.10 -1.07 34.05
CA SER E 396 -4.29 -1.37 35.23
C SER E 396 -3.79 -0.10 35.89
N ALA E 397 -3.14 0.77 35.12
CA ALA E 397 -2.62 2.01 35.67
C ALA E 397 -3.66 2.71 36.51
N GLN E 398 -4.74 3.14 35.86
CA GLN E 398 -5.84 3.81 36.56
C GLN E 398 -6.57 2.88 37.52
N ALA E 399 -5.81 1.99 38.18
CA ALA E 399 -6.36 1.06 39.15
C ALA E 399 -5.41 1.05 40.33
N ALA E 400 -4.12 0.98 40.07
CA ALA E 400 -3.15 1.17 41.11
C ALA E 400 -3.37 2.60 41.51
N PHE E 401 -3.72 3.40 40.51
CA PHE E 401 -4.08 4.78 40.75
C PHE E 401 -5.32 4.80 41.62
N SER E 402 -6.37 4.15 41.14
CA SER E 402 -7.65 4.14 41.85
C SER E 402 -7.56 3.42 43.18
N TYR E 403 -6.38 2.91 43.51
CA TYR E 403 -6.17 2.30 44.81
C TYR E 403 -5.75 3.39 45.77
N VAL E 404 -4.61 3.98 45.52
CA VAL E 404 -4.12 5.11 46.28
C VAL E 404 -5.21 6.15 46.42
N ARG E 405 -6.10 6.25 45.45
CA ARG E 405 -7.26 7.11 45.62
C ARG E 405 -7.87 6.87 47.00
N SER E 406 -8.07 5.60 47.33
CA SER E 406 -8.64 5.21 48.62
C SER E 406 -7.61 5.31 49.72
N LYS E 407 -7.15 4.16 50.23
CA LYS E 407 -6.19 4.11 51.32
C LYS E 407 -5.08 5.17 51.19
N THR E 408 -5.31 6.37 51.71
CA THR E 408 -4.40 7.50 51.49
C THR E 408 -3.56 7.91 52.70
N GLU E 409 -4.17 8.68 53.60
CA GLU E 409 -3.47 9.09 54.81
C GLU E 409 -2.83 7.86 55.41
N GLU E 410 -3.51 6.73 55.26
CA GLU E 410 -3.05 5.45 55.79
C GLU E 410 -1.68 5.08 55.21
N LEU E 411 -1.25 5.83 54.20
CA LEU E 411 -0.07 5.47 53.43
C LEU E 411 0.99 6.57 53.46
N GLY E 412 0.58 7.74 53.94
CA GLY E 412 1.49 8.86 54.03
C GLY E 412 1.56 9.59 52.71
N ILE E 413 0.56 10.41 52.42
CA ILE E 413 0.50 11.15 51.18
C ILE E 413 -0.68 12.13 51.18
N GLU E 414 -0.40 13.39 50.86
CA GLU E 414 -1.40 14.47 50.96
C GLU E 414 -2.67 14.24 50.13
N PRO E 415 -3.77 13.87 50.81
CA PRO E 415 -5.01 13.47 50.14
C PRO E 415 -5.46 14.47 49.07
N ASP E 416 -4.98 15.69 49.14
CA ASP E 416 -5.34 16.70 48.16
C ASP E 416 -4.48 16.55 46.91
N PHE E 417 -4.19 15.31 46.51
CA PHE E 417 -3.26 15.08 45.40
C PHE E 417 -3.90 14.80 44.05
N HIS E 418 -4.75 13.78 43.99
CA HIS E 418 -5.41 13.45 42.73
C HIS E 418 -6.19 14.65 42.20
N GLU E 419 -6.24 15.69 43.04
CA GLU E 419 -6.96 16.91 42.70
C GLU E 419 -6.01 17.97 42.16
N LYS E 420 -4.76 17.98 42.62
CA LYS E 420 -3.80 19.02 42.21
C LYS E 420 -2.41 18.49 41.87
N TYR E 421 -2.38 17.40 41.12
CA TYR E 421 -1.14 16.84 40.57
C TYR E 421 -1.47 16.19 39.22
N ASP E 422 -0.44 15.89 38.42
CA ASP E 422 -0.61 15.19 37.14
C ASP E 422 0.47 14.12 37.04
N ILE E 423 0.07 12.85 37.02
CA ILE E 423 1.03 11.77 37.11
C ILE E 423 1.40 11.15 35.75
N HIS E 424 2.70 11.03 35.50
CA HIS E 424 3.23 10.44 34.27
C HIS E 424 3.86 9.07 34.52
N ILE E 425 3.46 8.10 33.74
CA ILE E 425 3.96 6.75 33.91
C ILE E 425 4.62 6.26 32.62
N HIS E 426 5.67 5.48 32.76
CA HIS E 426 6.39 4.91 31.63
C HIS E 426 6.49 3.40 31.86
N VAL E 427 5.94 2.64 30.92
CA VAL E 427 6.03 1.18 30.95
C VAL E 427 6.72 0.64 29.70
N PRO E 428 8.04 0.37 29.80
CA PRO E 428 8.81 0.00 28.63
C PRO E 428 8.21 -1.20 27.93
N GLU E 429 8.23 -1.14 26.60
CA GLU E 429 7.71 -2.21 25.79
C GLU E 429 8.56 -3.44 26.04
N GLY E 430 7.93 -4.61 25.92
CA GLY E 430 8.68 -5.84 25.95
C GLY E 430 7.83 -6.95 26.47
N ALA E 431 7.11 -6.65 27.55
CA ALA E 431 6.21 -7.60 28.14
C ALA E 431 5.25 -8.04 27.05
N VAL E 432 4.95 -9.32 26.98
CA VAL E 432 4.07 -9.80 25.92
C VAL E 432 2.64 -9.69 26.41
N PRO E 433 1.71 -9.39 25.49
CA PRO E 433 0.29 -9.22 25.68
C PRO E 433 -0.27 -9.88 26.94
N LYS E 434 -0.32 -11.21 26.97
CA LYS E 434 -0.87 -11.96 28.08
C LYS E 434 -0.38 -11.39 29.43
N ASP E 435 0.84 -10.86 29.43
CA ASP E 435 1.51 -10.48 30.66
C ASP E 435 1.45 -9.00 30.95
N GLY E 436 0.76 -8.24 30.11
CA GLY E 436 0.61 -6.81 30.33
C GLY E 436 0.16 -6.43 31.74
N PRO E 437 -0.96 -7.02 32.19
CA PRO E 437 -1.56 -6.72 33.50
C PRO E 437 -0.65 -7.13 34.63
N ALA E 438 0.48 -7.75 34.30
CA ALA E 438 1.36 -8.30 35.32
C ALA E 438 2.25 -7.23 35.87
N ALA E 439 2.01 -6.00 35.45
CA ALA E 439 2.78 -4.84 35.88
C ALA E 439 2.07 -3.98 36.92
N GLY E 440 0.91 -4.47 37.38
CA GLY E 440 0.09 -3.74 38.32
C GLY E 440 0.84 -3.32 39.57
N ILE E 441 1.28 -4.30 40.35
CA ILE E 441 1.93 -3.99 41.61
C ILE E 441 3.14 -3.10 41.35
N THR E 442 3.68 -3.19 40.14
CA THR E 442 4.84 -2.41 39.77
C THR E 442 4.47 -0.93 39.67
N MET E 443 3.69 -0.55 38.66
CA MET E 443 3.17 0.82 38.57
C MET E 443 2.66 1.36 39.91
N ALA E 444 1.88 0.56 40.63
CA ALA E 444 1.41 0.96 41.96
C ALA E 444 2.59 1.39 42.82
N THR E 445 3.45 0.43 43.15
CA THR E 445 4.66 0.66 43.91
C THR E 445 5.37 1.96 43.49
N ALA E 446 5.56 2.16 42.19
CA ALA E 446 6.17 3.39 41.69
C ALA E 446 5.34 4.58 42.10
N LEU E 447 4.13 4.66 41.57
CA LEU E 447 3.19 5.74 41.89
C LEU E 447 3.18 6.16 43.36
N VAL E 448 3.33 5.20 44.24
CA VAL E 448 3.40 5.54 45.66
C VAL E 448 4.77 6.09 45.96
N SER E 449 5.81 5.29 45.72
CA SER E 449 7.17 5.70 46.00
C SER E 449 7.43 7.07 45.39
N ALA E 450 6.62 7.45 44.42
CA ALA E 450 6.81 8.70 43.73
C ALA E 450 6.07 9.79 44.47
N LEU E 451 4.90 9.46 44.99
CA LEU E 451 4.06 10.42 45.68
C LEU E 451 4.53 10.70 47.11
N THR E 452 5.14 9.71 47.73
CA THR E 452 5.54 9.82 49.12
C THR E 452 7.04 10.06 49.27
N GLY E 453 7.67 10.49 48.20
CA GLY E 453 9.10 10.72 48.23
C GLY E 453 9.93 9.58 48.80
N ARG E 454 9.34 8.41 49.03
CA ARG E 454 10.12 7.29 49.54
C ARG E 454 11.14 6.77 48.53
N ALA E 455 11.28 5.45 48.37
CA ALA E 455 12.27 4.91 47.44
C ALA E 455 12.26 3.40 47.31
N VAL E 456 12.08 2.91 46.09
CA VAL E 456 12.09 1.48 45.85
C VAL E 456 13.48 0.92 46.06
N SER E 457 13.55 -0.24 46.71
CA SER E 457 14.84 -0.88 47.00
C SER E 457 15.38 -1.50 45.74
N ARG E 458 16.49 -0.96 45.27
CA ARG E 458 17.10 -1.36 44.00
C ARG E 458 17.20 -2.88 43.83
N GLU E 459 17.22 -3.59 44.96
CA GLU E 459 17.45 -5.02 44.96
C GLU E 459 16.25 -5.80 44.48
N VAL E 460 15.07 -5.21 44.65
CA VAL E 460 13.82 -5.94 44.45
C VAL E 460 13.30 -5.88 43.03
N GLY E 461 12.89 -7.03 42.54
CA GLY E 461 12.17 -7.12 41.29
C GLY E 461 10.80 -7.67 41.59
N MET E 462 9.78 -7.06 41.02
CA MET E 462 8.41 -7.47 41.32
C MET E 462 7.53 -7.70 40.09
N THR E 463 6.53 -8.56 40.27
CA THR E 463 5.53 -8.80 39.25
C THR E 463 4.17 -9.18 39.93
N GLY E 464 3.08 -8.57 39.48
CA GLY E 464 1.76 -8.89 40.01
C GLY E 464 0.65 -8.02 39.46
N GLU E 465 -0.52 -8.63 39.23
CA GLU E 465 -1.71 -7.92 38.74
C GLU E 465 -2.50 -7.21 39.86
N ILE E 466 -2.99 -6.01 39.57
CA ILE E 466 -3.58 -5.21 40.62
C ILE E 466 -5.07 -5.19 40.43
N THR E 467 -5.82 -5.01 41.52
CA THR E 467 -7.25 -4.74 41.43
C THR E 467 -7.62 -3.48 42.19
N LEU E 468 -8.74 -2.84 41.82
CA LEU E 468 -9.22 -1.63 42.49
C LEU E 468 -9.02 -1.67 44.00
N ARG E 469 -9.47 -2.74 44.63
CA ARG E 469 -9.39 -2.85 46.08
C ARG E 469 -7.95 -2.93 46.59
N GLY E 470 -7.03 -3.33 45.73
CA GLY E 470 -5.64 -3.49 46.13
C GLY E 470 -5.20 -4.94 46.14
N ARG E 471 -6.07 -5.80 45.63
CA ARG E 471 -5.79 -7.23 45.54
C ARG E 471 -4.62 -7.50 44.57
N VAL E 472 -3.85 -8.55 44.85
CA VAL E 472 -2.77 -8.98 43.96
C VAL E 472 -3.07 -10.36 43.34
N LEU E 473 -3.53 -10.34 42.09
CA LEU E 473 -3.94 -11.55 41.40
C LEU E 473 -2.77 -12.28 40.76
N PRO E 474 -2.97 -13.55 40.40
CA PRO E 474 -1.96 -14.46 39.82
C PRO E 474 -1.33 -13.98 38.52
N ILE E 475 -0.05 -14.31 38.36
CA ILE E 475 0.76 -13.83 37.25
C ILE E 475 1.22 -14.96 36.35
N GLY E 476 1.68 -14.63 35.16
CA GLY E 476 2.17 -15.61 34.21
C GLY E 476 3.67 -15.90 34.18
N GLY E 477 4.02 -17.17 33.96
CA GLY E 477 5.39 -17.61 33.86
C GLY E 477 6.37 -17.16 34.92
N LEU E 478 6.08 -17.43 36.18
CA LEU E 478 6.98 -17.00 37.24
C LEU E 478 8.35 -17.61 37.05
N LYS E 479 8.40 -18.80 36.45
CA LYS E 479 9.69 -19.46 36.18
C LYS E 479 10.71 -18.57 35.43
N GLU E 480 10.41 -18.30 34.17
CA GLU E 480 11.28 -17.50 33.33
C GLU E 480 11.55 -16.15 33.97
N LYS E 481 10.54 -15.60 34.61
CA LYS E 481 10.70 -14.30 35.26
C LYS E 481 11.82 -14.27 36.31
N ALA E 482 11.81 -15.23 37.24
CA ALA E 482 12.78 -15.26 38.33
C ALA E 482 14.08 -15.76 37.77
N LEU E 483 13.98 -16.53 36.72
CA LEU E 483 15.19 -17.00 36.04
C LEU E 483 15.97 -15.78 35.57
N GLY E 484 15.31 -14.90 34.84
CA GLY E 484 15.99 -13.73 34.35
C GLY E 484 16.19 -12.68 35.40
N ALA E 485 15.56 -12.88 36.56
CA ALA E 485 15.67 -11.91 37.63
C ALA E 485 16.99 -12.19 38.28
N HIS E 486 17.33 -13.47 38.29
CA HIS E 486 18.54 -13.93 38.91
C HIS E 486 19.68 -13.54 38.00
N ARG E 487 19.42 -13.57 36.70
CA ARG E 487 20.48 -13.39 35.70
C ARG E 487 21.10 -12.02 35.85
N ALA E 488 20.25 -11.02 36.10
CA ALA E 488 20.70 -9.65 36.31
C ALA E 488 21.06 -9.46 37.76
N GLY E 489 20.99 -10.56 38.51
CA GLY E 489 21.44 -10.60 39.90
C GLY E 489 20.65 -9.74 40.87
N LEU E 490 19.36 -10.00 41.00
CA LEU E 490 18.61 -9.31 42.02
C LEU E 490 18.47 -10.20 43.26
N THR E 491 18.14 -9.60 44.40
CA THR E 491 18.09 -10.35 45.64
C THR E 491 16.68 -10.82 45.90
N THR E 492 15.76 -9.86 45.99
CA THR E 492 14.38 -10.11 46.39
C THR E 492 13.42 -9.99 45.21
N ILE E 493 12.42 -10.84 45.18
CA ILE E 493 11.52 -10.85 44.04
C ILE E 493 10.06 -11.07 44.51
N ILE E 494 9.44 -9.97 44.92
CA ILE E 494 8.02 -9.92 45.30
C ILE E 494 7.07 -10.35 44.19
N ALA E 495 6.23 -11.36 44.45
CA ALA E 495 5.25 -11.83 43.46
C ALA E 495 3.96 -12.27 44.13
N PRO E 496 2.90 -12.55 43.33
CA PRO E 496 1.59 -12.93 43.82
C PRO E 496 1.62 -14.11 44.79
N LYS E 497 0.87 -13.99 45.89
CA LYS E 497 0.71 -15.08 46.85
C LYS E 497 0.19 -16.35 46.16
N ASP E 498 -0.84 -16.20 45.34
CA ASP E 498 -1.47 -17.34 44.69
C ASP E 498 -0.57 -17.94 43.62
N ASN E 499 0.72 -17.62 43.70
CA ASN E 499 1.68 -18.11 42.70
C ASN E 499 2.69 -19.11 43.26
N GLU E 500 2.64 -19.29 44.59
CA GLU E 500 3.55 -20.15 45.33
C GLU E 500 3.71 -21.56 44.73
N LYS E 501 2.61 -22.20 44.38
CA LYS E 501 2.66 -23.55 43.80
C LYS E 501 3.42 -23.52 42.46
N ASP E 502 3.91 -22.34 42.10
CA ASP E 502 4.61 -22.18 40.85
C ASP E 502 6.11 -22.15 41.12
N ILE E 503 6.47 -21.84 42.35
CA ILE E 503 7.88 -21.83 42.74
C ILE E 503 8.49 -23.23 42.76
N GLU E 504 7.65 -24.24 42.90
CA GLU E 504 8.13 -25.62 42.91
C GLU E 504 9.06 -25.89 41.73
N ASP E 505 8.62 -25.57 40.52
CA ASP E 505 9.37 -25.99 39.34
C ASP E 505 10.55 -25.06 38.97
N ILE E 506 10.74 -24.01 39.75
CA ILE E 506 11.89 -23.11 39.57
C ILE E 506 13.22 -23.80 39.92
N PRO E 507 14.08 -24.01 38.91
CA PRO E 507 15.33 -24.77 39.07
C PRO E 507 16.10 -24.45 40.34
N GLU E 508 16.64 -25.52 40.93
CA GLU E 508 17.35 -25.43 42.21
C GLU E 508 18.19 -24.18 42.32
N SER E 509 19.17 -24.08 41.42
CA SER E 509 20.24 -23.06 41.45
C SER E 509 19.74 -21.64 41.69
N VAL E 510 18.64 -21.27 41.04
CA VAL E 510 18.10 -19.91 41.11
C VAL E 510 17.15 -19.67 42.30
N ARG E 511 16.30 -20.65 42.56
CA ARG E 511 15.44 -20.58 43.72
C ARG E 511 16.32 -20.44 44.97
N GLU E 512 17.59 -20.80 44.84
CA GLU E 512 18.53 -20.82 45.97
C GLU E 512 19.17 -19.45 46.22
N GLY E 513 19.17 -18.59 45.21
CA GLY E 513 19.74 -17.26 45.35
C GLY E 513 18.68 -16.17 45.50
N LEU E 514 17.43 -16.59 45.67
CA LEU E 514 16.37 -15.64 45.73
C LEU E 514 15.49 -15.83 46.96
N THR E 515 15.12 -14.71 47.58
CA THR E 515 14.14 -14.73 48.65
C THR E 515 12.82 -14.26 48.06
N PHE E 516 11.94 -15.22 47.82
CA PHE E 516 10.61 -14.93 47.25
C PHE E 516 9.65 -14.36 48.29
N ILE E 517 9.44 -13.04 48.24
CA ILE E 517 8.38 -12.42 49.04
C ILE E 517 7.03 -12.52 48.31
N LEU E 518 6.11 -13.31 48.85
CA LEU E 518 4.79 -13.49 48.24
C LEU E 518 3.75 -12.59 48.90
N ALA E 519 2.82 -12.07 48.10
CA ALA E 519 1.93 -11.03 48.58
C ALA E 519 0.56 -11.13 47.93
N SER E 520 -0.45 -10.61 48.64
CA SER E 520 -1.84 -10.65 48.19
C SER E 520 -2.48 -9.27 48.08
N HIS E 521 -2.02 -8.31 48.87
CA HIS E 521 -2.47 -6.93 48.70
C HIS E 521 -1.29 -5.97 48.58
N LEU E 522 -1.52 -4.80 47.98
CA LEU E 522 -0.45 -3.82 47.81
C LEU E 522 0.39 -3.60 49.06
N ASP E 523 -0.27 -3.25 50.18
CA ASP E 523 0.45 -2.92 51.41
C ASP E 523 1.58 -3.92 51.69
N GLU E 524 1.29 -5.20 51.50
CA GLU E 524 2.34 -6.23 51.60
C GLU E 524 3.56 -5.97 50.68
N VAL E 525 3.28 -5.74 49.40
CA VAL E 525 4.30 -5.39 48.43
C VAL E 525 4.98 -4.10 48.87
N LEU E 526 4.22 -3.03 49.01
CA LEU E 526 4.79 -1.74 49.40
C LEU E 526 5.74 -1.82 50.59
N GLU E 527 5.36 -2.60 51.60
CA GLU E 527 6.16 -2.68 52.83
C GLU E 527 7.53 -3.27 52.55
N HIS E 528 7.58 -4.25 51.65
CA HIS E 528 8.83 -4.93 51.35
C HIS E 528 9.67 -4.26 50.26
N ALA E 529 9.03 -3.47 49.42
CA ALA E 529 9.73 -2.92 48.25
C ALA E 529 10.16 -1.48 48.45
N LEU E 530 9.61 -0.85 49.49
CA LEU E 530 9.97 0.51 49.86
C LEU E 530 10.77 0.50 51.14
N VAL E 531 11.48 1.60 51.41
CA VAL E 531 12.25 1.71 52.63
C VAL E 531 12.05 3.06 53.29
N THR F 7 -11.64 -16.00 -32.53
CA THR F 7 -12.88 -15.96 -31.77
C THR F 7 -12.92 -14.75 -30.85
N GLY F 8 -12.37 -14.90 -29.64
CA GLY F 8 -12.39 -13.83 -28.66
C GLY F 8 -13.78 -13.59 -28.12
N GLU F 9 -13.88 -13.17 -26.87
CA GLU F 9 -15.18 -12.86 -26.27
C GLU F 9 -15.75 -11.58 -26.88
N VAL F 10 -15.27 -11.24 -28.07
CA VAL F 10 -15.75 -10.07 -28.78
C VAL F 10 -17.11 -10.37 -29.43
N GLN F 11 -17.62 -11.58 -29.18
CA GLN F 11 -18.90 -11.98 -29.75
C GLN F 11 -19.86 -12.45 -28.67
N THR F 12 -19.32 -13.17 -27.68
CA THR F 12 -20.13 -13.71 -26.59
C THR F 12 -21.16 -12.69 -26.11
N LEU F 13 -20.73 -11.44 -25.99
CA LEU F 13 -21.62 -10.38 -25.55
C LEU F 13 -22.30 -9.73 -26.75
N THR F 14 -21.49 -9.13 -27.62
CA THR F 14 -22.00 -8.43 -28.79
C THR F 14 -23.17 -9.16 -29.44
N GLU F 15 -23.01 -10.46 -29.66
CA GLU F 15 -24.06 -11.25 -30.29
C GLU F 15 -25.40 -11.05 -29.60
N LYS F 16 -25.47 -11.40 -28.32
CA LYS F 16 -26.73 -11.28 -27.58
C LYS F 16 -27.15 -9.83 -27.40
N ILE F 17 -26.32 -8.90 -27.86
CA ILE F 17 -26.64 -7.49 -27.76
C ILE F 17 -27.58 -7.06 -28.87
N GLU F 18 -27.26 -7.44 -30.10
CA GLU F 18 -28.13 -7.12 -31.23
C GLU F 18 -29.38 -7.98 -31.19
N GLU F 19 -29.44 -8.88 -30.19
CA GLU F 19 -30.58 -9.76 -29.97
C GLU F 19 -31.91 -9.00 -29.99
N ALA F 20 -32.99 -9.72 -30.21
CA ALA F 20 -34.33 -9.12 -30.18
C ALA F 20 -34.48 -8.21 -28.98
N GLY F 21 -33.94 -8.66 -27.84
CA GLY F 21 -33.88 -7.82 -26.66
C GLY F 21 -32.99 -6.63 -26.90
N MET F 22 -33.38 -5.48 -26.36
CA MET F 22 -32.66 -4.22 -26.58
C MET F 22 -33.14 -3.49 -27.84
N PRO F 23 -34.43 -3.12 -27.88
CA PRO F 23 -35.06 -2.45 -29.02
C PRO F 23 -34.73 -0.97 -29.12
N ASP F 24 -35.16 -0.20 -28.12
CA ASP F 24 -34.97 1.25 -28.13
C ASP F 24 -33.55 1.61 -28.58
N HIS F 25 -33.46 2.59 -29.48
CA HIS F 25 -32.17 2.98 -30.05
C HIS F 25 -31.53 4.14 -29.28
N VAL F 26 -32.35 4.89 -28.56
CA VAL F 26 -31.87 5.97 -27.71
C VAL F 26 -30.75 5.46 -26.79
N LYS F 27 -30.82 4.17 -26.47
CA LYS F 27 -29.84 3.52 -25.60
C LYS F 27 -28.74 2.84 -26.41
N GLU F 28 -29.13 2.13 -27.47
CA GLU F 28 -28.19 1.34 -28.24
C GLU F 28 -26.99 2.16 -28.64
N THR F 29 -27.20 3.47 -28.78
CA THR F 29 -26.11 4.40 -29.02
C THR F 29 -25.08 4.21 -27.91
N ALA F 30 -25.45 4.62 -26.69
CA ALA F 30 -24.58 4.47 -25.54
C ALA F 30 -24.12 3.01 -25.40
N LEU F 31 -24.83 2.10 -26.05
CA LEU F 31 -24.50 0.69 -26.00
C LEU F 31 -23.23 0.37 -26.78
N LYS F 32 -23.35 0.22 -28.09
CA LYS F 32 -22.21 -0.09 -28.93
C LYS F 32 -21.09 0.93 -28.71
N GLU F 33 -21.45 2.13 -28.25
CA GLU F 33 -20.48 3.16 -27.96
C GLU F 33 -19.41 2.66 -26.98
N LEU F 34 -19.78 2.53 -25.71
CA LEU F 34 -18.86 1.98 -24.72
C LEU F 34 -18.53 0.52 -25.05
N ASN F 35 -19.14 -0.01 -26.11
CA ASN F 35 -18.89 -1.37 -26.54
C ASN F 35 -17.69 -1.48 -27.47
N ARG F 36 -17.79 -0.84 -28.63
CA ARG F 36 -16.67 -0.72 -29.57
C ARG F 36 -15.54 0.04 -28.90
N TYR F 37 -15.49 -0.03 -27.58
CA TYR F 37 -14.52 0.72 -26.78
C TYR F 37 -13.12 0.14 -26.92
N GLU F 38 -12.58 -0.35 -25.83
CA GLU F 38 -11.19 -0.81 -25.80
C GLU F 38 -11.07 -2.28 -25.47
N LYS F 39 -11.69 -3.15 -26.26
CA LYS F 39 -11.40 -4.56 -26.14
C LYS F 39 -9.90 -4.69 -26.29
N ILE F 40 -9.30 -3.65 -26.85
CA ILE F 40 -7.86 -3.44 -26.83
C ILE F 40 -7.56 -2.60 -25.60
N PRO F 41 -6.76 -3.13 -24.67
CA PRO F 41 -6.05 -4.39 -24.74
C PRO F 41 -6.71 -5.45 -23.86
N SER F 42 -5.88 -6.28 -23.23
CA SER F 42 -6.35 -7.32 -22.32
C SER F 42 -7.12 -6.72 -21.18
N SER F 43 -7.41 -7.54 -20.16
CA SER F 43 -8.16 -7.09 -19.00
C SER F 43 -7.31 -6.21 -18.09
N SER F 44 -6.89 -5.06 -18.61
CA SER F 44 -6.18 -4.08 -17.81
C SER F 44 -7.03 -3.66 -16.62
N ALA F 45 -6.43 -2.93 -15.69
CA ALA F 45 -7.19 -2.37 -14.58
C ALA F 45 -8.34 -1.56 -15.13
N GLU F 46 -8.17 -1.06 -16.34
CA GLU F 46 -9.21 -0.31 -17.04
C GLU F 46 -10.23 -1.27 -17.64
N SER F 47 -9.74 -2.31 -18.29
CA SER F 47 -10.59 -3.24 -19.04
C SER F 47 -11.55 -4.02 -18.16
N SER F 48 -11.47 -3.79 -16.85
CA SER F 48 -12.38 -4.46 -15.92
C SER F 48 -13.54 -3.54 -15.60
N VAL F 49 -13.33 -2.24 -15.80
CA VAL F 49 -14.33 -1.24 -15.47
C VAL F 49 -15.59 -1.38 -16.32
N ILE F 50 -15.66 -0.61 -17.40
CA ILE F 50 -16.81 -0.63 -18.30
C ILE F 50 -17.17 -2.07 -18.67
N ARG F 51 -16.19 -2.96 -18.55
CA ARG F 51 -16.41 -4.38 -18.79
C ARG F 51 -17.77 -4.83 -18.28
N ASN F 52 -18.08 -4.44 -17.05
CA ASN F 52 -19.31 -4.89 -16.40
C ASN F 52 -20.50 -4.00 -16.73
N TYR F 53 -20.25 -2.70 -16.82
CA TYR F 53 -21.27 -1.70 -17.15
C TYR F 53 -22.20 -2.22 -18.25
N ILE F 54 -21.69 -3.09 -19.11
CA ILE F 54 -22.49 -3.59 -20.22
C ILE F 54 -23.53 -4.60 -19.77
N ASP F 55 -23.14 -5.47 -18.83
CA ASP F 55 -24.04 -6.54 -18.40
C ASP F 55 -25.29 -6.06 -17.68
N TRP F 56 -25.14 -5.22 -16.66
CA TRP F 56 -26.29 -4.64 -15.96
C TRP F 56 -27.24 -4.17 -17.05
N LEU F 57 -26.65 -3.74 -18.16
CA LEU F 57 -27.39 -3.14 -19.25
C LEU F 57 -28.09 -4.18 -20.12
N VAL F 58 -27.71 -5.44 -19.96
CA VAL F 58 -28.24 -6.49 -20.81
C VAL F 58 -29.59 -7.02 -20.33
N ALA F 59 -29.81 -6.96 -19.02
CA ALA F 59 -31.03 -7.54 -18.44
C ALA F 59 -32.22 -6.56 -18.45
N LEU F 60 -31.94 -5.29 -18.18
CA LEU F 60 -32.96 -4.24 -18.20
C LEU F 60 -34.09 -4.52 -19.18
N PRO F 61 -35.33 -4.28 -18.75
CA PRO F 61 -36.55 -4.51 -19.52
C PRO F 61 -36.86 -3.37 -20.49
N TRP F 62 -37.62 -3.67 -21.53
CA TRP F 62 -38.02 -2.67 -22.52
C TRP F 62 -39.30 -3.11 -23.22
N THR F 63 -39.21 -4.23 -23.93
CA THR F 63 -40.37 -4.78 -24.65
C THR F 63 -41.35 -5.36 -23.67
N ASP F 64 -40.82 -6.16 -22.75
CA ASP F 64 -41.65 -6.97 -21.88
C ASP F 64 -42.65 -6.18 -21.06
N GLU F 65 -43.82 -5.98 -21.66
CA GLU F 65 -44.94 -5.32 -21.00
C GLU F 65 -45.99 -6.35 -20.59
N THR F 66 -45.87 -6.85 -19.37
CA THR F 66 -46.82 -7.80 -18.82
C THR F 66 -48.23 -7.31 -19.02
N ASP F 67 -49.06 -8.18 -19.59
CA ASP F 67 -50.46 -7.86 -19.86
C ASP F 67 -51.28 -7.87 -18.57
N ASP F 68 -51.77 -6.70 -18.16
CA ASP F 68 -52.50 -6.58 -16.91
C ASP F 68 -53.94 -7.03 -17.00
N LYS F 69 -54.41 -7.58 -15.88
CA LYS F 69 -55.80 -7.98 -15.71
C LYS F 69 -56.33 -7.23 -14.50
N LEU F 70 -57.46 -6.55 -14.65
CA LEU F 70 -58.01 -5.72 -13.57
C LEU F 70 -59.46 -6.03 -13.30
N ASP F 71 -59.73 -7.25 -12.84
CA ASP F 71 -61.09 -7.72 -12.64
C ASP F 71 -61.43 -7.70 -11.16
N LEU F 72 -61.95 -6.56 -10.68
CA LEU F 72 -62.25 -6.40 -9.25
C LEU F 72 -62.98 -7.60 -8.66
N LYS F 73 -64.02 -8.06 -9.37
CA LYS F 73 -64.84 -9.16 -8.87
C LYS F 73 -63.93 -10.23 -8.27
N GLU F 74 -62.79 -10.47 -8.91
CA GLU F 74 -61.75 -11.31 -8.32
C GLU F 74 -61.00 -10.47 -7.28
N ALA F 75 -59.74 -10.16 -7.55
CA ALA F 75 -58.92 -9.28 -6.71
C ALA F 75 -59.49 -9.04 -5.31
N GLY F 76 -60.49 -8.16 -5.22
CA GLY F 76 -61.10 -7.85 -3.95
C GLY F 76 -61.38 -9.09 -3.12
N ARG F 77 -61.69 -10.19 -3.80
CA ARG F 77 -61.96 -11.46 -3.14
C ARG F 77 -60.88 -12.48 -3.39
N LEU F 78 -59.69 -11.98 -3.71
CA LEU F 78 -58.44 -12.72 -3.60
C LEU F 78 -57.75 -12.20 -2.35
N LEU F 79 -57.98 -10.92 -2.07
CA LEU F 79 -57.59 -10.29 -0.80
C LEU F 79 -58.25 -11.00 0.39
N ASP F 80 -59.50 -11.43 0.20
CA ASP F 80 -60.16 -12.27 1.19
C ASP F 80 -59.72 -13.75 1.18
N GLU F 81 -58.83 -14.12 0.28
CA GLU F 81 -58.28 -15.47 0.29
C GLU F 81 -56.96 -15.51 1.07
N GLU F 82 -56.24 -14.38 1.13
CA GLU F 82 -54.90 -14.34 1.76
C GLU F 82 -54.71 -13.27 2.86
N HIS F 83 -55.81 -12.77 3.41
CA HIS F 83 -55.78 -11.88 4.57
C HIS F 83 -57.15 -11.96 5.23
N HIS F 84 -57.21 -12.02 6.55
CA HIS F 84 -58.51 -12.24 7.15
C HIS F 84 -59.35 -11.00 7.17
N GLY F 85 -59.15 -10.17 8.19
CA GLY F 85 -59.99 -9.02 8.39
C GLY F 85 -59.65 -7.95 7.37
N LEU F 86 -59.07 -6.86 7.85
CA LEU F 86 -58.64 -5.78 6.97
C LEU F 86 -59.73 -5.32 6.00
N GLU F 87 -60.99 -5.49 6.41
CA GLU F 87 -62.12 -5.13 5.56
C GLU F 87 -61.94 -3.70 5.02
N LYS F 88 -61.82 -2.76 5.94
CA LYS F 88 -61.78 -1.38 5.54
C LYS F 88 -60.54 -1.10 4.72
N VAL F 89 -59.44 -1.77 5.05
CA VAL F 89 -58.18 -1.58 4.31
C VAL F 89 -58.24 -2.13 2.87
N LYS F 90 -59.02 -3.18 2.64
CA LYS F 90 -59.25 -3.66 1.28
C LYS F 90 -60.16 -2.71 0.52
N GLU F 91 -61.30 -2.37 1.12
CA GLU F 91 -62.20 -1.45 0.46
C GLU F 91 -61.41 -0.29 -0.14
N ARG F 92 -60.22 -0.05 0.40
CA ARG F 92 -59.37 1.07 -0.04
C ARG F 92 -58.23 0.66 -1.00
N ILE F 93 -58.03 -0.65 -1.17
CA ILE F 93 -57.07 -1.16 -2.13
C ILE F 93 -57.76 -1.19 -3.49
N LEU F 94 -59.07 -1.46 -3.46
CA LEU F 94 -59.88 -1.58 -4.66
C LEU F 94 -60.21 -0.20 -5.19
N GLU F 95 -60.51 0.73 -4.31
CA GLU F 95 -60.63 2.11 -4.73
C GLU F 95 -59.38 2.46 -5.52
N TYR F 96 -58.22 2.05 -5.03
CA TYR F 96 -56.97 2.35 -5.73
C TYR F 96 -56.84 1.49 -6.99
N LEU F 97 -57.89 0.78 -7.38
CA LEU F 97 -57.82 0.02 -8.62
C LEU F 97 -58.96 0.41 -9.56
N ALA F 98 -60.18 0.35 -9.06
CA ALA F 98 -61.31 0.87 -9.82
C ALA F 98 -60.93 2.25 -10.32
N VAL F 99 -60.16 2.97 -9.49
CA VAL F 99 -59.61 4.25 -9.88
C VAL F 99 -58.50 4.05 -10.90
N GLN F 100 -57.70 3.01 -10.69
CA GLN F 100 -56.63 2.72 -11.63
C GLN F 100 -57.17 2.45 -13.01
N LYS F 101 -58.12 1.53 -13.10
CA LYS F 101 -58.65 1.10 -14.40
C LYS F 101 -58.91 2.30 -15.30
N LEU F 102 -59.62 3.28 -14.76
CA LEU F 102 -59.98 4.47 -15.53
C LEU F 102 -58.74 5.26 -15.94
N THR F 103 -58.06 5.84 -14.97
CA THR F 103 -56.80 6.52 -15.25
C THR F 103 -55.81 5.50 -15.79
N LYS F 104 -55.91 5.21 -17.09
CA LYS F 104 -55.12 4.17 -17.72
C LYS F 104 -53.63 4.25 -17.41
N SER F 105 -53.16 5.44 -17.07
CA SER F 105 -51.76 5.61 -16.67
C SER F 105 -51.64 5.89 -15.18
N LEU F 106 -50.94 5.01 -14.48
CA LEU F 106 -50.77 5.11 -13.04
C LEU F 106 -50.32 6.51 -12.66
N LYS F 107 -50.94 7.08 -11.63
CA LYS F 107 -50.67 8.45 -11.25
C LYS F 107 -49.82 8.60 -9.99
N GLY F 108 -49.19 9.77 -9.86
CA GLY F 108 -48.26 10.06 -8.79
C GLY F 108 -48.54 9.45 -7.43
N PRO F 109 -49.70 9.77 -6.83
CA PRO F 109 -49.98 9.27 -5.49
C PRO F 109 -49.79 7.78 -5.43
N ILE F 110 -48.69 7.37 -4.80
CA ILE F 110 -48.45 5.95 -4.56
C ILE F 110 -48.51 5.76 -3.05
N LEU F 111 -49.06 4.63 -2.63
CA LEU F 111 -49.41 4.46 -1.24
C LEU F 111 -48.33 3.88 -0.34
N CYS F 112 -48.38 4.27 0.92
CA CYS F 112 -47.65 3.60 1.98
C CYS F 112 -48.65 2.83 2.83
N LEU F 113 -48.28 1.62 3.18
CA LEU F 113 -49.00 0.87 4.18
C LEU F 113 -48.32 1.15 5.51
N ALA F 114 -49.12 1.43 6.53
CA ALA F 114 -48.55 1.81 7.80
C ALA F 114 -49.20 1.05 8.92
N GLY F 115 -48.40 0.61 9.88
CA GLY F 115 -48.94 -0.08 11.02
C GLY F 115 -47.86 -0.85 11.73
N PRO F 116 -48.15 -1.31 12.94
CA PRO F 116 -47.15 -2.09 13.67
C PRO F 116 -46.66 -3.14 12.68
N PRO F 117 -45.43 -3.65 12.86
CA PRO F 117 -44.98 -4.75 12.01
C PRO F 117 -45.75 -6.04 12.34
N GLY F 118 -45.93 -6.88 11.33
CA GLY F 118 -46.67 -8.12 11.48
C GLY F 118 -48.19 -8.00 11.33
N VAL F 119 -48.65 -7.04 10.53
CA VAL F 119 -50.07 -6.88 10.32
C VAL F 119 -50.40 -7.15 8.87
N GLY F 120 -49.37 -7.30 8.07
CA GLY F 120 -49.60 -7.76 6.71
C GLY F 120 -49.14 -6.83 5.61
N LYS F 121 -48.59 -5.68 5.98
CA LYS F 121 -48.26 -4.66 4.98
C LYS F 121 -47.57 -5.35 3.82
N THR F 122 -46.46 -6.01 4.11
CA THR F 122 -45.72 -6.67 3.03
C THR F 122 -46.64 -7.58 2.22
N SER F 123 -47.41 -8.42 2.90
CA SER F 123 -48.27 -9.40 2.22
C SER F 123 -49.35 -8.77 1.36
N LEU F 124 -50.03 -7.77 1.90
CA LEU F 124 -51.02 -7.04 1.14
C LEU F 124 -50.41 -6.67 -0.19
N ALA F 125 -49.21 -6.07 -0.17
CA ALA F 125 -48.56 -5.63 -1.41
C ALA F 125 -48.38 -6.81 -2.39
N LYS F 126 -47.63 -7.83 -1.97
CA LYS F 126 -47.45 -9.01 -2.83
C LYS F 126 -48.80 -9.37 -3.42
N SER F 127 -49.85 -9.28 -2.60
CA SER F 127 -51.18 -9.70 -3.02
C SER F 127 -51.86 -8.66 -3.91
N ILE F 128 -51.51 -7.38 -3.74
CA ILE F 128 -52.00 -6.36 -4.64
C ILE F 128 -51.53 -6.79 -6.00
N ALA F 129 -50.27 -7.19 -6.06
CA ALA F 129 -49.62 -7.47 -7.32
C ALA F 129 -50.07 -8.81 -7.90
N LYS F 130 -50.25 -9.82 -7.05
CA LYS F 130 -50.80 -11.08 -7.50
C LYS F 130 -52.05 -10.81 -8.36
N SER F 131 -52.92 -9.95 -7.84
CA SER F 131 -54.13 -9.49 -8.55
C SER F 131 -53.84 -8.79 -9.89
N LEU F 132 -52.86 -7.89 -9.91
CA LEU F 132 -52.53 -7.18 -11.15
C LEU F 132 -51.64 -8.02 -12.07
N GLY F 133 -51.23 -9.19 -11.59
CA GLY F 133 -50.40 -10.08 -12.38
C GLY F 133 -49.12 -9.42 -12.83
N ARG F 134 -48.67 -8.42 -12.08
CA ARG F 134 -47.35 -7.82 -12.27
C ARG F 134 -46.37 -8.58 -11.39
N LYS F 135 -45.09 -8.62 -11.76
CA LYS F 135 -44.11 -9.29 -10.91
C LYS F 135 -43.89 -8.42 -9.68
N PHE F 136 -43.40 -9.04 -8.60
CA PHE F 136 -43.24 -8.32 -7.33
C PHE F 136 -41.78 -8.24 -6.84
N VAL F 137 -41.41 -7.08 -6.30
CA VAL F 137 -40.07 -6.94 -5.78
C VAL F 137 -40.03 -6.18 -4.46
N ARG F 138 -39.43 -6.80 -3.46
CA ARG F 138 -39.09 -6.12 -2.23
C ARG F 138 -37.78 -5.38 -2.46
N ILE F 139 -37.69 -4.15 -1.98
CA ILE F 139 -36.47 -3.35 -2.07
C ILE F 139 -36.24 -2.59 -0.75
N SER F 140 -35.42 -3.19 0.11
CA SER F 140 -35.31 -2.76 1.49
C SER F 140 -34.57 -1.45 1.58
N LEU F 141 -35.11 -0.51 2.36
CA LEU F 141 -34.46 0.81 2.53
C LEU F 141 -33.90 1.09 3.93
N GLY F 142 -33.40 0.05 4.60
CA GLY F 142 -32.79 0.18 5.92
C GLY F 142 -31.50 0.99 6.00
N GLY F 143 -30.81 1.17 4.88
CA GLY F 143 -29.58 1.96 4.84
C GLY F 143 -29.78 3.47 4.76
N ARG F 164 -30.32 2.49 -6.39
CA ARG F 164 -30.50 1.11 -5.93
C ARG F 164 -31.79 0.45 -6.46
N ILE F 165 -32.56 1.20 -7.21
CA ILE F 165 -33.64 0.61 -7.99
C ILE F 165 -32.96 -0.05 -9.16
N ILE F 166 -31.78 0.51 -9.46
CA ILE F 166 -30.84 -0.02 -10.44
C ILE F 166 -31.17 -1.48 -10.54
N GLN F 167 -30.87 -2.19 -9.45
CA GLN F 167 -31.13 -3.61 -9.34
C GLN F 167 -32.59 -3.90 -9.63
N GLY F 168 -33.47 -3.45 -8.76
CA GLY F 168 -34.90 -3.61 -8.94
C GLY F 168 -35.35 -4.29 -10.22
N MET F 169 -35.40 -3.55 -11.31
CA MET F 169 -35.88 -4.09 -12.58
C MET F 169 -35.22 -5.43 -12.92
N LYS F 170 -33.89 -5.48 -12.82
CA LYS F 170 -33.14 -6.68 -13.15
C LYS F 170 -33.79 -7.89 -12.51
N LYS F 171 -34.03 -7.80 -11.21
CA LYS F 171 -34.63 -8.90 -10.49
C LYS F 171 -36.06 -9.15 -10.97
N ALA F 172 -36.45 -8.50 -12.06
CA ALA F 172 -37.80 -8.70 -12.60
C ALA F 172 -37.92 -8.53 -14.12
N GLY F 173 -36.79 -8.41 -14.80
CA GLY F 173 -36.72 -8.30 -16.25
C GLY F 173 -38.03 -8.08 -16.98
N LYS F 174 -38.90 -7.25 -16.41
CA LYS F 174 -40.20 -6.94 -16.99
C LYS F 174 -40.60 -5.60 -16.40
N LEU F 175 -40.60 -4.58 -17.25
CA LEU F 175 -40.62 -3.20 -16.78
C LEU F 175 -41.92 -2.79 -16.12
N ASN F 176 -42.90 -3.69 -16.06
CA ASN F 176 -44.15 -3.40 -15.37
C ASN F 176 -44.25 -4.21 -14.10
N PRO F 177 -43.65 -3.71 -13.01
CA PRO F 177 -43.57 -4.45 -11.73
C PRO F 177 -44.41 -3.86 -10.60
N VAL F 178 -44.04 -4.29 -9.40
CA VAL F 178 -44.52 -3.70 -8.16
C VAL F 178 -43.34 -3.66 -7.21
N PHE F 179 -42.74 -2.47 -7.13
CA PHE F 179 -41.71 -2.21 -6.14
C PHE F 179 -42.39 -1.97 -4.82
N LEU F 180 -41.84 -2.54 -3.78
CA LEU F 180 -42.31 -2.28 -2.44
C LEU F 180 -41.16 -1.62 -1.68
N LEU F 181 -41.11 -0.30 -1.69
CA LEU F 181 -40.12 0.40 -0.89
C LEU F 181 -40.39 0.03 0.54
N ASP F 182 -39.82 -1.08 1.00
CA ASP F 182 -40.25 -1.66 2.26
C ASP F 182 -40.20 -0.65 3.38
N GLU F 183 -39.01 -0.35 3.85
CA GLU F 183 -38.91 0.56 4.99
C GLU F 183 -38.43 1.94 4.56
N ILE F 184 -39.33 2.91 4.37
CA ILE F 184 -38.90 4.31 4.20
C ILE F 184 -39.07 5.07 5.51
N ASP F 185 -38.12 4.91 6.41
CA ASP F 185 -38.21 5.52 7.73
C ASP F 185 -37.06 5.02 8.62
N LYS F 186 -36.39 3.98 8.15
CA LYS F 186 -35.11 3.63 8.74
C LYS F 186 -34.05 4.21 7.82
N MET F 187 -34.22 5.49 7.50
CA MET F 187 -33.27 6.22 6.66
C MET F 187 -32.54 7.39 7.37
N SER F 188 -31.25 7.17 7.64
CA SER F 188 -30.39 8.13 8.34
C SER F 188 -31.05 8.71 9.59
N ALA F 198 -35.03 12.87 -0.04
CA ALA F 198 -33.90 13.16 -0.91
C ALA F 198 -33.93 12.41 -2.25
N MET F 199 -34.65 11.29 -2.30
CA MET F 199 -34.73 10.45 -3.50
C MET F 199 -35.85 10.86 -4.43
N LEU F 200 -36.80 11.60 -3.86
CA LEU F 200 -37.97 12.11 -4.58
C LEU F 200 -37.95 11.78 -6.07
N GLU F 201 -36.96 12.33 -6.76
CA GLU F 201 -36.78 12.13 -8.20
C GLU F 201 -37.46 10.86 -8.72
N VAL F 202 -37.34 9.78 -7.97
CA VAL F 202 -37.86 8.48 -8.39
C VAL F 202 -39.39 8.37 -8.41
N LEU F 203 -40.06 9.25 -7.68
CA LEU F 203 -41.52 9.17 -7.57
C LEU F 203 -42.25 10.39 -8.13
N ASP F 204 -41.57 11.53 -8.17
CA ASP F 204 -42.21 12.76 -8.64
C ASP F 204 -42.92 12.54 -9.97
N PRO F 205 -44.25 12.56 -9.96
CA PRO F 205 -45.09 12.29 -11.14
C PRO F 205 -44.55 12.97 -12.39
N GLU F 206 -44.07 14.21 -12.24
CA GLU F 206 -43.53 14.95 -13.37
C GLU F 206 -42.22 14.32 -13.86
N GLN F 207 -41.38 13.93 -12.92
CA GLN F 207 -40.02 13.50 -13.25
C GLN F 207 -39.85 11.99 -13.39
N ASN F 208 -40.52 11.23 -12.51
CA ASN F 208 -40.41 9.77 -12.50
C ASN F 208 -40.39 9.14 -13.89
N SER F 209 -41.09 9.78 -14.83
CA SER F 209 -41.06 9.35 -16.21
C SER F 209 -39.64 9.19 -16.71
N SER F 210 -38.91 10.30 -16.78
CA SER F 210 -37.50 10.28 -17.16
C SER F 210 -36.65 9.98 -15.93
N PHE F 211 -36.05 8.80 -15.90
CA PHE F 211 -35.30 8.38 -14.73
C PHE F 211 -33.82 8.22 -15.02
N SER F 212 -32.99 8.75 -14.13
CA SER F 212 -31.55 8.72 -14.30
C SER F 212 -30.93 7.82 -13.26
N ASP F 213 -29.63 7.55 -13.42
CA ASP F 213 -28.85 6.87 -12.39
C ASP F 213 -27.38 6.82 -12.76
N HIS F 214 -26.55 7.36 -11.87
CA HIS F 214 -25.11 7.36 -12.07
C HIS F 214 -24.62 5.95 -12.39
N TYR F 215 -23.38 5.83 -12.84
CA TYR F 215 -22.79 4.53 -13.09
C TYR F 215 -23.63 3.74 -14.09
N ILE F 216 -24.34 4.46 -14.93
CA ILE F 216 -25.19 3.86 -15.95
C ILE F 216 -25.95 4.98 -16.66
N GLU F 217 -25.63 6.21 -16.27
CA GLU F 217 -26.30 7.41 -16.77
C GLU F 217 -27.05 7.17 -18.08
N GLU F 218 -28.38 7.07 -17.98
CA GLU F 218 -29.23 7.11 -19.15
C GLU F 218 -30.70 7.10 -18.73
N THR F 219 -31.46 8.06 -19.25
CA THR F 219 -32.86 8.20 -18.90
C THR F 219 -33.56 6.86 -18.94
N PHE F 220 -34.65 6.75 -18.20
CA PHE F 220 -35.42 5.52 -18.17
C PHE F 220 -36.86 5.79 -17.80
N ASP F 221 -37.78 5.08 -18.45
CA ASP F 221 -39.20 5.30 -18.25
C ASP F 221 -39.79 4.38 -17.20
N LEU F 222 -40.39 4.95 -16.16
CA LEU F 222 -40.98 4.17 -15.09
C LEU F 222 -42.48 4.43 -15.02
N SER F 223 -43.07 4.78 -16.17
CA SER F 223 -44.50 5.04 -16.25
C SER F 223 -45.31 4.02 -15.47
N LYS F 224 -45.36 2.79 -15.99
CA LYS F 224 -46.14 1.73 -15.38
C LYS F 224 -45.33 0.97 -14.34
N VAL F 225 -45.24 1.51 -13.13
CA VAL F 225 -44.51 0.87 -12.03
C VAL F 225 -45.21 1.06 -10.68
N LEU F 226 -46.10 0.13 -10.32
CA LEU F 226 -46.82 0.26 -9.06
C LEU F 226 -45.84 0.28 -7.89
N PHE F 227 -45.69 1.44 -7.27
CA PHE F 227 -44.86 1.58 -6.08
C PHE F 227 -45.69 1.47 -4.80
N ILE F 228 -45.12 0.82 -3.79
CA ILE F 228 -45.78 0.71 -2.49
C ILE F 228 -44.76 0.80 -1.36
N ALA F 229 -45.17 1.40 -0.23
CA ALA F 229 -44.27 1.60 0.89
C ALA F 229 -44.78 0.99 2.19
N THR F 230 -43.89 0.36 2.95
CA THR F 230 -44.20 -0.07 4.31
C THR F 230 -43.69 1.00 5.28
N ALA F 231 -44.16 0.96 6.54
CA ALA F 231 -43.84 2.00 7.53
C ALA F 231 -44.47 1.79 8.92
N ASN F 232 -43.75 2.27 9.94
CA ASN F 232 -44.22 2.16 11.31
C ASN F 232 -44.35 3.54 11.96
N ASN F 233 -43.25 4.09 12.45
CA ASN F 233 -43.23 5.42 13.00
C ASN F 233 -43.26 6.44 11.88
N LEU F 234 -44.45 6.89 11.51
CA LEU F 234 -44.64 7.80 10.38
C LEU F 234 -43.81 9.07 10.47
N ALA F 235 -43.15 9.27 11.60
CA ALA F 235 -42.27 10.41 11.77
C ALA F 235 -41.11 10.32 10.78
N THR F 236 -40.06 9.58 11.14
CA THR F 236 -38.81 9.56 10.39
C THR F 236 -38.96 9.77 8.89
N ILE F 237 -40.11 9.39 8.36
CA ILE F 237 -40.45 9.75 6.99
C ILE F 237 -40.28 11.26 6.78
N PRO F 238 -39.69 11.64 5.64
CA PRO F 238 -39.49 13.04 5.26
C PRO F 238 -40.78 13.73 4.84
N GLY F 239 -41.16 14.81 5.53
CA GLY F 239 -42.31 15.60 5.15
C GLY F 239 -42.52 15.66 3.65
N PRO F 240 -41.45 15.99 2.90
CA PRO F 240 -41.47 15.99 1.45
C PRO F 240 -42.17 14.75 0.87
N LEU F 241 -41.73 13.58 1.32
CA LEU F 241 -42.25 12.30 0.83
C LEU F 241 -43.67 12.02 1.27
N ARG F 242 -43.91 12.08 2.57
CA ARG F 242 -45.23 11.80 3.15
C ARG F 242 -46.34 12.53 2.39
N ASP F 243 -45.99 13.59 1.67
CA ASP F 243 -46.97 14.35 0.91
C ASP F 243 -47.08 13.78 -0.50
N ARG F 244 -45.96 13.30 -1.00
CA ARG F 244 -45.94 12.69 -2.31
C ARG F 244 -46.70 11.36 -2.32
N MET F 245 -46.99 10.83 -1.14
CA MET F 245 -47.60 9.50 -1.05
C MET F 245 -48.94 9.50 -0.27
N GLU F 246 -49.88 8.67 -0.70
CA GLU F 246 -51.18 8.50 -0.03
C GLU F 246 -51.12 7.38 1.02
N ILE F 247 -51.67 7.64 2.21
CA ILE F 247 -51.45 6.72 3.33
C ILE F 247 -52.63 5.84 3.68
N ILE F 248 -52.34 4.57 4.00
CA ILE F 248 -53.34 3.63 4.54
C ILE F 248 -52.84 3.00 5.84
N ASN F 249 -53.68 3.00 6.88
CA ASN F 249 -53.30 2.38 8.16
C ASN F 249 -53.89 1.00 8.40
N ILE F 250 -53.03 0.01 8.57
CA ILE F 250 -53.46 -1.30 9.00
C ILE F 250 -53.31 -1.26 10.50
N ALA F 251 -54.23 -1.91 11.21
CA ALA F 251 -54.45 -1.52 12.59
C ALA F 251 -53.77 -2.33 13.73
N GLY F 252 -53.26 -3.53 13.51
CA GLY F 252 -52.92 -4.40 14.64
C GLY F 252 -54.14 -5.28 14.81
N TYR F 253 -54.24 -6.06 15.89
CA TYR F 253 -55.34 -7.04 15.97
C TYR F 253 -55.81 -7.40 17.37
N THR F 254 -57.12 -7.54 17.55
CA THR F 254 -57.75 -7.98 18.80
C THR F 254 -57.53 -9.45 19.02
N GLU F 255 -57.51 -9.89 20.28
CA GLU F 255 -57.31 -11.31 20.51
C GLU F 255 -58.22 -12.03 19.54
N ILE F 256 -59.48 -11.65 19.57
CA ILE F 256 -60.46 -12.23 18.66
C ILE F 256 -59.94 -12.34 17.26
N GLU F 257 -59.45 -11.25 16.71
CA GLU F 257 -59.00 -11.23 15.32
C GLU F 257 -57.86 -12.21 15.11
N LYS F 258 -56.79 -12.05 15.87
CA LYS F 258 -55.64 -12.94 15.74
C LYS F 258 -56.15 -14.38 15.62
N LEU F 259 -56.93 -14.81 16.64
CA LEU F 259 -57.46 -16.17 16.71
C LEU F 259 -58.01 -16.67 15.40
N GLU F 260 -58.86 -15.89 14.77
CA GLU F 260 -59.40 -16.29 13.50
C GLU F 260 -58.29 -16.30 12.49
N ILE F 261 -57.39 -15.32 12.51
CA ILE F 261 -56.27 -15.34 11.56
C ILE F 261 -55.55 -16.69 11.67
N VAL F 262 -55.21 -17.08 12.89
CA VAL F 262 -54.64 -18.39 13.12
C VAL F 262 -55.42 -19.49 12.44
N LYS F 263 -56.72 -19.57 12.71
CA LYS F 263 -57.53 -20.72 12.30
C LYS F 263 -57.79 -20.86 10.79
N ASP F 264 -58.15 -19.75 10.14
CA ASP F 264 -58.60 -19.78 8.75
C ASP F 264 -57.46 -19.49 7.74
N HIS F 265 -56.32 -18.99 8.22
CA HIS F 265 -55.18 -18.77 7.34
C HIS F 265 -53.86 -19.33 7.89
N LEU F 266 -53.37 -18.75 9.01
CA LEU F 266 -52.05 -19.08 9.56
C LEU F 266 -51.78 -20.57 9.68
N LEU F 267 -52.59 -21.26 10.48
CA LEU F 267 -52.36 -22.67 10.70
C LEU F 267 -52.32 -23.44 9.39
N PRO F 268 -53.45 -23.52 8.66
CA PRO F 268 -53.43 -24.35 7.45
C PRO F 268 -52.20 -24.10 6.60
N LYS F 269 -51.84 -22.83 6.42
CA LYS F 269 -50.63 -22.47 5.66
C LYS F 269 -49.42 -23.18 6.18
N GLN F 270 -49.28 -23.24 7.50
CA GLN F 270 -48.11 -23.87 8.13
C GLN F 270 -48.18 -25.39 8.07
N ILE F 271 -49.37 -25.93 8.27
CA ILE F 271 -49.56 -27.34 8.09
C ILE F 271 -49.05 -27.67 6.71
N LYS F 272 -49.63 -27.01 5.71
CA LYS F 272 -49.43 -27.39 4.33
C LYS F 272 -47.98 -27.24 3.95
N GLU F 273 -47.30 -26.35 4.68
CA GLU F 273 -45.91 -25.99 4.40
C GLU F 273 -44.88 -26.90 5.06
N HIS F 274 -45.26 -27.45 6.20
CA HIS F 274 -44.52 -28.53 6.83
C HIS F 274 -45.02 -29.88 6.35
N GLY F 275 -45.47 -29.92 5.10
CA GLY F 275 -46.17 -31.08 4.54
C GLY F 275 -46.84 -32.04 5.53
N LEU F 276 -48.08 -31.76 5.88
CA LEU F 276 -48.84 -32.76 6.55
C LEU F 276 -50.32 -32.38 6.47
N LYS F 277 -51.17 -33.31 6.87
CA LYS F 277 -52.60 -33.25 6.62
C LYS F 277 -53.32 -32.40 7.66
N LYS F 278 -54.41 -31.73 7.23
CA LYS F 278 -55.33 -31.11 8.17
C LYS F 278 -55.80 -32.16 9.20
N SER F 279 -55.98 -33.40 8.76
CA SER F 279 -56.33 -34.51 9.63
C SER F 279 -55.16 -34.95 10.48
N ASN F 280 -54.08 -34.19 10.48
CA ASN F 280 -52.84 -34.61 11.12
C ASN F 280 -52.62 -33.92 12.45
N LEU F 281 -53.31 -32.81 12.68
CA LEU F 281 -52.99 -31.92 13.78
C LEU F 281 -54.04 -30.86 13.90
N GLN F 282 -54.60 -30.73 15.09
CA GLN F 282 -55.56 -29.68 15.32
C GLN F 282 -55.26 -29.05 16.66
N LEU F 283 -55.39 -27.74 16.77
CA LEU F 283 -55.28 -27.10 18.09
C LEU F 283 -56.58 -26.46 18.50
N ARG F 284 -57.00 -26.77 19.74
CA ARG F 284 -58.27 -26.33 20.26
C ARG F 284 -58.20 -24.85 20.47
N ASP F 285 -59.33 -24.19 20.32
CA ASP F 285 -59.34 -22.74 20.37
C ASP F 285 -58.61 -22.22 21.60
N GLN F 286 -58.97 -22.71 22.77
CA GLN F 286 -58.43 -22.12 23.99
C GLN F 286 -56.91 -22.12 23.96
N ALA F 287 -56.30 -23.16 23.39
CA ALA F 287 -54.84 -23.23 23.28
C ALA F 287 -54.29 -22.13 22.38
N ILE F 288 -54.84 -22.00 21.20
CA ILE F 288 -54.49 -20.88 20.36
C ILE F 288 -54.48 -19.59 21.16
N LEU F 289 -55.58 -19.31 21.85
CA LEU F 289 -55.63 -18.13 22.71
C LEU F 289 -54.41 -18.08 23.62
N ASP F 290 -54.17 -19.17 24.32
CA ASP F 290 -53.01 -19.28 25.20
C ASP F 290 -51.67 -18.97 24.49
N ILE F 291 -51.45 -19.64 23.36
CA ILE F 291 -50.26 -19.36 22.57
C ILE F 291 -50.10 -17.86 22.46
N ILE F 292 -51.19 -17.17 22.13
CA ILE F 292 -51.19 -15.71 22.02
C ILE F 292 -50.87 -14.99 23.31
N ARG F 293 -51.79 -15.07 24.27
CA ARG F 293 -51.63 -14.34 25.52
C ARG F 293 -50.25 -14.57 26.14
N TYR F 294 -49.76 -15.79 26.05
CA TYR F 294 -48.60 -16.16 26.85
C TYR F 294 -47.25 -16.35 26.10
N TYR F 295 -47.29 -16.37 24.76
CA TYR F 295 -46.06 -16.57 24.00
C TYR F 295 -45.87 -15.51 22.93
N THR F 296 -46.81 -14.57 22.87
CA THR F 296 -46.66 -13.43 21.98
C THR F 296 -47.22 -12.14 22.59
N ARG F 297 -46.37 -11.13 22.76
CA ARG F 297 -46.90 -9.79 22.93
C ARG F 297 -46.47 -8.89 21.78
N GLU F 298 -47.07 -9.12 20.62
CA GLU F 298 -46.82 -8.33 19.44
C GLU F 298 -48.15 -7.73 19.04
N ALA F 299 -48.14 -6.82 18.08
CA ALA F 299 -49.37 -6.28 17.53
C ALA F 299 -49.68 -6.98 16.23
N GLY F 300 -48.63 -7.45 15.55
CA GLY F 300 -48.79 -8.24 14.36
C GLY F 300 -49.09 -9.70 14.67
N VAL F 301 -48.74 -10.60 13.75
CA VAL F 301 -48.88 -12.00 14.09
C VAL F 301 -47.66 -12.82 13.72
N ARG F 302 -46.48 -12.18 13.65
CA ARG F 302 -45.26 -12.88 13.20
C ARG F 302 -44.76 -13.88 14.23
N SER F 303 -44.62 -13.41 15.46
CA SER F 303 -44.29 -14.27 16.58
C SER F 303 -45.31 -15.41 16.63
N LEU F 304 -46.56 -15.09 16.29
CA LEU F 304 -47.66 -16.04 16.35
C LEU F 304 -47.40 -17.12 15.36
N GLU F 305 -46.91 -16.72 14.19
CA GLU F 305 -46.71 -17.65 13.10
C GLU F 305 -45.60 -18.59 13.47
N ARG F 306 -44.57 -18.00 14.06
CA ARG F 306 -43.40 -18.76 14.43
C ARG F 306 -43.74 -19.83 15.45
N GLN F 307 -44.56 -19.50 16.44
CA GLN F 307 -44.86 -20.49 17.45
C GLN F 307 -45.73 -21.58 16.87
N LEU F 308 -46.54 -21.19 15.90
CA LEU F 308 -47.36 -22.14 15.22
C LEU F 308 -46.44 -23.13 14.58
N ALA F 309 -45.59 -22.66 13.70
CA ALA F 309 -44.63 -23.58 13.06
C ALA F 309 -43.92 -24.51 14.06
N ALA F 310 -43.35 -23.93 15.12
CA ALA F 310 -42.82 -24.74 16.21
C ALA F 310 -43.59 -26.06 16.32
N ILE F 311 -44.91 -25.94 16.42
CA ILE F 311 -45.80 -27.09 16.52
C ILE F 311 -45.95 -27.84 15.22
N CYS F 312 -46.34 -27.17 14.14
CA CYS F 312 -46.36 -27.86 12.87
C CYS F 312 -45.16 -28.80 12.86
N ARG F 313 -44.00 -28.32 13.34
CA ARG F 313 -42.73 -29.08 13.37
C ARG F 313 -42.76 -30.31 14.30
N LYS F 314 -42.78 -30.02 15.59
CA LYS F 314 -42.94 -31.03 16.61
C LYS F 314 -43.94 -32.08 16.13
N ALA F 315 -45.04 -31.61 15.52
CA ALA F 315 -46.13 -32.44 15.02
C ALA F 315 -45.59 -33.48 14.10
N ALA F 316 -44.98 -33.04 13.02
CA ALA F 316 -44.45 -33.95 12.02
C ALA F 316 -43.54 -35.05 12.56
N LYS F 317 -42.59 -34.72 13.43
CA LYS F 317 -41.71 -35.79 13.91
C LYS F 317 -42.50 -36.92 14.45
N ALA F 318 -43.66 -36.64 15.03
CA ALA F 318 -44.58 -37.68 15.44
C ALA F 318 -45.08 -38.46 14.23
N ILE F 319 -45.80 -37.77 13.36
CA ILE F 319 -46.40 -38.39 12.19
C ILE F 319 -45.45 -39.34 11.44
N VAL F 320 -44.15 -39.14 11.56
CA VAL F 320 -43.20 -40.00 10.85
C VAL F 320 -42.82 -41.18 11.70
N ALA F 321 -42.37 -40.92 12.92
CA ALA F 321 -42.09 -41.97 13.90
C ALA F 321 -43.40 -42.63 14.37
N GLU F 322 -43.89 -42.23 15.55
CA GLU F 322 -45.15 -42.79 16.08
C GLU F 322 -46.22 -43.09 15.00
N GLU F 323 -46.24 -42.28 13.95
CA GLU F 323 -47.14 -42.48 12.81
C GLU F 323 -48.61 -42.14 13.08
N ARG F 324 -48.96 -42.02 14.37
CA ARG F 324 -50.30 -41.61 14.78
C ARG F 324 -50.84 -40.61 13.78
N LYS F 325 -51.98 -40.89 13.18
CA LYS F 325 -52.45 -40.02 12.12
C LYS F 325 -52.97 -38.68 12.64
N ARG F 326 -53.02 -38.54 13.96
CA ARG F 326 -53.56 -37.31 14.55
C ARG F 326 -52.80 -36.84 15.76
N ILE F 327 -52.74 -35.52 15.94
CA ILE F 327 -52.07 -34.87 17.05
C ILE F 327 -52.93 -33.72 17.50
N THR F 328 -53.41 -33.75 18.74
CA THR F 328 -54.31 -32.70 19.21
C THR F 328 -53.73 -31.89 20.34
N VAL F 329 -53.21 -30.72 20.01
CA VAL F 329 -52.59 -29.85 21.00
C VAL F 329 -53.69 -29.12 21.75
N THR F 330 -53.60 -29.15 23.08
CA THR F 330 -54.61 -28.57 23.95
C THR F 330 -54.03 -27.58 24.96
N GLU F 331 -54.89 -26.92 25.71
CA GLU F 331 -54.47 -25.94 26.71
C GLU F 331 -53.59 -26.57 27.80
N LYS F 332 -53.51 -27.90 27.81
CA LYS F 332 -52.67 -28.59 28.77
C LYS F 332 -51.43 -29.10 28.08
N ASN F 333 -51.60 -29.56 26.85
CA ASN F 333 -50.47 -29.99 26.04
C ASN F 333 -49.48 -28.87 25.78
N LEU F 334 -49.97 -27.63 25.71
CA LEU F 334 -49.22 -26.56 25.05
C LEU F 334 -47.73 -26.59 25.39
N GLN F 335 -47.41 -26.80 26.67
CA GLN F 335 -46.02 -26.79 27.12
C GLN F 335 -45.15 -27.89 26.47
N ASP F 336 -45.80 -28.99 26.07
CA ASP F 336 -45.13 -30.12 25.44
C ASP F 336 -44.91 -29.86 23.96
N PHE F 337 -44.94 -28.58 23.57
CA PHE F 337 -44.71 -28.21 22.17
C PHE F 337 -43.85 -26.96 22.03
N ILE F 338 -44.25 -25.88 22.69
CA ILE F 338 -43.62 -24.56 22.53
C ILE F 338 -42.84 -24.03 23.75
N GLY F 339 -42.67 -24.89 24.76
CA GLY F 339 -41.89 -24.53 25.92
C GLY F 339 -42.78 -24.10 27.04
N LYS F 340 -42.21 -23.40 28.01
CA LYS F 340 -42.97 -22.85 29.13
C LYS F 340 -43.48 -21.46 28.79
N ARG F 341 -44.32 -20.90 29.64
CA ARG F 341 -44.90 -19.58 29.38
C ARG F 341 -43.81 -18.52 29.19
N ILE F 342 -44.10 -17.50 28.40
CA ILE F 342 -43.06 -16.54 28.03
C ILE F 342 -43.31 -15.12 28.46
N PHE F 343 -44.57 -14.69 28.44
CA PHE F 343 -44.92 -13.36 28.94
C PHE F 343 -45.93 -13.50 30.07
N ARG F 344 -45.91 -12.55 31.00
CA ARG F 344 -46.98 -12.43 31.98
C ARG F 344 -48.30 -11.97 31.34
N TYR F 345 -49.40 -12.68 31.59
CA TYR F 345 -50.72 -12.19 31.17
C TYR F 345 -51.81 -12.22 32.24
N GLY F 346 -52.56 -11.13 32.32
CA GLY F 346 -53.58 -10.97 33.33
C GLY F 346 -53.00 -10.68 34.70
N GLN F 347 -53.87 -10.30 35.62
CA GLN F 347 -53.48 -9.96 36.99
C GLN F 347 -53.36 -11.19 37.91
N ALA F 348 -52.95 -12.33 37.36
CA ALA F 348 -53.04 -13.61 38.06
C ALA F 348 -51.89 -13.87 39.04
N GLU F 349 -50.71 -14.07 38.48
CA GLU F 349 -49.56 -14.40 39.28
C GLU F 349 -48.88 -13.11 39.75
N THR F 350 -49.66 -12.10 40.12
CA THR F 350 -49.06 -10.80 40.43
C THR F 350 -49.75 -9.92 41.47
N GLU F 351 -48.94 -9.15 42.18
CA GLU F 351 -49.40 -8.23 43.22
C GLU F 351 -49.12 -6.76 42.93
N ASP F 352 -50.04 -5.93 43.39
CA ASP F 352 -49.93 -4.48 43.34
C ASP F 352 -48.61 -3.96 43.93
N GLN F 353 -48.14 -2.83 43.41
CA GLN F 353 -46.86 -2.27 43.86
C GLN F 353 -46.99 -0.82 44.33
N VAL F 354 -45.87 -0.24 44.73
CA VAL F 354 -45.86 1.10 45.31
C VAL F 354 -45.02 2.07 44.45
N GLY F 355 -45.49 3.30 44.30
CA GLY F 355 -44.78 4.28 43.50
C GLY F 355 -44.36 3.69 42.16
N VAL F 356 -45.25 2.89 41.59
CA VAL F 356 -44.97 2.22 40.33
C VAL F 356 -46.21 2.02 39.46
N VAL F 357 -46.31 2.85 38.44
CA VAL F 357 -47.50 2.90 37.59
C VAL F 357 -47.20 2.26 36.23
N THR F 358 -48.26 1.77 35.58
CA THR F 358 -48.14 1.17 34.25
C THR F 358 -48.77 2.07 33.21
N GLY F 359 -47.96 2.85 32.51
CA GLY F 359 -48.45 3.79 31.52
C GLY F 359 -48.53 3.17 30.13
N LEU F 360 -49.60 3.48 29.40
CA LEU F 360 -49.69 3.04 28.03
C LEU F 360 -48.96 4.03 27.16
N ALA F 361 -48.03 3.54 26.37
CA ALA F 361 -47.20 4.39 25.52
C ALA F 361 -47.26 4.00 24.05
N TYR F 362 -46.99 4.95 23.18
CA TYR F 362 -47.09 4.72 21.76
C TYR F 362 -45.72 4.40 21.15
N THR F 363 -45.36 3.11 21.13
CA THR F 363 -44.11 2.69 20.51
C THR F 363 -44.27 2.70 19.01
N THR F 364 -43.18 2.96 18.32
CA THR F 364 -43.07 2.78 16.86
C THR F 364 -43.68 1.42 16.43
N VAL F 365 -43.86 0.51 17.40
CA VAL F 365 -44.33 -0.82 17.08
C VAL F 365 -45.59 -1.18 17.84
N GLY F 366 -46.35 -0.16 18.21
CA GLY F 366 -47.68 -0.39 18.74
C GLY F 366 -47.93 0.13 20.13
N GLY F 367 -49.04 -0.26 20.72
CA GLY F 367 -49.22 0.04 22.12
C GLY F 367 -48.27 -0.80 22.95
N ASP F 368 -47.70 -0.20 23.98
CA ASP F 368 -46.84 -0.95 24.88
C ASP F 368 -47.11 -0.54 26.30
N THR F 369 -46.48 -1.26 27.22
CA THR F 369 -46.81 -1.14 28.62
C THR F 369 -45.56 -0.91 29.45
N LEU F 370 -45.04 0.30 29.36
CA LEU F 370 -43.81 0.65 30.05
C LEU F 370 -44.16 1.09 31.44
N SER F 371 -43.41 0.62 32.42
CA SER F 371 -43.71 0.94 33.81
C SER F 371 -42.82 2.06 34.37
N ILE F 372 -43.42 3.10 34.91
CA ILE F 372 -42.61 4.15 35.54
C ILE F 372 -42.42 3.91 37.05
N GLU F 373 -41.22 4.16 37.57
CA GLU F 373 -40.91 3.93 38.99
C GLU F 373 -40.34 5.17 39.65
N VAL F 374 -40.54 5.29 40.97
CA VAL F 374 -40.00 6.42 41.74
C VAL F 374 -39.40 5.98 43.10
N SER F 375 -38.25 6.52 43.48
CA SER F 375 -37.58 6.04 44.67
C SER F 375 -37.24 7.19 45.59
N LEU F 376 -37.32 6.93 46.89
CA LEU F 376 -37.15 7.98 47.87
C LEU F 376 -35.87 7.85 48.67
N SER F 377 -34.95 8.78 48.45
CA SER F 377 -33.73 8.85 49.23
C SER F 377 -33.60 10.25 49.80
N PRO F 378 -33.17 10.34 51.08
CA PRO F 378 -32.95 11.59 51.80
C PRO F 378 -32.14 12.60 50.97
N GLY F 379 -32.31 13.91 51.22
CA GLY F 379 -31.52 14.91 50.52
C GLY F 379 -32.15 16.27 50.31
N LYS F 380 -32.08 16.77 49.08
CA LYS F 380 -32.58 18.09 48.72
C LYS F 380 -33.71 17.97 47.70
N GLY F 381 -34.46 19.05 47.52
CA GLY F 381 -35.59 19.06 46.60
C GLY F 381 -35.27 18.60 45.19
N LYS F 382 -33.98 18.57 44.86
CA LYS F 382 -33.55 18.15 43.53
C LYS F 382 -34.18 16.79 43.20
N LEU F 383 -34.45 16.58 41.92
CA LEU F 383 -34.95 15.30 41.45
C LEU F 383 -34.18 14.88 40.20
N ILE F 384 -33.51 13.74 40.27
CA ILE F 384 -32.78 13.23 39.11
C ILE F 384 -33.51 12.03 38.56
N LEU F 385 -33.71 12.01 37.24
CA LEU F 385 -34.40 10.92 36.60
C LEU F 385 -33.51 10.12 35.67
N THR F 386 -33.86 8.86 35.48
CA THR F 386 -33.02 7.94 34.72
C THR F 386 -33.71 7.53 33.42
N GLY F 387 -33.11 6.59 32.69
CA GLY F 387 -33.67 6.15 31.43
C GLY F 387 -33.35 7.15 30.35
N LYS F 388 -34.30 7.39 29.45
CA LYS F 388 -34.09 8.37 28.41
C LYS F 388 -33.67 9.69 29.04
N LEU F 389 -32.54 10.22 28.56
CA LEU F 389 -32.00 11.48 29.08
C LEU F 389 -33.10 12.54 29.21
N GLY F 390 -34.02 12.52 28.25
CA GLY F 390 -35.24 13.31 28.27
C GLY F 390 -35.13 14.71 28.81
N ASP F 391 -35.04 15.68 27.92
CA ASP F 391 -35.21 17.07 28.32
C ASP F 391 -36.70 17.38 28.26
N VAL F 392 -37.39 16.61 27.42
CA VAL F 392 -38.85 16.71 27.28
C VAL F 392 -39.54 16.26 28.56
N MET F 393 -38.94 15.25 29.21
CA MET F 393 -39.49 14.65 30.41
C MET F 393 -39.42 15.58 31.62
N ARG F 394 -38.23 16.14 31.87
CA ARG F 394 -38.01 16.95 33.06
C ARG F 394 -39.13 17.95 33.19
N GLU F 395 -39.44 18.66 32.10
CA GLU F 395 -40.54 19.62 32.13
C GLU F 395 -41.79 18.99 32.76
N SER F 396 -42.22 17.87 32.20
CA SER F 396 -43.36 17.15 32.75
C SER F 396 -43.11 16.66 34.17
N ALA F 397 -42.04 15.89 34.37
CA ALA F 397 -41.68 15.41 35.72
C ALA F 397 -41.82 16.52 36.74
N GLN F 398 -40.98 17.56 36.62
CA GLN F 398 -41.01 18.70 37.54
C GLN F 398 -42.29 19.53 37.39
N ALA F 399 -43.40 18.83 37.17
CA ALA F 399 -44.72 19.45 37.06
C ALA F 399 -45.71 18.60 37.82
N ALA F 400 -45.66 17.30 37.61
CA ALA F 400 -46.39 16.41 38.50
C ALA F 400 -45.77 16.65 39.86
N PHE F 401 -44.47 16.91 39.85
CA PHE F 401 -43.73 17.26 41.04
C PHE F 401 -44.28 18.56 41.57
N SER F 402 -44.21 19.59 40.73
CA SER F 402 -44.68 20.93 41.11
C SER F 402 -46.18 20.97 41.43
N TYR F 403 -46.86 19.85 41.24
CA TYR F 403 -48.26 19.72 41.59
C TYR F 403 -48.34 19.37 43.06
N VAL F 404 -47.87 18.17 43.40
CA VAL F 404 -47.78 17.73 44.78
C VAL F 404 -47.17 18.83 45.67
N ARG F 405 -46.27 19.62 45.11
CA ARG F 405 -45.75 20.78 45.81
C ARG F 405 -46.91 21.51 46.47
N SER F 406 -47.96 21.77 45.69
CA SER F 406 -49.14 22.44 46.18
C SER F 406 -50.01 21.50 47.00
N LYS F 407 -51.16 21.13 46.45
CA LYS F 407 -52.09 20.23 47.13
C LYS F 407 -51.39 19.10 47.90
N THR F 408 -51.03 19.36 49.16
CA THR F 408 -50.22 18.42 49.93
C THR F 408 -50.97 17.69 51.04
N GLU F 409 -51.13 18.34 52.18
CA GLU F 409 -51.83 17.72 53.29
C GLU F 409 -53.14 17.16 52.75
N GLU F 410 -53.69 17.84 51.76
CA GLU F 410 -54.94 17.45 51.12
C GLU F 410 -54.83 16.06 50.52
N LEU F 411 -53.61 15.53 50.45
CA LEU F 411 -53.33 14.30 49.74
C LEU F 411 -52.71 13.25 50.63
N GLY F 412 -52.33 13.66 51.83
CA GLY F 412 -51.75 12.75 52.81
C GLY F 412 -50.29 12.53 52.54
N ILE F 413 -49.47 13.47 52.97
CA ILE F 413 -48.04 13.41 52.74
C ILE F 413 -47.33 14.55 53.45
N GLU F 414 -46.32 14.23 54.26
CA GLU F 414 -45.62 15.22 55.10
C GLU F 414 -45.03 16.43 54.35
N PRO F 415 -45.69 17.60 54.45
CA PRO F 415 -45.35 18.79 53.68
C PRO F 415 -43.87 19.13 53.75
N ASP F 416 -43.18 18.62 54.75
CA ASP F 416 -41.75 18.87 54.90
C ASP F 416 -40.96 17.90 54.02
N PHE F 417 -41.46 17.62 52.82
CA PHE F 417 -40.83 16.61 51.97
C PHE F 417 -39.93 17.16 50.88
N HIS F 418 -40.47 18.01 50.01
CA HIS F 418 -39.65 18.56 48.93
C HIS F 418 -38.42 19.28 49.51
N GLU F 419 -38.38 19.37 50.82
CA GLU F 419 -37.30 20.05 51.53
C GLU F 419 -36.26 19.04 52.04
N LYS F 420 -36.72 17.83 52.38
CA LYS F 420 -35.82 16.81 52.95
C LYS F 420 -35.98 15.40 52.39
N TYR F 421 -36.13 15.32 51.06
CA TYR F 421 -36.14 14.06 50.32
C TYR F 421 -35.50 14.31 48.95
N ASP F 422 -35.17 13.23 48.25
CA ASP F 422 -34.62 13.33 46.90
C ASP F 422 -35.27 12.26 46.05
N ILE F 423 -36.02 12.68 45.03
CA ILE F 423 -36.87 11.75 44.30
C ILE F 423 -36.27 11.25 42.97
N HIS F 424 -36.26 9.92 42.79
CA HIS F 424 -35.73 9.32 41.58
C HIS F 424 -36.84 8.74 40.71
N ILE F 425 -36.83 9.09 39.43
CA ILE F 425 -37.85 8.62 38.50
C ILE F 425 -37.23 7.90 37.32
N HIS F 426 -37.90 6.85 36.87
CA HIS F 426 -37.46 6.04 35.75
C HIS F 426 -38.55 5.95 34.70
N VAL F 427 -38.27 6.50 33.53
CA VAL F 427 -39.23 6.46 32.41
C VAL F 427 -38.68 5.67 31.23
N PRO F 428 -39.04 4.39 31.14
CA PRO F 428 -38.44 3.51 30.13
C PRO F 428 -38.58 4.10 28.74
N GLU F 429 -37.54 3.93 27.93
CA GLU F 429 -37.56 4.38 26.55
C GLU F 429 -38.58 3.54 25.77
N GLY F 430 -39.18 4.17 24.78
CA GLY F 430 -40.05 3.45 23.88
C GLY F 430 -41.09 4.40 23.32
N ALA F 431 -41.67 5.19 24.21
CA ALA F 431 -42.66 6.16 23.81
C ALA F 431 -42.02 7.02 22.73
N VAL F 432 -42.78 7.36 21.70
CA VAL F 432 -42.23 8.21 20.66
C VAL F 432 -42.38 9.71 21.02
N PRO F 433 -41.39 10.52 20.64
CA PRO F 433 -41.34 11.97 20.82
C PRO F 433 -42.70 12.65 21.08
N LYS F 434 -43.56 12.72 20.06
CA LYS F 434 -44.85 13.37 20.20
C LYS F 434 -45.58 12.98 21.52
N ASP F 435 -45.34 11.77 21.99
CA ASP F 435 -46.13 11.21 23.09
C ASP F 435 -45.41 11.25 24.42
N GLY F 436 -44.24 11.85 24.43
CA GLY F 436 -43.48 11.93 25.66
C GLY F 436 -44.31 12.47 26.81
N PRO F 437 -44.92 13.65 26.61
CA PRO F 437 -45.64 14.37 27.66
C PRO F 437 -46.87 13.60 28.09
N ALA F 438 -47.11 12.47 27.45
CA ALA F 438 -48.30 11.68 27.71
C ALA F 438 -48.11 10.82 28.96
N ALA F 439 -46.97 11.03 29.61
CA ALA F 439 -46.61 10.22 30.76
C ALA F 439 -46.77 11.00 32.05
N GLY F 440 -47.29 12.22 31.92
CA GLY F 440 -47.56 13.09 33.06
C GLY F 440 -48.34 12.47 34.23
N ILE F 441 -49.63 12.18 34.01
CA ILE F 441 -50.43 11.54 35.05
C ILE F 441 -49.75 10.28 35.58
N THR F 442 -48.93 9.63 34.74
CA THR F 442 -48.19 8.42 35.15
C THR F 442 -47.14 8.74 36.21
N MET F 443 -46.08 9.44 35.84
CA MET F 443 -45.11 9.88 36.84
C MET F 443 -45.79 10.50 38.07
N ALA F 444 -46.79 11.34 37.86
CA ALA F 444 -47.53 11.91 38.98
C ALA F 444 -48.01 10.79 39.89
N THR F 445 -49.00 10.03 39.44
CA THR F 445 -49.48 8.86 40.15
C THR F 445 -48.40 8.09 40.92
N ALA F 446 -47.27 7.84 40.26
CA ALA F 446 -46.16 7.15 40.92
C ALA F 446 -45.56 7.96 42.07
N LEU F 447 -45.05 9.14 41.75
CA LEU F 447 -44.52 10.07 42.75
C LEU F 447 -45.37 10.16 44.02
N VAL F 448 -46.69 10.12 43.85
CA VAL F 448 -47.62 10.16 44.98
C VAL F 448 -47.66 8.81 45.68
N SER F 449 -48.07 7.79 44.94
CA SER F 449 -48.02 6.43 45.46
C SER F 449 -46.70 6.11 46.14
N ALA F 450 -45.65 6.82 45.79
CA ALA F 450 -44.33 6.59 46.35
C ALA F 450 -44.17 7.32 47.66
N LEU F 451 -44.67 8.55 47.68
CA LEU F 451 -44.53 9.43 48.83
C LEU F 451 -45.47 9.06 49.96
N THR F 452 -46.64 8.55 49.61
CA THR F 452 -47.69 8.27 50.57
C THR F 452 -47.76 6.77 50.91
N GLY F 453 -46.73 6.02 50.56
CA GLY F 453 -46.69 4.61 50.88
C GLY F 453 -47.90 3.84 50.37
N ARG F 454 -48.73 4.47 49.55
CA ARG F 454 -49.93 3.79 49.03
C ARG F 454 -49.60 2.64 48.07
N ALA F 455 -50.31 2.54 46.95
CA ALA F 455 -50.02 1.47 45.99
C ALA F 455 -50.86 1.52 44.73
N VAL F 456 -50.20 1.55 43.58
CA VAL F 456 -50.90 1.57 42.31
C VAL F 456 -51.55 0.23 42.09
N SER F 457 -52.79 0.23 41.58
CA SER F 457 -53.55 -0.97 41.32
C SER F 457 -53.01 -1.62 40.06
N ARG F 458 -52.38 -2.79 40.23
CA ARG F 458 -51.71 -3.49 39.14
C ARG F 458 -52.56 -3.59 37.88
N GLU F 459 -53.88 -3.47 38.04
CA GLU F 459 -54.83 -3.66 36.95
C GLU F 459 -54.89 -2.48 35.99
N VAL F 460 -54.54 -1.29 36.49
CA VAL F 460 -54.73 -0.04 35.76
C VAL F 460 -53.55 0.36 34.90
N GLY F 461 -53.85 0.73 33.66
CA GLY F 461 -52.89 1.35 32.77
C GLY F 461 -53.38 2.76 32.52
N MET F 462 -52.49 3.74 32.60
CA MET F 462 -52.91 5.12 32.40
C MET F 462 -52.09 5.88 31.39
N THR F 463 -52.66 6.95 30.87
CA THR F 463 -51.96 7.82 29.95
C THR F 463 -52.58 9.21 29.97
N GLY F 464 -51.75 10.26 29.97
CA GLY F 464 -52.24 11.64 30.04
C GLY F 464 -51.21 12.70 30.40
N GLU F 465 -51.35 13.87 29.81
CA GLU F 465 -50.41 14.97 30.01
C GLU F 465 -50.74 15.76 31.26
N ILE F 466 -49.72 16.24 31.96
CA ILE F 466 -49.94 16.96 33.22
C ILE F 466 -49.66 18.44 33.06
N THR F 467 -50.34 19.28 33.85
CA THR F 467 -50.00 20.69 33.96
C THR F 467 -49.77 21.07 35.41
N LEU F 468 -49.02 22.13 35.64
CA LEU F 468 -48.75 22.63 37.00
C LEU F 468 -49.95 22.57 37.94
N ARG F 469 -51.08 23.13 37.50
CA ARG F 469 -52.28 23.16 38.33
C ARG F 469 -52.82 21.77 38.64
N GLY F 470 -52.49 20.79 37.82
CA GLY F 470 -52.97 19.43 38.01
C GLY F 470 -53.93 19.01 36.92
N ARG F 471 -54.07 19.87 35.91
CA ARG F 471 -54.90 19.60 34.73
C ARG F 471 -54.42 18.40 33.91
N VAL F 472 -55.36 17.67 33.31
CA VAL F 472 -55.02 16.52 32.47
C VAL F 472 -55.39 16.79 31.03
N LEU F 473 -54.39 17.12 30.22
CA LEU F 473 -54.57 17.52 28.82
C LEU F 473 -54.62 16.30 27.92
N PRO F 474 -55.10 16.49 26.67
CA PRO F 474 -55.32 15.48 25.63
C PRO F 474 -54.08 14.72 25.18
N ILE F 475 -54.29 13.47 24.84
CA ILE F 475 -53.21 12.54 24.61
C ILE F 475 -53.26 12.05 23.16
N GLY F 476 -52.17 11.42 22.69
CA GLY F 476 -52.07 10.91 21.33
C GLY F 476 -52.36 9.43 21.14
N GLY F 477 -53.01 9.10 20.02
CA GLY F 477 -53.35 7.72 19.68
C GLY F 477 -53.96 6.83 20.76
N LEU F 478 -55.08 7.21 21.36
CA LEU F 478 -55.67 6.38 22.39
C LEU F 478 -55.97 5.00 21.83
N LYS F 479 -56.27 4.93 20.54
CA LYS F 479 -56.65 3.66 19.91
C LYS F 479 -55.60 2.58 20.16
N GLU F 480 -54.41 2.77 19.59
CA GLU F 480 -53.31 1.82 19.71
C GLU F 480 -52.96 1.58 21.15
N LYS F 481 -53.10 2.61 21.97
CA LYS F 481 -52.79 2.49 23.39
C LYS F 481 -53.67 1.52 24.14
N ALA F 482 -54.99 1.63 23.97
CA ALA F 482 -55.90 0.73 24.67
C ALA F 482 -55.86 -0.62 23.99
N LEU F 483 -55.58 -0.62 22.70
CA LEU F 483 -55.44 -1.87 21.96
C LEU F 483 -54.36 -2.75 22.59
N GLY F 484 -53.21 -2.15 22.85
CA GLY F 484 -52.10 -2.86 23.46
C GLY F 484 -52.25 -2.94 24.96
N ALA F 485 -53.25 -2.25 25.47
CA ALA F 485 -53.52 -2.27 26.89
C ALA F 485 -54.27 -3.52 27.16
N HIS F 486 -55.08 -3.88 26.16
CA HIS F 486 -55.90 -5.06 26.21
C HIS F 486 -55.01 -6.28 25.99
N ARG F 487 -54.03 -6.13 25.12
CA ARG F 487 -53.24 -7.26 24.69
C ARG F 487 -52.55 -7.90 25.86
N ALA F 488 -52.09 -7.05 26.77
CA ALA F 488 -51.39 -7.49 27.96
C ALA F 488 -52.41 -7.74 29.04
N GLY F 489 -53.68 -7.60 28.65
CA GLY F 489 -54.81 -7.92 29.52
C GLY F 489 -54.93 -7.11 30.79
N LEU F 490 -55.08 -5.80 30.64
CA LEU F 490 -55.36 -4.95 31.78
C LEU F 490 -56.88 -4.71 31.87
N THR F 491 -57.34 -4.29 33.03
CA THR F 491 -58.77 -4.11 33.24
C THR F 491 -59.15 -2.68 32.98
N THR F 492 -58.56 -1.79 33.77
CA THR F 492 -58.95 -0.39 33.80
C THR F 492 -57.88 0.46 33.12
N ILE F 493 -58.30 1.49 32.40
CA ILE F 493 -57.37 2.29 31.60
C ILE F 493 -57.71 3.78 31.69
N ILE F 494 -57.27 4.40 32.78
CA ILE F 494 -57.39 5.84 32.99
C ILE F 494 -56.73 6.72 31.91
N ALA F 495 -57.51 7.61 31.30
CA ALA F 495 -57.02 8.53 30.26
C ALA F 495 -57.69 9.92 30.34
N PRO F 496 -57.18 10.89 29.55
CA PRO F 496 -57.74 12.25 29.53
C PRO F 496 -59.23 12.32 29.22
N LYS F 497 -59.94 13.16 29.97
CA LYS F 497 -61.35 13.41 29.73
C LYS F 497 -61.60 13.91 28.31
N ASP F 498 -60.79 14.85 27.86
CA ASP F 498 -60.99 15.43 26.53
C ASP F 498 -60.62 14.43 25.40
N ASN F 499 -60.57 13.15 25.73
CA ASN F 499 -60.19 12.14 24.75
C ASN F 499 -61.34 11.21 24.40
N GLU F 500 -62.48 11.45 25.03
CA GLU F 500 -63.66 10.59 24.93
C GLU F 500 -64.09 10.38 23.48
N LYS F 501 -64.11 11.46 22.71
CA LYS F 501 -64.54 11.38 21.32
C LYS F 501 -63.56 10.54 20.53
N ASP F 502 -62.57 9.99 21.23
CA ASP F 502 -61.56 9.15 20.60
C ASP F 502 -61.84 7.66 20.84
N ILE F 503 -62.65 7.38 21.86
CA ILE F 503 -63.03 6.00 22.17
C ILE F 503 -63.98 5.41 21.12
N GLU F 504 -64.70 6.28 20.41
CA GLU F 504 -65.62 5.86 19.37
C GLU F 504 -64.96 4.84 18.44
N ASP F 505 -63.80 5.18 17.88
CA ASP F 505 -63.18 4.35 16.85
C ASP F 505 -62.40 3.12 17.37
N ILE F 506 -62.37 2.94 18.70
CA ILE F 506 -61.73 1.77 19.29
C ILE F 506 -62.52 0.52 19.01
N PRO F 507 -61.94 -0.43 18.28
CA PRO F 507 -62.63 -1.64 17.83
C PRO F 507 -63.48 -2.28 18.92
N GLU F 508 -64.67 -2.75 18.52
CA GLU F 508 -65.66 -3.35 19.41
C GLU F 508 -65.03 -4.24 20.49
N SER F 509 -64.35 -5.30 20.03
CA SER F 509 -63.82 -6.38 20.87
C SER F 509 -63.06 -5.91 22.11
N VAL F 510 -62.23 -4.87 21.94
CA VAL F 510 -61.37 -4.35 23.01
C VAL F 510 -62.07 -3.31 23.90
N ARG F 511 -62.80 -2.40 23.28
CA ARG F 511 -63.61 -1.45 24.05
C ARG F 511 -64.56 -2.22 24.99
N GLU F 512 -64.77 -3.50 24.69
CA GLU F 512 -65.71 -4.33 25.41
C GLU F 512 -65.10 -4.98 26.66
N GLY F 513 -63.78 -5.09 26.66
CA GLY F 513 -63.07 -5.67 27.79
C GLY F 513 -62.40 -4.65 28.68
N LEU F 514 -62.68 -3.38 28.44
CA LEU F 514 -62.05 -2.30 29.20
C LEU F 514 -63.03 -1.31 29.80
N THR F 515 -62.77 -0.90 31.02
CA THR F 515 -63.56 0.16 31.64
C THR F 515 -62.74 1.42 31.58
N PHE F 516 -63.08 2.30 30.63
CA PHE F 516 -62.38 3.56 30.45
C PHE F 516 -62.71 4.61 31.50
N ILE F 517 -61.82 4.77 32.48
CA ILE F 517 -61.95 5.85 33.46
C ILE F 517 -61.37 7.13 32.87
N LEU F 518 -62.21 8.11 32.59
CA LEU F 518 -61.73 9.37 32.01
C LEU F 518 -61.58 10.45 33.09
N ALA F 519 -60.55 11.27 32.95
CA ALA F 519 -60.23 12.20 34.01
C ALA F 519 -59.73 13.52 33.48
N SER F 520 -59.84 14.56 34.29
CA SER F 520 -59.42 15.91 33.91
C SER F 520 -58.39 16.54 34.87
N HIS F 521 -58.40 16.12 36.13
CA HIS F 521 -57.38 16.54 37.10
C HIS F 521 -56.77 15.34 37.80
N LEU F 522 -55.56 15.49 38.30
CA LEU F 522 -54.89 14.39 38.99
C LEU F 522 -55.79 13.64 39.98
N ASP F 523 -56.39 14.38 40.93
CA ASP F 523 -57.19 13.75 41.99
C ASP F 523 -58.13 12.66 41.45
N GLU F 524 -58.76 12.94 40.32
CA GLU F 524 -59.58 11.96 39.66
C GLU F 524 -58.77 10.71 39.30
N VAL F 525 -57.64 10.88 38.62
CA VAL F 525 -56.74 9.76 38.33
C VAL F 525 -56.30 9.04 39.63
N LEU F 526 -55.73 9.80 40.57
CA LEU F 526 -55.22 9.25 41.82
C LEU F 526 -56.24 8.42 42.56
N GLU F 527 -57.49 8.89 42.58
CA GLU F 527 -58.53 8.19 43.31
C GLU F 527 -58.79 6.80 42.71
N HIS F 528 -58.72 6.70 41.39
CA HIS F 528 -59.02 5.45 40.69
C HIS F 528 -57.84 4.52 40.53
N ALA F 529 -56.63 5.06 40.58
CA ALA F 529 -55.42 4.29 40.32
C ALA F 529 -54.73 3.83 41.58
N LEU F 530 -55.04 4.48 42.69
CA LEU F 530 -54.50 4.08 43.99
C LEU F 530 -55.56 3.37 44.84
N VAL F 531 -55.11 2.67 45.88
CA VAL F 531 -56.04 2.01 46.78
C VAL F 531 -55.67 2.24 48.23
#